data_8QX1
#
_entry.id   8QX1
#
_cell.length_a   242.380
_cell.length_b   242.380
_cell.length_c   396.040
_cell.angle_alpha   90.000
_cell.angle_beta   90.000
_cell.angle_gamma   90.000
#
_symmetry.space_group_name_H-M   'I 41 2 2'
#
loop_
_entity.id
_entity.type
_entity.pdbx_description
1 polymer 'Phosphoenolpyruvate carboxylase 1'
2 non-polymer '(2S)-2-hydroxybutanedioic acid'
3 non-polymer 'CHLORIDE ION'
4 non-polymer DI(HYDROXYETHYL)ETHER
5 water water
#
_entity_poly.entity_id   1
_entity_poly.type   'polypeptide(L)'
_entity_poly.pdbx_seq_one_letter_code
;MHHHHHHMANRKLEKMASIDVHLRQLVPGKVSEDDKLVEYDALLLDRFLDILQDLHGEDLRETVQELYEHSAEYEGKHEP
KKLEELGSVLTSLDPGDSIVIAKAFSHMLNLANLAEEVQIAYRRRIKKLKKGDFVDESSATTESDLEETFKKLVGDLNKS
PEEIFDALKNQTVDLVLTAHPTQSVRRSLLQKHGRIRDCLAQLYAKDITPDDKQELDEALQREIQAAFRTDEIKRTPPTP
QDEMRAGMSYFHETIWKGVPKFLRRVDTALKNIGIEERVPYNAPLIQFSSWMGGDRDGNPRVTPEVTRDVCLLARMMAAT
MYFNQIEDLMFEMSMWRCNDELRARADEVHANSRKDAAKHYIEFWKSIPTTEPYRVILGDVRDKLYHTRERAHQLLSNGH
SDVPVEATFINLEQFLEPLELCYRSLCSCGDRPIADGSLLDFLRQVSTFGLSLVRLDIRQESDRHTDVLDAITTHLDIGS
YREWSEERRQEWLLSELSGKRPLFGSDLPKTEEIADVLDTFHVIAELPADSFGAYIISMATAPSDVLAVELLQRECRVKQ
PLRVVPLFEKLADLEAAPAAVARLFSVDWYKNRINGKQEVMIGYSDSGKDAGRLSAAWQLYKAQEELVKVAKEYGVKLTM
FHGRGGTVGRGGGPTHLAILSQPPDTINGSLRVTVQGEVIEQSFGEEHLCFRTLQRFTAATLEHGMRPPISPKPEWRALL
DEMAVVATEEYRSVVFQEPRFVEYFRLATPELEYGRMNIGSRPSKRKPSGGIESLRAIPWIFAWTQTRFHLPVWLGFGSA
IRHVIEKDVRNLHMLQDMYQHWPFFRVTIDLIEMVFAKGDPGIAALYDKLLVSEELWPFGEKLRANFEETKKLILQTAGH
KDLLEGDPYLKQGLRLRDSYITTLNVCQAYTLKRIRDPSYHVTLRPHISKEIAESSKPAKELIELNPTSEYAPGLEDTLI
LTMKGIAAGLQNTG
;
_entity_poly.pdbx_strand_id   A,B,C
#
loop_
_chem_comp.id
_chem_comp.type
_chem_comp.name
_chem_comp.formula
CL non-polymer 'CHLORIDE ION' 'Cl -1'
LMR non-polymer '(2S)-2-hydroxybutanedioic acid' 'C4 H6 O5'
PEG non-polymer DI(HYDROXYETHYL)ETHER 'C4 H10 O3'
#
# COMPACT_ATOMS: atom_id res chain seq x y z
N LEU A 13 52.54 -35.53 18.44
CA LEU A 13 51.41 -35.00 17.69
C LEU A 13 51.73 -34.87 16.20
N GLU A 14 52.07 -35.99 15.56
CA GLU A 14 52.40 -36.03 14.15
C GLU A 14 51.19 -36.28 13.25
N LYS A 15 49.99 -35.99 13.75
CA LYS A 15 48.79 -36.21 12.95
C LYS A 15 48.73 -35.27 11.76
N MET A 16 49.18 -34.03 11.93
CA MET A 16 49.22 -33.05 10.84
C MET A 16 49.92 -33.59 9.60
N ALA A 17 50.91 -34.47 9.78
CA ALA A 17 51.68 -35.01 8.66
C ALA A 17 50.82 -35.87 7.73
N SER A 18 49.79 -36.54 8.25
CA SER A 18 48.97 -37.39 7.40
C SER A 18 47.97 -36.56 6.61
N ILE A 19 47.36 -35.55 7.24
CA ILE A 19 46.38 -34.74 6.54
C ILE A 19 47.04 -33.87 5.48
N ASP A 20 48.29 -33.44 5.72
CA ASP A 20 49.02 -32.74 4.66
C ASP A 20 49.16 -33.64 3.43
N VAL A 21 49.54 -34.89 3.65
CA VAL A 21 49.69 -35.84 2.54
C VAL A 21 48.35 -36.04 1.83
N HIS A 22 47.26 -36.20 2.59
CA HIS A 22 45.97 -36.44 1.97
C HIS A 22 45.51 -35.25 1.14
N LEU A 23 45.72 -34.03 1.65
CA LEU A 23 45.39 -32.84 0.87
C LEU A 23 46.23 -32.77 -0.40
N ARG A 24 47.53 -33.09 -0.30
CA ARG A 24 48.38 -33.04 -1.49
C ARG A 24 47.99 -34.11 -2.51
N GLN A 25 47.50 -35.26 -2.05
CA GLN A 25 47.00 -36.27 -2.98
C GLN A 25 45.67 -35.84 -3.59
N LEU A 26 44.87 -35.08 -2.86
CA LEU A 26 43.58 -34.61 -3.38
C LEU A 26 43.79 -33.50 -4.41
N VAL A 27 44.65 -32.54 -4.11
CA VAL A 27 44.99 -31.44 -5.01
C VAL A 27 46.47 -31.59 -5.37
N PRO A 28 46.80 -32.30 -6.42
CA PRO A 28 48.21 -32.64 -6.67
C PRO A 28 49.02 -31.47 -7.21
N GLY A 29 48.70 -31.00 -8.40
CA GLY A 29 49.44 -29.93 -9.03
C GLY A 29 49.22 -28.59 -8.37
N LYS A 30 49.86 -27.57 -8.96
CA LYS A 30 49.69 -26.19 -8.56
C LYS A 30 49.06 -25.42 -9.71
N VAL A 31 47.87 -24.86 -9.46
CA VAL A 31 47.17 -24.06 -10.48
C VAL A 31 47.86 -22.73 -10.76
N SER A 32 48.90 -22.40 -10.00
CA SER A 32 49.74 -21.23 -10.26
C SER A 32 51.07 -21.35 -9.50
N GLU A 33 51.58 -20.23 -8.98
CA GLU A 33 52.70 -20.27 -8.04
C GLU A 33 52.47 -19.41 -6.80
N ASP A 34 51.41 -18.60 -6.77
CA ASP A 34 50.82 -18.12 -5.52
C ASP A 34 49.69 -19.02 -5.06
N ASP A 35 49.74 -20.30 -5.43
CA ASP A 35 48.71 -21.28 -5.08
C ASP A 35 49.01 -21.82 -3.68
N LYS A 36 48.43 -21.18 -2.68
CA LYS A 36 48.60 -21.56 -1.29
C LYS A 36 47.35 -22.22 -0.71
N LEU A 37 46.46 -22.73 -1.55
CA LEU A 37 45.19 -23.26 -1.05
C LEU A 37 45.41 -24.49 -0.19
N VAL A 38 46.22 -25.43 -0.67
CA VAL A 38 46.48 -26.63 0.12
C VAL A 38 47.13 -26.26 1.45
N GLU A 39 48.09 -25.33 1.40
CA GLU A 39 48.69 -24.82 2.64
C GLU A 39 47.63 -24.19 3.55
N TYR A 40 46.79 -23.33 3.00
CA TYR A 40 45.75 -22.66 3.80
C TYR A 40 44.88 -23.68 4.51
N ASP A 41 44.29 -24.61 3.76
CA ASP A 41 43.34 -25.54 4.36
C ASP A 41 44.05 -26.52 5.30
N ALA A 42 45.30 -26.86 5.01
CA ALA A 42 46.06 -27.68 5.95
C ALA A 42 46.23 -26.94 7.27
N LEU A 43 46.52 -25.65 7.21
CA LEU A 43 46.66 -24.86 8.43
C LEU A 43 45.36 -24.81 9.21
N LEU A 44 44.27 -24.44 8.52
CA LEU A 44 42.96 -24.34 9.19
C LEU A 44 42.54 -25.67 9.79
N LEU A 45 42.80 -26.77 9.08
CA LEU A 45 42.39 -28.09 9.55
C LEU A 45 43.24 -28.56 10.73
N ASP A 46 44.55 -28.28 10.71
CA ASP A 46 45.38 -28.59 11.86
C ASP A 46 44.89 -27.85 13.10
N ARG A 47 44.68 -26.54 12.97
CA ARG A 47 44.27 -25.76 14.13
C ARG A 47 42.89 -26.20 14.62
N PHE A 48 41.98 -26.49 13.69
CA PHE A 48 40.65 -26.95 14.08
C PHE A 48 40.71 -28.28 14.82
N LEU A 49 41.42 -29.26 14.26
CA LEU A 49 41.46 -30.57 14.90
C LEU A 49 42.12 -30.51 16.27
N ASP A 50 43.09 -29.60 16.45
CA ASP A 50 43.64 -29.40 17.79
C ASP A 50 42.57 -28.86 18.75
N ILE A 51 41.79 -27.89 18.29
CA ILE A 51 40.69 -27.38 19.12
C ILE A 51 39.69 -28.47 19.46
N LEU A 52 39.36 -29.30 18.47
CA LEU A 52 38.39 -30.37 18.66
C LEU A 52 38.89 -31.38 19.68
N GLN A 53 40.18 -31.71 19.62
CA GLN A 53 40.75 -32.60 20.62
C GLN A 53 40.69 -31.97 22.01
N ASP A 54 41.02 -30.67 22.11
CA ASP A 54 41.03 -30.02 23.42
C ASP A 54 39.64 -29.94 24.02
N LEU A 55 38.60 -29.78 23.21
CA LEU A 55 37.26 -29.59 23.75
C LEU A 55 36.52 -30.90 23.98
N HIS A 56 36.64 -31.87 23.07
CA HIS A 56 35.83 -33.08 23.14
C HIS A 56 36.66 -34.36 23.22
N GLY A 57 37.96 -34.25 23.44
CA GLY A 57 38.78 -35.41 23.76
C GLY A 57 39.59 -35.91 22.57
N GLU A 58 40.56 -36.78 22.89
CA GLU A 58 41.42 -37.34 21.85
C GLU A 58 40.69 -38.39 21.02
N ASP A 59 39.79 -39.16 21.64
CA ASP A 59 39.08 -40.21 20.91
C ASP A 59 38.20 -39.61 19.82
N LEU A 60 37.47 -38.54 20.14
CA LEU A 60 36.61 -37.88 19.15
C LEU A 60 37.43 -37.38 17.97
N ARG A 61 38.58 -36.77 18.25
CA ARG A 61 39.44 -36.25 17.19
C ARG A 61 39.95 -37.37 16.30
N GLU A 62 40.36 -38.49 16.89
CA GLU A 62 40.83 -39.62 16.08
C GLU A 62 39.72 -40.16 15.19
N THR A 63 38.50 -40.28 15.73
CA THR A 63 37.38 -40.76 14.92
C THR A 63 37.12 -39.82 13.74
N VAL A 64 37.06 -38.52 14.01
CA VAL A 64 36.77 -37.55 12.94
C VAL A 64 37.85 -37.56 11.87
N GLN A 65 39.12 -37.61 12.27
CA GLN A 65 40.19 -37.59 11.29
C GLN A 65 40.23 -38.87 10.46
N GLU A 66 39.90 -40.01 11.06
CA GLU A 66 39.77 -41.24 10.27
C GLU A 66 38.68 -41.06 9.21
N LEU A 67 37.57 -40.40 9.58
CA LEU A 67 36.51 -40.17 8.60
C LEU A 67 36.99 -39.29 7.46
N TYR A 68 37.68 -38.17 7.78
CA TYR A 68 38.13 -37.29 6.71
C TYR A 68 39.12 -37.98 5.79
N GLU A 69 40.06 -38.74 6.36
CA GLU A 69 41.02 -39.46 5.52
C GLU A 69 40.29 -40.39 4.55
N HIS A 70 39.29 -41.12 5.03
CA HIS A 70 38.54 -41.99 4.12
C HIS A 70 37.79 -41.18 3.06
N SER A 71 37.26 -40.02 3.43
CA SER A 71 36.55 -39.19 2.45
C SER A 71 37.48 -38.72 1.33
N ALA A 72 38.68 -38.28 1.68
CA ALA A 72 39.62 -37.84 0.66
C ALA A 72 40.03 -39.01 -0.24
N GLU A 73 40.29 -40.17 0.38
CA GLU A 73 40.56 -41.37 -0.41
C GLU A 73 39.42 -41.65 -1.39
N TYR A 74 38.18 -41.39 -0.98
CA TYR A 74 37.05 -41.60 -1.88
C TYR A 74 37.06 -40.60 -3.03
N GLU A 75 37.20 -39.31 -2.73
CA GLU A 75 37.25 -38.32 -3.80
C GLU A 75 38.46 -38.51 -4.70
N GLY A 76 39.39 -39.39 -4.34
CA GLY A 76 40.47 -39.72 -5.25
C GLY A 76 40.09 -40.69 -6.35
N LYS A 77 39.72 -41.92 -5.99
CA LYS A 77 39.43 -42.96 -6.97
C LYS A 77 37.97 -43.38 -7.01
N HIS A 78 37.14 -42.91 -6.09
CA HIS A 78 35.70 -43.22 -6.07
C HIS A 78 35.45 -44.72 -5.90
N GLU A 79 36.23 -45.34 -5.02
CA GLU A 79 36.01 -46.74 -4.66
C GLU A 79 34.80 -46.87 -3.76
N PRO A 80 33.76 -47.61 -4.15
CA PRO A 80 32.56 -47.70 -3.31
C PRO A 80 32.80 -48.28 -1.93
N LYS A 81 33.86 -49.05 -1.74
CA LYS A 81 34.16 -49.59 -0.41
C LYS A 81 34.37 -48.49 0.61
N LYS A 82 34.95 -47.36 0.17
CA LYS A 82 35.18 -46.24 1.07
C LYS A 82 33.87 -45.73 1.68
N LEU A 83 32.78 -45.79 0.92
CA LEU A 83 31.50 -45.30 1.43
C LEU A 83 30.95 -46.20 2.51
N GLU A 84 31.11 -47.52 2.36
CA GLU A 84 30.68 -48.44 3.41
C GLU A 84 31.58 -48.31 4.64
N GLU A 85 32.86 -47.97 4.44
CA GLU A 85 33.75 -47.74 5.56
C GLU A 85 33.33 -46.52 6.36
N LEU A 86 32.90 -45.45 5.67
CA LEU A 86 32.32 -44.31 6.36
C LEU A 86 31.03 -44.67 7.08
N GLY A 87 30.15 -45.41 6.41
CA GLY A 87 28.84 -45.68 6.98
C GLY A 87 28.90 -46.52 8.24
N SER A 88 29.79 -47.53 8.25
CA SER A 88 29.93 -48.37 9.45
C SER A 88 30.25 -47.53 10.68
N VAL A 89 31.08 -46.50 10.52
CA VAL A 89 31.42 -45.62 11.61
C VAL A 89 30.22 -44.72 11.97
N LEU A 90 29.56 -44.15 10.95
CA LEU A 90 28.57 -43.12 11.24
C LEU A 90 27.29 -43.68 11.84
N THR A 91 26.93 -44.94 11.52
CA THR A 91 25.71 -45.49 12.12
C THR A 91 25.90 -45.89 13.58
N SER A 92 27.11 -46.26 13.97
CA SER A 92 27.38 -46.70 15.34
C SER A 92 27.49 -45.55 16.33
N LEU A 93 27.31 -44.31 15.89
CA LEU A 93 27.40 -43.15 16.76
C LEU A 93 26.02 -42.87 17.37
N ASP A 94 25.96 -42.81 18.70
CA ASP A 94 24.74 -42.37 19.37
C ASP A 94 24.48 -40.91 18.99
N PRO A 95 23.23 -40.46 19.11
CA PRO A 95 22.90 -39.09 18.65
C PRO A 95 23.83 -37.99 19.17
N GLY A 96 24.40 -38.10 20.37
CA GLY A 96 25.33 -37.08 20.84
C GLY A 96 26.59 -37.02 19.99
N ASP A 97 27.25 -38.17 19.82
CA ASP A 97 28.43 -38.22 18.96
C ASP A 97 28.06 -37.88 17.52
N SER A 98 26.87 -38.30 17.07
CA SER A 98 26.42 -37.95 15.73
C SER A 98 26.37 -36.43 15.56
N ILE A 99 25.86 -35.73 16.57
CA ILE A 99 25.79 -34.28 16.48
C ILE A 99 27.18 -33.68 16.46
N VAL A 100 28.09 -34.20 17.29
CA VAL A 100 29.42 -33.59 17.33
C VAL A 100 30.15 -33.80 16.01
N ILE A 101 30.04 -34.99 15.43
CA ILE A 101 30.72 -35.25 14.16
C ILE A 101 30.13 -34.39 13.05
N ALA A 102 28.80 -34.28 12.99
CA ALA A 102 28.18 -33.49 11.93
C ALA A 102 28.56 -32.02 12.04
N LYS A 103 28.45 -31.46 13.26
CA LYS A 103 28.88 -30.09 13.49
C LYS A 103 30.33 -29.89 13.04
N ALA A 104 31.20 -30.84 13.39
CA ALA A 104 32.62 -30.72 13.06
C ALA A 104 32.82 -30.64 11.55
N PHE A 105 32.17 -31.53 10.79
CA PHE A 105 32.39 -31.51 9.34
C PHE A 105 31.76 -30.28 8.70
N SER A 106 30.69 -29.74 9.28
CA SER A 106 30.15 -28.48 8.80
C SER A 106 31.18 -27.36 8.94
N HIS A 107 31.80 -27.24 10.12
CA HIS A 107 32.76 -26.14 10.29
C HIS A 107 34.04 -26.36 9.49
N MET A 108 34.44 -27.62 9.29
CA MET A 108 35.57 -27.89 8.42
C MET A 108 35.30 -27.41 7.01
N LEU A 109 34.09 -27.68 6.50
CA LEU A 109 33.73 -27.19 5.18
C LEU A 109 33.73 -25.67 5.13
N ASN A 110 33.17 -25.02 6.14
CA ASN A 110 33.22 -23.56 6.18
C ASN A 110 34.65 -23.04 6.10
N LEU A 111 35.58 -23.70 6.82
CA LEU A 111 36.98 -23.28 6.78
C LEU A 111 37.57 -23.46 5.38
N ALA A 112 37.20 -24.55 4.69
CA ALA A 112 37.66 -24.74 3.31
C ALA A 112 37.16 -23.62 2.41
N ASN A 113 35.90 -23.20 2.59
CA ASN A 113 35.38 -22.07 1.83
C ASN A 113 36.17 -20.80 2.13
N LEU A 114 36.48 -20.54 3.40
CA LEU A 114 37.21 -19.32 3.75
C LEU A 114 38.59 -19.31 3.13
N ALA A 115 39.28 -20.45 3.17
CA ALA A 115 40.57 -20.54 2.49
C ALA A 115 40.41 -20.26 1.01
N GLU A 116 39.37 -20.83 0.37
CA GLU A 116 39.19 -20.61 -1.05
C GLU A 116 38.94 -19.13 -1.37
N GLU A 117 38.15 -18.45 -0.55
CA GLU A 117 37.92 -17.03 -0.76
C GLU A 117 39.22 -16.24 -0.63
N VAL A 118 40.04 -16.55 0.38
CA VAL A 118 41.31 -15.85 0.53
C VAL A 118 42.20 -16.09 -0.68
N GLN A 119 42.26 -17.33 -1.14
CA GLN A 119 43.02 -17.65 -2.35
C GLN A 119 42.54 -16.83 -3.53
N ILE A 120 41.23 -16.71 -3.69
CA ILE A 120 40.68 -15.95 -4.81
C ILE A 120 41.04 -14.48 -4.68
N ALA A 121 40.97 -13.94 -3.47
CA ALA A 121 41.18 -12.51 -3.28
C ALA A 121 42.64 -12.12 -3.46
N TYR A 122 43.58 -13.03 -3.18
CA TYR A 122 44.99 -12.68 -3.30
C TYR A 122 45.70 -13.40 -4.44
N ARG A 123 44.96 -14.04 -5.34
CA ARG A 123 45.58 -14.65 -6.51
C ARG A 123 45.98 -13.57 -7.51
N ARG A 124 47.25 -13.57 -7.90
CA ARG A 124 47.72 -12.61 -8.89
C ARG A 124 47.15 -12.92 -10.27
N ARG A 125 46.69 -11.89 -10.96
CA ARG A 125 46.18 -12.04 -12.32
C ARG A 125 47.32 -12.24 -13.31
N ILE A 126 46.98 -12.79 -14.47
CA ILE A 126 47.96 -13.14 -15.49
C ILE A 126 47.59 -12.42 -16.78
N LYS A 127 48.44 -11.48 -17.21
CA LYS A 127 48.20 -10.79 -18.48
C LYS A 127 48.49 -11.69 -19.68
N LYS A 128 49.48 -12.58 -19.56
CA LYS A 128 49.88 -13.44 -20.67
C LYS A 128 48.95 -14.62 -20.89
N LEU A 129 48.00 -14.86 -19.99
CA LEU A 129 47.06 -15.97 -20.13
C LEU A 129 45.81 -15.60 -20.91
N LYS A 130 45.61 -14.32 -21.21
CA LYS A 130 44.46 -13.91 -22.01
C LYS A 130 44.60 -14.44 -23.43
N LYS A 131 43.50 -15.00 -23.95
CA LYS A 131 43.47 -15.50 -25.33
C LYS A 131 43.01 -14.44 -26.33
N GLY A 132 42.31 -13.40 -25.87
CA GLY A 132 41.87 -12.31 -26.72
C GLY A 132 40.41 -12.35 -27.14
N ASP A 133 39.65 -13.36 -26.72
CA ASP A 133 38.25 -13.53 -27.09
C ASP A 133 37.40 -13.49 -25.82
N PHE A 134 36.12 -13.86 -25.97
CA PHE A 134 35.19 -13.74 -24.85
C PHE A 134 35.35 -14.85 -23.81
N VAL A 135 36.03 -15.95 -24.15
CA VAL A 135 36.20 -17.04 -23.20
C VAL A 135 36.97 -16.57 -21.98
N ASP A 136 37.90 -15.62 -22.16
CA ASP A 136 38.64 -15.07 -21.03
C ASP A 136 37.71 -14.50 -19.98
N GLU A 137 36.54 -14.02 -20.41
CA GLU A 137 35.60 -13.41 -19.47
C GLU A 137 34.83 -14.42 -18.66
N SER A 138 35.22 -15.70 -18.66
CA SER A 138 34.50 -16.70 -17.88
C SER A 138 35.22 -17.06 -16.58
N SER A 139 36.35 -16.43 -16.28
CA SER A 139 37.12 -16.72 -15.07
C SER A 139 37.73 -15.44 -14.52
N ALA A 140 37.77 -15.33 -13.19
CA ALA A 140 38.29 -14.11 -12.56
C ALA A 140 39.77 -13.90 -12.83
N THR A 141 40.53 -14.96 -13.11
CA THR A 141 41.96 -14.81 -13.36
C THR A 141 42.26 -14.22 -14.73
N THR A 142 41.30 -14.26 -15.66
CA THR A 142 41.52 -13.74 -17.01
C THR A 142 40.49 -12.71 -17.47
N GLU A 143 39.43 -12.47 -16.72
CA GLU A 143 38.40 -11.54 -17.16
C GLU A 143 39.00 -10.12 -17.30
N SER A 144 38.29 -9.29 -18.04
CA SER A 144 38.72 -7.91 -18.24
C SER A 144 38.29 -7.05 -17.06
N ASP A 145 39.25 -6.32 -16.49
CA ASP A 145 38.90 -5.33 -15.49
C ASP A 145 38.33 -4.09 -16.17
N LEU A 146 38.05 -3.06 -15.37
CA LEU A 146 37.39 -1.87 -15.89
C LEU A 146 38.18 -1.23 -17.02
N GLU A 147 39.48 -1.02 -16.81
CA GLU A 147 40.28 -0.30 -17.79
C GLU A 147 40.54 -1.14 -19.04
N GLU A 148 40.71 -2.46 -18.88
CA GLU A 148 40.82 -3.33 -20.04
C GLU A 148 39.53 -3.30 -20.86
N THR A 149 38.38 -3.22 -20.19
CA THR A 149 37.11 -3.06 -20.89
C THR A 149 37.08 -1.75 -21.66
N PHE A 150 37.60 -0.68 -21.05
CA PHE A 150 37.64 0.61 -21.74
C PHE A 150 38.47 0.50 -23.01
N LYS A 151 39.68 -0.06 -22.92
CA LYS A 151 40.54 -0.12 -24.10
C LYS A 151 40.00 -1.09 -25.14
N LYS A 152 39.23 -2.09 -24.72
CA LYS A 152 38.52 -2.97 -25.63
C LYS A 152 37.45 -2.21 -26.40
N LEU A 153 36.74 -1.30 -25.71
CA LEU A 153 35.72 -0.51 -26.39
C LEU A 153 36.34 0.57 -27.28
N VAL A 154 37.49 1.11 -26.88
CA VAL A 154 38.09 2.23 -27.62
C VAL A 154 38.83 1.72 -28.85
N GLY A 155 39.53 0.60 -28.73
CA GLY A 155 40.36 0.12 -29.83
C GLY A 155 39.63 -0.74 -30.84
N ASP A 156 38.95 -1.78 -30.35
CA ASP A 156 38.36 -2.77 -31.25
C ASP A 156 36.99 -2.31 -31.78
N LEU A 157 36.20 -1.62 -30.96
CA LEU A 157 34.85 -1.21 -31.32
C LEU A 157 34.73 0.25 -31.76
N ASN A 158 35.83 1.00 -31.73
CA ASN A 158 35.88 2.38 -32.23
C ASN A 158 34.87 3.30 -31.53
N LYS A 159 34.67 3.09 -30.24
CA LYS A 159 33.85 3.98 -29.44
C LYS A 159 34.73 5.10 -28.88
N SER A 160 34.19 6.31 -28.88
CA SER A 160 34.96 7.43 -28.37
C SER A 160 34.89 7.47 -26.85
N PRO A 161 35.92 8.00 -26.19
CA PRO A 161 35.84 8.10 -24.73
C PRO A 161 34.62 8.87 -24.29
N GLU A 162 34.23 9.93 -25.01
CA GLU A 162 33.02 10.65 -24.64
C GLU A 162 31.81 9.71 -24.67
N GLU A 163 31.75 8.81 -25.65
CA GLU A 163 30.61 7.90 -25.76
C GLU A 163 30.60 6.90 -24.61
N ILE A 164 31.77 6.39 -24.25
CA ILE A 164 31.88 5.49 -23.10
C ILE A 164 31.43 6.20 -21.82
N PHE A 165 31.91 7.43 -21.64
CA PHE A 165 31.54 8.21 -20.45
C PHE A 165 30.05 8.47 -20.40
N ASP A 166 29.46 8.85 -21.53
CA ASP A 166 28.02 9.10 -21.55
C ASP A 166 27.24 7.83 -21.25
N ALA A 167 27.73 6.67 -21.71
CA ALA A 167 27.05 5.43 -21.37
C ALA A 167 27.11 5.18 -19.86
N LEU A 168 28.28 5.42 -19.25
CA LEU A 168 28.44 5.19 -17.82
C LEU A 168 27.52 6.09 -17.00
N LYS A 169 27.42 7.37 -17.38
CA LYS A 169 26.53 8.31 -16.68
C LYS A 169 25.13 7.73 -16.49
N ASN A 170 24.60 7.08 -17.54
CA ASN A 170 23.21 6.62 -17.59
C ASN A 170 23.05 5.15 -17.27
N GLN A 171 24.13 4.46 -16.94
CA GLN A 171 24.08 3.05 -16.60
C GLN A 171 23.64 2.84 -15.16
N THR A 172 22.89 1.77 -14.92
CA THR A 172 22.54 1.36 -13.56
C THR A 172 22.63 -0.16 -13.45
N VAL A 173 23.38 -0.62 -12.45
CA VAL A 173 23.38 -2.01 -12.03
C VAL A 173 22.60 -2.07 -10.72
N ASP A 174 21.53 -2.86 -10.70
CA ASP A 174 20.62 -2.94 -9.56
C ASP A 174 20.69 -4.37 -9.03
N LEU A 175 21.35 -4.56 -7.90
CA LEU A 175 21.56 -5.89 -7.32
C LEU A 175 20.51 -6.15 -6.25
N VAL A 176 19.80 -7.28 -6.37
CA VAL A 176 18.69 -7.60 -5.49
C VAL A 176 19.08 -8.74 -4.56
N LEU A 177 19.15 -8.43 -3.27
CA LEU A 177 19.49 -9.37 -2.21
C LEU A 177 18.24 -10.13 -1.81
N THR A 178 18.29 -11.46 -1.90
CA THR A 178 17.15 -12.30 -1.55
C THR A 178 17.51 -13.20 -0.38
N ALA A 179 16.46 -13.69 0.28
CA ALA A 179 16.64 -14.52 1.47
C ALA A 179 17.31 -15.85 1.11
N HIS A 180 18.09 -16.35 2.06
CA HIS A 180 18.78 -17.62 1.88
C HIS A 180 17.77 -18.77 1.86
N PRO A 181 17.84 -19.68 0.89
CA PRO A 181 16.93 -20.84 0.90
C PRO A 181 17.13 -21.77 2.09
N THR A 182 18.17 -21.56 2.90
CA THR A 182 18.41 -22.33 4.10
C THR A 182 18.87 -21.43 5.24
N GLN A 183 20.10 -21.64 5.72
CA GLN A 183 20.66 -20.85 6.82
C GLN A 183 21.11 -19.48 6.32
N SER A 184 20.27 -18.47 6.54
CA SER A 184 20.70 -17.08 6.39
C SER A 184 21.67 -16.76 7.52
N VAL A 185 22.96 -16.81 7.22
CA VAL A 185 24.01 -16.81 8.24
C VAL A 185 23.90 -15.57 9.12
N ARG A 186 23.92 -15.77 10.43
CA ARG A 186 23.76 -14.68 11.37
C ARG A 186 24.94 -13.71 11.26
N ARG A 187 24.67 -12.44 11.55
CA ARG A 187 25.67 -11.37 11.41
C ARG A 187 26.95 -11.67 12.20
N SER A 188 26.81 -12.30 13.37
CA SER A 188 27.96 -12.60 14.21
C SER A 188 28.94 -13.52 13.49
N LEU A 189 28.42 -14.54 12.80
CA LEU A 189 29.29 -15.49 12.12
C LEU A 189 29.93 -14.89 10.88
N LEU A 190 29.22 -14.01 10.19
CA LEU A 190 29.86 -13.25 9.12
C LEU A 190 31.08 -12.52 9.65
N GLN A 191 30.93 -11.84 10.80
CA GLN A 191 32.09 -11.14 11.34
C GLN A 191 33.21 -12.12 11.71
N LYS A 192 32.86 -13.26 12.32
CA LYS A 192 33.88 -14.24 12.69
C LYS A 192 34.64 -14.77 11.48
N HIS A 193 33.91 -15.11 10.41
CA HIS A 193 34.55 -15.51 9.16
C HIS A 193 35.48 -14.43 8.65
N GLY A 194 35.07 -13.16 8.78
CA GLY A 194 35.97 -12.08 8.42
C GLY A 194 37.27 -12.14 9.18
N ARG A 195 37.20 -12.36 10.50
CA ARG A 195 38.42 -12.41 11.29
C ARG A 195 39.30 -13.60 10.91
N ILE A 196 38.69 -14.75 10.60
CA ILE A 196 39.48 -15.91 10.19
C ILE A 196 40.19 -15.63 8.87
N ARG A 197 39.48 -15.06 7.90
CA ARG A 197 40.12 -14.70 6.63
C ARG A 197 41.27 -13.71 6.84
N ASP A 198 41.07 -12.73 7.71
CA ASP A 198 42.11 -11.71 7.94
C ASP A 198 43.35 -12.34 8.56
N CYS A 199 43.17 -13.20 9.57
CA CYS A 199 44.31 -13.87 10.19
C CYS A 199 45.04 -14.74 9.18
N LEU A 200 44.30 -15.49 8.37
CA LEU A 200 44.92 -16.30 7.33
C LEU A 200 45.79 -15.44 6.42
N ALA A 201 45.19 -14.39 5.84
CA ALA A 201 45.93 -13.55 4.89
C ALA A 201 47.16 -12.93 5.52
N GLN A 202 47.05 -12.46 6.77
CA GLN A 202 48.18 -11.77 7.37
C GLN A 202 49.30 -12.73 7.76
N LEU A 203 48.97 -13.98 8.11
CA LEU A 203 50.01 -14.93 8.45
C LEU A 203 50.96 -15.22 7.28
N TYR A 204 50.52 -14.97 6.04
CA TYR A 204 51.35 -15.26 4.88
C TYR A 204 51.94 -14.00 4.24
N ALA A 205 51.87 -12.87 4.92
CA ALA A 205 52.58 -11.68 4.47
C ALA A 205 54.08 -11.92 4.49
N LYS A 206 54.74 -11.71 3.35
CA LYS A 206 56.15 -12.02 3.20
C LYS A 206 57.07 -11.02 3.91
N ASP A 207 56.72 -10.61 5.13
CA ASP A 207 57.52 -9.63 5.87
C ASP A 207 57.25 -9.68 7.36
N ILE A 208 56.52 -10.70 7.84
CA ILE A 208 55.94 -10.66 9.17
C ILE A 208 56.98 -11.06 10.20
N THR A 209 56.91 -10.44 11.38
CA THR A 209 57.87 -10.68 12.45
C THR A 209 57.48 -11.91 13.26
N PRO A 210 58.43 -12.51 14.00
CA PRO A 210 58.08 -13.73 14.74
C PRO A 210 56.96 -13.53 15.75
N ASP A 211 56.96 -12.41 16.47
CA ASP A 211 55.93 -12.19 17.49
C ASP A 211 54.57 -11.87 16.85
N ASP A 212 54.56 -11.06 15.79
CA ASP A 212 53.30 -10.82 15.08
C ASP A 212 52.71 -12.13 14.57
N LYS A 213 53.56 -13.00 14.01
CA LYS A 213 53.07 -14.27 13.49
C LYS A 213 52.55 -15.15 14.61
N GLN A 214 53.22 -15.16 15.76
CA GLN A 214 52.74 -15.97 16.88
C GLN A 214 51.38 -15.48 17.35
N GLU A 215 51.22 -14.16 17.48
CA GLU A 215 49.96 -13.60 17.97
C GLU A 215 48.85 -13.79 16.95
N LEU A 216 49.20 -13.78 15.66
CA LEU A 216 48.21 -14.04 14.62
C LEU A 216 47.75 -15.49 14.64
N ASP A 217 48.68 -16.43 14.80
CA ASP A 217 48.29 -17.82 14.96
C ASP A 217 47.31 -17.97 16.12
N GLU A 218 47.62 -17.34 17.26
CA GLU A 218 46.74 -17.48 18.43
C GLU A 218 45.37 -16.82 18.20
N ALA A 219 45.32 -15.71 17.44
CA ALA A 219 44.03 -15.13 17.07
C ALA A 219 43.25 -16.03 16.13
N LEU A 220 43.95 -16.74 15.23
CA LEU A 220 43.29 -17.66 14.32
C LEU A 220 42.65 -18.82 15.08
N GLN A 221 43.43 -19.46 15.96
CA GLN A 221 42.86 -20.54 16.78
C GLN A 221 41.68 -20.02 17.59
N ARG A 222 41.89 -18.91 18.28
CA ARG A 222 40.85 -18.28 19.09
C ARG A 222 39.56 -18.10 18.30
N GLU A 223 39.67 -17.68 17.03
CA GLU A 223 38.46 -17.46 16.23
C GLU A 223 37.82 -18.75 15.77
N ILE A 224 38.62 -19.74 15.36
CA ILE A 224 38.04 -21.02 14.93
C ILE A 224 37.26 -21.66 16.07
N GLN A 225 37.84 -21.65 17.28
CA GLN A 225 37.13 -22.18 18.43
C GLN A 225 35.89 -21.37 18.74
N ALA A 226 35.99 -20.04 18.67
CA ALA A 226 34.83 -19.19 18.92
C ALA A 226 33.68 -19.53 17.97
N ALA A 227 33.98 -19.72 16.68
CA ALA A 227 32.92 -20.07 15.75
C ALA A 227 32.37 -21.45 16.01
N PHE A 228 33.22 -22.40 16.42
CA PHE A 228 32.75 -23.77 16.64
C PHE A 228 31.92 -23.92 17.92
N ARG A 229 32.04 -22.98 18.85
CA ARG A 229 31.45 -23.11 20.18
C ARG A 229 30.20 -22.27 20.37
N THR A 230 29.57 -21.85 19.28
CA THR A 230 28.29 -21.16 19.33
C THR A 230 27.24 -22.09 18.75
N ASP A 231 26.11 -22.22 19.45
CA ASP A 231 25.00 -23.03 18.93
C ASP A 231 24.32 -22.30 17.77
N GLU A 232 23.83 -23.08 16.80
CA GLU A 232 23.22 -22.51 15.60
C GLU A 232 21.86 -23.14 15.31
N ILE A 233 21.10 -23.43 16.36
CA ILE A 233 19.76 -23.99 16.20
C ILE A 233 18.83 -23.27 17.18
N LYS A 234 18.02 -24.04 17.90
CA LYS A 234 16.98 -23.57 18.81
C LYS A 234 16.19 -22.34 18.35
N ARG A 235 15.50 -21.72 19.29
CA ARG A 235 14.72 -20.48 19.10
C ARG A 235 13.66 -20.73 18.03
N THR A 236 13.59 -19.93 16.98
CA THR A 236 12.60 -20.01 15.93
C THR A 236 13.32 -20.10 14.60
N PRO A 237 12.67 -20.61 13.56
CA PRO A 237 13.11 -20.31 12.20
C PRO A 237 13.07 -18.82 11.97
N PRO A 238 14.22 -18.13 12.16
CA PRO A 238 14.21 -16.69 12.50
C PRO A 238 13.17 -15.84 11.80
N THR A 239 12.51 -14.98 12.57
CA THR A 239 11.50 -14.06 12.06
C THR A 239 12.04 -13.32 10.84
N PRO A 240 11.19 -12.97 9.87
CA PRO A 240 11.68 -12.29 8.66
C PRO A 240 12.51 -11.05 8.97
N GLN A 241 12.19 -10.34 10.06
CA GLN A 241 13.03 -9.22 10.47
C GLN A 241 14.43 -9.69 10.86
N ASP A 242 14.54 -10.84 11.52
CA ASP A 242 15.86 -11.36 11.89
C ASP A 242 16.64 -11.79 10.64
N GLU A 243 15.99 -12.51 9.72
CA GLU A 243 16.65 -12.89 8.47
C GLU A 243 17.08 -11.67 7.67
N MET A 244 16.26 -10.61 7.68
CA MET A 244 16.64 -9.37 7.01
C MET A 244 17.83 -8.72 7.69
N ARG A 245 17.83 -8.69 9.03
CA ARG A 245 18.96 -8.17 9.77
C ARG A 245 20.24 -8.88 9.35
N ALA A 246 20.19 -10.21 9.24
CA ALA A 246 21.37 -10.96 8.84
C ALA A 246 21.76 -10.65 7.40
N GLY A 247 20.77 -10.50 6.51
CA GLY A 247 21.05 -10.24 5.11
C GLY A 247 21.66 -8.87 4.86
N MET A 248 21.35 -7.89 5.72
CA MET A 248 21.91 -6.56 5.52
C MET A 248 23.35 -6.43 6.00
N SER A 249 23.91 -7.46 6.64
CA SER A 249 25.21 -7.33 7.30
C SER A 249 26.32 -6.97 6.32
N TYR A 250 26.17 -7.33 5.05
CA TYR A 250 27.23 -7.10 4.08
C TYR A 250 27.47 -5.62 3.81
N PHE A 251 26.50 -4.77 4.15
CA PHE A 251 26.72 -3.34 4.02
C PHE A 251 27.77 -2.87 5.04
N HIS A 252 27.64 -3.31 6.28
CA HIS A 252 28.67 -3.02 7.27
C HIS A 252 29.97 -3.72 6.91
N GLU A 253 29.89 -4.97 6.43
CA GLU A 253 31.10 -5.73 6.13
C GLU A 253 31.93 -5.07 5.04
N THR A 254 31.37 -4.92 3.83
CA THR A 254 32.16 -4.42 2.71
C THR A 254 31.48 -3.37 1.86
N ILE A 255 30.15 -3.39 1.70
CA ILE A 255 29.53 -2.63 0.61
C ILE A 255 29.54 -1.13 0.89
N TRP A 256 29.28 -0.74 2.14
CA TRP A 256 29.21 0.68 2.50
C TRP A 256 30.52 1.39 2.19
N LYS A 257 31.62 0.86 2.72
CA LYS A 257 32.92 1.43 2.37
C LYS A 257 33.28 1.12 0.91
N GLY A 258 32.80 0.00 0.37
CA GLY A 258 33.24 -0.47 -0.94
C GLY A 258 32.75 0.34 -2.12
N VAL A 259 31.52 0.87 -2.05
CA VAL A 259 30.95 1.57 -3.21
C VAL A 259 31.76 2.81 -3.59
N PRO A 260 32.04 3.75 -2.69
CA PRO A 260 32.85 4.91 -3.11
C PRO A 260 34.25 4.56 -3.58
N LYS A 261 34.86 3.48 -3.06
CA LYS A 261 36.17 3.06 -3.56
C LYS A 261 36.07 2.64 -5.02
N PHE A 262 35.05 1.84 -5.35
CA PHE A 262 34.87 1.40 -6.74
C PHE A 262 34.58 2.58 -7.66
N LEU A 263 33.65 3.45 -7.26
CA LEU A 263 33.30 4.59 -8.10
C LEU A 263 34.52 5.47 -8.36
N ARG A 264 35.36 5.63 -7.33
CA ARG A 264 36.60 6.39 -7.51
C ARG A 264 37.52 5.69 -8.50
N ARG A 265 37.53 4.35 -8.49
CA ARG A 265 38.34 3.62 -9.45
C ARG A 265 37.82 3.81 -10.88
N VAL A 266 36.49 3.90 -11.04
CA VAL A 266 35.90 4.25 -12.33
C VAL A 266 36.41 5.61 -12.80
N ASP A 267 36.46 6.57 -11.88
CA ASP A 267 37.02 7.88 -12.24
C ASP A 267 38.45 7.75 -12.74
N THR A 268 39.26 6.92 -12.07
CA THR A 268 40.66 6.77 -12.48
C THR A 268 40.77 6.16 -13.87
N ALA A 269 40.00 5.10 -14.11
CA ALA A 269 40.03 4.46 -15.43
C ALA A 269 39.59 5.43 -16.52
N LEU A 270 38.63 6.32 -16.19
CA LEU A 270 38.24 7.35 -17.14
C LEU A 270 39.37 8.33 -17.41
N LYS A 271 40.16 8.66 -16.38
CA LYS A 271 41.30 9.55 -16.63
C LYS A 271 42.29 8.88 -17.56
N ASN A 272 42.40 7.56 -17.51
CA ASN A 272 43.43 6.95 -18.36
C ASN A 272 43.02 6.77 -19.82
N ILE A 273 41.83 7.24 -20.23
CA ILE A 273 41.47 7.30 -21.64
C ILE A 273 41.14 8.73 -22.08
N GLY A 274 41.41 9.71 -21.22
CA GLY A 274 41.28 11.10 -21.60
C GLY A 274 40.09 11.83 -21.03
N ILE A 275 39.20 11.14 -20.32
CA ILE A 275 38.05 11.81 -19.72
C ILE A 275 38.49 12.52 -18.47
N GLU A 276 38.22 13.82 -18.39
CA GLU A 276 38.63 14.63 -17.26
C GLU A 276 37.56 14.79 -16.20
N GLU A 277 36.29 14.54 -16.54
CA GLU A 277 35.24 14.56 -15.55
C GLU A 277 35.29 13.31 -14.67
N ARG A 278 34.60 13.37 -13.53
CA ARG A 278 34.29 12.19 -12.74
C ARG A 278 32.86 11.74 -13.04
N VAL A 279 32.58 10.48 -12.75
CA VAL A 279 31.19 10.04 -12.86
C VAL A 279 30.37 10.88 -11.90
N PRO A 280 29.32 11.54 -12.37
CA PRO A 280 28.58 12.46 -11.50
C PRO A 280 28.13 11.77 -10.23
N TYR A 281 28.33 12.46 -9.09
CA TYR A 281 28.16 11.79 -7.80
C TYR A 281 26.72 11.37 -7.56
N ASN A 282 25.77 11.98 -8.25
CA ASN A 282 24.36 11.61 -8.14
C ASN A 282 23.93 10.54 -9.16
N ALA A 283 24.84 10.04 -9.99
CA ALA A 283 24.50 9.03 -10.99
C ALA A 283 24.38 7.66 -10.35
N PRO A 284 23.23 6.99 -10.49
CA PRO A 284 23.04 5.67 -9.82
C PRO A 284 23.64 4.49 -10.58
N LEU A 285 24.97 4.45 -10.69
CA LEU A 285 25.61 3.30 -11.32
C LEU A 285 25.37 2.03 -10.53
N ILE A 286 25.26 2.14 -9.22
CA ILE A 286 25.07 0.99 -8.34
C ILE A 286 23.82 1.26 -7.49
N GLN A 287 22.94 0.27 -7.43
CA GLN A 287 21.74 0.31 -6.60
C GLN A 287 21.58 -1.06 -5.94
N PHE A 288 20.94 -1.05 -4.78
CA PHE A 288 20.69 -2.27 -4.04
C PHE A 288 19.20 -2.38 -3.72
N SER A 289 18.65 -3.57 -3.94
CA SER A 289 17.26 -3.86 -3.69
C SER A 289 17.20 -5.09 -2.80
N SER A 290 16.06 -5.31 -2.16
CA SER A 290 15.90 -6.42 -1.24
C SER A 290 14.52 -7.03 -1.41
N TRP A 291 14.47 -8.36 -1.30
CA TRP A 291 13.20 -9.08 -1.13
C TRP A 291 12.92 -9.45 0.31
N MET A 292 13.89 -9.26 1.21
CA MET A 292 13.78 -9.71 2.59
C MET A 292 12.74 -8.87 3.32
N GLY A 293 11.59 -9.47 3.58
CA GLY A 293 10.45 -8.74 4.10
C GLY A 293 9.46 -8.27 3.07
N GLY A 294 9.64 -8.65 1.81
CA GLY A 294 8.75 -8.19 0.75
C GLY A 294 8.12 -9.29 -0.10
N ASP A 295 8.78 -10.44 -0.19
CA ASP A 295 8.27 -11.56 -0.98
C ASP A 295 7.24 -12.33 -0.16
N ARG A 296 5.99 -12.29 -0.63
CA ARG A 296 4.88 -12.98 0.02
C ARG A 296 4.44 -14.22 -0.72
N ASP A 297 5.05 -14.52 -1.87
CA ASP A 297 4.66 -15.65 -2.70
C ASP A 297 4.79 -16.95 -1.93
N GLY A 298 3.67 -17.52 -1.51
CA GLY A 298 3.68 -18.76 -0.75
C GLY A 298 4.43 -18.67 0.56
N ASN A 299 4.31 -17.55 1.26
CA ASN A 299 5.04 -17.34 2.51
C ASN A 299 4.17 -16.50 3.45
N PRO A 300 3.26 -17.13 4.18
CA PRO A 300 2.35 -16.37 5.05
C PRO A 300 3.04 -15.69 6.21
N ARG A 301 4.29 -16.07 6.52
CA ARG A 301 5.04 -15.40 7.58
C ARG A 301 5.37 -13.96 7.23
N VAL A 302 5.35 -13.60 5.95
CA VAL A 302 5.62 -12.24 5.51
C VAL A 302 4.31 -11.47 5.52
N THR A 303 4.07 -10.72 6.58
CA THR A 303 2.84 -10.00 6.82
C THR A 303 3.04 -8.52 6.51
N PRO A 304 1.95 -7.73 6.46
CA PRO A 304 2.12 -6.28 6.33
C PRO A 304 3.00 -5.69 7.42
N GLU A 305 2.89 -6.19 8.65
CA GLU A 305 3.72 -5.69 9.74
C GLU A 305 5.18 -6.03 9.51
N VAL A 306 5.47 -7.19 8.94
CA VAL A 306 6.86 -7.55 8.62
C VAL A 306 7.44 -6.57 7.63
N THR A 307 6.68 -6.24 6.57
CA THR A 307 7.18 -5.31 5.56
C THR A 307 7.42 -3.92 6.16
N ARG A 308 6.46 -3.44 6.96
CA ARG A 308 6.64 -2.17 7.66
C ARG A 308 7.89 -2.20 8.55
N ASP A 309 8.10 -3.33 9.23
CA ASP A 309 9.22 -3.47 10.15
C ASP A 309 10.55 -3.37 9.42
N VAL A 310 10.75 -4.20 8.38
CA VAL A 310 12.03 -4.16 7.68
C VAL A 310 12.24 -2.82 6.98
N CYS A 311 11.14 -2.14 6.60
CA CYS A 311 11.30 -0.81 6.04
C CYS A 311 11.90 0.14 7.07
N LEU A 312 11.34 0.15 8.29
CA LEU A 312 11.84 1.08 9.31
C LEU A 312 13.23 0.68 9.80
N LEU A 313 13.47 -0.62 10.00
CA LEU A 313 14.81 -1.09 10.33
C LEU A 313 15.83 -0.63 9.30
N ALA A 314 15.47 -0.70 8.01
CA ALA A 314 16.43 -0.29 6.99
C ALA A 314 16.70 1.20 7.07
N ARG A 315 15.64 2.01 7.25
CA ARG A 315 15.86 3.45 7.37
C ARG A 315 16.74 3.77 8.57
N MET A 316 16.61 2.96 9.64
CA MET A 316 17.44 3.13 10.83
C MET A 316 18.90 2.82 10.54
N MET A 317 19.17 1.63 10.00
CA MET A 317 20.55 1.26 9.67
C MET A 317 21.20 2.32 8.80
N ALA A 318 20.46 2.83 7.80
CA ALA A 318 21.02 3.85 6.93
C ALA A 318 21.33 5.12 7.71
N ALA A 319 20.38 5.59 8.53
CA ALA A 319 20.64 6.81 9.31
C ALA A 319 21.82 6.64 10.24
N THR A 320 21.96 5.47 10.87
CA THR A 320 23.12 5.21 11.72
C THR A 320 24.41 5.35 10.93
N MET A 321 24.47 4.72 9.75
CA MET A 321 25.72 4.74 9.01
C MET A 321 26.06 6.16 8.55
N TYR A 322 25.07 6.90 8.06
CA TYR A 322 25.32 8.28 7.68
C TYR A 322 25.76 9.12 8.87
N PHE A 323 25.13 8.89 10.03
CA PHE A 323 25.45 9.66 11.24
C PHE A 323 26.89 9.42 11.68
N ASN A 324 27.30 8.15 11.74
CA ASN A 324 28.67 7.82 12.14
C ASN A 324 29.67 8.29 11.10
N GLN A 325 29.27 8.32 9.83
CA GLN A 325 30.21 8.69 8.78
C GLN A 325 30.41 10.20 8.71
N ILE A 326 29.40 10.98 9.10
CA ILE A 326 29.50 12.42 8.94
C ILE A 326 30.36 13.12 9.99
N GLU A 327 30.80 12.43 11.05
CA GLU A 327 31.65 13.11 12.03
C GLU A 327 33.07 13.30 11.51
N ASP A 328 33.68 12.25 10.92
CA ASP A 328 34.97 12.42 10.27
CA ASP A 328 34.98 12.43 10.29
C ASP A 328 34.89 13.44 9.16
N LEU A 329 33.74 13.48 8.46
CA LEU A 329 33.52 14.51 7.45
C LEU A 329 33.53 15.90 8.08
N MET A 330 32.93 16.03 9.27
CA MET A 330 32.95 17.33 9.94
C MET A 330 34.35 17.72 10.39
N PHE A 331 35.18 16.75 10.78
CA PHE A 331 36.56 17.09 11.11
C PHE A 331 37.33 17.54 9.86
N GLU A 332 37.08 16.90 8.72
CA GLU A 332 37.84 17.29 7.53
C GLU A 332 37.40 18.66 7.01
N MET A 333 36.12 19.00 7.16
CA MET A 333 35.56 20.22 6.55
C MET A 333 35.79 21.45 7.43
N SER A 334 37.04 21.79 7.62
CA SER A 334 37.42 22.90 8.48
C SER A 334 37.78 24.16 7.71
N MET A 335 37.52 24.22 6.40
CA MET A 335 37.85 25.39 5.62
C MET A 335 37.03 26.60 6.07
N TRP A 336 37.46 27.77 5.63
CA TRP A 336 36.75 29.02 5.88
C TRP A 336 36.35 29.74 4.61
N ARG A 337 37.18 29.69 3.56
CA ARG A 337 36.82 30.26 2.27
C ARG A 337 35.61 29.52 1.69
N CYS A 338 34.61 30.26 1.24
CA CYS A 338 33.36 29.62 0.81
C CYS A 338 32.62 30.49 -0.18
N ASN A 339 31.50 29.95 -0.66
CA ASN A 339 30.56 30.57 -1.58
C ASN A 339 29.77 31.68 -0.91
N ASP A 340 29.21 32.57 -1.72
CA ASP A 340 28.23 33.52 -1.20
C ASP A 340 26.97 32.80 -0.75
N GLU A 341 26.55 31.78 -1.52
CA GLU A 341 25.39 30.98 -1.18
C GLU A 341 25.61 30.22 0.12
N LEU A 342 26.78 29.58 0.24
CA LEU A 342 27.07 28.80 1.44
C LEU A 342 27.21 29.71 2.66
N ARG A 343 27.89 30.86 2.51
CA ARG A 343 28.01 31.79 3.63
C ARG A 343 26.64 32.25 4.10
N ALA A 344 25.73 32.51 3.15
CA ALA A 344 24.37 32.86 3.54
C ALA A 344 23.72 31.75 4.35
N ARG A 345 23.87 30.49 3.90
CA ARG A 345 23.25 29.40 4.64
C ARG A 345 23.88 29.21 6.01
N ALA A 346 25.19 29.40 6.13
CA ALA A 346 25.85 29.27 7.41
C ALA A 346 25.33 30.31 8.40
N ASP A 347 25.16 31.55 7.95
CA ASP A 347 24.60 32.55 8.85
C ASP A 347 23.16 32.23 9.21
N GLU A 348 22.41 31.62 8.29
CA GLU A 348 21.04 31.22 8.58
C GLU A 348 20.98 30.12 9.64
N VAL A 349 21.75 29.04 9.44
CA VAL A 349 21.76 27.90 10.36
C VAL A 349 22.27 28.30 11.74
N HIS A 350 23.19 29.28 11.79
CA HIS A 350 23.71 29.76 13.07
C HIS A 350 22.63 30.39 13.94
N ALA A 351 21.47 30.72 13.37
CA ALA A 351 20.31 31.22 14.12
C ALA A 351 19.38 30.05 14.42
N ASN A 352 19.61 29.39 15.55
CA ASN A 352 18.76 28.27 15.98
C ASN A 352 19.04 27.98 17.46
N SER A 353 18.62 26.80 17.91
CA SER A 353 18.70 26.40 19.32
C SER A 353 20.13 26.23 19.84
N ALA A 358 23.32 21.48 19.34
CA ALA A 358 24.73 21.11 19.35
C ALA A 358 25.01 20.01 20.36
N LYS A 359 24.07 19.06 20.49
CA LYS A 359 24.11 18.03 21.52
C LYS A 359 24.90 16.80 21.11
N HIS A 360 25.31 16.69 19.85
CA HIS A 360 25.96 15.48 19.35
C HIS A 360 27.39 15.74 18.92
N TYR A 361 28.08 16.68 19.58
CA TYR A 361 29.49 16.90 19.35
C TYR A 361 30.12 17.78 20.43
N ILE A 362 29.61 17.70 21.66
CA ILE A 362 30.27 18.43 22.76
C ILE A 362 31.64 17.81 23.05
N GLU A 363 31.78 16.50 22.84
CA GLU A 363 33.10 15.88 22.95
C GLU A 363 34.06 16.43 21.91
N PHE A 364 33.54 17.03 20.84
CA PHE A 364 34.35 17.59 19.77
C PHE A 364 34.50 19.11 19.88
N TRP A 365 33.39 19.84 19.97
CA TRP A 365 33.40 21.29 20.08
C TRP A 365 32.26 21.76 20.98
N LYS A 366 32.53 22.79 21.79
CA LYS A 366 31.47 23.42 22.59
C LYS A 366 30.34 23.89 21.69
N SER A 367 30.68 24.60 20.62
CA SER A 367 29.74 24.94 19.57
C SER A 367 30.55 25.23 18.31
N ILE A 368 29.89 25.16 17.16
CA ILE A 368 30.54 25.35 15.88
C ILE A 368 30.47 26.84 15.54
N PRO A 369 31.59 27.53 15.38
CA PRO A 369 31.55 28.96 15.07
C PRO A 369 31.27 29.19 13.59
N THR A 370 30.90 30.44 13.29
CA THR A 370 30.54 30.80 11.92
C THR A 370 31.74 30.90 10.99
N THR A 371 32.95 30.91 11.53
CA THR A 371 34.15 30.91 10.70
C THR A 371 34.50 29.51 10.19
N GLU A 372 33.65 28.52 10.46
CA GLU A 372 33.77 27.17 9.90
C GLU A 372 32.43 26.81 9.26
N PRO A 373 32.04 27.49 8.18
CA PRO A 373 30.65 27.37 7.69
C PRO A 373 30.26 25.97 7.25
N TYR A 374 31.19 25.25 6.62
CA TYR A 374 30.90 23.88 6.24
C TYR A 374 30.59 23.02 7.46
N ARG A 375 31.34 23.23 8.55
CA ARG A 375 31.04 22.49 9.78
C ARG A 375 29.66 22.84 10.33
N VAL A 376 29.24 24.11 10.18
CA VAL A 376 27.92 24.52 10.63
C VAL A 376 26.84 23.73 9.89
N ILE A 377 26.89 23.78 8.56
CA ILE A 377 25.88 23.11 7.76
C ILE A 377 25.92 21.60 7.99
N LEU A 378 27.12 21.03 7.98
CA LEU A 378 27.24 19.59 8.14
C LEU A 378 26.79 19.15 9.54
N GLY A 379 27.06 19.97 10.55
CA GLY A 379 26.57 19.68 11.88
C GLY A 379 25.06 19.65 11.96
N ASP A 380 24.40 20.56 11.23
CA ASP A 380 22.94 20.51 11.16
C ASP A 380 22.47 19.28 10.42
N VAL A 381 23.22 18.83 9.40
CA VAL A 381 22.86 17.59 8.72
C VAL A 381 22.98 16.41 9.67
N ARG A 382 24.08 16.36 10.45
CA ARG A 382 24.28 15.30 11.43
C ARG A 382 23.14 15.27 12.43
N ASP A 383 22.65 16.45 12.82
CA ASP A 383 21.54 16.53 13.75
C ASP A 383 20.25 15.98 13.12
N LYS A 384 19.99 16.33 11.86
CA LYS A 384 18.79 15.82 11.21
C LYS A 384 18.88 14.31 11.01
N LEU A 385 20.08 13.78 10.76
CA LEU A 385 20.23 12.34 10.68
C LEU A 385 19.90 11.68 12.00
N TYR A 386 20.35 12.29 13.11
CA TYR A 386 20.04 11.72 14.42
C TYR A 386 18.52 11.65 14.63
N HIS A 387 17.82 12.71 14.25
CA HIS A 387 16.36 12.69 14.41
C HIS A 387 15.71 11.68 13.49
N THR A 388 16.27 11.47 12.30
CA THR A 388 15.74 10.46 11.39
C THR A 388 15.82 9.08 12.03
N ARG A 389 16.99 8.71 12.54
CA ARG A 389 17.12 7.41 13.18
C ARG A 389 16.14 7.26 14.33
N GLU A 390 16.17 8.20 15.29
CA GLU A 390 15.34 8.00 16.49
C GLU A 390 13.86 7.99 16.14
N ARG A 391 13.46 8.72 15.10
CA ARG A 391 12.06 8.70 14.69
C ARG A 391 11.66 7.36 14.09
N ALA A 392 12.45 6.85 13.14
CA ALA A 392 12.16 5.53 12.59
C ALA A 392 12.10 4.48 13.70
N HIS A 393 12.98 4.59 14.69
CA HIS A 393 12.97 3.65 15.80
C HIS A 393 11.67 3.78 16.60
N GLN A 394 11.21 5.01 16.82
CA GLN A 394 9.98 5.19 17.60
C GLN A 394 8.77 4.64 16.86
N LEU A 395 8.72 4.81 15.53
CA LEU A 395 7.62 4.21 14.77
C LEU A 395 7.68 2.69 14.83
N LEU A 396 8.89 2.12 14.74
CA LEU A 396 9.01 0.66 14.76
C LEU A 396 8.51 0.07 16.07
N SER A 397 8.96 0.61 17.20
CA SER A 397 8.63 -0.02 18.47
C SER A 397 7.28 0.41 19.04
N ASN A 398 6.62 1.42 18.46
CA ASN A 398 5.35 1.89 18.98
C ASN A 398 4.29 1.98 17.89
N GLY A 399 4.39 3.00 17.04
CA GLY A 399 3.44 3.17 15.95
C GLY A 399 3.25 4.64 15.64
N HIS A 400 3.73 5.47 16.54
CA HIS A 400 3.71 6.92 16.38
C HIS A 400 5.06 7.46 16.81
N SER A 401 5.25 8.77 16.67
CA SER A 401 6.46 9.38 17.17
C SER A 401 6.12 10.57 18.07
N ASP A 402 6.64 11.74 17.69
CA ASP A 402 6.49 13.04 18.34
C ASP A 402 7.65 13.88 17.82
N VAL A 403 8.55 13.22 17.10
CA VAL A 403 9.65 13.87 16.40
C VAL A 403 9.06 14.48 15.13
N PRO A 404 9.02 15.81 15.02
CA PRO A 404 8.44 16.42 13.82
C PRO A 404 9.12 15.92 12.56
N VAL A 405 8.30 15.55 11.57
CA VAL A 405 8.81 15.04 10.31
C VAL A 405 9.66 16.08 9.58
N GLU A 406 9.47 17.36 9.87
CA GLU A 406 10.24 18.42 9.24
C GLU A 406 11.65 18.55 9.82
N ALA A 407 11.91 17.91 10.96
CA ALA A 407 13.23 17.90 11.57
C ALA A 407 14.08 16.74 11.09
N THR A 408 13.61 16.01 10.09
CA THR A 408 14.29 14.84 9.53
C THR A 408 14.39 14.99 8.01
N PHE A 409 15.05 14.03 7.38
CA PHE A 409 15.11 13.92 5.92
C PHE A 409 14.07 12.88 5.50
N ILE A 410 13.16 13.29 4.61
CA ILE A 410 12.08 12.40 4.19
C ILE A 410 12.35 11.86 2.79
N ASN A 411 13.00 12.66 1.95
CA ASN A 411 13.36 12.26 0.60
C ASN A 411 14.83 12.57 0.35
N LEU A 412 15.36 11.98 -0.73
CA LEU A 412 16.79 12.08 -1.02
C LEU A 412 17.22 13.50 -1.39
N GLU A 413 16.31 14.35 -1.85
CA GLU A 413 16.74 15.68 -2.24
C GLU A 413 16.99 16.57 -1.03
N GLN A 414 16.14 16.45 0.01
CA GLN A 414 16.40 17.14 1.26
C GLN A 414 17.78 16.79 1.81
N PHE A 415 18.19 15.53 1.66
CA PHE A 415 19.49 15.09 2.13
C PHE A 415 20.61 15.64 1.26
N LEU A 416 20.47 15.53 -0.06
CA LEU A 416 21.55 15.89 -0.96
C LEU A 416 21.78 17.40 -1.01
N GLU A 417 20.74 18.22 -0.80
CA GLU A 417 20.85 19.64 -1.09
C GLU A 417 21.99 20.31 -0.35
N PRO A 418 22.12 20.20 0.98
CA PRO A 418 23.25 20.88 1.66
C PRO A 418 24.60 20.29 1.32
N LEU A 419 24.69 18.97 1.14
CA LEU A 419 25.96 18.35 0.75
C LEU A 419 26.42 18.88 -0.62
N GLU A 420 25.49 18.94 -1.57
CA GLU A 420 25.85 19.49 -2.87
C GLU A 420 26.22 20.96 -2.76
N LEU A 421 25.57 21.69 -1.85
CA LEU A 421 25.95 23.09 -1.62
C LEU A 421 27.41 23.19 -1.18
N CYS A 422 27.81 22.32 -0.25
CA CYS A 422 29.21 22.29 0.19
C CYS A 422 30.14 22.00 -0.98
N TYR A 423 29.76 21.04 -1.83
CA TYR A 423 30.61 20.68 -2.97
C TYR A 423 30.77 21.85 -3.94
N ARG A 424 29.64 22.51 -4.30
CA ARG A 424 29.71 23.65 -5.19
C ARG A 424 30.60 24.75 -4.62
N SER A 425 30.39 25.11 -3.35
CA SER A 425 31.17 26.19 -2.72
C SER A 425 32.66 25.86 -2.74
N LEU A 426 33.02 24.65 -2.32
CA LEU A 426 34.41 24.26 -2.32
C LEU A 426 35.00 24.36 -3.71
N CYS A 427 34.24 23.94 -4.73
CA CYS A 427 34.75 24.11 -6.09
C CYS A 427 34.85 25.59 -6.47
N SER A 428 33.97 26.43 -5.94
CA SER A 428 34.02 27.86 -6.23
C SER A 428 35.34 28.46 -5.79
N CYS A 429 35.90 27.96 -4.68
CA CYS A 429 37.10 28.57 -4.11
C CYS A 429 38.39 27.87 -4.53
N GLY A 430 38.37 27.10 -5.61
CA GLY A 430 39.54 26.36 -6.01
C GLY A 430 39.90 25.24 -5.06
N ASP A 431 38.96 24.78 -4.25
CA ASP A 431 39.15 23.65 -3.34
C ASP A 431 38.49 22.36 -3.84
N ARG A 432 38.32 22.22 -5.15
CA ARG A 432 37.79 20.98 -5.70
C ARG A 432 38.52 19.73 -5.21
N PRO A 433 39.86 19.66 -5.15
CA PRO A 433 40.51 18.45 -4.63
C PRO A 433 40.01 18.05 -3.25
N ILE A 434 39.84 19.02 -2.34
CA ILE A 434 39.27 18.74 -1.03
C ILE A 434 37.85 18.19 -1.17
N ALA A 435 37.09 18.72 -2.14
CA ALA A 435 35.72 18.27 -2.35
C ALA A 435 35.66 16.83 -2.83
N ASP A 436 36.65 16.40 -3.62
CA ASP A 436 36.68 15.05 -4.15
C ASP A 436 37.27 14.03 -3.18
N GLY A 437 37.21 14.31 -1.87
CA GLY A 437 37.63 13.38 -0.86
C GLY A 437 36.50 12.76 -0.08
N SER A 438 36.46 13.00 1.24
CA SER A 438 35.39 12.46 2.06
C SER A 438 34.02 12.96 1.60
N LEU A 439 33.96 14.18 1.06
CA LEU A 439 32.68 14.71 0.61
C LEU A 439 32.17 13.97 -0.62
N LEU A 440 33.06 13.69 -1.59
CA LEU A 440 32.65 12.95 -2.77
C LEU A 440 32.18 11.54 -2.40
N ASP A 441 32.94 10.87 -1.53
CA ASP A 441 32.52 9.55 -1.05
C ASP A 441 31.14 9.62 -0.40
N PHE A 442 30.91 10.64 0.44
CA PHE A 442 29.63 10.77 1.13
C PHE A 442 28.49 10.96 0.14
N LEU A 443 28.65 11.91 -0.79
CA LEU A 443 27.64 12.13 -1.82
C LEU A 443 27.35 10.86 -2.59
N ARG A 444 28.41 10.10 -2.93
CA ARG A 444 28.22 8.86 -3.68
C ARG A 444 27.51 7.80 -2.84
N GLN A 445 27.69 7.84 -1.51
CA GLN A 445 26.97 6.91 -0.65
C GLN A 445 25.50 7.28 -0.54
N VAL A 446 25.18 8.57 -0.46
CA VAL A 446 23.78 9.00 -0.44
C VAL A 446 23.09 8.64 -1.75
N SER A 447 23.80 8.79 -2.87
CA SER A 447 23.20 8.49 -4.16
C SER A 447 23.02 6.98 -4.35
N THR A 448 24.00 6.19 -3.91
CA THR A 448 23.90 4.74 -4.05
C THR A 448 22.86 4.14 -3.12
N PHE A 449 22.91 4.51 -1.83
CA PHE A 449 22.17 3.84 -0.77
C PHE A 449 20.90 4.54 -0.35
N GLY A 450 20.73 5.82 -0.70
CA GLY A 450 19.54 6.52 -0.29
C GLY A 450 19.36 6.53 1.22
N LEU A 451 18.12 6.74 1.65
CA LEU A 451 17.80 6.73 3.06
C LEU A 451 17.51 5.34 3.60
N SER A 452 17.67 4.30 2.77
CA SER A 452 17.24 2.96 3.14
C SER A 452 18.27 1.86 2.90
N LEU A 453 19.40 2.17 2.25
CA LEU A 453 20.39 1.19 1.77
C LEU A 453 19.82 0.34 0.63
N VAL A 454 18.66 -0.25 0.85
CA VAL A 454 18.01 -1.09 -0.15
C VAL A 454 16.59 -0.57 -0.40
N ARG A 455 16.08 -0.87 -1.59
CA ARG A 455 14.68 -0.66 -1.90
C ARG A 455 14.00 -2.02 -1.94
N LEU A 456 12.89 -2.14 -1.21
CA LEU A 456 12.22 -3.41 -1.02
C LEU A 456 11.22 -3.68 -2.14
N ASP A 457 11.36 -4.83 -2.79
CA ASP A 457 10.34 -5.29 -3.72
C ASP A 457 9.25 -6.02 -2.95
N ILE A 458 8.03 -5.94 -3.48
CA ILE A 458 6.88 -6.65 -2.94
C ILE A 458 6.52 -7.73 -3.95
N ARG A 459 6.31 -8.97 -3.50
CA ARG A 459 5.94 -10.01 -4.45
C ARG A 459 4.71 -10.77 -3.99
N GLN A 460 3.80 -11.03 -4.93
CA GLN A 460 2.58 -11.78 -4.62
C GLN A 460 2.07 -12.46 -5.88
N GLU A 461 1.42 -13.62 -5.69
CA GLU A 461 0.79 -14.31 -6.81
C GLU A 461 -0.33 -13.46 -7.42
N SER A 462 -0.52 -13.63 -8.73
CA SER A 462 -1.63 -12.95 -9.40
C SER A 462 -2.99 -13.45 -8.87
N ASP A 463 -3.07 -14.76 -8.60
CA ASP A 463 -4.33 -15.35 -8.14
C ASP A 463 -4.89 -14.61 -6.93
N ARG A 464 -4.03 -14.11 -6.06
CA ARG A 464 -4.50 -13.37 -4.88
C ARG A 464 -5.15 -12.05 -5.29
N HIS A 465 -4.63 -11.40 -6.33
CA HIS A 465 -5.26 -10.21 -6.86
C HIS A 465 -6.59 -10.55 -7.51
N THR A 466 -6.67 -11.72 -8.15
CA THR A 466 -7.95 -12.19 -8.68
C THR A 466 -8.95 -12.37 -7.55
N ASP A 467 -8.51 -12.93 -6.42
CA ASP A 467 -9.42 -13.10 -5.28
C ASP A 467 -9.92 -11.76 -4.77
N VAL A 468 -9.04 -10.76 -4.68
CA VAL A 468 -9.46 -9.45 -4.18
C VAL A 468 -10.47 -8.82 -5.12
N LEU A 469 -10.15 -8.80 -6.41
CA LEU A 469 -11.09 -8.21 -7.36
C LEU A 469 -12.39 -9.00 -7.44
N ASP A 470 -12.34 -10.31 -7.21
CA ASP A 470 -13.56 -11.09 -7.25
C ASP A 470 -14.47 -10.76 -6.08
N ALA A 471 -13.89 -10.63 -4.88
CA ALA A 471 -14.69 -10.18 -3.74
C ALA A 471 -15.24 -8.79 -3.98
N ILE A 472 -14.48 -7.94 -4.67
CA ILE A 472 -14.94 -6.57 -4.94
C ILE A 472 -16.12 -6.59 -5.91
N THR A 473 -15.97 -7.26 -7.06
CA THR A 473 -17.03 -7.24 -8.07
C THR A 473 -18.27 -7.97 -7.57
N THR A 474 -18.10 -9.11 -6.88
CA THR A 474 -19.25 -9.78 -6.31
C THR A 474 -19.96 -8.87 -5.30
N HIS A 475 -19.17 -8.11 -4.54
CA HIS A 475 -19.77 -7.17 -3.59
C HIS A 475 -20.53 -6.05 -4.29
N LEU A 476 -20.22 -5.78 -5.57
CA LEU A 476 -20.88 -4.73 -6.33
C LEU A 476 -22.03 -5.23 -7.20
N ASP A 477 -22.37 -6.52 -7.11
CA ASP A 477 -23.45 -7.14 -7.90
C ASP A 477 -23.24 -6.92 -9.39
N ILE A 478 -22.00 -7.19 -9.85
CA ILE A 478 -21.63 -7.07 -11.25
C ILE A 478 -21.13 -8.39 -11.82
N GLY A 479 -20.93 -9.41 -11.01
CA GLY A 479 -20.40 -10.68 -11.47
C GLY A 479 -19.10 -11.02 -10.77
N SER A 480 -18.52 -12.14 -11.21
CA SER A 480 -17.28 -12.64 -10.63
C SER A 480 -16.15 -12.38 -11.61
N TYR A 481 -15.25 -11.47 -11.23
CA TYR A 481 -14.05 -11.19 -12.02
C TYR A 481 -13.31 -12.48 -12.40
N ARG A 482 -13.46 -13.53 -11.59
CA ARG A 482 -12.77 -14.79 -11.86
C ARG A 482 -13.36 -15.52 -13.07
N GLU A 483 -14.69 -15.55 -13.20
CA GLU A 483 -15.29 -16.22 -14.34
C GLU A 483 -15.11 -15.44 -15.63
N TRP A 484 -14.86 -14.13 -15.52
CA TRP A 484 -14.74 -13.29 -16.71
C TRP A 484 -13.54 -13.69 -17.55
N SER A 485 -13.72 -13.65 -18.86
CA SER A 485 -12.61 -13.85 -19.79
C SER A 485 -11.55 -12.79 -19.58
N GLU A 486 -10.36 -13.05 -20.14
CA GLU A 486 -9.27 -12.09 -20.01
C GLU A 486 -9.63 -10.75 -20.65
N GLU A 487 -10.37 -10.80 -21.77
CA GLU A 487 -10.73 -9.55 -22.44
C GLU A 487 -11.74 -8.75 -21.63
N ARG A 488 -12.74 -9.43 -21.05
CA ARG A 488 -13.72 -8.74 -20.22
C ARG A 488 -13.05 -8.14 -18.98
N ARG A 489 -12.11 -8.88 -18.39
CA ARG A 489 -11.32 -8.37 -17.28
C ARG A 489 -10.60 -7.08 -17.68
N GLN A 490 -9.92 -7.11 -18.83
CA GLN A 490 -9.21 -5.93 -19.29
C GLN A 490 -10.15 -4.75 -19.49
N GLU A 491 -11.31 -4.98 -20.11
CA GLU A 491 -12.20 -3.86 -20.42
C GLU A 491 -12.71 -3.22 -19.14
N TRP A 492 -13.09 -4.04 -18.15
CA TRP A 492 -13.57 -3.48 -16.89
C TRP A 492 -12.46 -2.72 -16.17
N LEU A 493 -11.28 -3.35 -16.06
CA LEU A 493 -10.17 -2.69 -15.39
C LEU A 493 -9.86 -1.34 -16.03
N LEU A 494 -9.91 -1.27 -17.36
CA LEU A 494 -9.62 -0.01 -18.03
C LEU A 494 -10.71 1.01 -17.78
N SER A 495 -11.97 0.59 -17.73
CA SER A 495 -13.01 1.57 -17.45
C SER A 495 -12.87 2.12 -16.04
N GLU A 496 -12.34 1.33 -15.11
CA GLU A 496 -12.18 1.83 -13.75
C GLU A 496 -10.95 2.74 -13.63
N LEU A 497 -9.83 2.37 -14.28
CA LEU A 497 -8.63 3.20 -14.20
C LEU A 497 -8.84 4.57 -14.84
N SER A 498 -9.66 4.65 -15.89
CA SER A 498 -9.91 5.92 -16.55
C SER A 498 -11.03 6.71 -15.90
N GLY A 499 -11.74 6.12 -14.92
CA GLY A 499 -12.83 6.78 -14.26
C GLY A 499 -12.41 7.48 -12.98
N LYS A 500 -13.34 8.26 -12.42
CA LYS A 500 -13.06 9.04 -11.23
C LYS A 500 -13.67 8.46 -9.96
N ARG A 501 -14.58 7.51 -10.08
CA ARG A 501 -15.24 6.96 -8.90
C ARG A 501 -14.32 5.95 -8.21
N PRO A 502 -14.15 6.04 -6.89
CA PRO A 502 -13.43 5.00 -6.16
C PRO A 502 -14.20 3.68 -6.19
N LEU A 503 -13.50 2.61 -5.78
CA LEU A 503 -13.97 1.26 -6.03
C LEU A 503 -14.67 0.60 -4.85
N PHE A 504 -14.16 0.79 -3.63
CA PHE A 504 -14.71 0.08 -2.48
C PHE A 504 -14.41 0.87 -1.22
N GLY A 505 -15.07 0.48 -0.13
CA GLY A 505 -14.89 1.10 1.16
C GLY A 505 -14.70 0.06 2.25
N SER A 506 -14.93 0.45 3.51
CA SER A 506 -14.80 -0.50 4.60
C SER A 506 -15.82 -1.62 4.51
N ASP A 507 -17.00 -1.34 3.95
CA ASP A 507 -18.04 -2.34 3.74
C ASP A 507 -17.61 -3.30 2.64
N LEU A 508 -16.75 -4.26 3.02
CA LEU A 508 -16.31 -5.25 2.04
C LEU A 508 -15.92 -6.56 2.73
N PRO A 509 -16.69 -7.65 2.51
CA PRO A 509 -16.31 -8.95 3.08
C PRO A 509 -14.92 -9.40 2.64
N LYS A 510 -13.98 -9.39 3.58
CA LYS A 510 -12.59 -9.78 3.33
C LYS A 510 -12.30 -11.10 4.03
N THR A 511 -11.82 -12.08 3.27
CA THR A 511 -11.22 -13.25 3.89
C THR A 511 -9.85 -12.88 4.46
N GLU A 512 -9.25 -13.82 5.21
CA GLU A 512 -7.94 -13.53 5.79
C GLU A 512 -6.93 -13.17 4.71
N GLU A 513 -6.95 -13.90 3.59
CA GLU A 513 -6.01 -13.63 2.50
C GLU A 513 -6.29 -12.28 1.83
N ILE A 514 -7.56 -12.01 1.53
CA ILE A 514 -7.91 -10.77 0.84
C ILE A 514 -7.55 -9.57 1.70
N ALA A 515 -7.83 -9.66 3.00
CA ALA A 515 -7.43 -8.61 3.92
C ALA A 515 -5.92 -8.47 3.98
N ASP A 516 -5.19 -9.59 3.86
CA ASP A 516 -3.72 -9.49 3.83
C ASP A 516 -3.27 -8.65 2.64
N VAL A 517 -3.81 -8.92 1.44
CA VAL A 517 -3.40 -8.19 0.25
C VAL A 517 -3.67 -6.70 0.40
N LEU A 518 -4.90 -6.35 0.81
CA LEU A 518 -5.25 -4.94 0.93
C LEU A 518 -4.43 -4.25 2.02
N ASP A 519 -4.19 -4.94 3.14
CA ASP A 519 -3.40 -4.36 4.22
C ASP A 519 -1.96 -4.11 3.80
N THR A 520 -1.38 -5.03 3.02
CA THR A 520 -0.05 -4.79 2.46
C THR A 520 -0.04 -3.50 1.65
N PHE A 521 -1.05 -3.30 0.79
CA PHE A 521 -1.11 -2.05 0.04
C PHE A 521 -1.21 -0.85 0.97
N HIS A 522 -1.99 -0.96 2.04
CA HIS A 522 -2.14 0.16 2.95
C HIS A 522 -0.82 0.51 3.63
N VAL A 523 0.00 -0.50 3.96
CA VAL A 523 1.30 -0.22 4.56
C VAL A 523 2.22 0.46 3.54
N ILE A 524 2.17 0.02 2.28
CA ILE A 524 3.00 0.67 1.27
C ILE A 524 2.62 2.15 1.15
N ALA A 525 1.32 2.45 1.25
CA ALA A 525 0.86 3.83 1.06
C ALA A 525 1.33 4.76 2.17
N GLU A 526 1.54 4.25 3.39
CA GLU A 526 1.86 5.07 4.55
C GLU A 526 3.37 5.20 4.81
N LEU A 527 4.21 4.72 3.90
CA LEU A 527 5.65 4.74 4.05
C LEU A 527 6.28 5.48 2.87
N PRO A 528 7.50 6.00 3.03
CA PRO A 528 8.11 6.78 1.95
C PRO A 528 8.36 5.92 0.71
N ALA A 529 8.14 6.51 -0.46
CA ALA A 529 8.35 5.78 -1.70
C ALA A 529 9.80 5.38 -1.89
N ASP A 530 10.74 6.11 -1.28
CA ASP A 530 12.15 5.78 -1.40
C ASP A 530 12.48 4.42 -0.78
N SER A 531 11.57 3.84 0.02
CA SER A 531 11.82 2.57 0.66
C SER A 531 11.47 1.39 -0.21
N PHE A 532 10.70 1.60 -1.29
CA PHE A 532 10.15 0.53 -2.10
C PHE A 532 10.72 0.53 -3.51
N GLY A 533 10.77 -0.66 -4.11
CA GLY A 533 11.15 -0.80 -5.50
C GLY A 533 10.00 -1.19 -6.40
N ALA A 534 9.92 -2.49 -6.72
CA ALA A 534 9.01 -3.01 -7.70
C ALA A 534 7.98 -3.92 -7.07
N TYR A 535 6.75 -3.89 -7.60
CA TYR A 535 5.71 -4.84 -7.25
C TYR A 535 5.69 -5.95 -8.28
N ILE A 536 6.04 -7.15 -7.83
CA ILE A 536 6.28 -8.31 -8.68
C ILE A 536 5.11 -9.26 -8.58
N ILE A 537 4.57 -9.63 -9.74
CA ILE A 537 3.40 -10.51 -9.85
C ILE A 537 3.89 -11.89 -10.23
N SER A 538 3.84 -12.81 -9.26
CA SER A 538 4.18 -14.20 -9.52
C SER A 538 3.08 -14.87 -10.34
N MET A 539 3.49 -15.83 -11.16
CA MET A 539 2.57 -16.60 -12.00
C MET A 539 1.75 -15.66 -12.88
N ALA A 540 2.42 -14.65 -13.42
CA ALA A 540 1.80 -13.71 -14.34
C ALA A 540 1.66 -14.34 -15.71
N THR A 541 0.50 -14.11 -16.36
CA THR A 541 0.20 -14.70 -17.67
C THR A 541 -0.45 -13.75 -18.65
N ALA A 542 -1.06 -12.66 -18.20
CA ALA A 542 -1.91 -11.84 -19.05
C ALA A 542 -1.83 -10.39 -18.59
N PRO A 543 -2.15 -9.44 -19.47
CA PRO A 543 -2.10 -8.02 -19.06
C PRO A 543 -3.03 -7.66 -17.90
N SER A 544 -4.15 -8.37 -17.74
CA SER A 544 -5.07 -8.04 -16.67
C SER A 544 -4.44 -8.17 -15.29
N ASP A 545 -3.44 -9.04 -15.14
CA ASP A 545 -2.75 -9.16 -13.85
C ASP A 545 -2.08 -7.84 -13.46
N VAL A 546 -1.36 -7.23 -14.42
CA VAL A 546 -0.68 -5.97 -14.18
C VAL A 546 -1.71 -4.86 -13.96
N LEU A 547 -2.77 -4.83 -14.76
CA LEU A 547 -3.76 -3.78 -14.57
C LEU A 547 -4.46 -3.93 -13.22
N ALA A 548 -4.65 -5.17 -12.77
CA ALA A 548 -5.24 -5.44 -11.45
C ALA A 548 -4.38 -4.85 -10.35
N VAL A 549 -3.07 -5.06 -10.41
CA VAL A 549 -2.21 -4.49 -9.38
C VAL A 549 -2.23 -2.96 -9.45
N GLU A 550 -2.18 -2.39 -10.66
CA GLU A 550 -2.19 -0.92 -10.76
C GLU A 550 -3.46 -0.32 -10.15
N LEU A 551 -4.60 -0.96 -10.38
CA LEU A 551 -5.86 -0.46 -9.86
C LEU A 551 -5.92 -0.60 -8.34
N LEU A 552 -5.54 -1.77 -7.82
CA LEU A 552 -5.51 -1.96 -6.37
C LEU A 552 -4.57 -0.97 -5.70
N GLN A 553 -3.42 -0.70 -6.33
CA GLN A 553 -2.52 0.33 -5.82
C GLN A 553 -3.22 1.67 -5.72
N ARG A 554 -3.88 2.09 -6.80
CA ARG A 554 -4.46 3.43 -6.81
C ARG A 554 -5.60 3.54 -5.80
N GLU A 555 -6.46 2.53 -5.74
CA GLU A 555 -7.63 2.59 -4.88
C GLU A 555 -7.32 2.33 -3.41
N CYS A 556 -6.14 1.82 -3.09
CA CYS A 556 -5.66 1.78 -1.71
C CYS A 556 -4.86 3.05 -1.35
N ARG A 557 -4.99 4.10 -2.15
CA ARG A 557 -4.47 5.44 -1.85
C ARG A 557 -2.95 5.48 -1.75
N VAL A 558 -2.25 4.66 -2.53
CA VAL A 558 -0.80 4.77 -2.66
C VAL A 558 -0.50 5.97 -3.56
N LYS A 559 0.00 7.05 -2.97
CA LYS A 559 0.16 8.31 -3.71
C LYS A 559 1.16 8.17 -4.86
N GLN A 560 2.34 7.58 -4.59
CA GLN A 560 3.33 7.30 -5.63
C GLN A 560 3.37 5.81 -5.91
N PRO A 561 2.60 5.31 -6.88
CA PRO A 561 2.50 3.86 -7.06
C PRO A 561 3.83 3.24 -7.49
N LEU A 562 4.06 2.02 -7.04
CA LEU A 562 5.22 1.23 -7.44
C LEU A 562 5.10 0.82 -8.90
N ARG A 563 6.25 0.61 -9.54
CA ARG A 563 6.24 0.02 -10.87
C ARG A 563 5.88 -1.45 -10.76
N VAL A 564 5.01 -1.90 -11.66
CA VAL A 564 4.53 -3.29 -11.65
C VAL A 564 5.42 -4.12 -12.58
N VAL A 565 5.79 -5.31 -12.11
CA VAL A 565 6.71 -6.18 -12.84
C VAL A 565 6.09 -7.56 -12.94
N PRO A 566 5.71 -8.01 -14.14
CA PRO A 566 5.19 -9.38 -14.27
C PRO A 566 6.32 -10.39 -14.30
N LEU A 567 6.09 -11.51 -13.62
CA LEU A 567 7.01 -12.65 -13.63
C LEU A 567 6.36 -13.77 -14.43
N PHE A 568 6.84 -13.99 -15.65
CA PHE A 568 6.33 -15.05 -16.51
C PHE A 568 7.13 -16.32 -16.22
N GLU A 569 6.48 -17.30 -15.60
CA GLU A 569 7.20 -18.47 -15.08
C GLU A 569 7.15 -19.66 -16.04
N LYS A 570 5.96 -20.21 -16.27
CA LYS A 570 5.83 -21.37 -17.13
C LYS A 570 6.24 -21.03 -18.56
N LEU A 571 6.52 -22.07 -19.35
CA LEU A 571 7.03 -21.86 -20.70
C LEU A 571 5.98 -21.20 -21.61
N ALA A 572 4.74 -21.68 -21.52
CA ALA A 572 3.65 -21.07 -22.29
C ALA A 572 3.48 -19.60 -21.93
N ASP A 573 3.67 -19.26 -20.65
CA ASP A 573 3.60 -17.86 -20.23
C ASP A 573 4.71 -17.05 -20.91
N LEU A 574 5.89 -17.64 -21.06
CA LEU A 574 6.98 -16.95 -21.74
C LEU A 574 6.63 -16.71 -23.20
N GLU A 575 6.02 -17.69 -23.86
CA GLU A 575 5.67 -17.51 -25.26
C GLU A 575 4.65 -16.38 -25.42
N ALA A 576 3.71 -16.26 -24.49
CA ALA A 576 2.69 -15.22 -24.57
C ALA A 576 3.15 -13.89 -23.99
N ALA A 577 4.36 -13.83 -23.42
CA ALA A 577 4.77 -12.62 -22.70
C ALA A 577 4.92 -11.41 -23.60
N PRO A 578 5.62 -11.47 -24.74
CA PRO A 578 5.78 -10.25 -25.55
C PRO A 578 4.48 -9.70 -26.09
N ALA A 579 3.52 -10.57 -26.43
CA ALA A 579 2.21 -10.09 -26.82
C ALA A 579 1.53 -9.35 -25.67
N ALA A 580 1.61 -9.89 -24.46
CA ALA A 580 0.97 -9.26 -23.31
C ALA A 580 1.60 -7.91 -22.99
N VAL A 581 2.93 -7.83 -23.11
CA VAL A 581 3.61 -6.57 -22.85
C VAL A 581 3.27 -5.55 -23.93
N ALA A 582 3.12 -6.00 -25.18
CA ALA A 582 2.70 -5.08 -26.23
C ALA A 582 1.30 -4.55 -25.97
N ARG A 583 0.38 -5.44 -25.60
CA ARG A 583 -0.98 -5.00 -25.26
C ARG A 583 -0.96 -4.01 -24.11
N LEU A 584 -0.06 -4.20 -23.14
CA LEU A 584 0.05 -3.24 -22.04
C LEU A 584 0.54 -1.88 -22.53
N PHE A 585 1.58 -1.87 -23.37
CA PHE A 585 2.09 -0.61 -23.92
C PHE A 585 1.08 0.10 -24.81
N SER A 586 0.12 -0.64 -25.40
CA SER A 586 -0.82 -0.05 -26.34
C SER A 586 -1.98 0.68 -25.66
N VAL A 587 -2.26 0.35 -24.39
CA VAL A 587 -3.31 1.03 -23.64
C VAL A 587 -2.80 2.37 -23.14
N ASP A 588 -3.57 3.44 -23.39
CA ASP A 588 -3.08 4.79 -23.16
C ASP A 588 -2.77 5.03 -21.68
N TRP A 589 -3.62 4.52 -20.79
CA TRP A 589 -3.44 4.76 -19.35
C TRP A 589 -2.13 4.17 -18.86
N TYR A 590 -1.88 2.89 -19.16
CA TYR A 590 -0.65 2.25 -18.71
C TYR A 590 0.57 2.92 -19.36
N LYS A 591 0.44 3.31 -20.63
CA LYS A 591 1.54 3.97 -21.32
C LYS A 591 1.90 5.29 -20.66
N ASN A 592 0.91 6.01 -20.13
CA ASN A 592 1.20 7.26 -19.43
C ASN A 592 1.63 7.05 -17.99
N ARG A 593 1.25 5.94 -17.36
CA ARG A 593 1.72 5.69 -16.00
C ARG A 593 3.19 5.26 -15.99
N ILE A 594 3.63 4.46 -16.96
CA ILE A 594 4.99 3.93 -16.87
C ILE A 594 6.07 4.94 -17.22
N ASN A 595 5.73 6.02 -17.93
CA ASN A 595 6.68 7.08 -18.27
C ASN A 595 7.93 6.52 -18.97
N GLY A 596 7.69 5.68 -19.98
CA GLY A 596 8.78 5.24 -20.82
C GLY A 596 9.72 4.22 -20.22
N LYS A 597 9.31 3.53 -19.15
CA LYS A 597 10.13 2.50 -18.53
C LYS A 597 9.26 1.31 -18.14
N GLN A 598 9.74 0.10 -18.44
CA GLN A 598 9.05 -1.13 -18.06
C GLN A 598 10.07 -2.19 -17.65
N GLU A 599 9.78 -2.89 -16.55
CA GLU A 599 10.63 -3.96 -16.04
C GLU A 599 9.82 -5.25 -16.07
N VAL A 600 10.42 -6.30 -16.64
CA VAL A 600 9.82 -7.63 -16.72
C VAL A 600 10.76 -8.59 -16.03
N MET A 601 10.21 -9.55 -15.30
CA MET A 601 11.01 -10.52 -14.58
C MET A 601 10.87 -11.92 -15.18
N ILE A 602 11.99 -12.63 -15.26
CA ILE A 602 12.01 -13.99 -15.76
C ILE A 602 12.69 -14.85 -14.70
N GLY A 603 12.21 -16.09 -14.55
CA GLY A 603 12.73 -16.97 -13.53
C GLY A 603 13.31 -18.24 -14.09
N TYR A 604 14.65 -18.25 -14.20
CA TYR A 604 15.34 -19.41 -14.79
CA TYR A 604 15.34 -19.41 -14.78
C TYR A 604 14.98 -20.70 -14.06
N SER A 605 15.06 -20.69 -12.73
CA SER A 605 14.69 -21.87 -11.95
C SER A 605 13.21 -22.19 -12.10
N ASP A 606 12.37 -21.16 -12.02
CA ASP A 606 10.92 -21.33 -12.12
C ASP A 606 10.55 -22.00 -13.44
N SER A 607 11.07 -21.49 -14.56
CA SER A 607 10.76 -22.06 -15.86
C SER A 607 11.35 -23.46 -16.01
N GLY A 608 12.50 -23.70 -15.41
CA GLY A 608 13.08 -25.03 -15.49
C GLY A 608 12.27 -26.09 -14.79
N LYS A 609 11.61 -25.75 -13.68
CA LYS A 609 10.77 -26.77 -13.05
C LYS A 609 9.66 -27.21 -13.99
N ASP A 610 9.20 -26.31 -14.85
CA ASP A 610 8.13 -26.64 -15.79
C ASP A 610 8.63 -27.50 -16.94
N ALA A 611 9.70 -27.08 -17.64
CA ALA A 611 9.96 -27.73 -18.92
C ALA A 611 11.42 -28.15 -19.10
N GLY A 612 12.17 -28.36 -18.03
CA GLY A 612 13.57 -28.68 -18.18
C GLY A 612 14.41 -27.43 -18.44
N ARG A 613 15.71 -27.57 -18.22
CA ARG A 613 16.57 -26.40 -18.19
CA ARG A 613 16.57 -26.40 -18.19
C ARG A 613 16.98 -25.93 -19.59
N LEU A 614 17.33 -26.85 -20.49
CA LEU A 614 17.71 -26.45 -21.84
C LEU A 614 16.58 -25.70 -22.53
N SER A 615 15.35 -26.19 -22.37
CA SER A 615 14.21 -25.55 -22.98
C SER A 615 13.93 -24.19 -22.35
N ALA A 616 14.04 -24.09 -21.02
CA ALA A 616 13.84 -22.79 -20.37
C ALA A 616 14.89 -21.78 -20.81
N ALA A 617 16.14 -22.24 -21.01
CA ALA A 617 17.20 -21.35 -21.45
C ALA A 617 16.91 -20.80 -22.84
N TRP A 618 16.65 -21.69 -23.79
CA TRP A 618 16.40 -21.21 -25.15
C TRP A 618 15.12 -20.37 -25.20
N GLN A 619 14.12 -20.71 -24.39
CA GLN A 619 12.89 -19.94 -24.35
C GLN A 619 13.12 -18.55 -23.76
N LEU A 620 14.04 -18.43 -22.80
CA LEU A 620 14.30 -17.12 -22.20
C LEU A 620 15.14 -16.24 -23.12
N TYR A 621 16.05 -16.84 -23.90
CA TYR A 621 16.72 -16.05 -24.92
C TYR A 621 15.72 -15.51 -25.94
N LYS A 622 14.87 -16.39 -26.46
CA LYS A 622 13.92 -15.94 -27.46
C LYS A 622 12.94 -14.93 -26.88
N ALA A 623 12.43 -15.19 -25.68
CA ALA A 623 11.47 -14.29 -25.06
C ALA A 623 12.07 -12.91 -24.85
N GLN A 624 13.36 -12.86 -24.48
CA GLN A 624 14.01 -11.56 -24.33
C GLN A 624 14.16 -10.87 -25.69
N GLU A 625 14.47 -11.63 -26.74
CA GLU A 625 14.49 -11.07 -28.09
C GLU A 625 13.18 -10.35 -28.41
N GLU A 626 12.07 -11.06 -28.22
CA GLU A 626 10.79 -10.49 -28.62
C GLU A 626 10.38 -9.34 -27.71
N LEU A 627 10.70 -9.42 -26.41
CA LEU A 627 10.38 -8.31 -25.52
C LEU A 627 11.14 -7.05 -25.93
N VAL A 628 12.40 -7.20 -26.36
CA VAL A 628 13.13 -6.04 -26.85
C VAL A 628 12.47 -5.47 -28.09
N LYS A 629 12.04 -6.35 -29.02
CA LYS A 629 11.36 -5.85 -30.21
C LYS A 629 10.15 -4.99 -29.85
N VAL A 630 9.34 -5.46 -28.89
CA VAL A 630 8.17 -4.69 -28.49
C VAL A 630 8.59 -3.36 -27.88
N ALA A 631 9.59 -3.39 -26.98
CA ALA A 631 10.02 -2.19 -26.28
C ALA A 631 10.49 -1.12 -27.26
N LYS A 632 11.22 -1.52 -28.31
CA LYS A 632 11.63 -0.58 -29.36
C LYS A 632 10.43 -0.08 -30.15
N GLU A 633 9.48 -0.97 -30.45
CA GLU A 633 8.25 -0.56 -31.14
C GLU A 633 7.56 0.60 -30.43
N TYR A 634 7.31 0.47 -29.13
CA TYR A 634 6.51 1.46 -28.41
C TYR A 634 7.36 2.51 -27.70
N GLY A 635 8.67 2.52 -27.91
CA GLY A 635 9.52 3.53 -27.30
C GLY A 635 9.69 3.43 -25.80
N VAL A 636 9.69 2.22 -25.25
CA VAL A 636 9.81 1.98 -23.81
C VAL A 636 11.19 1.40 -23.54
N LYS A 637 11.79 1.80 -22.43
CA LYS A 637 13.11 1.30 -22.01
C LYS A 637 12.88 0.07 -21.14
N LEU A 638 13.29 -1.08 -21.64
CA LEU A 638 13.01 -2.36 -21.00
C LEU A 638 14.14 -2.75 -20.06
N THR A 639 13.77 -3.29 -18.92
CA THR A 639 14.71 -3.80 -17.93
C THR A 639 14.35 -5.25 -17.65
N MET A 640 15.25 -6.16 -17.95
CA MET A 640 15.03 -7.58 -17.69
C MET A 640 15.55 -7.93 -16.29
N PHE A 641 14.65 -8.41 -15.44
CA PHE A 641 14.97 -8.80 -14.07
C PHE A 641 15.22 -10.31 -14.06
N HIS A 642 16.46 -10.71 -13.76
CA HIS A 642 16.86 -12.11 -13.73
C HIS A 642 16.64 -12.69 -12.36
N GLY A 643 15.67 -13.59 -12.25
CA GLY A 643 15.42 -14.29 -11.01
C GLY A 643 16.47 -15.33 -10.73
N ARG A 644 16.28 -16.03 -9.61
CA ARG A 644 17.27 -17.01 -9.20
CA ARG A 644 17.21 -17.05 -9.15
C ARG A 644 17.33 -18.16 -10.18
N GLY A 645 18.53 -18.74 -10.31
CA GLY A 645 18.80 -19.88 -11.17
C GLY A 645 19.57 -19.59 -12.44
N GLY A 646 19.91 -18.33 -12.72
CA GLY A 646 20.45 -17.99 -14.02
C GLY A 646 21.94 -18.21 -14.15
N THR A 647 22.42 -17.98 -15.38
CA THR A 647 23.86 -17.90 -15.59
C THR A 647 24.44 -16.65 -14.96
N VAL A 648 23.65 -15.56 -14.92
CA VAL A 648 24.11 -14.32 -14.31
C VAL A 648 24.03 -14.36 -12.80
N GLY A 649 23.52 -15.43 -12.23
CA GLY A 649 23.48 -15.63 -10.79
C GLY A 649 24.61 -16.47 -10.23
N ARG A 650 25.60 -16.82 -11.04
CA ARG A 650 26.74 -17.63 -10.60
C ARG A 650 27.71 -16.78 -9.77
N GLY A 651 28.75 -17.42 -9.27
CA GLY A 651 29.74 -16.70 -8.49
C GLY A 651 31.03 -16.45 -9.25
N GLY A 652 31.41 -15.18 -9.37
CA GLY A 652 32.72 -14.85 -9.90
C GLY A 652 32.76 -14.59 -11.39
N GLY A 653 33.85 -15.04 -12.02
CA GLY A 653 34.06 -14.79 -13.44
C GLY A 653 32.92 -15.19 -14.36
N PRO A 654 32.30 -16.35 -14.16
CA PRO A 654 31.19 -16.74 -15.05
C PRO A 654 30.15 -15.66 -15.25
N THR A 655 29.89 -14.83 -14.24
CA THR A 655 28.89 -13.78 -14.38
C THR A 655 29.25 -12.80 -15.48
N HIS A 656 30.55 -12.53 -15.67
CA HIS A 656 30.99 -11.58 -16.68
C HIS A 656 30.54 -12.01 -18.08
N LEU A 657 30.82 -13.27 -18.44
CA LEU A 657 30.40 -13.78 -19.75
C LEU A 657 28.90 -14.00 -19.81
N ALA A 658 28.29 -14.37 -18.68
CA ALA A 658 26.84 -14.53 -18.67
C ALA A 658 26.14 -13.23 -19.04
N ILE A 659 26.62 -12.12 -18.49
CA ILE A 659 26.06 -10.83 -18.85
C ILE A 659 26.36 -10.51 -20.31
N LEU A 660 27.60 -10.73 -20.74
CA LEU A 660 27.95 -10.46 -22.14
C LEU A 660 27.15 -11.31 -23.13
N SER A 661 26.56 -12.41 -22.67
CA SER A 661 25.88 -13.38 -23.52
C SER A 661 24.43 -13.05 -23.82
N GLN A 662 23.82 -12.15 -23.04
CA GLN A 662 22.41 -11.85 -23.21
C GLN A 662 22.14 -11.32 -24.61
N PRO A 663 20.92 -11.45 -25.11
CA PRO A 663 20.65 -11.05 -26.50
C PRO A 663 20.87 -9.58 -26.69
N PRO A 664 21.21 -9.16 -27.91
CA PRO A 664 21.49 -7.73 -28.16
C PRO A 664 20.36 -6.82 -27.73
N ASP A 665 20.73 -5.73 -27.04
CA ASP A 665 19.86 -4.65 -26.60
C ASP A 665 18.90 -5.04 -25.47
N THR A 666 19.09 -6.21 -24.84
CA THR A 666 18.22 -6.56 -23.72
C THR A 666 18.62 -5.86 -22.44
N ILE A 667 19.83 -5.32 -22.35
CA ILE A 667 20.29 -4.66 -21.14
C ILE A 667 20.10 -3.16 -21.27
N ASN A 668 20.77 -2.56 -22.27
CA ASN A 668 20.61 -1.14 -22.59
C ASN A 668 20.84 -0.26 -21.36
N GLY A 669 21.93 -0.55 -20.65
CA GLY A 669 22.30 0.28 -19.52
C GLY A 669 21.47 0.08 -18.28
N SER A 670 20.74 -1.02 -18.16
CA SER A 670 19.89 -1.26 -17.00
C SER A 670 19.91 -2.77 -16.74
N LEU A 671 20.74 -3.18 -15.79
CA LEU A 671 20.87 -4.57 -15.39
C LEU A 671 20.24 -4.75 -14.01
N ARG A 672 19.41 -5.78 -13.88
CA ARG A 672 18.82 -6.13 -12.60
C ARG A 672 18.99 -7.62 -12.39
N VAL A 673 19.73 -7.99 -11.34
CA VAL A 673 20.12 -9.37 -11.10
C VAL A 673 19.83 -9.73 -9.65
N THR A 674 19.34 -10.95 -9.44
CA THR A 674 19.21 -11.49 -8.10
C THR A 674 20.57 -11.97 -7.62
N VAL A 675 21.03 -11.46 -6.49
CA VAL A 675 22.21 -12.00 -5.83
C VAL A 675 21.70 -13.11 -4.92
N GLN A 676 21.89 -14.36 -5.35
CA GLN A 676 21.38 -15.49 -4.60
C GLN A 676 22.09 -15.59 -3.25
N GLY A 677 21.32 -15.95 -2.22
CA GLY A 677 21.87 -16.01 -0.88
C GLY A 677 23.00 -17.00 -0.73
N GLU A 678 22.99 -18.07 -1.54
CA GLU A 678 24.06 -19.07 -1.51
C GLU A 678 25.35 -18.57 -2.14
N VAL A 679 25.40 -17.33 -2.62
CA VAL A 679 26.56 -16.79 -3.31
C VAL A 679 26.99 -15.46 -2.68
N ILE A 680 26.11 -14.88 -1.86
CA ILE A 680 26.33 -13.50 -1.42
C ILE A 680 27.58 -13.36 -0.58
N GLU A 681 27.95 -14.40 0.19
CA GLU A 681 29.17 -14.33 0.99
C GLU A 681 30.41 -14.41 0.11
N GLN A 682 30.41 -15.31 -0.88
CA GLN A 682 31.50 -15.40 -1.83
C GLN A 682 31.69 -14.10 -2.61
N SER A 683 30.62 -13.30 -2.75
CA SER A 683 30.63 -12.11 -3.60
C SER A 683 30.87 -10.82 -2.82
N PHE A 684 30.44 -10.73 -1.56
CA PHE A 684 30.56 -9.48 -0.82
C PHE A 684 31.18 -9.66 0.56
N GLY A 685 31.69 -10.84 0.88
CA GLY A 685 32.23 -11.07 2.21
C GLY A 685 33.55 -10.37 2.45
N GLU A 686 34.36 -10.22 1.42
CA GLU A 686 35.71 -9.69 1.55
C GLU A 686 35.84 -8.43 0.71
N GLU A 687 36.81 -7.60 1.09
CA GLU A 687 37.01 -6.29 0.44
C GLU A 687 37.28 -6.45 -1.06
N HIS A 688 38.26 -7.30 -1.41
CA HIS A 688 38.64 -7.47 -2.81
C HIS A 688 37.52 -8.13 -3.60
N LEU A 689 36.94 -9.20 -3.06
CA LEU A 689 35.84 -9.87 -3.73
C LEU A 689 34.70 -8.90 -4.03
N CYS A 690 34.38 -8.01 -3.07
CA CYS A 690 33.33 -7.02 -3.28
C CYS A 690 33.67 -6.09 -4.43
N PHE A 691 34.88 -5.52 -4.40
CA PHE A 691 35.29 -4.63 -5.48
C PHE A 691 35.18 -5.32 -6.83
N ARG A 692 35.64 -6.58 -6.92
CA ARG A 692 35.66 -7.26 -8.21
C ARG A 692 34.26 -7.59 -8.68
N THR A 693 33.36 -7.93 -7.74
CA THR A 693 31.96 -8.14 -8.11
C THR A 693 31.38 -6.88 -8.73
N LEU A 694 31.45 -5.75 -8.01
CA LEU A 694 30.93 -4.50 -8.55
C LEU A 694 31.58 -4.17 -9.88
N GLN A 695 32.87 -4.45 -10.01
CA GLN A 695 33.58 -4.10 -11.24
C GLN A 695 33.06 -4.90 -12.42
N ARG A 696 32.88 -6.22 -12.26
CA ARG A 696 32.50 -7.01 -13.43
C ARG A 696 31.05 -6.74 -13.82
N PHE A 697 30.16 -6.54 -12.85
CA PHE A 697 28.81 -6.13 -13.22
C PHE A 697 28.85 -4.82 -14.02
N THR A 698 29.63 -3.84 -13.55
CA THR A 698 29.67 -2.56 -14.23
C THR A 698 30.29 -2.68 -15.62
N ALA A 699 31.41 -3.38 -15.72
CA ALA A 699 32.15 -3.49 -16.97
C ALA A 699 31.36 -4.28 -18.00
N ALA A 700 30.76 -5.40 -17.60
CA ALA A 700 30.02 -6.20 -18.56
C ALA A 700 28.76 -5.49 -19.02
N THR A 701 28.07 -4.77 -18.13
CA THR A 701 26.93 -4.00 -18.58
C THR A 701 27.35 -2.97 -19.64
N LEU A 702 28.43 -2.25 -19.34
CA LEU A 702 28.90 -1.22 -20.27
C LEU A 702 29.30 -1.81 -21.61
N GLU A 703 30.06 -2.91 -21.60
CA GLU A 703 30.50 -3.52 -22.86
C GLU A 703 29.33 -4.09 -23.64
N HIS A 704 28.39 -4.75 -22.95
CA HIS A 704 27.28 -5.35 -23.66
C HIS A 704 26.44 -4.30 -24.36
N GLY A 705 26.30 -3.11 -23.76
CA GLY A 705 25.52 -2.08 -24.42
C GLY A 705 26.10 -1.60 -25.73
N MET A 706 27.42 -1.68 -25.89
CA MET A 706 28.10 -1.19 -27.08
C MET A 706 28.63 -2.29 -27.98
N ARG A 707 28.54 -3.54 -27.57
CA ARG A 707 29.16 -4.65 -28.29
C ARG A 707 28.32 -5.88 -28.01
N PRO A 708 27.20 -6.03 -28.69
CA PRO A 708 26.31 -7.14 -28.42
C PRO A 708 26.94 -8.43 -28.88
N PRO A 709 26.53 -9.57 -28.34
CA PRO A 709 27.06 -10.84 -28.83
C PRO A 709 26.60 -11.06 -30.26
N ILE A 710 27.26 -11.99 -30.94
CA ILE A 710 26.93 -12.22 -32.34
C ILE A 710 25.49 -12.72 -32.42
N SER A 711 24.83 -12.41 -33.53
CA SER A 711 23.51 -12.95 -33.74
C SER A 711 23.60 -14.40 -34.17
N PRO A 712 22.78 -15.29 -33.60
CA PRO A 712 22.90 -16.71 -33.91
C PRO A 712 22.58 -17.02 -35.37
N LYS A 713 23.39 -17.92 -35.94
CA LYS A 713 23.15 -18.42 -37.28
C LYS A 713 21.79 -19.12 -37.34
N PRO A 714 21.11 -19.09 -38.49
CA PRO A 714 19.77 -19.70 -38.56
C PRO A 714 19.75 -21.18 -38.20
N GLU A 715 20.78 -21.94 -38.59
CA GLU A 715 20.83 -23.36 -38.25
C GLU A 715 21.02 -23.57 -36.75
N TRP A 716 21.70 -22.64 -36.08
CA TRP A 716 21.80 -22.72 -34.63
C TRP A 716 20.43 -22.61 -33.99
N ARG A 717 19.66 -21.61 -34.39
CA ARG A 717 18.31 -21.44 -33.85
C ARG A 717 17.43 -22.65 -34.16
N ALA A 718 17.49 -23.15 -35.40
CA ALA A 718 16.68 -24.31 -35.74
C ALA A 718 17.06 -25.52 -34.89
N LEU A 719 18.37 -25.71 -34.69
CA LEU A 719 18.86 -26.84 -33.91
C LEU A 719 18.39 -26.73 -32.46
N LEU A 720 18.48 -25.54 -31.87
CA LEU A 720 18.02 -25.40 -30.49
C LEU A 720 16.52 -25.59 -30.38
N ASP A 721 15.76 -25.23 -31.42
CA ASP A 721 14.32 -25.48 -31.36
C ASP A 721 14.04 -26.98 -31.30
N GLU A 722 14.78 -27.77 -32.11
CA GLU A 722 14.61 -29.22 -32.10
C GLU A 722 15.02 -29.81 -30.77
N MET A 723 16.22 -29.46 -30.30
CA MET A 723 16.69 -29.96 -29.02
C MET A 723 15.72 -29.61 -27.91
N ALA A 724 15.12 -28.41 -27.98
CA ALA A 724 14.15 -28.03 -26.95
C ALA A 724 12.94 -28.95 -26.98
N VAL A 725 12.52 -29.38 -28.18
CA VAL A 725 11.38 -30.29 -28.23
C VAL A 725 11.73 -31.63 -27.60
N VAL A 726 12.89 -32.20 -27.95
CA VAL A 726 13.24 -33.50 -27.39
C VAL A 726 13.46 -33.40 -25.89
N ALA A 727 14.13 -32.34 -25.44
CA ALA A 727 14.44 -32.20 -24.02
C ALA A 727 13.19 -32.03 -23.17
N THR A 728 12.21 -31.25 -23.65
CA THR A 728 10.96 -31.16 -22.90
C THR A 728 10.22 -32.49 -22.90
N GLU A 729 10.31 -33.24 -23.99
CA GLU A 729 9.69 -34.57 -24.00
C GLU A 729 10.28 -35.44 -22.91
N GLU A 730 11.62 -35.53 -22.84
CA GLU A 730 12.23 -36.38 -21.82
C GLU A 730 11.90 -35.88 -20.41
N TYR A 731 12.06 -34.58 -20.18
CA TYR A 731 11.88 -34.03 -18.85
C TYR A 731 10.47 -34.29 -18.33
N ARG A 732 9.47 -34.02 -19.17
CA ARG A 732 8.10 -34.21 -18.70
C ARG A 732 7.75 -35.69 -18.63
N SER A 733 8.31 -36.52 -19.51
CA SER A 733 8.00 -37.95 -19.46
C SER A 733 8.56 -38.60 -18.20
N VAL A 734 9.66 -38.08 -17.67
CA VAL A 734 10.21 -38.64 -16.43
C VAL A 734 9.56 -38.00 -15.20
N VAL A 735 9.51 -36.66 -15.18
CA VAL A 735 9.06 -35.96 -13.97
C VAL A 735 7.55 -36.02 -13.82
N PHE A 736 6.81 -35.89 -14.91
CA PHE A 736 5.37 -35.72 -14.85
C PHE A 736 4.55 -36.92 -15.33
N GLN A 737 5.11 -37.77 -16.18
CA GLN A 737 4.34 -38.89 -16.71
C GLN A 737 4.55 -40.19 -15.93
N GLU A 738 5.77 -40.45 -15.48
CA GLU A 738 6.07 -41.68 -14.76
C GLU A 738 5.21 -41.78 -13.50
N PRO A 739 4.39 -42.83 -13.36
CA PRO A 739 3.43 -42.85 -12.24
C PRO A 739 4.11 -42.97 -10.89
N ARG A 740 5.17 -43.76 -10.80
CA ARG A 740 5.86 -43.99 -9.54
C ARG A 740 7.01 -43.03 -9.29
N PHE A 741 7.11 -41.96 -10.09
CA PHE A 741 8.18 -41.00 -9.87
C PHE A 741 8.04 -40.28 -8.54
N VAL A 742 6.81 -39.89 -8.17
CA VAL A 742 6.62 -39.12 -6.94
C VAL A 742 7.03 -39.92 -5.72
N GLU A 743 6.71 -41.22 -5.71
CA GLU A 743 7.14 -42.07 -4.60
C GLU A 743 8.66 -42.14 -4.51
N TYR A 744 9.31 -42.29 -5.67
CA TYR A 744 10.77 -42.33 -5.71
C TYR A 744 11.37 -41.02 -5.20
N PHE A 745 10.84 -39.89 -5.68
CA PHE A 745 11.28 -38.58 -5.21
C PHE A 745 11.12 -38.45 -3.70
N ARG A 746 10.06 -39.04 -3.15
CA ARG A 746 9.88 -38.96 -1.71
C ARG A 746 10.78 -39.94 -0.96
N LEU A 747 11.39 -40.91 -1.64
CA LEU A 747 12.25 -41.87 -0.96
C LEU A 747 13.74 -41.58 -1.15
N ALA A 748 14.17 -41.36 -2.38
CA ALA A 748 15.60 -41.18 -2.70
C ALA A 748 16.11 -39.78 -2.38
N THR A 749 15.37 -38.99 -1.61
CA THR A 749 15.69 -37.57 -1.46
C THR A 749 15.04 -37.07 -0.17
N PRO A 750 15.63 -36.06 0.48
CA PRO A 750 15.08 -35.58 1.77
C PRO A 750 14.05 -34.45 1.62
N GLU A 751 13.27 -34.49 0.54
CA GLU A 751 12.32 -33.43 0.27
C GLU A 751 11.25 -33.32 1.35
N LEU A 752 10.67 -34.45 1.77
CA LEU A 752 9.63 -34.42 2.80
C LEU A 752 10.16 -33.81 4.09
N GLU A 753 11.35 -34.27 4.51
CA GLU A 753 11.95 -33.75 5.73
C GLU A 753 12.31 -32.28 5.61
N TYR A 754 12.55 -31.78 4.40
CA TYR A 754 12.95 -30.38 4.27
C TYR A 754 11.78 -29.46 4.60
N GLY A 755 10.63 -29.71 3.98
CA GLY A 755 9.46 -28.91 4.29
C GLY A 755 9.00 -29.11 5.72
N ARG A 756 8.93 -30.36 6.17
CA ARG A 756 8.48 -30.61 7.54
C ARG A 756 9.41 -29.96 8.56
N MET A 757 10.71 -29.83 8.24
CA MET A 757 11.70 -29.38 9.22
C MET A 757 11.44 -27.98 9.75
N ASN A 758 12.09 -26.97 9.17
CA ASN A 758 12.03 -25.64 9.76
C ASN A 758 12.47 -24.55 8.78
N ILE A 759 13.03 -24.94 7.65
CA ILE A 759 13.74 -24.01 6.77
C ILE A 759 12.77 -23.43 5.76
N GLY A 760 12.91 -22.13 5.48
CA GLY A 760 12.13 -21.45 4.46
C GLY A 760 10.69 -21.16 4.86
N SER A 761 9.74 -21.92 4.29
CA SER A 761 8.33 -21.69 4.54
C SER A 761 7.50 -22.91 4.16
N ARG A 762 6.61 -22.76 3.18
CA ARG A 762 5.83 -23.86 2.64
C ARG A 762 6.34 -24.26 1.27
N PRO A 763 6.52 -25.55 0.98
CA PRO A 763 7.04 -25.97 -0.32
C PRO A 763 5.99 -26.30 -1.37
N SER A 764 4.71 -26.39 -1.00
CA SER A 764 3.64 -26.73 -1.93
C SER A 764 2.60 -25.62 -1.89
N LYS A 765 2.44 -24.92 -3.01
CA LYS A 765 1.47 -23.84 -3.12
C LYS A 765 0.03 -24.35 -3.05
N GLY A 770 -0.53 -31.60 -3.30
CA GLY A 770 -0.57 -32.16 -4.64
C GLY A 770 0.77 -32.67 -5.16
N GLY A 771 0.96 -32.60 -6.47
CA GLY A 771 2.15 -33.12 -7.11
C GLY A 771 3.27 -32.11 -7.29
N ILE A 772 4.11 -32.35 -8.30
CA ILE A 772 5.27 -31.50 -8.55
C ILE A 772 4.84 -30.13 -9.07
N GLU A 773 3.76 -30.07 -9.86
CA GLU A 773 3.29 -28.81 -10.42
C GLU A 773 3.11 -27.74 -9.34
N SER A 774 2.56 -28.12 -8.19
CA SER A 774 2.40 -27.19 -7.08
C SER A 774 3.67 -27.03 -6.25
N LEU A 775 4.63 -27.94 -6.38
CA LEU A 775 5.89 -27.83 -5.66
C LEU A 775 6.69 -26.64 -6.18
N ARG A 776 7.23 -25.84 -5.26
CA ARG A 776 8.00 -24.67 -5.62
C ARG A 776 9.36 -25.08 -6.21
N ALA A 777 9.98 -24.13 -6.93
CA ALA A 777 11.24 -24.44 -7.59
C ALA A 777 12.37 -24.64 -6.59
N ILE A 778 12.39 -23.85 -5.50
CA ILE A 778 13.49 -23.95 -4.54
C ILE A 778 13.56 -25.34 -3.89
N PRO A 779 12.49 -25.88 -3.30
CA PRO A 779 12.60 -27.24 -2.76
C PRO A 779 12.86 -28.28 -3.84
N TRP A 780 12.35 -28.05 -5.04
CA TRP A 780 12.63 -28.96 -6.15
C TRP A 780 14.13 -29.08 -6.40
N ILE A 781 14.83 -27.95 -6.50
CA ILE A 781 16.27 -27.97 -6.74
C ILE A 781 17.01 -28.49 -5.51
N PHE A 782 16.64 -28.00 -4.33
CA PHE A 782 17.34 -28.35 -3.10
C PHE A 782 17.33 -29.85 -2.86
N ALA A 783 16.16 -30.47 -2.95
CA ALA A 783 16.03 -31.89 -2.63
C ALA A 783 17.03 -32.73 -3.41
N TRP A 784 17.17 -32.46 -4.71
CA TRP A 784 18.10 -33.24 -5.54
C TRP A 784 19.54 -32.76 -5.42
N THR A 785 19.75 -31.51 -5.02
CA THR A 785 21.11 -31.05 -4.79
C THR A 785 21.71 -31.70 -3.54
N GLN A 786 20.88 -31.99 -2.55
CA GLN A 786 21.37 -32.60 -1.32
C GLN A 786 22.00 -33.98 -1.57
N THR A 787 21.48 -34.72 -2.54
CA THR A 787 21.96 -36.06 -2.84
C THR A 787 23.05 -36.09 -3.89
N ARG A 788 23.63 -34.93 -4.23
CA ARG A 788 24.70 -34.83 -5.22
C ARG A 788 24.26 -35.38 -6.58
N PHE A 789 22.96 -35.30 -6.87
CA PHE A 789 22.41 -35.83 -8.12
C PHE A 789 21.99 -34.75 -9.11
N HIS A 790 21.31 -33.70 -8.64
CA HIS A 790 21.07 -32.49 -9.43
C HIS A 790 20.20 -32.75 -10.66
N LEU A 791 19.32 -33.75 -10.59
CA LEU A 791 18.46 -34.09 -11.71
C LEU A 791 17.72 -32.90 -12.33
N PRO A 792 17.15 -31.96 -11.56
CA PRO A 792 16.47 -30.81 -12.19
C PRO A 792 17.38 -29.96 -13.06
N VAL A 793 18.70 -30.04 -12.91
CA VAL A 793 19.58 -29.15 -13.66
C VAL A 793 19.94 -29.72 -15.02
N TRP A 794 20.28 -31.02 -15.09
CA TRP A 794 20.81 -31.59 -16.32
C TRP A 794 19.79 -32.42 -17.11
N LEU A 795 18.71 -32.89 -16.48
CA LEU A 795 17.78 -33.79 -17.14
C LEU A 795 17.14 -33.16 -18.37
N GLY A 796 17.19 -33.87 -19.49
CA GLY A 796 16.72 -33.38 -20.78
C GLY A 796 17.84 -33.06 -21.75
N PHE A 797 19.01 -32.66 -21.25
CA PHE A 797 20.14 -32.40 -22.12
C PHE A 797 20.60 -33.67 -22.84
N GLY A 798 20.57 -34.80 -22.14
CA GLY A 798 21.03 -36.06 -22.70
C GLY A 798 20.32 -36.43 -23.99
N SER A 799 18.99 -36.56 -23.92
CA SER A 799 18.24 -36.94 -25.10
C SER A 799 18.33 -35.87 -26.19
N ALA A 800 18.41 -34.60 -25.79
CA ALA A 800 18.49 -33.53 -26.78
C ALA A 800 19.75 -33.65 -27.62
N ILE A 801 20.88 -33.95 -26.99
CA ILE A 801 22.11 -34.06 -27.76
C ILE A 801 22.19 -35.39 -28.51
N ARG A 802 21.74 -36.47 -27.86
CA ARG A 802 21.71 -37.78 -28.53
C ARG A 802 20.88 -37.72 -29.81
N HIS A 803 19.72 -37.07 -29.74
CA HIS A 803 18.81 -37.01 -30.88
C HIS A 803 19.48 -36.33 -32.08
N VAL A 804 20.17 -35.22 -31.85
CA VAL A 804 20.73 -34.48 -32.97
C VAL A 804 22.00 -35.15 -33.49
N ILE A 805 22.79 -35.78 -32.62
CA ILE A 805 23.96 -36.50 -33.11
C ILE A 805 23.53 -37.65 -34.00
N GLU A 806 22.48 -38.37 -33.62
CA GLU A 806 22.03 -39.50 -34.44
C GLU A 806 21.32 -39.03 -35.71
N LYS A 807 20.55 -37.93 -35.63
CA LYS A 807 19.81 -37.44 -36.79
C LYS A 807 20.73 -37.02 -37.92
N ASP A 808 21.86 -36.41 -37.61
CA ASP A 808 22.80 -35.96 -38.63
C ASP A 808 24.22 -36.11 -38.08
N VAL A 809 25.10 -36.69 -38.88
CA VAL A 809 26.48 -36.94 -38.46
C VAL A 809 27.19 -35.66 -38.09
N ARG A 810 26.85 -34.55 -38.74
CA ARG A 810 27.60 -33.30 -38.63
C ARG A 810 27.15 -32.42 -37.47
N ASN A 811 26.02 -32.76 -36.84
CA ASN A 811 25.48 -31.88 -35.82
C ASN A 811 26.41 -31.74 -34.63
N LEU A 812 27.19 -32.78 -34.30
CA LEU A 812 28.16 -32.62 -33.23
C LEU A 812 29.10 -31.46 -33.53
N HIS A 813 29.62 -31.41 -34.76
CA HIS A 813 30.48 -30.31 -35.17
C HIS A 813 29.75 -28.98 -35.01
N MET A 814 28.45 -28.96 -35.29
CA MET A 814 27.69 -27.72 -35.09
C MET A 814 27.59 -27.38 -33.60
N LEU A 815 27.27 -28.36 -32.76
CA LEU A 815 27.22 -28.09 -31.32
C LEU A 815 28.55 -27.53 -30.83
N GLN A 816 29.66 -28.17 -31.23
CA GLN A 816 30.97 -27.70 -30.80
C GLN A 816 31.27 -26.32 -31.36
N ASP A 817 30.71 -25.99 -32.53
CA ASP A 817 30.90 -24.65 -33.04
C ASP A 817 30.15 -23.64 -32.16
N MET A 818 28.93 -23.99 -31.75
CA MET A 818 28.16 -23.06 -30.93
C MET A 818 28.86 -22.80 -29.60
N TYR A 819 29.29 -23.88 -28.94
CA TYR A 819 30.01 -23.73 -27.68
C TYR A 819 31.26 -22.89 -27.84
N GLN A 820 31.85 -22.86 -29.03
CA GLN A 820 33.08 -22.10 -29.22
C GLN A 820 32.82 -20.68 -29.67
N HIS A 821 31.63 -20.38 -30.21
CA HIS A 821 31.42 -19.09 -30.83
C HIS A 821 30.13 -18.39 -30.44
N TRP A 822 29.20 -19.08 -29.78
CA TRP A 822 27.96 -18.46 -29.34
C TRP A 822 27.97 -18.32 -27.83
N PRO A 823 28.19 -17.12 -27.28
CA PRO A 823 28.30 -17.00 -25.83
C PRO A 823 27.11 -17.58 -25.07
N PHE A 824 25.88 -17.34 -25.54
CA PHE A 824 24.72 -17.89 -24.85
C PHE A 824 24.87 -19.38 -24.64
N PHE A 825 25.28 -20.09 -25.69
CA PHE A 825 25.40 -21.53 -25.57
C PHE A 825 26.55 -21.91 -24.64
N ARG A 826 27.69 -21.21 -24.75
CA ARG A 826 28.83 -21.57 -23.91
C ARG A 826 28.48 -21.41 -22.44
N VAL A 827 27.81 -20.32 -22.06
CA VAL A 827 27.46 -20.16 -20.65
C VAL A 827 26.42 -21.19 -20.23
N THR A 828 25.47 -21.52 -21.13
CA THR A 828 24.47 -22.51 -20.80
C THR A 828 25.09 -23.86 -20.51
N ILE A 829 26.01 -24.29 -21.38
CA ILE A 829 26.71 -25.55 -21.19
C ILE A 829 27.65 -25.49 -19.98
N ASP A 830 28.37 -24.39 -19.81
CA ASP A 830 29.33 -24.24 -18.71
C ASP A 830 28.65 -24.45 -17.36
N LEU A 831 27.45 -23.90 -17.18
CA LEU A 831 26.73 -24.11 -15.93
C LEU A 831 26.46 -25.59 -15.69
N ILE A 832 26.03 -26.31 -16.73
CA ILE A 832 25.78 -27.74 -16.60
C ILE A 832 27.06 -28.47 -16.21
N GLU A 833 28.18 -28.12 -16.86
CA GLU A 833 29.44 -28.79 -16.56
C GLU A 833 29.81 -28.58 -15.09
N MET A 834 29.64 -27.34 -14.61
CA MET A 834 29.94 -27.04 -13.22
C MET A 834 29.05 -27.83 -12.27
N VAL A 835 27.77 -27.96 -12.60
CA VAL A 835 26.88 -28.73 -11.73
C VAL A 835 27.29 -30.20 -11.72
N PHE A 836 27.73 -30.73 -12.86
CA PHE A 836 28.19 -32.12 -12.87
C PHE A 836 29.44 -32.28 -12.01
N ALA A 837 30.27 -31.24 -11.92
CA ALA A 837 31.43 -31.34 -11.03
C ALA A 837 31.01 -31.55 -9.58
N LYS A 838 29.87 -31.00 -9.18
CA LYS A 838 29.33 -31.19 -7.82
C LYS A 838 28.48 -32.45 -7.71
N GLY A 839 28.35 -33.23 -8.77
CA GLY A 839 27.57 -34.45 -8.73
C GLY A 839 28.45 -35.69 -8.61
N ASP A 840 27.89 -36.72 -7.97
CA ASP A 840 28.58 -37.99 -7.78
C ASP A 840 27.52 -39.08 -7.75
N PRO A 841 27.39 -39.85 -8.83
CA PRO A 841 26.34 -40.88 -8.87
C PRO A 841 26.50 -41.95 -7.79
N GLY A 842 27.71 -42.18 -7.28
CA GLY A 842 27.89 -43.19 -6.24
C GLY A 842 27.15 -42.84 -4.96
N ILE A 843 27.20 -41.58 -4.56
CA ILE A 843 26.50 -41.15 -3.35
C ILE A 843 24.99 -41.26 -3.55
N ALA A 844 24.50 -40.85 -4.72
CA ALA A 844 23.08 -41.00 -5.03
C ALA A 844 22.65 -42.45 -4.95
N ALA A 845 23.51 -43.36 -5.44
CA ALA A 845 23.22 -44.79 -5.33
C ALA A 845 23.17 -45.24 -3.88
N LEU A 846 24.00 -44.65 -3.02
CA LEU A 846 23.92 -44.99 -1.60
C LEU A 846 22.56 -44.60 -1.03
N TYR A 847 22.08 -43.40 -1.38
CA TYR A 847 20.75 -43.02 -0.94
C TYR A 847 19.70 -44.03 -1.40
N ASP A 848 19.80 -44.48 -2.66
CA ASP A 848 18.88 -45.51 -3.15
C ASP A 848 18.94 -46.77 -2.29
N LYS A 849 20.16 -47.24 -2.00
CA LYS A 849 20.31 -48.50 -1.28
C LYS A 849 19.69 -48.43 0.12
N LEU A 850 19.77 -47.27 0.76
CA LEU A 850 19.27 -47.21 2.13
C LEU A 850 17.78 -46.84 2.22
N LEU A 851 17.26 -45.99 1.33
CA LEU A 851 15.97 -45.35 1.57
C LEU A 851 14.87 -45.72 0.60
N VAL A 852 15.16 -46.43 -0.48
CA VAL A 852 14.22 -46.65 -1.57
C VAL A 852 13.84 -48.11 -1.65
N SER A 853 12.57 -48.39 -1.98
CA SER A 853 12.09 -49.74 -2.13
C SER A 853 12.93 -50.52 -3.14
N GLU A 854 12.95 -51.84 -2.98
CA GLU A 854 13.77 -52.68 -3.85
C GLU A 854 13.22 -52.69 -5.27
N GLU A 855 11.89 -52.70 -5.43
CA GLU A 855 11.31 -52.72 -6.76
C GLU A 855 11.41 -51.38 -7.49
N LEU A 856 11.77 -50.30 -6.78
CA LEU A 856 12.03 -49.01 -7.40
C LEU A 856 13.51 -48.79 -7.69
N TRP A 857 14.38 -49.72 -7.27
CA TRP A 857 15.81 -49.59 -7.52
C TRP A 857 16.18 -49.49 -8.99
N PRO A 858 15.63 -50.29 -9.92
CA PRO A 858 15.99 -50.12 -11.33
C PRO A 858 15.64 -48.75 -11.87
N PHE A 859 14.58 -48.12 -11.35
CA PHE A 859 14.23 -46.76 -11.78
C PHE A 859 15.39 -45.81 -11.54
N GLY A 860 15.92 -45.80 -10.31
CA GLY A 860 17.06 -44.97 -10.01
C GLY A 860 18.31 -45.38 -10.77
N GLU A 861 18.48 -46.69 -10.98
CA GLU A 861 19.62 -47.16 -11.78
C GLU A 861 19.57 -46.56 -13.18
N LYS A 862 18.39 -46.54 -13.79
CA LYS A 862 18.21 -45.97 -15.12
C LYS A 862 18.49 -44.46 -15.11
N LEU A 863 17.96 -43.75 -14.10
CA LEU A 863 18.25 -42.32 -14.03
C LEU A 863 19.74 -42.05 -13.90
N ARG A 864 20.45 -42.87 -13.12
CA ARG A 864 21.90 -42.67 -12.98
C ARG A 864 22.61 -42.91 -14.30
N ALA A 865 22.17 -43.91 -15.07
CA ALA A 865 22.75 -44.08 -16.40
C ALA A 865 22.53 -42.85 -17.27
N ASN A 866 21.33 -42.25 -17.18
CA ASN A 866 21.08 -41.00 -17.89
C ASN A 866 22.05 -39.92 -17.46
N PHE A 867 22.27 -39.80 -16.15
CA PHE A 867 23.29 -38.90 -15.62
C PHE A 867 24.62 -39.10 -16.34
N GLU A 868 25.08 -40.35 -16.42
CA GLU A 868 26.39 -40.63 -17.01
C GLU A 868 26.44 -40.24 -18.48
N GLU A 869 25.40 -40.63 -19.24
CA GLU A 869 25.36 -40.33 -20.67
C GLU A 869 25.33 -38.83 -20.93
N THR A 870 24.46 -38.11 -20.21
CA THR A 870 24.40 -36.66 -20.34
C THR A 870 25.76 -36.05 -20.04
N LYS A 871 26.45 -36.55 -19.01
CA LYS A 871 27.77 -36.02 -18.66
C LYS A 871 28.75 -36.20 -19.82
N LYS A 872 28.79 -37.41 -20.40
CA LYS A 872 29.69 -37.66 -21.51
C LYS A 872 29.38 -36.75 -22.69
N LEU A 873 28.08 -36.51 -22.95
CA LEU A 873 27.69 -35.68 -24.09
C LEU A 873 28.02 -34.21 -23.87
N ILE A 874 27.82 -33.70 -22.65
CA ILE A 874 28.23 -32.34 -22.32
C ILE A 874 29.73 -32.17 -22.51
N LEU A 875 30.51 -33.14 -22.03
CA LEU A 875 31.96 -33.08 -22.25
C LEU A 875 32.28 -33.04 -23.75
N GLN A 876 31.65 -33.92 -24.54
CA GLN A 876 31.89 -33.92 -25.97
C GLN A 876 31.61 -32.54 -26.58
N THR A 877 30.52 -31.91 -26.14
CA THR A 877 30.15 -30.61 -26.68
C THR A 877 31.19 -29.55 -26.32
N ALA A 878 31.66 -29.56 -25.07
CA ALA A 878 32.62 -28.55 -24.63
C ALA A 878 34.04 -28.84 -25.09
N GLY A 879 34.27 -29.94 -25.81
CA GLY A 879 35.62 -30.29 -26.22
C GLY A 879 36.54 -30.68 -25.08
N HIS A 880 36.00 -31.29 -24.02
CA HIS A 880 36.74 -31.61 -22.82
C HIS A 880 36.84 -33.12 -22.61
N LYS A 881 37.95 -33.54 -22.01
CA LYS A 881 38.10 -34.91 -21.54
C LYS A 881 37.71 -35.07 -20.08
N ASP A 882 37.98 -34.07 -19.24
CA ASP A 882 37.52 -34.04 -17.86
C ASP A 882 36.65 -32.80 -17.64
N LEU A 883 35.84 -32.84 -16.58
CA LEU A 883 34.99 -31.71 -16.25
C LEU A 883 35.81 -30.47 -15.87
N LEU A 884 35.31 -29.31 -16.27
CA LEU A 884 35.93 -28.02 -15.94
C LEU A 884 37.38 -27.95 -16.41
N GLU A 885 37.64 -28.54 -17.58
CA GLU A 885 38.99 -28.55 -18.14
C GLU A 885 39.54 -27.14 -18.33
N GLY A 886 38.66 -26.17 -18.58
CA GLY A 886 39.08 -24.81 -18.83
C GLY A 886 39.18 -23.91 -17.62
N ASP A 887 38.80 -24.36 -16.44
CA ASP A 887 38.83 -23.56 -15.22
C ASP A 887 39.41 -24.40 -14.09
N PRO A 888 40.72 -24.64 -14.11
CA PRO A 888 41.30 -25.55 -13.12
C PRO A 888 41.25 -25.03 -11.70
N TYR A 889 41.23 -23.71 -11.50
CA TYR A 889 41.15 -23.17 -10.15
C TYR A 889 39.82 -23.55 -9.49
N LEU A 890 38.73 -23.43 -10.23
CA LEU A 890 37.42 -23.81 -9.70
C LEU A 890 37.32 -25.31 -9.51
N LYS A 891 37.80 -26.10 -10.49
CA LYS A 891 37.83 -27.55 -10.33
C LYS A 891 38.56 -27.93 -9.04
N GLN A 892 39.69 -27.27 -8.78
CA GLN A 892 40.47 -27.54 -7.57
C GLN A 892 39.67 -27.21 -6.31
N GLY A 893 39.04 -26.04 -6.26
CA GLY A 893 38.30 -25.67 -5.06
C GLY A 893 37.11 -26.58 -4.79
N LEU A 894 36.37 -26.94 -5.85
CA LEU A 894 35.25 -27.85 -5.69
C LEU A 894 35.73 -29.23 -5.23
N ARG A 895 36.84 -29.72 -5.81
CA ARG A 895 37.37 -31.01 -5.36
C ARG A 895 37.75 -30.95 -3.89
N LEU A 896 38.25 -29.80 -3.44
CA LEU A 896 38.58 -29.64 -2.01
C LEU A 896 37.34 -29.77 -1.15
N ARG A 897 36.27 -29.04 -1.48
CA ARG A 897 35.05 -29.14 -0.68
C ARG A 897 34.47 -30.55 -0.69
N ASP A 898 34.54 -31.24 -1.83
CA ASP A 898 33.86 -32.53 -1.99
C ASP A 898 34.29 -33.53 -0.92
N SER A 899 35.55 -33.48 -0.48
CA SER A 899 36.02 -34.39 0.55
C SER A 899 35.26 -34.20 1.86
N TYR A 900 34.87 -32.97 2.19
CA TYR A 900 34.08 -32.76 3.38
C TYR A 900 32.61 -33.06 3.13
N ILE A 901 32.09 -32.67 1.96
CA ILE A 901 30.66 -32.83 1.71
C ILE A 901 30.27 -34.30 1.70
N THR A 902 31.13 -35.17 1.15
CA THR A 902 30.80 -36.59 1.04
C THR A 902 30.48 -37.21 2.41
N THR A 903 31.21 -36.81 3.45
CA THR A 903 30.98 -37.35 4.78
C THR A 903 29.60 -36.95 5.29
N LEU A 904 29.21 -35.68 5.09
CA LEU A 904 27.88 -35.25 5.47
C LEU A 904 26.80 -35.95 4.64
N ASN A 905 27.15 -36.37 3.42
CA ASN A 905 26.21 -37.15 2.61
C ASN A 905 25.93 -38.50 3.25
N VAL A 906 26.99 -39.29 3.52
CA VAL A 906 26.78 -40.60 4.12
C VAL A 906 26.06 -40.48 5.46
N CYS A 907 26.47 -39.50 6.27
CA CYS A 907 25.82 -39.27 7.56
C CYS A 907 24.33 -38.96 7.38
N GLN A 908 24.00 -38.11 6.41
CA GLN A 908 22.61 -37.76 6.17
C GLN A 908 21.80 -38.97 5.73
N ALA A 909 22.36 -39.82 4.87
CA ALA A 909 21.62 -40.99 4.39
C ALA A 909 21.29 -41.93 5.54
N TYR A 910 22.29 -42.33 6.32
CA TYR A 910 21.99 -43.25 7.41
C TYR A 910 21.08 -42.60 8.46
N THR A 911 21.23 -41.29 8.68
CA THR A 911 20.35 -40.59 9.61
C THR A 911 18.90 -40.60 9.12
N LEU A 912 18.71 -40.41 7.82
CA LEU A 912 17.36 -40.49 7.25
C LEU A 912 16.77 -41.88 7.48
N LYS A 913 17.56 -42.93 7.19
CA LYS A 913 17.03 -44.28 7.40
C LYS A 913 16.66 -44.49 8.87
N ARG A 914 17.46 -43.93 9.79
CA ARG A 914 17.18 -44.08 11.21
C ARG A 914 15.92 -43.34 11.62
N ILE A 915 15.63 -42.20 11.00
CA ILE A 915 14.42 -41.46 11.35
C ILE A 915 13.18 -42.16 10.81
N ARG A 916 13.19 -42.51 9.52
CA ARG A 916 12.00 -43.08 8.91
C ARG A 916 11.71 -44.49 9.40
N ASP A 917 12.77 -45.25 9.74
CA ASP A 917 12.66 -46.68 10.01
C ASP A 917 13.16 -46.98 11.42
N PRO A 918 12.32 -46.86 12.45
CA PRO A 918 12.74 -47.29 13.79
C PRO A 918 12.92 -48.80 13.92
N SER A 919 12.55 -49.56 12.90
CA SER A 919 12.82 -50.99 12.84
C SER A 919 14.24 -51.29 12.40
N TYR A 920 15.07 -50.27 12.21
CA TYR A 920 16.47 -50.41 11.81
C TYR A 920 17.34 -50.16 13.03
N HIS A 921 17.61 -51.22 13.79
CA HIS A 921 18.44 -51.12 14.98
C HIS A 921 19.92 -51.26 14.61
N VAL A 922 20.75 -50.41 15.20
CA VAL A 922 22.17 -50.35 14.91
C VAL A 922 22.95 -50.65 16.18
N THR A 923 24.14 -51.24 16.02
CA THR A 923 25.01 -51.53 17.16
C THR A 923 25.78 -50.26 17.52
N LEU A 924 25.30 -49.55 18.54
CA LEU A 924 25.88 -48.26 18.89
C LEU A 924 27.22 -48.45 19.60
N ARG A 925 28.02 -47.38 19.60
CA ARG A 925 29.30 -47.32 20.26
C ARG A 925 29.24 -46.43 21.50
N PRO A 926 30.10 -46.68 22.49
CA PRO A 926 30.11 -45.84 23.70
C PRO A 926 30.36 -44.36 23.39
N HIS A 927 29.67 -43.50 24.15
CA HIS A 927 29.78 -42.06 23.97
C HIS A 927 31.24 -41.63 24.05
N ILE A 928 31.60 -40.60 23.28
CA ILE A 928 33.00 -40.23 23.09
C ILE A 928 33.25 -38.91 23.82
N SER A 929 33.83 -39.03 25.01
CA SER A 929 34.38 -37.95 25.84
C SER A 929 33.34 -36.85 26.07
N LYS A 930 33.80 -35.61 26.22
CA LYS A 930 32.93 -34.50 26.62
C LYS A 930 32.51 -33.65 25.43
N GLY A 954 18.49 -37.41 19.82
CA GLY A 954 17.91 -36.44 18.91
C GLY A 954 18.51 -36.43 17.51
N LEU A 955 17.95 -37.25 16.62
CA LEU A 955 18.48 -37.38 15.27
C LEU A 955 18.03 -36.26 14.35
N GLU A 956 16.96 -35.54 14.70
CA GLU A 956 16.52 -34.42 13.87
C GLU A 956 17.58 -33.33 13.81
N ASP A 957 18.23 -33.04 14.95
CA ASP A 957 19.32 -32.06 14.96
C ASP A 957 20.45 -32.48 14.02
N THR A 958 20.85 -33.75 14.06
CA THR A 958 21.89 -34.24 13.16
C THR A 958 21.47 -34.07 11.70
N LEU A 959 20.23 -34.43 11.37
CA LEU A 959 19.74 -34.25 9.99
C LEU A 959 19.84 -32.79 9.56
N ILE A 960 19.37 -31.87 10.41
CA ILE A 960 19.43 -30.45 10.09
C ILE A 960 20.87 -30.01 9.87
N LEU A 961 21.79 -30.52 10.69
CA LEU A 961 23.20 -30.21 10.49
C LEU A 961 23.68 -30.63 9.11
N THR A 962 23.39 -31.87 8.70
CA THR A 962 23.88 -32.34 7.41
C THR A 962 23.27 -31.54 6.27
N MET A 963 21.98 -31.19 6.37
CA MET A 963 21.37 -30.37 5.32
C MET A 963 22.07 -29.03 5.20
N LYS A 964 22.24 -28.32 6.31
CA LYS A 964 22.90 -27.02 6.26
C LYS A 964 24.32 -27.14 5.70
N GLY A 965 25.07 -28.15 6.15
CA GLY A 965 26.40 -28.38 5.63
C GLY A 965 26.49 -28.60 4.13
N ILE A 966 25.78 -29.63 3.63
CA ILE A 966 25.79 -29.89 2.20
C ILE A 966 25.34 -28.65 1.42
N ALA A 967 24.36 -27.91 1.97
CA ALA A 967 23.91 -26.68 1.33
C ALA A 967 25.05 -25.67 1.22
N ALA A 968 25.86 -25.55 2.27
CA ALA A 968 26.96 -24.59 2.24
C ALA A 968 28.11 -25.05 1.34
N GLY A 969 28.27 -26.36 1.14
CA GLY A 969 29.36 -26.82 0.30
C GLY A 969 29.04 -26.86 -1.18
N LEU A 970 27.76 -27.06 -1.52
CA LEU A 970 27.42 -27.06 -2.93
C LEU A 970 27.02 -25.69 -3.45
N GLN A 971 26.68 -24.77 -2.55
CA GLN A 971 26.31 -23.40 -2.89
C GLN A 971 25.29 -23.39 -4.04
N ASN A 972 25.57 -22.67 -5.12
CA ASN A 972 24.60 -22.48 -6.19
C ASN A 972 24.73 -23.57 -7.26
N THR A 973 23.59 -24.07 -7.72
CA THR A 973 23.56 -25.00 -8.85
C THR A 973 22.60 -24.49 -9.93
N GLY A 974 21.31 -24.69 -9.73
CA GLY A 974 20.31 -24.20 -10.66
C GLY A 974 19.04 -23.72 -10.00
N LEU B 13 58.00 22.60 -15.52
CA LEU B 13 58.09 22.53 -14.06
C LEU B 13 59.25 21.64 -13.61
N GLU B 14 60.48 22.03 -13.97
CA GLU B 14 61.69 21.40 -13.50
C GLU B 14 62.17 21.99 -12.17
N LYS B 15 61.34 22.82 -11.54
CA LYS B 15 61.65 23.34 -10.20
C LYS B 15 61.96 22.22 -9.22
N MET B 16 61.26 21.09 -9.36
CA MET B 16 61.50 19.92 -8.51
C MET B 16 62.98 19.54 -8.48
N ALA B 17 63.71 19.76 -9.58
CA ALA B 17 65.12 19.38 -9.61
C ALA B 17 65.94 20.20 -8.62
N SER B 18 65.51 21.43 -8.33
CA SER B 18 66.27 22.29 -7.42
C SER B 18 66.03 21.88 -5.96
N ILE B 19 64.76 21.66 -5.57
CA ILE B 19 64.56 21.37 -4.16
C ILE B 19 65.19 20.03 -3.82
N ASP B 20 65.13 19.07 -4.75
CA ASP B 20 65.82 17.81 -4.51
C ASP B 20 67.29 18.05 -4.23
N VAL B 21 67.94 18.86 -5.07
CA VAL B 21 69.36 19.11 -4.87
C VAL B 21 69.57 19.72 -3.49
N HIS B 22 68.76 20.73 -3.14
CA HIS B 22 68.98 21.36 -1.85
C HIS B 22 68.72 20.38 -0.73
N LEU B 23 67.65 19.59 -0.85
CA LEU B 23 67.39 18.60 0.19
C LEU B 23 68.54 17.62 0.32
N ARG B 24 69.08 17.15 -0.81
CA ARG B 24 70.18 16.20 -0.71
C ARG B 24 71.43 16.84 -0.13
N GLN B 25 71.64 18.14 -0.34
CA GLN B 25 72.77 18.80 0.30
C GLN B 25 72.55 18.96 1.79
N LEU B 26 71.29 19.11 2.21
CA LEU B 26 70.99 19.27 3.64
C LEU B 26 71.18 17.95 4.39
N VAL B 27 70.66 16.87 3.82
CA VAL B 27 70.79 15.52 4.38
C VAL B 27 71.61 14.71 3.39
N PRO B 28 72.93 14.71 3.50
CA PRO B 28 73.76 14.11 2.45
C PRO B 28 73.80 12.60 2.53
N GLY B 29 74.37 12.06 3.60
CA GLY B 29 74.53 10.63 3.72
C GLY B 29 73.20 9.92 3.97
N LYS B 30 73.32 8.60 4.12
CA LYS B 30 72.18 7.75 4.47
C LYS B 30 72.47 7.13 5.84
N VAL B 31 71.60 7.43 6.81
CA VAL B 31 71.73 6.87 8.15
C VAL B 31 71.45 5.37 8.20
N SER B 32 71.01 4.80 7.07
CA SER B 32 70.82 3.36 6.92
C SER B 32 70.73 3.04 5.43
N GLU B 33 69.84 2.11 5.06
CA GLU B 33 69.50 1.91 3.66
C GLU B 33 68.00 1.89 3.43
N ASP B 34 67.18 1.89 4.49
CA ASP B 34 65.78 2.30 4.44
C ASP B 34 65.60 3.79 4.77
N ASP B 35 66.61 4.61 4.52
CA ASP B 35 66.56 6.04 4.80
C ASP B 35 65.90 6.74 3.62
N LYS B 36 64.59 6.93 3.74
CA LYS B 36 63.81 7.60 2.71
C LYS B 36 63.35 9.00 3.13
N LEU B 37 64.03 9.60 4.11
CA LEU B 37 63.57 10.87 4.67
C LEU B 37 63.62 11.99 3.63
N VAL B 38 64.73 12.10 2.89
CA VAL B 38 64.81 13.11 1.84
C VAL B 38 63.77 12.88 0.77
N GLU B 39 63.56 11.60 0.38
CA GLU B 39 62.49 11.28 -0.56
C GLU B 39 61.14 11.75 -0.03
N TYR B 40 60.84 11.41 1.23
CA TYR B 40 59.56 11.78 1.83
C TYR B 40 59.35 13.29 1.79
N ASP B 41 60.31 14.05 2.32
CA ASP B 41 60.09 15.49 2.41
C ASP B 41 60.13 16.15 1.05
N ALA B 42 60.91 15.60 0.11
CA ALA B 42 60.89 16.12 -1.26
C ALA B 42 59.52 15.95 -1.90
N LEU B 43 58.90 14.78 -1.71
CA LEU B 43 57.57 14.56 -2.27
C LEU B 43 56.55 15.51 -1.64
N LEU B 44 56.53 15.57 -0.30
CA LEU B 44 55.58 16.45 0.38
C LEU B 44 55.80 17.91 -0.01
N LEU B 45 57.06 18.34 -0.13
CA LEU B 45 57.33 19.73 -0.43
C LEU B 45 56.97 20.06 -1.87
N ASP B 46 57.24 19.15 -2.81
CA ASP B 46 56.82 19.35 -4.19
C ASP B 46 55.31 19.50 -4.28
N ARG B 47 54.57 18.58 -3.63
CA ARG B 47 53.12 18.63 -3.73
C ARG B 47 52.58 19.90 -3.09
N PHE B 48 53.17 20.30 -1.96
CA PHE B 48 52.72 21.52 -1.30
C PHE B 48 52.96 22.72 -2.19
N LEU B 49 54.16 22.84 -2.76
CA LEU B 49 54.46 24.00 -3.59
C LEU B 49 53.56 24.07 -4.81
N ASP B 50 53.15 22.91 -5.36
CA ASP B 50 52.16 22.90 -6.44
C ASP B 50 50.81 23.44 -5.96
N ILE B 51 50.35 23.00 -4.78
CA ILE B 51 49.10 23.53 -4.24
C ILE B 51 49.21 25.03 -4.04
N LEU B 52 50.36 25.48 -3.53
CA LEU B 52 50.58 26.90 -3.27
C LEU B 52 50.54 27.70 -4.56
N GLN B 53 51.13 27.17 -5.63
CA GLN B 53 51.07 27.84 -6.91
C GLN B 53 49.64 27.92 -7.44
N ASP B 54 48.87 26.83 -7.32
CA ASP B 54 47.50 26.84 -7.82
C ASP B 54 46.62 27.82 -7.07
N LEU B 55 46.86 28.00 -5.77
CA LEU B 55 45.96 28.87 -5.02
C LEU B 55 46.41 30.33 -5.00
N HIS B 56 47.71 30.60 -4.92
CA HIS B 56 48.20 31.95 -4.73
C HIS B 56 49.14 32.43 -5.83
N GLY B 57 49.25 31.70 -6.94
CA GLY B 57 49.92 32.23 -8.11
C GLY B 57 51.34 31.68 -8.28
N GLU B 58 51.87 31.91 -9.48
CA GLU B 58 53.21 31.45 -9.83
C GLU B 58 54.29 32.27 -9.14
N ASP B 59 54.07 33.59 -9.01
CA ASP B 59 55.05 34.46 -8.37
C ASP B 59 55.24 34.11 -6.90
N LEU B 60 54.12 33.88 -6.20
CA LEU B 60 54.19 33.52 -4.77
C LEU B 60 54.99 32.25 -4.56
N ARG B 61 54.75 31.24 -5.39
CA ARG B 61 55.50 29.99 -5.27
C ARG B 61 56.99 30.22 -5.53
N GLU B 62 57.31 31.01 -6.57
CA GLU B 62 58.73 31.26 -6.85
C GLU B 62 59.40 32.00 -5.71
N THR B 63 58.72 33.00 -5.13
CA THR B 63 59.28 33.72 -3.98
C THR B 63 59.54 32.77 -2.82
N VAL B 64 58.56 31.93 -2.51
CA VAL B 64 58.67 31.01 -1.39
C VAL B 64 59.82 30.03 -1.62
N GLN B 65 59.94 29.50 -2.83
CA GLN B 65 60.98 28.52 -3.10
C GLN B 65 62.36 29.15 -3.05
N GLU B 66 62.51 30.39 -3.54
CA GLU B 66 63.79 31.08 -3.41
C GLU B 66 64.16 31.23 -1.93
N LEU B 67 63.17 31.56 -1.09
CA LEU B 67 63.45 31.68 0.33
C LEU B 67 63.91 30.35 0.92
N TYR B 68 63.20 29.26 0.62
CA TYR B 68 63.57 27.99 1.22
C TYR B 68 64.96 27.55 0.78
N GLU B 69 65.27 27.71 -0.50
CA GLU B 69 66.62 27.35 -0.94
C GLU B 69 67.67 28.13 -0.18
N HIS B 70 67.46 29.44 0.02
CA HIS B 70 68.43 30.21 0.78
C HIS B 70 68.54 29.72 2.23
N SER B 71 67.41 29.37 2.85
CA SER B 71 67.45 28.87 4.23
C SER B 71 68.24 27.58 4.33
N ALA B 72 68.05 26.66 3.38
CA ALA B 72 68.75 25.39 3.43
C ALA B 72 70.26 25.58 3.20
N GLU B 73 70.63 26.44 2.25
CA GLU B 73 72.04 26.78 2.08
C GLU B 73 72.63 27.32 3.36
N TYR B 74 71.85 28.12 4.10
CA TYR B 74 72.32 28.65 5.37
C TYR B 74 72.53 27.53 6.38
N GLU B 75 71.55 26.66 6.55
CA GLU B 75 71.75 25.54 7.47
C GLU B 75 72.88 24.63 7.04
N GLY B 76 73.37 24.80 5.81
CA GLY B 76 74.55 24.08 5.40
C GLY B 76 75.82 24.76 5.87
N LYS B 77 76.12 25.94 5.33
CA LYS B 77 77.42 26.54 5.63
C LYS B 77 77.35 27.72 6.59
N HIS B 78 76.15 28.20 6.92
CA HIS B 78 75.95 29.30 7.86
C HIS B 78 76.65 30.57 7.38
N GLU B 79 76.58 30.83 6.08
CA GLU B 79 77.08 32.09 5.53
C GLU B 79 76.13 33.22 5.89
N PRO B 80 76.57 34.28 6.58
CA PRO B 80 75.63 35.35 6.98
C PRO B 80 74.96 36.05 5.80
N LYS B 81 75.57 36.00 4.61
CA LYS B 81 74.96 36.61 3.43
C LYS B 81 73.59 35.99 3.16
N LYS B 82 73.45 34.68 3.41
CA LYS B 82 72.16 34.02 3.20
C LYS B 82 71.08 34.62 4.11
N LEU B 83 71.45 35.03 5.33
CA LEU B 83 70.49 35.64 6.23
C LEU B 83 70.12 37.03 5.74
N GLU B 84 71.10 37.77 5.19
CA GLU B 84 70.77 39.08 4.66
C GLU B 84 69.89 38.96 3.41
N GLU B 85 70.09 37.91 2.63
CA GLU B 85 69.26 37.65 1.45
C GLU B 85 67.84 37.28 1.83
N LEU B 86 67.67 36.49 2.90
CA LEU B 86 66.32 36.22 3.41
C LEU B 86 65.65 37.50 3.88
N GLY B 87 66.38 38.33 4.64
CA GLY B 87 65.77 39.52 5.20
C GLY B 87 65.34 40.51 4.13
N SER B 88 66.17 40.68 3.09
CA SER B 88 65.84 41.61 2.02
C SER B 88 64.48 41.30 1.42
N VAL B 89 64.18 40.01 1.21
CA VAL B 89 62.87 39.62 0.68
C VAL B 89 61.79 39.81 1.74
N LEU B 90 62.06 39.42 2.98
CA LEU B 90 60.99 39.35 3.96
C LEU B 90 60.51 40.73 4.42
N THR B 91 61.38 41.75 4.41
CA THR B 91 60.92 43.07 4.82
C THR B 91 60.08 43.75 3.76
N SER B 92 60.30 43.42 2.49
CA SER B 92 59.60 44.05 1.38
C SER B 92 58.19 43.50 1.14
N LEU B 93 57.73 42.56 1.96
CA LEU B 93 56.41 41.98 1.79
C LEU B 93 55.37 42.78 2.57
N ASP B 94 54.29 43.20 1.88
CA ASP B 94 53.15 43.77 2.59
C ASP B 94 52.51 42.72 3.48
N PRO B 95 51.75 43.14 4.50
CA PRO B 95 51.20 42.16 5.46
C PRO B 95 50.48 40.96 4.83
N GLY B 96 49.84 41.11 3.68
CA GLY B 96 49.20 39.97 3.04
C GLY B 96 50.21 38.91 2.63
N ASP B 97 51.24 39.33 1.90
CA ASP B 97 52.29 38.40 1.51
C ASP B 97 53.02 37.85 2.73
N SER B 98 53.21 38.70 3.75
CA SER B 98 53.84 38.22 4.99
C SER B 98 53.03 37.09 5.60
N ILE B 99 51.70 37.23 5.62
CA ILE B 99 50.87 36.17 6.19
C ILE B 99 50.98 34.92 5.35
N VAL B 100 50.94 35.05 4.02
CA VAL B 100 50.95 33.86 3.18
C VAL B 100 52.28 33.13 3.29
N ILE B 101 53.39 33.87 3.31
CA ILE B 101 54.71 33.25 3.40
C ILE B 101 54.89 32.59 4.76
N ALA B 102 54.44 33.26 5.83
CA ALA B 102 54.61 32.69 7.17
C ALA B 102 53.78 31.41 7.31
N LYS B 103 52.50 31.47 6.90
CA LYS B 103 51.66 30.28 6.87
C LYS B 103 52.32 29.16 6.07
N ALA B 104 52.85 29.51 4.91
CA ALA B 104 53.46 28.53 4.03
C ALA B 104 54.62 27.83 4.71
N PHE B 105 55.50 28.59 5.37
CA PHE B 105 56.63 27.96 6.03
C PHE B 105 56.22 27.18 7.27
N SER B 106 55.14 27.59 7.93
CA SER B 106 54.62 26.78 9.03
C SER B 106 54.20 25.41 8.52
N HIS B 107 53.43 25.36 7.43
CA HIS B 107 52.93 24.08 6.95
C HIS B 107 54.05 23.24 6.32
N MET B 108 55.03 23.90 5.70
CA MET B 108 56.19 23.17 5.19
C MET B 108 56.95 22.49 6.32
N LEU B 109 57.13 23.22 7.42
CA LEU B 109 57.78 22.62 8.58
C LEU B 109 56.96 21.46 9.13
N ASN B 110 55.63 21.62 9.22
CA ASN B 110 54.79 20.50 9.66
C ASN B 110 55.00 19.28 8.79
N LEU B 111 55.09 19.48 7.48
CA LEU B 111 55.28 18.32 6.59
C LEU B 111 56.63 17.67 6.85
N ALA B 112 57.67 18.45 7.11
CA ALA B 112 58.96 17.86 7.47
C ALA B 112 58.83 17.03 8.75
N ASN B 113 58.06 17.52 9.72
CA ASN B 113 57.82 16.75 10.93
C ASN B 113 57.15 15.43 10.62
N LEU B 114 56.13 15.44 9.75
CA LEU B 114 55.39 14.21 9.44
C LEU B 114 56.29 13.19 8.73
N ALA B 115 57.10 13.65 7.77
CA ALA B 115 58.06 12.76 7.14
C ALA B 115 59.00 12.17 8.18
N GLU B 116 59.44 12.98 9.14
CA GLU B 116 60.33 12.47 10.18
C GLU B 116 59.66 11.38 11.01
N GLU B 117 58.40 11.58 11.37
CA GLU B 117 57.69 10.56 12.14
C GLU B 117 57.56 9.26 11.35
N VAL B 118 57.23 9.35 10.06
CA VAL B 118 57.13 8.12 9.26
C VAL B 118 58.49 7.41 9.22
N GLN B 119 59.56 8.17 8.98
CA GLN B 119 60.90 7.58 8.95
C GLN B 119 61.21 6.89 10.28
N ILE B 120 60.88 7.52 11.41
CA ILE B 120 61.14 6.91 12.70
C ILE B 120 60.31 5.64 12.87
N ALA B 121 59.05 5.69 12.44
CA ALA B 121 58.13 4.60 12.69
C ALA B 121 58.44 3.37 11.86
N TYR B 122 59.02 3.54 10.67
CA TYR B 122 59.29 2.41 9.79
C TYR B 122 60.78 2.13 9.66
N ARG B 123 61.62 2.73 10.48
CA ARG B 123 63.04 2.42 10.44
C ARG B 123 63.29 1.05 11.04
N ARG B 124 63.94 0.18 10.27
CA ARG B 124 64.27 -1.15 10.77
C ARG B 124 65.37 -1.05 11.81
N ARG B 125 65.21 -1.79 12.90
CA ARG B 125 66.22 -1.83 13.95
C ARG B 125 67.41 -2.67 13.51
N ILE B 126 68.55 -2.44 14.14
CA ILE B 126 69.79 -3.12 13.79
C ILE B 126 70.30 -3.82 15.04
N LYS B 127 70.27 -5.17 15.02
CA LYS B 127 70.79 -5.95 16.13
C LYS B 127 72.30 -5.88 16.21
N LYS B 128 72.98 -5.78 15.06
CA LYS B 128 74.42 -5.76 15.01
C LYS B 128 75.02 -4.42 15.39
N LEU B 129 74.20 -3.38 15.56
CA LEU B 129 74.67 -2.05 15.94
C LEU B 129 74.76 -1.87 17.45
N LYS B 130 74.20 -2.81 18.23
CA LYS B 130 74.29 -2.72 19.69
C LYS B 130 75.73 -2.94 20.15
N LYS B 131 76.19 -2.09 21.08
CA LYS B 131 77.52 -2.21 21.65
C LYS B 131 77.56 -3.10 22.88
N GLY B 132 76.43 -3.31 23.56
CA GLY B 132 76.36 -4.18 24.72
C GLY B 132 76.30 -3.48 26.06
N ASP B 133 76.31 -2.14 26.10
CA ASP B 133 76.27 -1.37 27.34
C ASP B 133 75.01 -0.51 27.35
N PHE B 134 74.97 0.44 28.30
CA PHE B 134 73.77 1.26 28.49
C PHE B 134 73.67 2.38 27.46
N VAL B 135 74.74 2.72 26.74
CA VAL B 135 74.67 3.78 25.76
C VAL B 135 73.66 3.43 24.68
N ASP B 136 73.53 2.14 24.37
CA ASP B 136 72.56 1.69 23.38
C ASP B 136 71.15 2.14 23.73
N GLU B 137 70.86 2.31 25.01
CA GLU B 137 69.52 2.68 25.40
C GLU B 137 69.20 4.14 25.18
N SER B 138 70.03 4.89 24.45
CA SER B 138 69.75 6.30 24.23
C SER B 138 69.18 6.59 22.84
N SER B 139 68.95 5.57 22.03
CA SER B 139 68.42 5.74 20.68
C SER B 139 67.44 4.62 20.37
N ALA B 140 66.39 4.94 19.62
CA ALA B 140 65.37 3.94 19.30
C ALA B 140 65.91 2.81 18.42
N THR B 141 66.95 3.07 17.64
CA THR B 141 67.47 2.03 16.74
C THR B 141 68.25 0.95 17.48
N THR B 142 68.72 1.21 18.70
CA THR B 142 69.50 0.23 19.45
C THR B 142 68.95 -0.11 20.82
N GLU B 143 67.92 0.60 21.29
CA GLU B 143 67.38 0.35 22.62
C GLU B 143 66.84 -1.07 22.74
N SER B 144 66.73 -1.54 23.98
CA SER B 144 66.23 -2.87 24.24
C SER B 144 64.72 -2.89 24.21
N ASP B 145 64.14 -3.79 23.42
CA ASP B 145 62.71 -3.98 23.45
C ASP B 145 62.35 -4.78 24.71
N LEU B 146 61.07 -5.11 24.85
CA LEU B 146 60.60 -5.76 26.07
C LEU B 146 61.35 -7.06 26.33
N GLU B 147 61.43 -7.91 25.31
CA GLU B 147 62.01 -9.24 25.51
C GLU B 147 63.52 -9.19 25.68
N GLU B 148 64.19 -8.26 24.98
CA GLU B 148 65.63 -8.10 25.17
C GLU B 148 65.94 -7.63 26.59
N THR B 149 65.08 -6.78 27.16
CA THR B 149 65.23 -6.40 28.56
C THR B 149 65.04 -7.61 29.48
N PHE B 150 64.07 -8.47 29.16
CA PHE B 150 63.88 -9.68 29.96
C PHE B 150 65.14 -10.53 29.96
N LYS B 151 65.69 -10.81 28.77
CA LYS B 151 66.85 -11.68 28.68
C LYS B 151 68.12 -11.02 29.23
N LYS B 152 68.20 -9.69 29.20
CA LYS B 152 69.31 -9.01 29.87
C LYS B 152 69.22 -9.16 31.38
N LEU B 153 68.00 -9.13 31.93
CA LEU B 153 67.85 -9.37 33.37
C LEU B 153 68.11 -10.83 33.73
N VAL B 154 67.81 -11.76 32.83
CA VAL B 154 67.96 -13.18 33.16
C VAL B 154 69.42 -13.60 33.05
N GLY B 155 70.13 -13.08 32.05
CA GLY B 155 71.50 -13.53 31.83
C GLY B 155 72.51 -12.82 32.71
N ASP B 156 72.46 -11.48 32.71
CA ASP B 156 73.50 -10.70 33.37
C ASP B 156 73.26 -10.57 34.87
N LEU B 157 72.01 -10.46 35.29
CA LEU B 157 71.70 -10.33 36.70
C LEU B 157 71.18 -11.62 37.32
N ASN B 158 70.97 -12.66 36.51
CA ASN B 158 70.55 -13.98 36.96
C ASN B 158 69.26 -13.92 37.77
N LYS B 159 68.34 -13.06 37.34
CA LYS B 159 67.01 -13.02 37.93
C LYS B 159 66.13 -14.10 37.29
N SER B 160 65.28 -14.73 38.10
CA SER B 160 64.41 -15.76 37.57
C SER B 160 63.20 -15.12 36.88
N PRO B 161 62.66 -15.78 35.86
CA PRO B 161 61.49 -15.20 35.18
C PRO B 161 60.33 -14.88 36.12
N GLU B 162 60.13 -15.67 37.16
CA GLU B 162 59.04 -15.39 38.10
C GLU B 162 59.25 -14.07 38.82
N GLU B 163 60.51 -13.71 39.09
CA GLU B 163 60.76 -12.41 39.71
C GLU B 163 60.45 -11.28 38.74
N ILE B 164 60.79 -11.45 37.46
CA ILE B 164 60.45 -10.46 36.46
C ILE B 164 58.95 -10.28 36.38
N PHE B 165 58.22 -11.40 36.34
CA PHE B 165 56.76 -11.37 36.26
C PHE B 165 56.16 -10.70 37.49
N ASP B 166 56.66 -11.04 38.68
CA ASP B 166 56.16 -10.42 39.90
C ASP B 166 56.46 -8.92 39.94
N ALA B 167 57.60 -8.51 39.38
CA ALA B 167 57.89 -7.07 39.30
C ALA B 167 56.90 -6.38 38.39
N LEU B 168 56.59 -7.00 37.24
CA LEU B 168 55.66 -6.38 36.30
C LEU B 168 54.26 -6.28 36.88
N LYS B 169 53.79 -7.32 37.58
CA LYS B 169 52.43 -7.29 38.14
C LYS B 169 52.19 -6.02 38.96
N ASN B 170 53.15 -5.63 39.80
CA ASN B 170 52.98 -4.52 40.74
C ASN B 170 53.60 -3.21 40.25
N GLN B 171 54.11 -3.19 39.03
CA GLN B 171 54.66 -1.98 38.43
C GLN B 171 53.53 -1.13 37.86
N THR B 172 53.70 0.19 37.93
CA THR B 172 52.77 1.13 37.31
C THR B 172 53.57 2.25 36.66
N VAL B 173 53.30 2.49 35.39
CA VAL B 173 53.80 3.65 34.67
C VAL B 173 52.64 4.62 34.53
N ASP B 174 52.82 5.84 35.04
CA ASP B 174 51.77 6.85 35.11
C ASP B 174 52.17 8.03 34.23
N LEU B 175 51.51 8.17 33.08
CA LEU B 175 51.80 9.24 32.12
C LEU B 175 50.84 10.40 32.31
N VAL B 176 51.38 11.60 32.51
CA VAL B 176 50.58 12.78 32.86
C VAL B 176 50.58 13.73 31.67
N LEU B 177 49.40 13.94 31.11
CA LEU B 177 49.19 14.83 29.97
C LEU B 177 48.97 16.25 30.48
N THR B 178 49.81 17.18 30.04
CA THR B 178 49.71 18.59 30.41
C THR B 178 49.46 19.42 29.16
N ALA B 179 48.93 20.61 29.37
CA ALA B 179 48.60 21.49 28.25
C ALA B 179 49.85 21.96 27.51
N HIS B 180 49.71 22.14 26.20
CA HIS B 180 50.82 22.63 25.37
C HIS B 180 51.10 24.10 25.70
N PRO B 181 52.37 24.48 25.88
CA PRO B 181 52.69 25.90 26.13
C PRO B 181 52.31 26.86 25.01
N THR B 182 51.90 26.36 23.85
CA THR B 182 51.50 27.24 22.75
C THR B 182 50.25 26.75 22.05
N GLN B 183 50.37 26.44 20.76
CA GLN B 183 49.25 25.95 19.96
C GLN B 183 49.02 24.49 20.32
N SER B 184 48.06 24.24 21.20
CA SER B 184 47.57 22.87 21.40
C SER B 184 46.82 22.48 20.14
N VAL B 185 47.48 21.72 19.27
CA VAL B 185 46.99 21.51 17.91
C VAL B 185 45.60 20.89 17.94
N ARG B 186 44.70 21.46 17.14
CA ARG B 186 43.31 21.03 17.13
C ARG B 186 43.18 19.59 16.65
N ARG B 187 42.14 18.89 17.16
CA ARG B 187 41.93 17.49 16.85
C ARG B 187 41.82 17.24 15.35
N SER B 188 41.19 18.19 14.63
CA SER B 188 41.04 18.04 13.18
C SER B 188 42.40 18.01 12.47
N LEU B 189 43.32 18.86 12.92
CA LEU B 189 44.63 18.92 12.28
C LEU B 189 45.48 17.69 12.62
N LEU B 190 45.33 17.17 13.85
CA LEU B 190 45.94 15.88 14.15
C LEU B 190 45.47 14.82 13.17
N GLN B 191 44.16 14.77 12.91
CA GLN B 191 43.63 13.77 11.98
C GLN B 191 44.16 13.94 10.56
N LYS B 192 44.26 15.19 10.10
CA LYS B 192 44.81 15.42 8.77
C LYS B 192 46.27 14.96 8.70
N HIS B 193 47.07 15.30 9.71
CA HIS B 193 48.43 14.80 9.76
C HIS B 193 48.47 13.28 9.69
N GLY B 194 47.54 12.63 10.39
CA GLY B 194 47.45 11.19 10.32
C GLY B 194 47.24 10.70 8.89
N ARG B 195 46.31 11.35 8.17
CA ARG B 195 46.05 10.92 6.80
C ARG B 195 47.27 11.14 5.90
N ILE B 196 48.01 12.23 6.13
CA ILE B 196 49.22 12.48 5.34
C ILE B 196 50.27 11.40 5.62
N ARG B 197 50.49 11.07 6.89
CA ARG B 197 51.45 10.00 7.23
C ARG B 197 51.02 8.68 6.61
N ASP B 198 49.72 8.38 6.63
CA ASP B 198 49.23 7.13 6.06
C ASP B 198 49.43 7.09 4.55
N CYS B 199 49.10 8.17 3.84
CA CYS B 199 49.32 8.20 2.40
C CYS B 199 50.80 8.05 2.07
N LEU B 200 51.66 8.76 2.80
CA LEU B 200 53.10 8.64 2.60
C LEU B 200 53.56 7.19 2.76
N ALA B 201 53.23 6.59 3.90
CA ALA B 201 53.66 5.22 4.17
C ALA B 201 53.16 4.26 3.09
N GLN B 202 51.90 4.42 2.67
CA GLN B 202 51.36 3.48 1.70
C GLN B 202 51.94 3.69 0.31
N LEU B 203 52.31 4.92 -0.03
CA LEU B 203 52.91 5.19 -1.34
C LEU B 203 54.24 4.47 -1.54
N TYR B 204 54.92 4.05 -0.48
CA TYR B 204 56.20 3.39 -0.62
C TYR B 204 56.13 1.89 -0.35
N ALA B 205 54.92 1.33 -0.27
CA ALA B 205 54.79 -0.13 -0.20
C ALA B 205 55.33 -0.76 -1.47
N LYS B 206 56.27 -1.69 -1.31
CA LYS B 206 56.99 -2.29 -2.44
C LYS B 206 56.18 -3.32 -3.23
N ASP B 207 54.90 -3.07 -3.48
CA ASP B 207 54.08 -4.02 -4.23
C ASP B 207 52.84 -3.35 -4.82
N ILE B 208 52.80 -2.03 -4.78
CA ILE B 208 51.55 -1.30 -5.02
C ILE B 208 51.31 -1.15 -6.52
N THR B 209 50.03 -1.17 -6.89
CA THR B 209 49.61 -1.13 -8.28
C THR B 209 49.56 0.32 -8.79
N PRO B 210 49.59 0.52 -10.11
CA PRO B 210 49.59 1.90 -10.62
C PRO B 210 48.37 2.71 -10.22
N ASP B 211 47.17 2.13 -10.27
CA ASP B 211 45.97 2.90 -9.93
C ASP B 211 45.89 3.19 -8.44
N ASP B 212 46.25 2.21 -7.61
CA ASP B 212 46.33 2.45 -6.17
C ASP B 212 47.30 3.60 -5.87
N LYS B 213 48.46 3.60 -6.53
CA LYS B 213 49.46 4.64 -6.31
C LYS B 213 48.95 6.01 -6.78
N GLN B 214 48.26 6.05 -7.92
CA GLN B 214 47.73 7.31 -8.42
C GLN B 214 46.70 7.87 -7.46
N GLU B 215 45.79 7.02 -6.97
CA GLU B 215 44.75 7.51 -6.07
C GLU B 215 45.33 7.91 -4.72
N LEU B 216 46.42 7.27 -4.30
CA LEU B 216 47.09 7.68 -3.07
C LEU B 216 47.77 9.03 -3.24
N ASP B 217 48.46 9.25 -4.36
CA ASP B 217 49.03 10.55 -4.65
C ASP B 217 47.96 11.64 -4.60
N GLU B 218 46.85 11.43 -5.31
CA GLU B 218 45.79 12.43 -5.29
C GLU B 218 45.22 12.64 -3.88
N ALA B 219 45.14 11.57 -3.09
CA ALA B 219 44.65 11.73 -1.72
C ALA B 219 45.63 12.54 -0.87
N LEU B 220 46.92 12.33 -1.08
CA LEU B 220 47.94 13.09 -0.35
C LEU B 220 47.85 14.57 -0.68
N GLN B 221 47.81 14.91 -1.98
CA GLN B 221 47.69 16.31 -2.37
C GLN B 221 46.44 16.93 -1.75
N ARG B 222 45.31 16.23 -1.91
CA ARG B 222 44.05 16.70 -1.36
C ARG B 222 44.17 17.01 0.13
N GLU B 223 44.86 16.15 0.89
CA GLU B 223 44.97 16.37 2.34
C GLU B 223 45.91 17.53 2.69
N ILE B 224 47.05 17.62 2.00
CA ILE B 224 47.96 18.74 2.25
C ILE B 224 47.25 20.06 1.99
N GLN B 225 46.47 20.12 0.91
CA GLN B 225 45.70 21.33 0.63
C GLN B 225 44.67 21.59 1.73
N ALA B 226 43.98 20.53 2.18
CA ALA B 226 43.00 20.70 3.24
C ALA B 226 43.62 21.31 4.49
N ALA B 227 44.81 20.84 4.88
CA ALA B 227 45.45 21.42 6.05
C ALA B 227 45.88 22.85 5.80
N PHE B 228 46.29 23.17 4.56
CA PHE B 228 46.73 24.53 4.28
C PHE B 228 45.56 25.51 4.21
N ARG B 229 44.34 25.03 4.02
CA ARG B 229 43.20 25.92 3.77
C ARG B 229 42.27 26.07 4.98
N THR B 230 42.72 25.73 6.18
CA THR B 230 41.97 25.99 7.40
C THR B 230 42.69 27.05 8.22
N ASP B 231 41.94 28.02 8.73
CA ASP B 231 42.52 29.03 9.60
C ASP B 231 42.83 28.44 10.97
N GLU B 232 43.92 28.91 11.58
CA GLU B 232 44.38 28.42 12.87
C GLU B 232 44.74 29.57 13.81
N ILE B 233 43.96 30.65 13.80
CA ILE B 233 44.28 31.81 14.66
C ILE B 233 43.07 32.34 15.41
N LYS B 234 41.95 32.58 14.71
CA LYS B 234 40.82 33.36 15.21
C LYS B 234 40.05 32.71 16.36
N ARG B 235 38.80 33.15 16.54
CA ARG B 235 37.94 32.81 17.67
C ARG B 235 38.52 33.27 18.99
N THR B 236 38.85 32.31 19.85
CA THR B 236 39.34 32.59 21.18
C THR B 236 40.70 31.95 21.38
N PRO B 237 41.51 32.48 22.31
CA PRO B 237 42.55 31.67 22.92
C PRO B 237 41.91 30.53 23.67
N PRO B 238 41.78 29.34 23.02
CA PRO B 238 40.75 28.37 23.40
C PRO B 238 40.53 28.20 24.90
N THR B 239 39.27 28.21 25.31
CA THR B 239 38.89 27.98 26.70
C THR B 239 39.54 26.70 27.21
N PRO B 240 39.85 26.61 28.51
CA PRO B 240 40.51 25.39 29.02
C PRO B 240 39.77 24.11 28.66
N GLN B 241 38.44 24.16 28.55
CA GLN B 241 37.69 22.99 28.10
C GLN B 241 38.07 22.59 26.67
N ASP B 242 38.27 23.59 25.79
CA ASP B 242 38.67 23.30 24.41
C ASP B 242 40.07 22.70 24.36
N GLU B 243 41.02 23.29 25.09
CA GLU B 243 42.37 22.74 25.15
C GLU B 243 42.35 21.31 25.67
N MET B 244 41.48 21.02 26.65
CA MET B 244 41.37 19.66 27.14
C MET B 244 40.82 18.72 26.07
N ARG B 245 39.78 19.16 25.34
CA ARG B 245 39.26 18.35 24.24
C ARG B 245 40.35 18.01 23.24
N ALA B 246 41.15 19.02 22.84
CA ALA B 246 42.22 18.76 21.88
C ALA B 246 43.28 17.82 22.46
N GLY B 247 43.57 17.96 23.76
CA GLY B 247 44.56 17.10 24.38
C GLY B 247 44.14 15.66 24.50
N MET B 248 42.83 15.41 24.61
CA MET B 248 42.31 14.05 24.72
C MET B 248 42.29 13.30 23.38
N SER B 249 42.69 13.95 22.27
CA SER B 249 42.54 13.35 20.96
C SER B 249 43.36 12.08 20.81
N TYR B 250 44.48 11.98 21.52
CA TYR B 250 45.38 10.83 21.34
C TYR B 250 44.79 9.52 21.87
N PHE B 251 43.76 9.58 22.70
CA PHE B 251 43.09 8.35 23.10
C PHE B 251 42.36 7.75 21.92
N HIS B 252 41.60 8.56 21.19
CA HIS B 252 40.97 8.08 19.96
C HIS B 252 42.00 7.75 18.90
N GLU B 253 43.05 8.56 18.77
CA GLU B 253 44.04 8.36 17.72
C GLU B 253 44.73 7.01 17.85
N THR B 254 45.45 6.79 18.96
CA THR B 254 46.26 5.59 19.11
C THR B 254 46.16 4.93 20.49
N ILE B 255 45.92 5.66 21.57
CA ILE B 255 46.15 5.11 22.91
C ILE B 255 45.11 4.06 23.25
N TRP B 256 43.84 4.32 22.91
CA TRP B 256 42.76 3.38 23.25
C TRP B 256 43.02 2.00 22.65
N LYS B 257 43.23 1.94 21.34
CA LYS B 257 43.57 0.66 20.74
C LYS B 257 44.94 0.19 21.19
N GLY B 258 45.85 1.12 21.51
CA GLY B 258 47.24 0.75 21.73
C GLY B 258 47.51 0.02 23.04
N VAL B 259 46.77 0.36 24.10
CA VAL B 259 47.06 -0.26 25.40
C VAL B 259 46.88 -1.77 25.38
N PRO B 260 45.73 -2.33 24.97
CA PRO B 260 45.62 -3.80 24.96
C PRO B 260 46.58 -4.48 24.01
N LYS B 261 46.91 -3.85 22.87
CA LYS B 261 47.89 -4.43 21.94
C LYS B 261 49.26 -4.53 22.61
N PHE B 262 49.67 -3.47 23.31
CA PHE B 262 50.94 -3.49 24.01
C PHE B 262 50.96 -4.56 25.09
N LEU B 263 49.91 -4.59 25.92
CA LEU B 263 49.87 -5.58 27.01
C LEU B 263 49.94 -7.00 26.46
N ARG B 264 49.26 -7.25 25.34
CA ARG B 264 49.33 -8.58 24.74
C ARG B 264 50.75 -8.90 24.30
N ARG B 265 51.48 -7.90 23.79
CA ARG B 265 52.87 -8.16 23.46
C ARG B 265 53.70 -8.45 24.71
N VAL B 266 53.36 -7.82 25.82
CA VAL B 266 54.00 -8.18 27.09
C VAL B 266 53.77 -9.65 27.38
N ASP B 267 52.54 -10.13 27.14
CA ASP B 267 52.26 -11.56 27.34
C ASP B 267 53.14 -12.43 26.46
N THR B 268 53.27 -12.07 25.18
CA THR B 268 54.06 -12.90 24.28
C THR B 268 55.52 -12.95 24.71
N ALA B 269 56.08 -11.79 25.09
CA ALA B 269 57.45 -11.77 25.58
C ALA B 269 57.61 -12.59 26.84
N LEU B 270 56.59 -12.60 27.71
CA LEU B 270 56.65 -13.47 28.89
C LEU B 270 56.62 -14.94 28.51
N LYS B 271 55.89 -15.28 27.45
CA LYS B 271 55.89 -16.67 26.98
C LYS B 271 57.26 -17.05 26.45
N ASN B 272 58.00 -16.10 25.86
CA ASN B 272 59.29 -16.43 25.27
C ASN B 272 60.41 -16.56 26.29
N ILE B 273 60.12 -16.46 27.59
CA ILE B 273 61.09 -16.76 28.62
C ILE B 273 60.57 -17.84 29.57
N GLY B 274 59.42 -18.45 29.26
CA GLY B 274 58.90 -19.58 30.01
C GLY B 274 57.72 -19.29 30.91
N ILE B 275 57.28 -18.03 31.02
CA ILE B 275 56.12 -17.70 31.85
C ILE B 275 54.85 -18.04 31.09
N GLU B 276 53.98 -18.83 31.71
CA GLU B 276 52.75 -19.27 31.08
C GLU B 276 51.55 -18.41 31.43
N GLU B 277 51.59 -17.66 32.52
CA GLU B 277 50.52 -16.74 32.84
C GLU B 277 50.56 -15.52 31.94
N ARG B 278 49.45 -14.79 31.91
CA ARG B 278 49.43 -13.45 31.37
C ARG B 278 49.48 -12.44 32.51
N VAL B 279 49.85 -11.20 32.19
CA VAL B 279 49.75 -10.11 33.14
C VAL B 279 48.29 -9.95 33.51
N PRO B 280 47.94 -10.01 34.80
CA PRO B 280 46.53 -9.96 35.20
C PRO B 280 45.83 -8.73 34.65
N TYR B 281 44.62 -8.92 34.14
CA TYR B 281 43.96 -7.86 33.39
C TYR B 281 43.63 -6.65 34.24
N ASN B 282 43.56 -6.78 35.56
CA ASN B 282 43.28 -5.63 36.42
C ASN B 282 44.55 -4.95 36.92
N ALA B 283 45.73 -5.42 36.52
CA ALA B 283 46.97 -4.84 36.97
C ALA B 283 47.24 -3.52 36.26
N PRO B 284 47.39 -2.41 36.98
CA PRO B 284 47.57 -1.09 36.33
C PRO B 284 49.01 -0.81 35.93
N LEU B 285 49.50 -1.55 34.93
CA LEU B 285 50.83 -1.27 34.39
C LEU B 285 50.88 0.08 33.70
N ILE B 286 49.77 0.51 33.11
CA ILE B 286 49.68 1.78 32.39
C ILE B 286 48.53 2.58 32.98
N GLN B 287 48.80 3.85 33.29
CA GLN B 287 47.80 4.78 33.79
C GLN B 287 47.99 6.14 33.13
N PHE B 288 46.92 6.88 33.03
CA PHE B 288 46.99 8.22 32.45
C PHE B 288 46.36 9.23 33.39
N SER B 289 47.04 10.36 33.55
CA SER B 289 46.60 11.47 34.38
C SER B 289 46.61 12.73 33.54
N SER B 290 45.91 13.75 34.00
CA SER B 290 45.77 14.98 33.23
C SER B 290 45.87 16.21 34.13
N TRP B 291 46.50 17.26 33.62
CA TRP B 291 46.42 18.58 34.23
C TRP B 291 45.44 19.50 33.53
N MET B 292 44.91 19.10 32.38
CA MET B 292 44.07 19.97 31.57
C MET B 292 42.73 20.20 32.28
N GLY B 293 42.56 21.41 32.79
CA GLY B 293 41.42 21.75 33.61
C GLY B 293 41.64 21.65 35.09
N GLY B 294 42.85 21.36 35.54
CA GLY B 294 43.12 21.21 36.97
C GLY B 294 44.24 22.09 37.50
N ASP B 295 45.18 22.45 36.64
CA ASP B 295 46.31 23.30 37.06
C ASP B 295 45.86 24.75 37.04
N ARG B 296 45.79 25.35 38.24
CA ARG B 296 45.39 26.74 38.41
C ARG B 296 46.56 27.66 38.75
N ASP B 297 47.78 27.13 38.85
CA ASP B 297 48.94 27.91 39.23
C ASP B 297 49.16 29.05 38.24
N GLY B 298 48.86 30.27 38.66
CA GLY B 298 49.00 31.43 37.81
C GLY B 298 48.11 31.38 36.57
N ASN B 299 46.90 30.87 36.72
CA ASN B 299 45.99 30.68 35.58
C ASN B 299 44.56 30.92 36.04
N PRO B 300 44.12 32.18 36.09
CA PRO B 300 42.76 32.47 36.56
C PRO B 300 41.68 31.97 35.62
N ARG B 301 42.01 31.63 34.37
CA ARG B 301 41.01 31.07 33.48
C ARG B 301 40.55 29.68 33.93
N VAL B 302 41.35 29.00 34.75
CA VAL B 302 41.01 27.68 35.27
C VAL B 302 40.21 27.88 36.55
N THR B 303 38.90 27.81 36.43
CA THR B 303 37.95 28.08 37.48
C THR B 303 37.42 26.78 38.07
N PRO B 304 36.69 26.85 39.20
CA PRO B 304 36.00 25.63 39.69
C PRO B 304 35.11 24.99 38.64
N GLU B 305 34.41 25.81 37.85
CA GLU B 305 33.56 25.26 36.80
C GLU B 305 34.37 24.57 35.72
N VAL B 306 35.53 25.12 35.34
CA VAL B 306 36.39 24.44 34.37
C VAL B 306 36.72 23.03 34.84
N THR B 307 37.06 22.89 36.12
CA THR B 307 37.42 21.58 36.66
C THR B 307 36.22 20.62 36.62
N ARG B 308 35.05 21.10 37.06
CA ARG B 308 33.85 20.27 36.99
C ARG B 308 33.57 19.84 35.55
N ASP B 309 33.74 20.77 34.61
CA ASP B 309 33.46 20.50 33.20
C ASP B 309 34.37 19.41 32.66
N VAL B 310 35.69 19.57 32.79
CA VAL B 310 36.58 18.57 32.22
C VAL B 310 36.44 17.21 32.90
N CYS B 311 36.04 17.19 34.18
CA CYS B 311 35.78 15.89 34.82
C CYS B 311 34.62 15.18 34.13
N LEU B 312 33.51 15.91 33.92
CA LEU B 312 32.34 15.27 33.32
C LEU B 312 32.58 14.93 31.85
N LEU B 313 33.26 15.82 31.11
CA LEU B 313 33.65 15.52 29.74
C LEU B 313 34.45 14.24 29.65
N ALA B 314 35.39 14.01 30.57
CA ALA B 314 36.18 12.79 30.52
C ALA B 314 35.33 11.55 30.78
N ARG B 315 34.40 11.65 31.75
CA ARG B 315 33.51 10.50 31.97
C ARG B 315 32.68 10.20 30.72
N MET B 316 32.30 11.25 29.98
CA MET B 316 31.54 11.06 28.75
C MET B 316 32.37 10.38 27.68
N MET B 317 33.56 10.90 27.39
CA MET B 317 34.41 10.31 26.38
C MET B 317 34.64 8.82 26.65
N ALA B 318 34.91 8.47 27.90
CA ALA B 318 35.14 7.07 28.24
C ALA B 318 33.89 6.23 28.01
N ALA B 319 32.74 6.69 28.52
CA ALA B 319 31.51 5.91 28.33
C ALA B 319 31.18 5.75 26.84
N THR B 320 31.43 6.79 26.03
CA THR B 320 31.25 6.67 24.59
C THR B 320 32.11 5.55 24.02
N MET B 321 33.39 5.54 24.37
CA MET B 321 34.28 4.54 23.78
C MET B 321 33.91 3.12 24.22
N TYR B 322 33.58 2.94 25.50
CA TYR B 322 33.12 1.64 25.96
C TYR B 322 31.84 1.22 25.25
N PHE B 323 30.92 2.18 25.05
CA PHE B 323 29.66 1.89 24.40
C PHE B 323 29.87 1.39 22.98
N ASN B 324 30.72 2.08 22.22
CA ASN B 324 30.98 1.66 20.84
C ASN B 324 31.75 0.33 20.78
N GLN B 325 32.62 0.07 21.75
CA GLN B 325 33.46 -1.12 21.72
C GLN B 325 32.70 -2.37 22.17
N ILE B 326 31.71 -2.19 23.04
CA ILE B 326 31.00 -3.34 23.58
C ILE B 326 30.02 -3.93 22.57
N GLU B 327 29.75 -3.24 21.45
CA GLU B 327 28.87 -3.86 20.46
C GLU B 327 29.63 -4.93 19.68
N ASP B 328 30.86 -4.64 19.26
CA ASP B 328 31.71 -5.70 18.69
CA ASP B 328 31.68 -5.71 18.68
C ASP B 328 31.90 -6.82 19.70
N LEU B 329 32.15 -6.45 20.97
CA LEU B 329 32.26 -7.48 21.99
C LEU B 329 31.01 -8.34 22.07
N MET B 330 29.83 -7.72 21.94
CA MET B 330 28.58 -8.49 22.00
C MET B 330 28.44 -9.43 20.82
N PHE B 331 28.89 -9.02 19.64
CA PHE B 331 28.83 -9.94 18.50
C PHE B 331 29.77 -11.12 18.69
N GLU B 332 30.94 -10.89 19.27
CA GLU B 332 31.88 -12.00 19.43
C GLU B 332 31.41 -12.99 20.49
N MET B 333 30.75 -12.50 21.54
CA MET B 333 30.39 -13.32 22.71
C MET B 333 29.07 -14.06 22.45
N SER B 334 29.12 -14.96 21.48
CA SER B 334 27.94 -15.71 21.05
C SER B 334 27.91 -17.12 21.60
N MET B 335 28.78 -17.45 22.57
CA MET B 335 28.78 -18.78 23.16
C MET B 335 27.50 -19.03 23.93
N TRP B 336 27.27 -20.30 24.26
CA TRP B 336 26.13 -20.68 25.09
C TRP B 336 26.53 -21.44 26.35
N ARG B 337 27.52 -22.31 26.26
CA ARG B 337 28.03 -23.01 27.43
C ARG B 337 28.63 -22.01 28.41
N CYS B 338 28.28 -22.13 29.69
CA CYS B 338 28.68 -21.11 30.67
C CYS B 338 28.72 -21.71 32.07
N ASN B 339 29.10 -20.85 33.01
CA ASN B 339 29.19 -21.13 34.44
C ASN B 339 27.79 -21.26 35.04
N ASP B 340 27.70 -21.90 36.21
CA ASP B 340 26.45 -21.88 36.96
C ASP B 340 26.14 -20.47 37.48
N GLU B 341 27.19 -19.76 37.90
CA GLU B 341 27.02 -18.39 38.40
C GLU B 341 26.53 -17.47 37.30
N LEU B 342 27.15 -17.55 36.12
CA LEU B 342 26.75 -16.71 35.00
C LEU B 342 25.34 -17.05 34.53
N ARG B 343 25.00 -18.35 34.47
CA ARG B 343 23.64 -18.73 34.09
C ARG B 343 22.61 -18.12 35.05
N ALA B 344 22.93 -18.09 36.35
CA ALA B 344 22.04 -17.42 37.29
C ALA B 344 21.89 -15.94 36.93
N ARG B 345 23.00 -15.27 36.60
CA ARG B 345 22.90 -13.86 36.27
C ARG B 345 22.09 -13.63 35.00
N ALA B 346 22.23 -14.52 34.02
CA ALA B 346 21.47 -14.41 32.78
C ALA B 346 19.98 -14.54 33.05
N ASP B 347 19.59 -15.47 33.93
CA ASP B 347 18.17 -15.59 34.24
C ASP B 347 17.65 -14.36 34.98
N GLU B 348 18.48 -13.75 35.83
CA GLU B 348 18.04 -12.56 36.55
C GLU B 348 17.84 -11.38 35.61
N VAL B 349 18.83 -11.10 34.75
CA VAL B 349 18.75 -9.94 33.86
C VAL B 349 17.61 -10.07 32.87
N HIS B 350 17.27 -11.30 32.45
CA HIS B 350 16.17 -11.49 31.53
C HIS B 350 14.81 -11.08 32.12
N ALA B 351 14.72 -10.91 33.43
CA ALA B 351 13.52 -10.40 34.09
C ALA B 351 13.66 -8.90 34.27
N ASN B 352 13.28 -8.15 33.23
CA ASN B 352 13.31 -6.68 33.22
C ASN B 352 12.51 -6.15 32.04
N SER B 353 12.76 -4.91 31.65
CA SER B 353 12.02 -4.25 30.57
C SER B 353 12.25 -4.91 29.21
N ALA B 358 16.10 -3.28 25.77
CA ALA B 358 16.74 -3.79 24.55
C ALA B 358 16.74 -2.74 23.43
N LYS B 359 16.93 -1.48 23.80
CA LYS B 359 16.73 -0.34 22.92
C LYS B 359 17.97 0.00 22.08
N HIS B 360 19.13 -0.58 22.38
CA HIS B 360 20.37 -0.17 21.74
C HIS B 360 20.98 -1.31 20.93
N TYR B 361 20.13 -2.16 20.36
CA TYR B 361 20.59 -3.21 19.45
C TYR B 361 19.42 -3.80 18.67
N ILE B 362 18.41 -2.97 18.37
CA ILE B 362 17.31 -3.41 17.52
C ILE B 362 17.81 -3.69 16.11
N GLU B 363 18.80 -2.91 15.64
CA GLU B 363 19.44 -3.19 14.37
C GLU B 363 20.18 -4.53 14.38
N PHE B 364 20.53 -5.03 15.55
CA PHE B 364 21.27 -6.28 15.70
C PHE B 364 20.37 -7.47 16.03
N TRP B 365 19.56 -7.36 17.09
CA TRP B 365 18.63 -8.39 17.51
C TRP B 365 17.36 -7.76 18.06
N LYS B 366 16.20 -8.34 17.73
CA LYS B 366 14.95 -7.88 18.35
C LYS B 366 15.07 -7.93 19.87
N SER B 367 15.62 -9.02 20.39
CA SER B 367 15.93 -9.15 21.81
C SER B 367 16.96 -10.26 21.94
N ILE B 368 17.68 -10.23 23.07
CA ILE B 368 18.74 -11.20 23.34
C ILE B 368 18.13 -12.37 24.11
N PRO B 369 18.15 -13.60 23.58
CA PRO B 369 17.57 -14.74 24.28
C PRO B 369 18.51 -15.27 25.37
N THR B 370 17.94 -16.09 26.25
CA THR B 370 18.70 -16.62 27.38
C THR B 370 19.67 -17.72 26.98
N THR B 371 19.59 -18.24 25.76
CA THR B 371 20.57 -19.20 25.26
C THR B 371 21.83 -18.52 24.76
N GLU B 372 21.97 -17.21 24.98
CA GLU B 372 23.20 -16.46 24.72
C GLU B 372 23.54 -15.67 25.97
N PRO B 373 23.88 -16.36 27.07
CA PRO B 373 23.94 -15.67 28.38
C PRO B 373 24.96 -14.55 28.43
N TYR B 374 26.12 -14.75 27.79
CA TYR B 374 27.13 -13.70 27.75
C TYR B 374 26.58 -12.46 27.06
N ARG B 375 25.80 -12.64 26.00
CA ARG B 375 25.19 -11.49 25.34
C ARG B 375 24.18 -10.80 26.24
N VAL B 376 23.45 -11.55 27.07
CA VAL B 376 22.50 -10.94 27.99
C VAL B 376 23.23 -10.00 28.96
N ILE B 377 24.27 -10.51 29.62
CA ILE B 377 24.99 -9.69 30.59
C ILE B 377 25.62 -8.49 29.90
N LEU B 378 26.28 -8.73 28.76
CA LEU B 378 26.97 -7.65 28.07
C LEU B 378 25.99 -6.60 27.55
N GLY B 379 24.81 -7.03 27.10
CA GLY B 379 23.81 -6.08 26.66
C GLY B 379 23.35 -5.19 27.79
N ASP B 380 23.20 -5.75 29.00
CA ASP B 380 22.87 -4.89 30.13
C ASP B 380 24.01 -3.93 30.46
N VAL B 381 25.26 -4.36 30.27
CA VAL B 381 26.38 -3.45 30.46
C VAL B 381 26.32 -2.30 29.45
N ARG B 382 26.01 -2.62 28.19
CA ARG B 382 25.85 -1.58 27.17
C ARG B 382 24.77 -0.58 27.58
N ASP B 383 23.69 -1.09 28.18
CA ASP B 383 22.63 -0.19 28.64
C ASP B 383 23.12 0.73 29.75
N LYS B 384 23.90 0.19 30.69
CA LYS B 384 24.41 1.02 31.77
C LYS B 384 25.42 2.06 31.25
N LEU B 385 26.23 1.69 30.26
CA LEU B 385 27.16 2.65 29.67
C LEU B 385 26.40 3.79 28.98
N TYR B 386 25.32 3.45 28.27
CA TYR B 386 24.53 4.51 27.63
C TYR B 386 23.96 5.46 28.66
N HIS B 387 23.47 4.92 29.78
CA HIS B 387 22.90 5.79 30.79
C HIS B 387 23.97 6.65 31.46
N THR B 388 25.18 6.10 31.64
CA THR B 388 26.26 6.90 32.21
C THR B 388 26.62 8.08 31.31
N ARG B 389 26.80 7.81 30.02
CA ARG B 389 27.11 8.87 29.07
C ARG B 389 26.03 9.96 29.10
N GLU B 390 24.77 9.57 28.88
CA GLU B 390 23.69 10.57 28.82
C GLU B 390 23.55 11.32 30.13
N ARG B 391 23.84 10.65 31.25
CA ARG B 391 23.71 11.31 32.56
C ARG B 391 24.79 12.36 32.76
N ALA B 392 26.06 11.98 32.54
CA ALA B 392 27.14 12.97 32.62
C ALA B 392 26.91 14.15 31.68
N HIS B 393 26.35 13.88 30.49
CA HIS B 393 26.02 14.97 29.59
C HIS B 393 24.96 15.88 30.20
N GLN B 394 23.96 15.29 30.86
CA GLN B 394 22.92 16.11 31.48
C GLN B 394 23.48 16.92 32.64
N LEU B 395 24.39 16.35 33.43
CA LEU B 395 25.02 17.09 34.52
C LEU B 395 25.87 18.23 33.98
N LEU B 396 26.63 17.98 32.92
CA LEU B 396 27.48 19.01 32.35
C LEU B 396 26.66 20.18 31.82
N SER B 397 25.63 19.89 31.02
CA SER B 397 24.94 20.97 30.32
C SER B 397 23.87 21.66 31.16
N ASN B 398 23.55 21.15 32.34
CA ASN B 398 22.53 21.76 33.19
C ASN B 398 23.05 21.94 34.61
N GLY B 399 23.10 20.85 35.36
CA GLY B 399 23.57 20.87 36.73
C GLY B 399 22.85 19.79 37.50
N HIS B 400 21.80 19.26 36.87
CA HIS B 400 21.02 18.16 37.41
C HIS B 400 20.79 17.15 36.29
N SER B 401 20.19 16.02 36.63
CA SER B 401 19.84 15.04 35.62
C SER B 401 18.38 14.62 35.75
N ASP B 402 18.17 13.32 35.92
CA ASP B 402 16.89 12.64 36.10
C ASP B 402 17.17 11.17 35.85
N VAL B 403 18.41 10.88 35.44
CA VAL B 403 18.93 9.53 35.25
C VAL B 403 19.29 8.94 36.60
N PRO B 404 18.58 7.92 37.07
CA PRO B 404 18.90 7.33 38.37
C PRO B 404 20.35 6.88 38.45
N VAL B 405 21.00 7.24 39.55
CA VAL B 405 22.40 6.88 39.74
C VAL B 405 22.58 5.37 39.80
N GLU B 406 21.51 4.63 40.13
CA GLU B 406 21.58 3.18 40.19
C GLU B 406 21.54 2.53 38.83
N ALA B 407 21.17 3.28 37.77
CA ALA B 407 21.16 2.78 36.41
C ALA B 407 22.46 3.01 35.66
N THR B 408 23.51 3.48 36.34
CA THR B 408 24.80 3.78 35.74
C THR B 408 25.90 3.11 36.56
N PHE B 409 27.13 3.24 36.08
CA PHE B 409 28.31 2.79 36.81
C PHE B 409 28.91 3.99 37.52
N ILE B 410 29.02 3.90 38.84
CA ILE B 410 29.49 5.04 39.62
C ILE B 410 30.94 4.81 40.04
N ASN B 411 31.33 3.55 40.23
CA ASN B 411 32.70 3.19 40.53
C ASN B 411 33.14 2.06 39.61
N LEU B 412 34.46 1.83 39.56
CA LEU B 412 35.04 0.88 38.61
C LEU B 412 34.68 -0.57 38.93
N GLU B 413 34.27 -0.87 40.16
CA GLU B 413 33.97 -2.26 40.50
C GLU B 413 32.63 -2.72 39.93
N GLN B 414 31.63 -1.84 39.94
CA GLN B 414 30.36 -2.15 39.27
C GLN B 414 30.60 -2.52 37.81
N PHE B 415 31.52 -1.81 37.16
CA PHE B 415 31.82 -2.08 35.75
C PHE B 415 32.55 -3.40 35.58
N LEU B 416 33.57 -3.64 36.42
CA LEU B 416 34.38 -4.84 36.21
C LEU B 416 33.65 -6.12 36.58
N GLU B 417 32.72 -6.07 37.53
CA GLU B 417 32.17 -7.32 38.05
C GLU B 417 31.55 -8.20 36.98
N PRO B 418 30.61 -7.73 36.14
CA PRO B 418 30.03 -8.64 35.14
C PRO B 418 31.01 -9.06 34.05
N LEU B 419 31.94 -8.19 33.66
CA LEU B 419 32.97 -8.61 32.70
C LEU B 419 33.83 -9.73 33.27
N GLU B 420 34.24 -9.59 34.55
CA GLU B 420 35.00 -10.66 35.18
C GLU B 420 34.18 -11.92 35.31
N LEU B 421 32.88 -11.79 35.56
CA LEU B 421 32.02 -12.96 35.57
C LEU B 421 32.06 -13.68 34.23
N CYS B 422 32.00 -12.91 33.14
CA CYS B 422 32.13 -13.50 31.81
C CYS B 422 33.47 -14.19 31.63
N TYR B 423 34.56 -13.56 32.10
CA TYR B 423 35.88 -14.16 31.93
C TYR B 423 36.01 -15.46 32.72
N ARG B 424 35.61 -15.45 34.00
CA ARG B 424 35.65 -16.66 34.81
C ARG B 424 34.80 -17.76 34.17
N SER B 425 33.58 -17.42 33.77
CA SER B 425 32.68 -18.39 33.18
C SER B 425 33.29 -19.01 31.93
N LEU B 426 33.84 -18.18 31.05
CA LEU B 426 34.46 -18.69 29.83
C LEU B 426 35.62 -19.62 30.14
N CYS B 427 36.45 -19.26 31.11
CA CYS B 427 37.56 -20.14 31.48
C CYS B 427 37.07 -21.46 32.07
N SER B 428 35.93 -21.44 32.77
CA SER B 428 35.42 -22.67 33.38
C SER B 428 35.18 -23.76 32.33
N CYS B 429 34.75 -23.37 31.14
CA CYS B 429 34.32 -24.30 30.11
C CYS B 429 35.40 -24.58 29.07
N GLY B 430 36.66 -24.31 29.38
CA GLY B 430 37.72 -24.49 28.40
C GLY B 430 37.67 -23.53 27.25
N ASP B 431 37.00 -22.39 27.41
CA ASP B 431 36.95 -21.35 26.40
C ASP B 431 37.88 -20.19 26.74
N ARG B 432 38.95 -20.48 27.49
CA ARG B 432 39.97 -19.48 27.78
C ARG B 432 40.48 -18.78 26.52
N PRO B 433 40.79 -19.48 25.41
CA PRO B 433 41.18 -18.73 24.20
C PRO B 433 40.15 -17.70 23.77
N ILE B 434 38.86 -18.07 23.78
CA ILE B 434 37.83 -17.10 23.46
C ILE B 434 37.86 -15.95 24.46
N ALA B 435 38.09 -16.26 25.74
CA ALA B 435 38.14 -15.23 26.77
C ALA B 435 39.35 -14.31 26.60
N ASP B 436 40.45 -14.84 26.06
CA ASP B 436 41.67 -14.06 25.85
C ASP B 436 41.65 -13.25 24.54
N GLY B 437 40.46 -12.94 24.01
CA GLY B 437 40.37 -12.11 22.82
C GLY B 437 39.84 -10.71 23.05
N SER B 438 38.71 -10.38 22.41
CA SER B 438 38.11 -9.06 22.59
C SER B 438 37.77 -8.80 24.05
N LEU B 439 37.40 -9.86 24.78
CA LEU B 439 37.05 -9.72 26.20
C LEU B 439 38.27 -9.33 27.03
N LEU B 440 39.43 -9.93 26.75
CA LEU B 440 40.66 -9.57 27.46
C LEU B 440 41.05 -8.12 27.14
N ASP B 441 40.96 -7.73 25.86
CA ASP B 441 41.23 -6.35 25.50
C ASP B 441 40.32 -5.41 26.28
N PHE B 442 39.04 -5.76 26.37
CA PHE B 442 38.08 -4.90 27.08
C PHE B 442 38.45 -4.79 28.56
N LEU B 443 38.70 -5.92 29.22
CA LEU B 443 39.08 -5.88 30.63
C LEU B 443 40.31 -5.01 30.85
N ARG B 444 41.32 -5.14 29.98
CA ARG B 444 42.52 -4.33 30.13
C ARG B 444 42.26 -2.85 29.87
N GLN B 445 41.28 -2.55 29.00
CA GLN B 445 40.93 -1.15 28.76
C GLN B 445 40.19 -0.56 29.96
N VAL B 446 39.30 -1.34 30.58
CA VAL B 446 38.62 -0.89 31.79
C VAL B 446 39.61 -0.67 32.92
N SER B 447 40.61 -1.55 33.04
CA SER B 447 41.57 -1.41 34.13
C SER B 447 42.51 -0.23 33.88
N THR B 448 42.95 -0.04 32.64
CA THR B 448 43.86 1.06 32.34
C THR B 448 43.16 2.41 32.41
N PHE B 449 41.97 2.52 31.81
CA PHE B 449 41.33 3.82 31.62
C PHE B 449 40.25 4.12 32.65
N GLY B 450 39.75 3.12 33.35
CA GLY B 450 38.68 3.40 34.30
C GLY B 450 37.49 4.05 33.64
N LEU B 451 36.70 4.74 34.46
CA LEU B 451 35.52 5.44 33.98
C LEU B 451 35.81 6.86 33.50
N SER B 452 37.09 7.26 33.44
CA SER B 452 37.45 8.64 33.15
C SER B 452 38.52 8.81 32.09
N LEU B 453 39.17 7.74 31.63
CA LEU B 453 40.36 7.79 30.78
C LEU B 453 41.56 8.33 31.56
N VAL B 454 41.40 9.51 32.17
CA VAL B 454 42.46 10.16 32.93
C VAL B 454 41.95 10.48 34.32
N ARG B 455 42.90 10.64 35.24
CA ARG B 455 42.63 11.19 36.57
C ARG B 455 43.21 12.59 36.62
N LEU B 456 42.40 13.56 37.06
CA LEU B 456 42.77 14.96 37.02
C LEU B 456 43.50 15.36 38.28
N ASP B 457 44.70 15.92 38.13
CA ASP B 457 45.39 16.54 39.24
C ASP B 457 44.94 17.98 39.39
N ILE B 458 44.96 18.48 40.62
CA ILE B 458 44.70 19.89 40.91
C ILE B 458 46.01 20.51 41.38
N ARG B 459 46.37 21.68 40.87
CA ARG B 459 47.59 22.33 41.33
C ARG B 459 47.32 23.78 41.69
N GLN B 460 47.92 24.22 42.80
CA GLN B 460 47.73 25.59 43.28
C GLN B 460 48.94 26.04 44.09
N GLU B 461 49.21 27.34 44.06
CA GLU B 461 50.30 27.90 44.85
C GLU B 461 50.06 27.69 46.34
N SER B 462 51.15 27.50 47.09
CA SER B 462 51.04 27.39 48.54
C SER B 462 50.55 28.70 49.14
N ASP B 463 51.03 29.83 48.60
CA ASP B 463 50.63 31.14 49.10
C ASP B 463 49.12 31.33 49.09
N ARG B 464 48.41 30.74 48.11
CA ARG B 464 46.95 30.90 48.07
C ARG B 464 46.30 30.18 49.24
N HIS B 465 46.84 29.02 49.62
CA HIS B 465 46.34 28.34 50.81
C HIS B 465 46.67 29.13 52.06
N THR B 466 47.85 29.76 52.08
CA THR B 466 48.22 30.63 53.19
C THR B 466 47.26 31.80 53.32
N ASP B 467 46.85 32.40 52.20
CA ASP B 467 45.88 33.48 52.25
C ASP B 467 44.56 33.01 52.85
N VAL B 468 44.13 31.80 52.48
CA VAL B 468 42.86 31.28 53.01
C VAL B 468 42.95 31.10 54.52
N LEU B 469 44.01 30.44 54.98
CA LEU B 469 44.15 30.22 56.42
C LEU B 469 44.33 31.53 57.18
N ASP B 470 44.96 32.53 56.55
CA ASP B 470 45.15 33.81 57.20
C ASP B 470 43.83 34.54 57.38
N ALA B 471 42.98 34.54 56.35
CA ALA B 471 41.67 35.13 56.52
C ALA B 471 40.87 34.39 57.60
N ILE B 472 41.07 33.08 57.71
CA ILE B 472 40.34 32.33 58.73
C ILE B 472 40.80 32.74 60.13
N THR B 473 42.11 32.69 60.39
CA THR B 473 42.59 32.99 61.73
C THR B 473 42.30 34.45 62.11
N THR B 474 42.41 35.36 61.14
CA THR B 474 42.02 36.75 61.41
C THR B 474 40.54 36.84 61.77
N HIS B 475 39.69 36.06 61.09
CA HIS B 475 38.26 36.07 61.40
C HIS B 475 37.95 35.50 62.78
N LEU B 476 38.81 34.65 63.33
CA LEU B 476 38.59 34.07 64.64
C LEU B 476 39.31 34.83 65.75
N ASP B 477 39.98 35.93 65.40
CA ASP B 477 40.73 36.75 66.36
C ASP B 477 41.79 35.91 67.09
N ILE B 478 42.58 35.17 66.33
CA ILE B 478 43.66 34.36 66.87
C ILE B 478 45.03 34.81 66.34
N GLY B 479 45.07 35.74 65.42
CA GLY B 479 46.31 36.16 64.80
C GLY B 479 46.28 35.91 63.31
N SER B 480 47.41 36.18 62.67
CA SER B 480 47.56 35.98 61.23
C SER B 480 48.45 34.77 61.02
N TYR B 481 47.86 33.70 60.48
CA TYR B 481 48.61 32.49 60.13
C TYR B 481 49.86 32.82 59.32
N ARG B 482 49.84 33.94 58.59
CA ARG B 482 50.98 34.33 57.77
C ARG B 482 52.16 34.80 58.62
N GLU B 483 51.92 35.57 59.68
CA GLU B 483 53.01 36.03 60.52
C GLU B 483 53.64 34.91 61.33
N TRP B 484 52.90 33.83 61.57
CA TRP B 484 53.38 32.75 62.42
C TRP B 484 54.60 32.05 61.82
N SER B 485 55.53 31.68 62.69
CA SER B 485 56.66 30.86 62.30
C SER B 485 56.16 29.50 61.81
N GLU B 486 57.05 28.78 61.11
CA GLU B 486 56.69 27.46 60.60
C GLU B 486 56.32 26.51 61.74
N GLU B 487 56.98 26.63 62.89
CA GLU B 487 56.66 25.73 63.99
C GLU B 487 55.30 26.05 64.59
N ARG B 488 54.97 27.35 64.72
CA ARG B 488 53.65 27.71 65.22
C ARG B 488 52.55 27.32 64.22
N ARG B 489 52.82 27.52 62.92
CA ARG B 489 51.88 27.06 61.89
C ARG B 489 51.60 25.58 62.07
N GLN B 490 52.67 24.78 62.17
CA GLN B 490 52.50 23.34 62.36
C GLN B 490 51.68 23.04 63.61
N GLU B 491 51.97 23.74 64.72
CA GLU B 491 51.28 23.39 65.97
C GLU B 491 49.79 23.65 65.86
N TRP B 492 49.40 24.78 65.26
CA TRP B 492 47.97 25.09 65.12
C TRP B 492 47.31 24.12 64.16
N LEU B 493 47.91 23.90 62.99
CA LEU B 493 47.35 22.95 62.03
C LEU B 493 47.14 21.58 62.68
N LEU B 494 48.11 21.16 63.49
CA LEU B 494 48.02 19.85 64.11
C LEU B 494 46.89 19.80 65.12
N SER B 495 46.66 20.89 65.85
CA SER B 495 45.53 20.88 66.78
C SER B 495 44.21 20.84 66.03
N GLU B 496 44.14 21.42 64.83
CA GLU B 496 42.87 21.43 64.10
C GLU B 496 42.57 20.11 63.40
N LEU B 497 43.57 19.48 62.77
CA LEU B 497 43.30 18.21 62.10
C LEU B 497 42.89 17.12 63.09
N SER B 498 43.39 17.18 64.33
CA SER B 498 43.06 16.22 65.36
C SER B 498 41.80 16.59 66.14
N GLY B 499 41.19 17.77 65.88
CA GLY B 499 40.05 18.20 66.66
C GLY B 499 38.71 17.77 66.06
N LYS B 500 37.65 17.97 66.85
CA LYS B 500 36.31 17.52 66.48
C LYS B 500 35.38 18.64 66.06
N ARG B 501 35.84 19.88 66.02
CA ARG B 501 34.95 20.98 65.66
C ARG B 501 35.30 21.55 64.29
N PRO B 502 34.30 21.84 63.45
CA PRO B 502 34.58 22.42 62.13
C PRO B 502 35.23 23.79 62.25
N LEU B 503 35.77 24.27 61.14
CA LEU B 503 36.67 25.42 61.16
C LEU B 503 36.01 26.73 60.74
N PHE B 504 35.15 26.70 59.72
CA PHE B 504 34.58 27.94 59.18
C PHE B 504 33.24 27.65 58.52
N GLY B 505 32.48 28.72 58.29
CA GLY B 505 31.19 28.63 57.64
C GLY B 505 31.01 29.69 56.57
N SER B 506 29.75 29.95 56.19
CA SER B 506 29.49 31.01 55.21
C SER B 506 29.85 32.38 55.77
N ASP B 507 29.66 32.60 57.07
CA ASP B 507 30.03 33.86 57.70
C ASP B 507 31.55 33.95 57.76
N LEU B 508 32.15 34.25 56.60
CA LEU B 508 33.59 34.38 56.48
C LEU B 508 33.91 35.35 55.35
N PRO B 509 34.52 36.50 55.65
CA PRO B 509 34.96 37.42 54.60
C PRO B 509 35.90 36.75 53.61
N LYS B 510 35.40 36.52 52.39
CA LYS B 510 36.14 35.86 51.33
C LYS B 510 36.47 36.86 50.24
N THR B 511 37.75 37.00 49.91
CA THR B 511 38.12 37.70 48.69
C THR B 511 37.82 36.82 47.48
N GLU B 512 37.94 37.42 46.29
CA GLU B 512 37.68 36.66 45.07
C GLU B 512 38.60 35.44 44.97
N GLU B 513 39.89 35.62 45.30
CA GLU B 513 40.84 34.52 45.21
C GLU B 513 40.55 33.44 46.25
N ILE B 514 40.26 33.85 47.48
CA ILE B 514 39.99 32.89 48.54
C ILE B 514 38.76 32.06 48.20
N ALA B 515 37.75 32.72 47.64
CA ALA B 515 36.57 31.99 47.17
C ALA B 515 36.93 31.03 46.05
N ASP B 516 37.87 31.39 45.18
CA ASP B 516 38.28 30.43 44.16
C ASP B 516 38.84 29.16 44.81
N VAL B 517 39.75 29.31 45.78
CA VAL B 517 40.37 28.15 46.42
C VAL B 517 39.32 27.25 47.08
N LEU B 518 38.46 27.86 47.90
CA LEU B 518 37.46 27.07 48.63
C LEU B 518 36.45 26.42 47.68
N ASP B 519 36.06 27.13 46.62
CA ASP B 519 35.11 26.57 45.65
C ASP B 519 35.73 25.39 44.91
N THR B 520 37.02 25.47 44.58
CA THR B 520 37.70 24.33 43.99
C THR B 520 37.57 23.10 44.89
N PHE B 521 37.81 23.28 46.20
CA PHE B 521 37.64 22.13 47.10
C PHE B 521 36.20 21.63 47.11
N HIS B 522 35.22 22.54 47.07
CA HIS B 522 33.82 22.11 47.10
C HIS B 522 33.45 21.32 45.85
N VAL B 523 33.95 21.74 44.68
CA VAL B 523 33.70 21.00 43.46
C VAL B 523 34.35 19.63 43.53
N ILE B 524 35.55 19.56 44.12
CA ILE B 524 36.20 18.25 44.30
C ILE B 524 35.33 17.34 45.15
N ALA B 525 34.72 17.90 46.21
CA ALA B 525 33.87 17.08 47.08
C ALA B 525 32.62 16.61 46.35
N GLU B 526 32.14 17.36 45.35
CA GLU B 526 30.87 17.02 44.70
C GLU B 526 31.04 16.09 43.50
N LEU B 527 32.23 15.56 43.25
CA LEU B 527 32.50 14.71 42.10
C LEU B 527 33.10 13.37 42.52
N PRO B 528 33.01 12.33 41.67
CA PRO B 528 33.54 11.02 42.05
C PRO B 528 35.05 11.01 42.25
N ALA B 529 35.50 10.23 43.24
CA ALA B 529 36.93 10.11 43.53
C ALA B 529 37.72 9.51 42.38
N ASP B 530 37.08 8.74 41.50
CA ASP B 530 37.78 8.15 40.36
C ASP B 530 38.30 9.22 39.40
N SER B 531 37.83 10.45 39.51
CA SER B 531 38.21 11.50 38.58
C SER B 531 39.49 12.22 38.98
N PHE B 532 39.94 12.08 40.22
CA PHE B 532 41.03 12.91 40.74
C PHE B 532 42.25 12.07 41.06
N GLY B 533 43.42 12.70 40.93
CA GLY B 533 44.66 12.11 41.34
C GLY B 533 45.24 12.82 42.53
N ALA B 534 46.16 13.73 42.27
CA ALA B 534 46.95 14.39 43.30
C ALA B 534 46.65 15.88 43.37
N TYR B 535 46.69 16.40 44.60
CA TYR B 535 46.67 17.84 44.84
C TYR B 535 48.12 18.28 45.00
N ILE B 536 48.58 19.07 44.03
CA ILE B 536 49.97 19.46 43.90
C ILE B 536 50.11 20.91 44.34
N ILE B 537 51.06 21.14 45.25
CA ILE B 537 51.30 22.44 45.85
C ILE B 537 52.49 23.06 45.15
N SER B 538 52.23 24.09 44.35
CA SER B 538 53.32 24.84 43.75
C SER B 538 54.00 25.69 44.82
N MET B 539 55.31 25.86 44.67
CA MET B 539 56.13 26.64 45.60
C MET B 539 56.02 26.08 47.02
N ALA B 540 56.03 24.75 47.14
CA ALA B 540 56.03 24.13 48.46
C ALA B 540 57.40 24.21 49.08
N THR B 541 57.45 24.56 50.37
CA THR B 541 58.71 24.78 51.07
C THR B 541 58.76 24.18 52.46
N ALA B 542 57.63 23.88 53.09
CA ALA B 542 57.58 23.54 54.50
C ALA B 542 56.43 22.58 54.74
N PRO B 543 56.47 21.80 55.83
CA PRO B 543 55.37 20.88 56.11
C PRO B 543 54.03 21.57 56.29
N SER B 544 54.02 22.82 56.76
CA SER B 544 52.76 23.53 56.94
C SER B 544 52.02 23.70 55.61
N ASP B 545 52.76 23.79 54.50
CA ASP B 545 52.12 23.90 53.19
C ASP B 545 51.29 22.66 52.87
N VAL B 546 51.82 21.47 53.16
CA VAL B 546 51.10 20.23 52.93
C VAL B 546 49.95 20.08 53.94
N LEU B 547 50.20 20.38 55.21
CA LEU B 547 49.16 20.22 56.22
C LEU B 547 48.01 21.19 55.99
N ALA B 548 48.29 22.36 55.42
CA ALA B 548 47.22 23.29 55.09
C ALA B 548 46.26 22.66 54.09
N VAL B 549 46.78 22.00 53.06
CA VAL B 549 45.93 21.35 52.06
C VAL B 549 45.16 20.19 52.68
N GLU B 550 45.83 19.38 53.50
CA GLU B 550 45.09 18.27 54.14
C GLU B 550 43.95 18.80 54.99
N LEU B 551 44.17 19.90 55.71
CA LEU B 551 43.14 20.46 56.58
C LEU B 551 42.01 21.08 55.77
N LEU B 552 42.35 21.88 54.75
CA LEU B 552 41.34 22.50 53.89
C LEU B 552 40.50 21.46 53.19
N GLN B 553 41.13 20.36 52.74
CA GLN B 553 40.39 19.23 52.20
C GLN B 553 39.40 18.69 53.21
N ARG B 554 39.87 18.43 54.44
CA ARG B 554 38.99 17.80 55.41
C ARG B 554 37.83 18.71 55.79
N GLU B 555 38.08 20.01 55.95
CA GLU B 555 37.05 20.96 56.35
C GLU B 555 36.12 21.39 55.22
N CYS B 556 36.49 21.13 53.96
CA CYS B 556 35.57 21.31 52.85
C CYS B 556 34.80 20.03 52.52
N ARG B 557 34.80 19.07 53.45
CA ARG B 557 33.95 17.89 53.37
C ARG B 557 34.25 17.02 52.15
N VAL B 558 35.52 16.96 51.76
CA VAL B 558 35.96 16.01 50.74
C VAL B 558 36.09 14.64 51.41
N LYS B 559 35.15 13.74 51.13
CA LYS B 559 35.06 12.48 51.86
C LYS B 559 36.31 11.61 51.64
N GLN B 560 36.71 11.44 50.38
CA GLN B 560 37.93 10.71 50.04
C GLN B 560 38.97 11.74 49.61
N PRO B 561 39.78 12.26 50.53
CA PRO B 561 40.68 13.36 50.18
C PRO B 561 41.72 12.92 49.16
N LEU B 562 42.13 13.88 48.32
CA LEU B 562 43.22 13.64 47.39
C LEU B 562 44.53 13.50 48.13
N ARG B 563 45.47 12.77 47.52
CA ARG B 563 46.82 12.75 48.05
C ARG B 563 47.51 14.08 47.76
N VAL B 564 48.22 14.59 48.75
CA VAL B 564 48.89 15.88 48.62
C VAL B 564 50.31 15.63 48.13
N VAL B 565 50.74 16.44 47.18
CA VAL B 565 52.07 16.29 46.56
C VAL B 565 52.78 17.64 46.58
N PRO B 566 53.84 17.80 47.35
CA PRO B 566 54.59 19.06 47.32
C PRO B 566 55.48 19.11 46.09
N LEU B 567 55.54 20.30 45.47
CA LEU B 567 56.46 20.58 44.37
C LEU B 567 57.53 21.54 44.89
N PHE B 568 58.73 21.01 45.14
CA PHE B 568 59.84 21.81 45.63
C PHE B 568 60.59 22.39 44.42
N GLU B 569 60.48 23.69 44.23
CA GLU B 569 60.97 24.34 43.01
C GLU B 569 62.35 24.98 43.20
N LYS B 570 62.45 26.00 44.05
CA LYS B 570 63.72 26.70 44.23
C LYS B 570 64.77 25.75 44.82
N LEU B 571 66.03 26.13 44.67
CA LEU B 571 67.12 25.24 45.05
C LEU B 571 67.15 24.99 46.56
N ALA B 572 67.03 26.06 47.34
CA ALA B 572 66.97 25.93 48.80
C ALA B 572 65.81 25.04 49.23
N ASP B 573 64.68 25.13 48.53
CA ASP B 573 63.54 24.26 48.85
C ASP B 573 63.90 22.80 48.65
N LEU B 574 64.67 22.49 47.59
CA LEU B 574 65.11 21.13 47.37
C LEU B 574 66.03 20.66 48.50
N GLU B 575 66.92 21.53 48.95
CA GLU B 575 67.84 21.13 50.02
C GLU B 575 67.09 20.83 51.31
N ALA B 576 66.05 21.61 51.62
CA ALA B 576 65.24 21.42 52.80
C ALA B 576 64.13 20.39 52.62
N ALA B 577 63.99 19.82 51.41
CA ALA B 577 62.85 18.95 51.13
C ALA B 577 62.87 17.67 51.93
N PRO B 578 63.97 16.90 51.99
CA PRO B 578 63.93 15.66 52.80
C PRO B 578 63.68 15.90 54.27
N ALA B 579 64.16 17.03 54.81
CA ALA B 579 63.85 17.38 56.19
C ALA B 579 62.35 17.60 56.38
N ALA B 580 61.72 18.32 55.43
CA ALA B 580 60.29 18.60 55.52
C ALA B 580 59.47 17.33 55.36
N VAL B 581 59.88 16.44 54.47
CA VAL B 581 59.13 15.20 54.27
C VAL B 581 59.30 14.30 55.48
N ALA B 582 60.49 14.32 56.09
CA ALA B 582 60.69 13.54 57.31
C ALA B 582 59.79 14.05 58.43
N ARG B 583 59.76 15.38 58.64
CA ARG B 583 58.87 15.94 59.64
C ARG B 583 57.42 15.59 59.35
N LEU B 584 57.04 15.52 58.07
CA LEU B 584 55.68 15.12 57.73
C LEU B 584 55.41 13.68 58.12
N PHE B 585 56.30 12.76 57.74
CA PHE B 585 56.12 11.36 58.09
C PHE B 585 56.13 11.13 59.59
N SER B 586 56.77 12.03 60.34
CA SER B 586 56.88 11.84 61.78
C SER B 586 55.61 12.25 62.53
N VAL B 587 54.74 13.02 61.90
CA VAL B 587 53.46 13.39 62.51
C VAL B 587 52.50 12.22 62.38
N ASP B 588 51.90 11.81 63.51
CA ASP B 588 51.15 10.57 63.55
C ASP B 588 49.92 10.63 62.64
N TRP B 589 49.24 11.78 62.63
CA TRP B 589 48.01 11.92 61.84
C TRP B 589 48.30 11.77 60.36
N TYR B 590 49.27 12.53 59.85
CA TYR B 590 49.60 12.46 58.44
C TYR B 590 50.07 11.06 58.06
N LYS B 591 50.82 10.43 58.95
CA LYS B 591 51.33 9.08 58.68
C LYS B 591 50.19 8.10 58.49
N ASN B 592 49.18 8.15 59.36
CA ASN B 592 48.09 7.19 59.20
C ASN B 592 47.10 7.60 58.10
N ARG B 593 47.09 8.87 57.69
CA ARG B 593 46.21 9.28 56.59
C ARG B 593 46.76 8.88 55.24
N ILE B 594 48.07 8.96 55.04
CA ILE B 594 48.61 8.69 53.71
C ILE B 594 48.62 7.20 53.38
N ASN B 595 48.50 6.34 54.38
CA ASN B 595 48.44 4.88 54.18
C ASN B 595 49.66 4.36 53.43
N GLY B 596 50.84 4.76 53.91
CA GLY B 596 52.09 4.20 53.45
C GLY B 596 52.56 4.61 52.08
N LYS B 597 52.02 5.69 51.53
CA LYS B 597 52.40 6.15 50.20
C LYS B 597 52.55 7.66 50.18
N GLN B 598 53.61 8.12 49.53
CA GLN B 598 53.86 9.55 49.38
C GLN B 598 54.41 9.83 47.99
N GLU B 599 53.89 10.87 47.35
CA GLU B 599 54.34 11.33 46.05
C GLU B 599 54.88 12.73 46.19
N VAL B 600 56.09 12.94 45.69
CA VAL B 600 56.78 14.23 45.69
C VAL B 600 57.07 14.61 44.23
N MET B 601 56.92 15.88 43.92
CA MET B 601 57.14 16.37 42.57
C MET B 601 58.37 17.27 42.50
N ILE B 602 59.12 17.14 41.41
CA ILE B 602 60.29 17.96 41.14
C ILE B 602 60.11 18.60 39.77
N GLY B 603 60.58 19.83 39.63
CA GLY B 603 60.44 20.56 38.39
C GLY B 603 61.78 20.97 37.82
N TYR B 604 62.24 20.25 36.79
CA TYR B 604 63.55 20.53 36.21
CA TYR B 604 63.56 20.53 36.20
C TYR B 604 63.64 21.96 35.68
N SER B 605 62.62 22.38 34.91
CA SER B 605 62.60 23.75 34.40
C SER B 605 62.46 24.76 35.53
N ASP B 606 61.58 24.48 36.49
CA ASP B 606 61.36 25.38 37.61
C ASP B 606 62.66 25.63 38.39
N SER B 607 63.37 24.55 38.76
CA SER B 607 64.60 24.71 39.53
C SER B 607 65.69 25.35 38.69
N GLY B 608 65.73 25.05 37.39
CA GLY B 608 66.72 25.66 36.53
C GLY B 608 66.53 27.16 36.40
N LYS B 609 65.27 27.62 36.40
CA LYS B 609 65.05 29.07 36.33
C LYS B 609 65.64 29.76 37.55
N ASP B 610 65.67 29.06 38.69
CA ASP B 610 66.21 29.63 39.92
C ASP B 610 67.73 29.67 39.88
N ALA B 611 68.37 28.53 39.56
CA ALA B 611 69.81 28.43 39.79
C ALA B 611 70.60 27.88 38.60
N GLY B 612 70.09 27.99 37.38
CA GLY B 612 70.77 27.43 36.24
C GLY B 612 70.51 25.94 36.11
N ARG B 613 70.82 25.40 34.93
CA ARG B 613 70.37 24.04 34.67
C ARG B 613 71.29 22.97 35.26
N LEU B 614 72.62 23.17 35.17
CA LEU B 614 73.55 22.15 35.69
C LEU B 614 73.39 21.96 37.20
N SER B 615 73.24 23.07 37.92
CA SER B 615 73.08 23.01 39.36
C SER B 615 71.75 22.35 39.73
N ALA B 616 70.68 22.68 39.00
CA ALA B 616 69.39 22.07 39.27
C ALA B 616 69.41 20.57 39.01
N ALA B 617 70.16 20.14 37.98
CA ALA B 617 70.25 18.72 37.67
C ALA B 617 70.92 17.96 38.82
N TRP B 618 72.13 18.39 39.19
CA TRP B 618 72.85 17.65 40.23
C TRP B 618 72.08 17.71 41.55
N GLN B 619 71.43 18.85 41.82
CA GLN B 619 70.66 18.98 43.05
C GLN B 619 69.45 18.06 43.04
N LEU B 620 68.87 17.78 41.87
CA LEU B 620 67.71 16.89 41.83
C LEU B 620 68.13 15.43 42.01
N TYR B 621 69.31 15.05 41.51
CA TYR B 621 69.80 13.71 41.81
C TYR B 621 69.99 13.54 43.31
N LYS B 622 70.66 14.50 43.95
CA LYS B 622 70.90 14.36 45.37
C LYS B 622 69.60 14.36 46.17
N ALA B 623 68.66 15.26 45.81
CA ALA B 623 67.40 15.35 46.54
C ALA B 623 66.62 14.04 46.48
N GLN B 624 66.65 13.36 45.33
CA GLN B 624 65.97 12.07 45.27
C GLN B 624 66.69 11.03 46.14
N GLU B 625 68.03 11.02 46.14
CA GLU B 625 68.76 10.12 47.04
C GLU B 625 68.27 10.26 48.48
N GLU B 626 68.25 11.49 48.99
CA GLU B 626 67.91 11.70 50.39
C GLU B 626 66.44 11.37 50.66
N LEU B 627 65.55 11.66 49.70
CA LEU B 627 64.13 11.33 49.90
C LEU B 627 63.93 9.82 49.99
N VAL B 628 64.67 9.05 49.19
CA VAL B 628 64.57 7.59 49.33
C VAL B 628 65.03 7.16 50.70
N LYS B 629 66.12 7.77 51.20
CA LYS B 629 66.57 7.42 52.56
C LYS B 629 65.47 7.67 53.59
N VAL B 630 64.76 8.80 53.49
CA VAL B 630 63.69 9.09 54.43
C VAL B 630 62.57 8.05 54.31
N ALA B 631 62.16 7.76 53.06
CA ALA B 631 61.06 6.83 52.85
C ALA B 631 61.37 5.45 53.41
N LYS B 632 62.62 5.00 53.26
CA LYS B 632 63.00 3.71 53.84
C LYS B 632 62.98 3.77 55.35
N GLU B 633 63.47 4.87 55.93
CA GLU B 633 63.41 5.04 57.38
C GLU B 633 61.99 4.84 57.90
N TYR B 634 61.01 5.51 57.29
CA TYR B 634 59.65 5.47 57.80
C TYR B 634 58.77 4.42 57.14
N GLY B 635 59.32 3.56 56.28
CA GLY B 635 58.51 2.50 55.69
C GLY B 635 57.45 2.99 54.73
N VAL B 636 57.73 4.05 53.99
CA VAL B 636 56.79 4.64 53.04
C VAL B 636 57.29 4.36 51.64
N LYS B 637 56.36 4.06 50.74
CA LYS B 637 56.68 3.81 49.33
C LYS B 637 56.65 5.15 48.60
N LEU B 638 57.81 5.60 48.14
CA LEU B 638 57.94 6.92 47.56
C LEU B 638 57.74 6.87 46.05
N THR B 639 57.04 7.88 45.53
CA THR B 639 56.82 8.04 44.10
C THR B 639 57.31 9.42 43.69
N MET B 640 58.31 9.46 42.81
CA MET B 640 58.84 10.72 42.32
C MET B 640 58.12 11.14 41.05
N PHE B 641 57.49 12.32 41.08
CA PHE B 641 56.79 12.88 39.93
C PHE B 641 57.73 13.84 39.20
N HIS B 642 58.07 13.51 37.95
CA HIS B 642 58.97 14.31 37.14
C HIS B 642 58.16 15.34 36.35
N GLY B 643 58.29 16.61 36.72
CA GLY B 643 57.62 17.67 35.99
C GLY B 643 58.28 17.89 34.64
N ARG B 644 57.91 19.01 34.02
CA ARG B 644 58.43 19.29 32.69
CA ARG B 644 58.42 19.32 32.69
C ARG B 644 59.87 19.80 32.76
N GLY B 645 60.60 19.57 31.67
CA GLY B 645 61.97 20.01 31.55
C GLY B 645 63.02 18.95 31.75
N GLY B 646 62.64 17.72 32.09
CA GLY B 646 63.61 16.72 32.48
C GLY B 646 64.24 15.97 31.32
N THR B 647 65.19 15.11 31.67
CA THR B 647 65.70 14.16 30.69
C THR B 647 64.65 13.11 30.34
N VAL B 648 63.80 12.75 31.30
CA VAL B 648 62.74 11.77 31.06
C VAL B 648 61.55 12.35 30.32
N GLY B 649 61.56 13.65 30.04
CA GLY B 649 60.51 14.27 29.27
C GLY B 649 60.84 14.45 27.81
N ARG B 650 61.97 13.92 27.35
CA ARG B 650 62.38 14.07 25.96
C ARG B 650 61.50 13.21 25.05
N GLY B 651 61.74 13.31 23.75
CA GLY B 651 61.01 12.55 22.78
C GLY B 651 61.82 11.38 22.27
N GLY B 652 61.29 10.17 22.47
CA GLY B 652 61.86 8.99 21.87
C GLY B 652 62.86 8.22 22.70
N GLY B 653 63.88 7.69 22.02
CA GLY B 653 64.86 6.84 22.67
C GLY B 653 65.56 7.39 23.89
N PRO B 654 65.96 8.67 23.90
CA PRO B 654 66.66 9.21 25.08
C PRO B 654 65.97 8.94 26.41
N THR B 655 64.64 8.93 26.43
CA THR B 655 63.92 8.71 27.68
C THR B 655 64.32 7.38 28.31
N HIS B 656 64.57 6.38 27.47
CA HIS B 656 64.94 5.05 27.96
C HIS B 656 66.18 5.12 28.86
N LEU B 657 67.22 5.84 28.41
CA LEU B 657 68.38 5.94 29.28
C LEU B 657 68.12 6.85 30.47
N ALA B 658 67.33 7.90 30.28
CA ALA B 658 67.03 8.82 31.37
C ALA B 658 66.38 8.09 32.54
N ILE B 659 65.41 7.24 32.25
CA ILE B 659 64.79 6.47 33.32
C ILE B 659 65.82 5.56 33.98
N LEU B 660 66.66 4.90 33.17
CA LEU B 660 67.69 4.05 33.75
C LEU B 660 68.69 4.85 34.56
N SER B 661 68.78 6.16 34.34
CA SER B 661 69.79 7.00 34.97
C SER B 661 69.40 7.49 36.37
N GLN B 662 68.12 7.37 36.73
CA GLN B 662 67.65 7.88 38.00
C GLN B 662 68.37 7.18 39.16
N PRO B 663 68.48 7.83 40.32
CA PRO B 663 69.22 7.24 41.42
C PRO B 663 68.59 5.94 41.87
N PRO B 664 69.37 5.02 42.42
CA PRO B 664 68.84 3.71 42.83
C PRO B 664 67.63 3.83 43.75
N ASP B 665 66.62 3.00 43.46
CA ASP B 665 65.43 2.82 44.28
C ASP B 665 64.50 4.03 44.28
N THR B 666 64.70 5.00 43.37
CA THR B 666 63.79 6.14 43.30
C THR B 666 62.52 5.80 42.54
N ILE B 667 62.52 4.72 41.77
CA ILE B 667 61.36 4.36 40.99
C ILE B 667 60.58 3.28 41.75
N ASN B 668 61.20 2.13 41.97
CA ASN B 668 60.62 1.06 42.77
C ASN B 668 59.24 0.66 42.26
N GLY B 669 59.14 0.49 40.94
CA GLY B 669 57.91 0.03 40.34
C GLY B 669 56.80 1.05 40.25
N SER B 670 57.12 2.34 40.36
CA SER B 670 56.11 3.39 40.31
C SER B 670 56.74 4.61 39.65
N LEU B 671 56.50 4.76 38.35
CA LEU B 671 57.03 5.87 37.57
C LEU B 671 55.90 6.83 37.23
N ARG B 672 56.12 8.12 37.46
CA ARG B 672 55.17 9.16 37.09
C ARG B 672 55.92 10.26 36.36
N VAL B 673 55.58 10.48 35.08
CA VAL B 673 56.30 11.39 34.22
C VAL B 673 55.31 12.29 33.50
N THR B 674 55.67 13.57 33.35
CA THR B 674 54.91 14.50 32.54
C THR B 674 55.22 14.27 31.06
N VAL B 675 54.17 14.08 30.26
CA VAL B 675 54.29 14.05 28.81
C VAL B 675 54.08 15.48 28.32
N GLN B 676 55.17 16.15 27.96
CA GLN B 676 55.10 17.55 27.54
C GLN B 676 54.30 17.68 26.24
N GLY B 677 53.49 18.74 26.17
CA GLY B 677 52.62 18.94 25.01
C GLY B 677 53.34 19.09 23.69
N GLU B 678 54.56 19.65 23.72
CA GLU B 678 55.36 19.79 22.51
C GLU B 678 55.96 18.46 22.03
N VAL B 679 55.68 17.35 22.72
CA VAL B 679 56.28 16.06 22.41
C VAL B 679 55.18 15.01 22.21
N ILE B 680 53.96 15.33 22.63
CA ILE B 680 52.91 14.31 22.69
C ILE B 680 52.55 13.78 21.30
N GLU B 681 52.68 14.61 20.26
CA GLU B 681 52.43 14.13 18.90
C GLU B 681 53.54 13.20 18.43
N GLN B 682 54.80 13.54 18.72
CA GLN B 682 55.91 12.66 18.38
C GLN B 682 55.82 11.31 19.08
N SER B 683 55.15 11.25 20.24
CA SER B 683 55.12 10.04 21.05
C SER B 683 53.85 9.22 20.89
N PHE B 684 52.71 9.86 20.61
CA PHE B 684 51.42 9.17 20.54
C PHE B 684 50.63 9.48 19.27
N GLY B 685 51.23 10.16 18.30
CA GLY B 685 50.51 10.49 17.09
C GLY B 685 50.30 9.31 16.17
N GLU B 686 51.24 8.36 16.18
CA GLU B 686 51.24 7.25 15.24
C GLU B 686 51.26 5.92 16.00
N GLU B 687 50.79 4.87 15.31
CA GLU B 687 50.60 3.55 15.89
C GLU B 687 51.91 2.99 16.47
N HIS B 688 52.94 2.89 15.63
CA HIS B 688 54.23 2.35 16.07
C HIS B 688 54.85 3.21 17.16
N LEU B 689 54.85 4.53 16.97
CA LEU B 689 55.39 5.45 17.97
C LEU B 689 54.74 5.23 19.32
N CYS B 690 53.43 5.00 19.34
CA CYS B 690 52.71 4.76 20.59
C CYS B 690 53.20 3.48 21.24
N PHE B 691 53.26 2.38 20.47
CA PHE B 691 53.72 1.12 21.05
C PHE B 691 55.11 1.28 21.65
N ARG B 692 56.02 1.92 20.92
CA ARG B 692 57.41 2.01 21.39
C ARG B 692 57.54 2.92 22.59
N THR B 693 56.72 3.98 22.67
CA THR B 693 56.69 4.81 23.87
C THR B 693 56.31 3.98 25.09
N LEU B 694 55.15 3.31 25.02
CA LEU B 694 54.73 2.47 26.14
C LEU B 694 55.79 1.43 26.48
N GLN B 695 56.43 0.88 25.44
CA GLN B 695 57.40 -0.19 25.66
C GLN B 695 58.62 0.32 26.42
N ARG B 696 59.18 1.46 26.02
CA ARG B 696 60.40 1.90 26.69
C ARG B 696 60.11 2.37 28.11
N PHE B 697 58.96 3.02 28.35
CA PHE B 697 58.62 3.33 29.74
C PHE B 697 58.54 2.05 30.57
N THR B 698 57.87 1.01 30.05
CA THR B 698 57.68 -0.21 30.82
C THR B 698 59.00 -0.95 31.05
N ALA B 699 59.81 -1.08 30.01
CA ALA B 699 61.06 -1.82 30.11
C ALA B 699 62.05 -1.09 31.01
N ALA B 700 62.16 0.23 30.87
CA ALA B 700 63.11 0.96 31.69
C ALA B 700 62.68 0.96 33.15
N THR B 701 61.38 1.09 33.43
CA THR B 701 60.92 1.00 34.80
C THR B 701 61.27 -0.36 35.40
N LEU B 702 60.98 -1.43 34.67
CA LEU B 702 61.24 -2.78 35.16
C LEU B 702 62.73 -2.99 35.41
N GLU B 703 63.56 -2.59 34.45
CA GLU B 703 65.00 -2.81 34.56
C GLU B 703 65.60 -1.98 35.69
N HIS B 704 65.19 -0.73 35.83
CA HIS B 704 65.74 0.12 36.88
C HIS B 704 65.40 -0.43 38.25
N GLY B 705 64.22 -1.05 38.40
CA GLY B 705 63.90 -1.61 39.71
C GLY B 705 64.83 -2.74 40.11
N MET B 706 65.40 -3.46 39.14
CA MET B 706 66.27 -4.60 39.39
C MET B 706 67.74 -4.35 39.09
N ARG B 707 68.09 -3.20 38.50
CA ARG B 707 69.45 -2.97 38.03
C ARG B 707 69.72 -1.47 38.05
N PRO B 708 70.03 -0.92 39.22
CA PRO B 708 70.23 0.52 39.33
C PRO B 708 71.50 0.96 38.62
N PRO B 709 71.60 2.23 38.25
CA PRO B 709 72.85 2.70 37.65
C PRO B 709 73.97 2.61 38.68
N ILE B 710 75.21 2.68 38.19
CA ILE B 710 76.33 2.53 39.10
C ILE B 710 76.28 3.65 40.13
N SER B 711 76.78 3.36 41.32
CA SER B 711 76.84 4.43 42.31
C SER B 711 78.00 5.36 41.97
N PRO B 712 77.80 6.67 42.06
CA PRO B 712 78.84 7.60 41.63
C PRO B 712 80.09 7.51 42.50
N LYS B 713 81.25 7.54 41.84
CA LYS B 713 82.51 7.58 42.55
C LYS B 713 82.57 8.85 43.42
N PRO B 714 83.24 8.79 44.57
CA PRO B 714 83.24 9.95 45.48
C PRO B 714 83.75 11.23 44.84
N GLU B 715 84.79 11.12 44.00
CA GLU B 715 85.33 12.31 43.36
C GLU B 715 84.35 12.90 42.35
N TRP B 716 83.51 12.07 41.74
CA TRP B 716 82.47 12.59 40.86
C TRP B 716 81.48 13.45 41.63
N ARG B 717 81.06 12.98 42.80
CA ARG B 717 80.17 13.77 43.64
C ARG B 717 80.83 15.09 44.04
N ALA B 718 82.10 15.03 44.48
CA ALA B 718 82.77 16.25 44.91
C ALA B 718 82.94 17.23 43.75
N LEU B 719 83.30 16.71 42.58
CA LEU B 719 83.49 17.54 41.41
C LEU B 719 82.19 18.22 41.00
N LEU B 720 81.10 17.46 40.96
CA LEU B 720 79.83 18.07 40.60
C LEU B 720 79.38 19.08 41.64
N ASP B 721 79.70 18.84 42.93
CA ASP B 721 79.37 19.83 43.94
C ASP B 721 80.09 21.14 43.69
N GLU B 722 81.35 21.07 43.25
CA GLU B 722 82.11 22.28 42.94
C GLU B 722 81.53 22.99 41.72
N MET B 723 81.34 22.23 40.63
CA MET B 723 80.81 22.79 39.40
C MET B 723 79.47 23.46 39.62
N ALA B 724 78.65 22.90 40.52
CA ALA B 724 77.35 23.50 40.78
C ALA B 724 77.48 24.89 41.35
N VAL B 725 78.48 25.10 42.21
CA VAL B 725 78.68 26.43 42.79
C VAL B 725 79.11 27.42 41.73
N VAL B 726 80.09 27.03 40.89
CA VAL B 726 80.54 28.00 39.88
C VAL B 726 79.42 28.29 38.88
N ALA B 727 78.65 27.27 38.50
CA ALA B 727 77.59 27.44 37.52
C ALA B 727 76.47 28.32 38.07
N THR B 728 76.11 28.15 39.33
CA THR B 728 75.10 29.04 39.91
C THR B 728 75.63 30.48 39.99
N GLU B 729 76.93 30.62 40.23
CA GLU B 729 77.52 31.97 40.24
C GLU B 729 77.36 32.65 38.88
N GLU B 730 77.75 31.98 37.79
CA GLU B 730 77.64 32.62 36.49
C GLU B 730 76.17 32.90 36.14
N TYR B 731 75.30 31.90 36.36
CA TYR B 731 73.90 32.04 35.97
C TYR B 731 73.24 33.20 36.69
N ARG B 732 73.42 33.27 38.01
CA ARG B 732 72.78 34.33 38.76
C ARG B 732 73.44 35.68 38.51
N SER B 733 74.75 35.70 38.26
CA SER B 733 75.42 36.96 38.00
C SER B 733 74.94 37.58 36.69
N VAL B 734 74.54 36.77 35.72
CA VAL B 734 74.02 37.32 34.49
C VAL B 734 72.53 37.59 34.57
N VAL B 735 71.76 36.63 35.08
CA VAL B 735 70.31 36.75 35.04
C VAL B 735 69.81 37.73 36.08
N PHE B 736 70.37 37.70 37.28
CA PHE B 736 69.81 38.44 38.41
C PHE B 736 70.66 39.63 38.87
N GLN B 737 71.98 39.60 38.65
CA GLN B 737 72.83 40.68 39.16
C GLN B 737 73.06 41.78 38.13
N GLU B 738 73.25 41.42 36.86
CA GLU B 738 73.44 42.40 35.80
C GLU B 738 72.21 43.29 35.70
N PRO B 739 72.35 44.61 35.88
CA PRO B 739 71.14 45.45 35.94
C PRO B 739 70.40 45.54 34.63
N ARG B 740 71.11 45.60 33.52
CA ARG B 740 70.50 45.75 32.21
C ARG B 740 70.19 44.43 31.54
N PHE B 741 70.25 43.31 32.26
CA PHE B 741 69.86 42.04 31.67
C PHE B 741 68.38 42.04 31.30
N VAL B 742 67.53 42.56 32.20
CA VAL B 742 66.09 42.57 31.94
C VAL B 742 65.77 43.45 30.74
N GLU B 743 66.50 44.57 30.60
CA GLU B 743 66.32 45.44 29.44
C GLU B 743 66.67 44.70 28.15
N TYR B 744 67.76 43.94 28.16
CA TYR B 744 68.14 43.15 27.00
C TYR B 744 67.10 42.07 26.71
N PHE B 745 66.66 41.37 27.76
CA PHE B 745 65.65 40.33 27.62
C PHE B 745 64.40 40.86 26.94
N ARG B 746 64.03 42.12 27.20
CA ARG B 746 62.84 42.70 26.59
C ARG B 746 63.06 43.12 25.14
N LEU B 747 64.30 43.16 24.67
CA LEU B 747 64.62 43.58 23.32
C LEU B 747 64.97 42.41 22.39
N ALA B 748 65.91 41.57 22.80
CA ALA B 748 66.44 40.50 21.96
C ALA B 748 65.53 39.28 21.88
N THR B 749 64.30 39.39 22.35
CA THR B 749 63.46 38.22 22.56
C THR B 749 62.01 38.69 22.58
N PRO B 750 61.07 37.85 22.14
CA PRO B 750 59.66 38.29 22.10
C PRO B 750 58.91 38.01 23.39
N GLU B 751 59.59 38.12 24.54
CA GLU B 751 58.96 37.77 25.82
C GLU B 751 57.73 38.63 26.08
N LEU B 752 57.86 39.95 25.89
CA LEU B 752 56.73 40.85 26.13
C LEU B 752 55.57 40.53 25.20
N GLU B 753 55.86 40.34 23.90
CA GLU B 753 54.82 40.04 22.93
C GLU B 753 54.20 38.67 23.19
N TYR B 754 54.91 37.75 23.85
CA TYR B 754 54.36 36.43 24.08
C TYR B 754 53.21 36.48 25.09
N GLY B 755 53.44 37.12 26.23
CA GLY B 755 52.37 37.27 27.19
C GLY B 755 51.26 38.15 26.66
N ARG B 756 51.63 39.30 26.08
CA ARG B 756 50.60 40.20 25.55
C ARG B 756 49.76 39.57 24.46
N MET B 757 50.34 38.64 23.68
CA MET B 757 49.66 38.08 22.50
C MET B 757 48.36 37.38 22.84
N ASN B 758 48.41 36.07 23.11
CA ASN B 758 47.18 35.31 23.27
C ASN B 758 47.42 33.91 23.83
N ILE B 759 48.68 33.50 23.95
CA ILE B 759 49.02 32.11 24.21
C ILE B 759 49.14 31.87 25.71
N GLY B 760 48.62 30.72 26.16
CA GLY B 760 48.75 30.26 27.53
C GLY B 760 47.90 30.97 28.56
N SER B 761 48.52 31.79 29.39
CA SER B 761 47.83 32.47 30.48
C SER B 761 48.59 33.73 30.90
N ARG B 762 49.01 33.78 32.18
CA ARG B 762 49.80 34.90 32.67
C ARG B 762 51.26 34.50 32.85
N PRO B 763 52.22 35.31 32.40
CA PRO B 763 53.63 34.97 32.57
C PRO B 763 54.29 35.55 33.81
N SER B 764 53.61 36.44 34.53
CA SER B 764 54.18 37.06 35.73
C SER B 764 53.26 36.92 36.95
N LYS B 765 53.76 36.24 37.98
CA LYS B 765 53.00 36.04 39.22
N GLY B 770 57.16 42.44 38.58
CA GLY B 770 58.56 42.42 38.97
C GLY B 770 59.52 41.93 37.89
N GLY B 771 60.61 41.29 38.33
CA GLY B 771 61.68 40.81 37.46
C GLY B 771 61.50 39.39 37.00
N ILE B 772 62.63 38.72 36.75
CA ILE B 772 62.61 37.35 36.25
C ILE B 772 62.11 36.39 37.31
N GLU B 773 62.41 36.66 38.59
CA GLU B 773 61.99 35.78 39.67
C GLU B 773 60.50 35.53 39.63
N SER B 774 59.70 36.57 39.37
CA SER B 774 58.26 36.40 39.27
C SER B 774 57.83 35.87 37.90
N LEU B 775 58.70 35.94 36.90
CA LEU B 775 58.41 35.35 35.60
C LEU B 775 58.34 33.83 35.71
N ARG B 776 57.34 33.25 35.07
CA ARG B 776 57.18 31.80 35.11
C ARG B 776 58.27 31.12 34.28
N ALA B 777 58.47 29.83 34.55
CA ALA B 777 59.53 29.10 33.87
C ALA B 777 59.23 28.89 32.40
N ILE B 778 57.97 28.61 32.06
CA ILE B 778 57.61 28.35 30.65
C ILE B 778 57.89 29.56 29.76
N PRO B 779 57.44 30.78 30.08
CA PRO B 779 57.82 31.92 29.23
C PRO B 779 59.32 32.17 29.25
N TRP B 780 59.98 31.87 30.36
CA TRP B 780 61.43 31.98 30.46
C TRP B 780 62.11 31.12 29.40
N ILE B 781 61.71 29.84 29.29
CA ILE B 781 62.32 28.97 28.29
C ILE B 781 61.89 29.37 26.89
N PHE B 782 60.59 29.64 26.72
CA PHE B 782 60.03 29.93 25.39
C PHE B 782 60.70 31.14 24.75
N ALA B 783 60.77 32.24 25.49
CA ALA B 783 61.29 33.49 24.94
C ALA B 783 62.64 33.29 24.28
N TRP B 784 63.53 32.55 24.94
CA TRP B 784 64.86 32.32 24.39
C TRP B 784 64.89 31.17 23.38
N THR B 785 63.92 30.25 23.44
CA THR B 785 63.88 29.20 22.42
C THR B 785 63.48 29.77 21.06
N GLN B 786 62.63 30.80 21.05
CA GLN B 786 62.21 31.41 19.79
C GLN B 786 63.38 32.00 19.02
N THR B 787 64.38 32.52 19.71
CA THR B 787 65.51 33.18 19.06
C THR B 787 66.67 32.21 18.77
N ARG B 788 66.46 30.91 18.92
CA ARG B 788 67.48 29.90 18.65
C ARG B 788 68.73 30.09 19.51
N PHE B 789 68.57 30.68 20.70
CA PHE B 789 69.69 30.95 21.59
C PHE B 789 69.72 30.04 22.80
N HIS B 790 68.58 29.79 23.44
CA HIS B 790 68.42 28.75 24.46
C HIS B 790 69.24 29.05 25.72
N LEU B 791 69.41 30.32 26.04
CA LEU B 791 70.18 30.71 27.22
C LEU B 791 69.76 30.00 28.51
N PRO B 792 68.48 29.83 28.83
CA PRO B 792 68.13 29.14 30.09
C PRO B 792 68.63 27.72 30.18
N VAL B 793 68.95 27.07 29.08
CA VAL B 793 69.31 25.67 29.14
C VAL B 793 70.80 25.47 29.38
N TRP B 794 71.67 26.24 28.71
CA TRP B 794 73.09 25.95 28.76
C TRP B 794 73.87 26.88 29.68
N LEU B 795 73.32 28.04 30.04
CA LEU B 795 74.07 29.02 30.82
C LEU B 795 74.48 28.43 32.17
N GLY B 796 75.77 28.55 32.48
CA GLY B 796 76.36 27.98 33.67
C GLY B 796 77.28 26.81 33.39
N PHE B 797 77.01 26.03 32.34
CA PHE B 797 77.88 24.90 32.01
C PHE B 797 79.29 25.36 31.63
N GLY B 798 79.38 26.45 30.87
CA GLY B 798 80.66 26.94 30.39
C GLY B 798 81.65 27.24 31.49
N SER B 799 81.26 28.12 32.41
CA SER B 799 82.16 28.51 33.49
C SER B 799 82.48 27.34 34.40
N ALA B 800 81.52 26.44 34.61
CA ALA B 800 81.79 25.29 35.48
C ALA B 800 82.88 24.41 34.89
N ILE B 801 82.79 24.10 33.60
CA ILE B 801 83.78 23.21 33.01
C ILE B 801 85.12 23.92 32.86
N ARG B 802 85.08 25.20 32.49
CA ARG B 802 86.32 25.99 32.45
C ARG B 802 87.00 25.98 33.81
N HIS B 803 86.22 26.18 34.87
CA HIS B 803 86.75 26.25 36.22
C HIS B 803 87.43 24.95 36.61
N VAL B 804 86.79 23.81 36.32
CA VAL B 804 87.40 22.57 36.81
C VAL B 804 88.58 22.15 35.95
N ILE B 805 88.54 22.42 34.63
CA ILE B 805 89.71 22.11 33.82
C ILE B 805 90.90 22.95 34.26
N GLU B 806 90.67 24.22 34.58
CA GLU B 806 91.78 25.08 34.98
C GLU B 806 92.31 24.71 36.36
N LYS B 807 91.42 24.32 37.29
CA LYS B 807 91.87 23.97 38.64
C LYS B 807 92.80 22.76 38.61
N ASP B 808 92.51 21.78 37.75
CA ASP B 808 93.34 20.58 37.65
C ASP B 808 93.31 20.09 36.21
N VAL B 809 94.50 19.80 35.66
CA VAL B 809 94.63 19.36 34.28
C VAL B 809 93.82 18.09 34.03
N ARG B 810 93.66 17.26 35.07
CA ARG B 810 93.11 15.92 34.92
C ARG B 810 91.59 15.89 34.99
N ASN B 811 90.96 17.00 35.37
CA ASN B 811 89.51 16.99 35.55
C ASN B 811 88.80 16.74 34.23
N LEU B 812 89.36 17.19 33.11
CA LEU B 812 88.76 16.89 31.83
C LEU B 812 88.61 15.39 31.68
N HIS B 813 89.68 14.64 31.97
CA HIS B 813 89.58 13.19 31.87
C HIS B 813 88.47 12.66 32.78
N MET B 814 88.35 13.22 33.97
CA MET B 814 87.29 12.76 34.87
C MET B 814 85.91 13.06 34.28
N LEU B 815 85.72 14.28 33.76
CA LEU B 815 84.46 14.55 33.08
C LEU B 815 84.22 13.55 31.97
N GLN B 816 85.25 13.27 31.16
CA GLN B 816 85.10 12.33 30.07
C GLN B 816 84.81 10.92 30.57
N ASP B 817 85.29 10.58 31.78
CA ASP B 817 84.93 9.29 32.35
C ASP B 817 83.47 9.28 32.76
N MET B 818 83.00 10.37 33.37
CA MET B 818 81.62 10.40 33.83
C MET B 818 80.66 10.25 32.67
N TYR B 819 80.86 11.05 31.61
CA TYR B 819 80.01 10.96 30.44
C TYR B 819 80.02 9.55 29.84
N GLN B 820 81.12 8.82 30.01
CA GLN B 820 81.16 7.51 29.39
C GLN B 820 80.63 6.40 30.29
N HIS B 821 80.53 6.62 31.60
CA HIS B 821 80.22 5.53 32.49
C HIS B 821 79.15 5.84 33.52
N TRP B 822 78.78 7.10 33.71
CA TRP B 822 77.75 7.47 34.67
C TRP B 822 76.50 7.91 33.92
N PRO B 823 75.44 7.10 33.90
CA PRO B 823 74.27 7.43 33.08
C PRO B 823 73.71 8.83 33.34
N PHE B 824 73.58 9.21 34.62
CA PHE B 824 73.01 10.52 34.95
C PHE B 824 73.75 11.64 34.23
N PHE B 825 75.08 11.61 34.29
CA PHE B 825 75.85 12.69 33.69
C PHE B 825 75.71 12.65 32.18
N ARG B 826 75.75 11.46 31.59
CA ARG B 826 75.64 11.36 30.14
C ARG B 826 74.31 11.91 29.66
N VAL B 827 73.21 11.59 30.34
CA VAL B 827 71.93 12.11 29.87
C VAL B 827 71.84 13.63 30.06
N THR B 828 72.43 14.15 31.14
CA THR B 828 72.41 15.60 31.35
C THR B 828 73.15 16.33 30.24
N ILE B 829 74.36 15.86 29.92
CA ILE B 829 75.14 16.48 28.86
C ILE B 829 74.46 16.26 27.51
N ASP B 830 73.97 15.04 27.26
CA ASP B 830 73.31 14.72 26.01
C ASP B 830 72.15 15.67 25.73
N LEU B 831 71.35 15.95 26.76
CA LEU B 831 70.25 16.90 26.57
C LEU B 831 70.81 18.27 26.20
N ILE B 832 71.88 18.71 26.87
CA ILE B 832 72.47 20.00 26.50
C ILE B 832 72.92 20.00 25.04
N GLU B 833 73.55 18.91 24.60
CA GLU B 833 74.03 18.80 23.23
C GLU B 833 72.88 18.90 22.23
N MET B 834 71.76 18.22 22.52
CA MET B 834 70.60 18.31 21.63
C MET B 834 70.08 19.73 21.56
N VAL B 835 70.05 20.43 22.69
CA VAL B 835 69.58 21.81 22.64
C VAL B 835 70.52 22.68 21.81
N PHE B 836 71.83 22.42 21.89
CA PHE B 836 72.75 23.18 21.07
C PHE B 836 72.54 22.92 19.59
N ALA B 837 72.10 21.72 19.22
CA ALA B 837 71.82 21.46 17.81
C ALA B 837 70.72 22.38 17.28
N LYS B 838 69.75 22.71 18.13
CA LYS B 838 68.67 23.61 17.74
C LYS B 838 69.03 25.08 17.92
N GLY B 839 70.26 25.38 18.31
CA GLY B 839 70.70 26.75 18.52
C GLY B 839 71.53 27.28 17.36
N ASP B 840 71.45 28.60 17.16
CA ASP B 840 72.22 29.27 16.13
C ASP B 840 72.54 30.70 16.57
N PRO B 841 73.79 30.96 16.96
CA PRO B 841 74.13 32.32 17.40
C PRO B 841 74.00 33.38 16.32
N GLY B 842 74.10 33.01 15.04
CA GLY B 842 73.95 34.00 13.98
C GLY B 842 72.55 34.58 13.92
N ILE B 843 71.53 33.73 14.08
CA ILE B 843 70.16 34.21 14.08
C ILE B 843 69.91 35.11 15.28
N ALA B 844 70.39 34.69 16.46
CA ALA B 844 70.26 35.52 17.65
C ALA B 844 70.93 36.87 17.44
N ALA B 845 72.06 36.88 16.73
CA ALA B 845 72.70 38.14 16.40
C ALA B 845 71.81 38.99 15.50
N LEU B 846 71.05 38.35 14.60
CA LEU B 846 70.13 39.12 13.78
C LEU B 846 69.08 39.80 14.65
N TYR B 847 68.54 39.08 15.63
CA TYR B 847 67.61 39.71 16.56
C TYR B 847 68.25 40.91 17.25
N ASP B 848 69.49 40.76 17.70
CA ASP B 848 70.19 41.88 18.33
C ASP B 848 70.29 43.07 17.37
N LYS B 849 70.68 42.81 16.12
CA LYS B 849 70.90 43.90 15.17
C LYS B 849 69.61 44.67 14.90
N LEU B 850 68.47 43.98 14.87
CA LEU B 850 67.23 44.68 14.52
C LEU B 850 66.51 45.28 15.72
N LEU B 851 66.56 44.65 16.90
CA LEU B 851 65.65 44.97 17.99
C LEU B 851 66.31 45.55 19.23
N VAL B 852 67.63 45.55 19.33
CA VAL B 852 68.34 45.88 20.56
C VAL B 852 69.10 47.18 20.39
N SER B 853 69.11 48.01 21.44
CA SER B 853 69.85 49.26 21.45
C SER B 853 71.32 49.00 21.18
N GLU B 854 72.00 50.03 20.66
CA GLU B 854 73.39 49.85 20.26
C GLU B 854 74.31 49.67 21.47
N GLU B 855 74.06 50.40 22.56
CA GLU B 855 74.95 50.28 23.73
C GLU B 855 74.77 48.96 24.45
N LEU B 856 73.75 48.19 24.12
CA LEU B 856 73.57 46.83 24.63
C LEU B 856 74.13 45.77 23.69
N TRP B 857 74.61 46.15 22.51
CA TRP B 857 75.17 45.16 21.59
C TRP B 857 76.34 44.39 22.19
N PRO B 858 77.32 45.01 22.86
CA PRO B 858 78.40 44.19 23.43
C PRO B 858 77.91 43.21 24.46
N PHE B 859 76.86 43.56 25.21
CA PHE B 859 76.29 42.63 26.18
C PHE B 859 75.87 41.34 25.50
N GLY B 860 75.06 41.45 24.44
CA GLY B 860 74.68 40.26 23.72
C GLY B 860 75.88 39.59 23.09
N GLU B 861 76.84 40.38 22.60
CA GLU B 861 78.04 39.79 22.03
C GLU B 861 78.72 38.90 23.07
N LYS B 862 78.84 39.40 24.31
CA LYS B 862 79.47 38.60 25.36
C LYS B 862 78.67 37.32 25.60
N LEU B 863 77.34 37.43 25.68
CA LEU B 863 76.54 36.23 25.88
C LEU B 863 76.76 35.23 24.76
N ARG B 864 76.87 35.71 23.52
CA ARG B 864 77.08 34.78 22.42
C ARG B 864 78.45 34.11 22.55
N ALA B 865 79.47 34.84 22.99
CA ALA B 865 80.76 34.19 23.22
C ALA B 865 80.62 33.08 24.25
N ASN B 866 79.85 33.34 25.31
CA ASN B 866 79.59 32.30 26.30
C ASN B 866 78.97 31.08 25.63
N PHE B 867 77.93 31.33 24.81
CA PHE B 867 77.31 30.26 24.02
C PHE B 867 78.37 29.45 23.29
N GLU B 868 79.29 30.12 22.61
CA GLU B 868 80.26 29.36 21.82
C GLU B 868 81.17 28.55 22.74
N GLU B 869 81.66 29.16 23.81
CA GLU B 869 82.63 28.47 24.67
C GLU B 869 82.02 27.23 25.28
N THR B 870 80.83 27.36 25.88
CA THR B 870 80.13 26.22 26.43
C THR B 870 79.98 25.12 25.39
N LYS B 871 79.66 25.49 24.15
CA LYS B 871 79.47 24.48 23.12
C LYS B 871 80.73 23.66 22.97
N LYS B 872 81.88 24.32 22.81
CA LYS B 872 83.11 23.57 22.64
C LYS B 872 83.37 22.72 23.88
N LEU B 873 83.10 23.27 25.07
CA LEU B 873 83.38 22.52 26.28
C LEU B 873 82.45 21.33 26.39
N ILE B 874 81.16 21.52 26.06
CA ILE B 874 80.26 20.39 26.07
C ILE B 874 80.75 19.32 25.10
N LEU B 875 81.18 19.75 23.91
CA LEU B 875 81.73 18.77 22.97
C LEU B 875 82.92 18.05 23.57
N GLN B 876 83.86 18.80 24.14
CA GLN B 876 85.04 18.18 24.75
C GLN B 876 84.64 17.17 25.80
N THR B 877 83.59 17.47 26.57
CA THR B 877 83.15 16.53 27.60
C THR B 877 82.59 15.25 26.98
N ALA B 878 81.80 15.38 25.92
CA ALA B 878 81.17 14.23 25.30
C ALA B 878 82.10 13.45 24.38
N GLY B 879 83.34 13.89 24.22
CA GLY B 879 84.27 13.22 23.30
C GLY B 879 83.89 13.33 21.85
N HIS B 880 83.23 14.42 21.46
CA HIS B 880 82.71 14.60 20.13
C HIS B 880 83.42 15.76 19.44
N LYS B 881 83.53 15.65 18.11
CA LYS B 881 83.98 16.76 17.29
C LYS B 881 82.83 17.59 16.76
N ASP B 882 81.70 16.95 16.46
CA ASP B 882 80.49 17.63 16.03
C ASP B 882 79.37 17.35 17.02
N LEU B 883 78.34 18.18 16.98
CA LEU B 883 77.18 17.94 17.83
C LEU B 883 76.46 16.67 17.40
N LEU B 884 75.97 15.93 18.40
CA LEU B 884 75.16 14.72 18.19
C LEU B 884 75.91 13.69 17.34
N GLU B 885 77.22 13.61 17.54
CA GLU B 885 78.04 12.68 16.76
C GLU B 885 77.55 11.24 16.92
N GLY B 886 76.96 10.91 18.06
CA GLY B 886 76.52 9.56 18.30
C GLY B 886 75.11 9.23 17.89
N ASP B 887 74.34 10.23 17.43
CA ASP B 887 72.94 10.03 17.03
C ASP B 887 72.72 10.76 15.71
N PRO B 888 73.25 10.22 14.61
CA PRO B 888 73.15 10.92 13.32
C PRO B 888 71.73 11.03 12.79
N TYR B 889 70.84 10.12 13.18
CA TYR B 889 69.46 10.21 12.71
C TYR B 889 68.80 11.48 13.25
N LEU B 890 69.02 11.78 14.53
CA LEU B 890 68.47 12.99 15.12
C LEU B 890 69.14 14.24 14.56
N LYS B 891 70.47 14.22 14.40
CA LYS B 891 71.15 15.33 13.76
C LYS B 891 70.53 15.61 12.39
N GLN B 892 70.27 14.55 11.62
CA GLN B 892 69.70 14.67 10.29
C GLN B 892 68.31 15.32 10.33
N GLY B 893 67.43 14.79 11.17
CA GLY B 893 66.08 15.34 11.23
C GLY B 893 66.05 16.78 11.73
N LEU B 894 66.88 17.08 12.72
CA LEU B 894 66.97 18.44 13.22
C LEU B 894 67.46 19.39 12.14
N ARG B 895 68.45 18.98 11.34
CA ARG B 895 68.91 19.84 10.25
C ARG B 895 67.78 20.11 9.27
N LEU B 896 66.98 19.06 9.00
CA LEU B 896 65.84 19.22 8.10
C LEU B 896 64.86 20.26 8.61
N ARG B 897 64.46 20.15 9.88
CA ARG B 897 63.51 21.13 10.43
C ARG B 897 64.13 22.53 10.47
N ASP B 898 65.40 22.63 10.86
CA ASP B 898 66.04 23.93 11.00
C ASP B 898 66.03 24.71 9.70
N SER B 899 66.12 24.02 8.56
CA SER B 899 66.06 24.74 7.29
C SER B 899 64.74 25.51 7.12
N TYR B 900 63.63 24.99 7.66
CA TYR B 900 62.39 25.74 7.61
C TYR B 900 62.30 26.76 8.75
N ILE B 901 62.78 26.40 9.93
CA ILE B 901 62.63 27.30 11.08
C ILE B 901 63.37 28.61 10.83
N THR B 902 64.54 28.55 10.18
CA THR B 902 65.35 29.75 9.99
C THR B 902 64.59 30.87 9.28
N THR B 903 63.75 30.52 8.29
CA THR B 903 62.98 31.53 7.58
C THR B 903 61.96 32.18 8.51
N LEU B 904 61.32 31.37 9.34
CA LEU B 904 60.39 31.91 10.33
C LEU B 904 61.12 32.76 11.37
N ASN B 905 62.40 32.47 11.64
CA ASN B 905 63.18 33.31 12.54
C ASN B 905 63.37 34.71 11.95
N VAL B 906 63.94 34.78 10.74
CA VAL B 906 64.19 36.08 10.13
C VAL B 906 62.90 36.87 9.95
N CYS B 907 61.83 36.20 9.50
CA CYS B 907 60.54 36.85 9.35
C CYS B 907 60.03 37.38 10.70
N GLN B 908 60.18 36.59 11.77
CA GLN B 908 59.74 37.04 13.08
C GLN B 908 60.53 38.25 13.54
N ALA B 909 61.83 38.25 13.29
CA ALA B 909 62.67 39.36 13.73
C ALA B 909 62.27 40.66 13.05
N TYR B 910 62.18 40.65 11.71
CA TYR B 910 61.81 41.88 11.03
C TYR B 910 60.37 42.29 11.34
N THR B 911 59.48 41.34 11.56
CA THR B 911 58.12 41.66 11.96
C THR B 911 58.08 42.35 13.31
N LEU B 912 58.92 41.88 14.25
CA LEU B 912 59.02 42.56 15.55
C LEU B 912 59.51 43.99 15.38
N LYS B 913 60.53 44.20 14.55
CA LYS B 913 61.00 45.56 14.33
C LYS B 913 59.89 46.42 13.74
N ARG B 914 59.06 45.85 12.85
CA ARG B 914 57.96 46.62 12.25
C ARG B 914 56.89 46.96 13.28
N ILE B 915 56.63 46.07 14.24
CA ILE B 915 55.59 46.35 15.23
C ILE B 915 56.06 47.40 16.21
N ARG B 916 57.25 47.22 16.78
CA ARG B 916 57.70 48.11 17.85
C ARG B 916 58.04 49.51 17.34
N ASP B 917 58.48 49.62 16.08
CA ASP B 917 59.07 50.84 15.53
C ASP B 917 58.29 51.28 14.30
N PRO B 918 57.22 52.07 14.47
CA PRO B 918 56.53 52.64 13.30
C PRO B 918 57.35 53.68 12.54
N SER B 919 58.49 54.12 13.09
CA SER B 919 59.42 54.99 12.40
C SER B 919 60.36 54.23 11.48
N TYR B 920 60.17 52.91 11.33
CA TYR B 920 60.98 52.07 10.46
C TYR B 920 60.15 51.79 9.21
N HIS B 921 60.28 52.68 8.22
CA HIS B 921 59.54 52.57 6.98
C HIS B 921 60.29 51.68 6.00
N VAL B 922 59.54 50.82 5.30
CA VAL B 922 60.12 49.82 4.41
C VAL B 922 59.62 50.08 3.00
N THR B 923 60.46 49.73 2.02
CA THR B 923 60.12 49.86 0.61
C THR B 923 59.31 48.62 0.22
N LEU B 924 57.98 48.77 0.15
CA LEU B 924 57.13 47.62 -0.06
C LEU B 924 57.21 47.10 -1.49
N ARG B 925 56.81 45.83 -1.66
CA ARG B 925 56.72 45.16 -2.94
C ARG B 925 55.27 44.94 -3.31
N PRO B 926 54.95 44.90 -4.61
CA PRO B 926 53.57 44.66 -5.03
C PRO B 926 53.02 43.34 -4.50
N HIS B 927 51.75 43.36 -4.10
CA HIS B 927 51.08 42.19 -3.54
C HIS B 927 51.11 41.02 -4.53
N ILE B 928 51.17 39.80 -3.98
CA ILE B 928 51.32 38.60 -4.78
C ILE B 928 50.06 37.72 -4.70
N SER B 929 49.06 38.04 -5.51
CA SER B 929 47.93 37.19 -5.92
C SER B 929 47.01 36.68 -4.81
N LYS B 930 45.89 36.08 -5.22
CA LYS B 930 44.75 35.79 -4.34
C LYS B 930 45.00 34.64 -3.36
N GLY B 954 47.73 43.28 8.56
CA GLY B 954 47.89 42.80 9.93
C GLY B 954 49.21 42.08 10.18
N LEU B 955 50.12 42.73 10.91
CA LEU B 955 51.40 42.14 11.25
C LEU B 955 51.31 41.22 12.47
N GLU B 956 50.29 41.41 13.31
CA GLU B 956 50.10 40.56 14.47
C GLU B 956 49.92 39.10 14.06
N ASP B 957 49.08 38.85 13.07
CA ASP B 957 48.87 37.48 12.61
C ASP B 957 50.16 36.85 12.13
N THR B 958 51.00 37.63 11.43
CA THR B 958 52.31 37.14 11.02
C THR B 958 53.13 36.72 12.23
N LEU B 959 53.20 37.59 13.24
CA LEU B 959 53.98 37.26 14.44
C LEU B 959 53.49 35.96 15.08
N ILE B 960 52.15 35.82 15.25
CA ILE B 960 51.60 34.62 15.85
C ILE B 960 51.97 33.38 15.03
N LEU B 961 51.85 33.48 13.70
CA LEU B 961 52.27 32.38 12.83
C LEU B 961 53.70 31.97 13.11
N THR B 962 54.63 32.94 13.17
CA THR B 962 56.03 32.59 13.38
C THR B 962 56.26 31.96 14.76
N MET B 963 55.58 32.48 15.79
CA MET B 963 55.73 31.88 17.11
C MET B 963 55.28 30.43 17.09
N LYS B 964 54.04 30.18 16.64
CA LYS B 964 53.53 28.81 16.61
C LYS B 964 54.42 27.90 15.79
N GLY B 965 54.92 28.39 14.65
CA GLY B 965 55.76 27.59 13.79
C GLY B 965 57.09 27.23 14.40
N ILE B 966 57.84 28.25 14.82
CA ILE B 966 59.13 28.03 15.46
C ILE B 966 58.99 27.10 16.65
N ALA B 967 57.94 27.31 17.46
CA ALA B 967 57.69 26.43 18.59
C ALA B 967 57.47 25.00 18.14
N ALA B 968 56.73 24.81 17.03
CA ALA B 968 56.47 23.47 16.52
C ALA B 968 57.69 22.83 15.88
N GLY B 969 58.69 23.62 15.49
CA GLY B 969 59.86 23.06 14.85
C GLY B 969 60.98 22.75 15.82
N LEU B 970 61.04 23.53 16.90
CA LEU B 970 62.05 23.29 17.93
C LEU B 970 61.60 22.29 18.98
N GLN B 971 60.29 22.17 19.20
CA GLN B 971 59.71 21.18 20.11
C GLN B 971 60.33 21.40 21.49
N ASN B 972 60.94 20.39 22.10
CA ASN B 972 61.42 20.47 23.48
C ASN B 972 62.88 20.88 23.54
N THR B 973 63.19 21.74 24.52
CA THR B 973 64.58 22.04 24.85
C THR B 973 64.81 21.80 26.34
N GLY B 974 64.42 22.75 27.18
CA GLY B 974 64.61 22.61 28.61
C GLY B 974 63.42 22.97 29.46
N LEU C 13 -114.39 -22.69 -27.34
CA LEU C 13 -113.13 -21.97 -27.17
C LEU C 13 -113.36 -20.63 -26.46
N GLU C 14 -113.94 -20.69 -25.27
CA GLU C 14 -114.02 -19.56 -24.36
C GLU C 14 -112.81 -19.49 -23.44
N LYS C 15 -111.72 -20.17 -23.80
CA LYS C 15 -110.47 -20.04 -23.07
C LYS C 15 -110.07 -18.58 -22.93
N MET C 16 -110.30 -17.80 -23.99
CA MET C 16 -110.00 -16.38 -23.97
C MET C 16 -110.62 -15.68 -22.76
N ALA C 17 -111.78 -16.14 -22.30
CA ALA C 17 -112.42 -15.49 -21.17
C ALA C 17 -111.58 -15.64 -19.91
N SER C 18 -110.85 -16.74 -19.78
CA SER C 18 -110.06 -16.96 -18.57
C SER C 18 -108.78 -16.14 -18.59
N ILE C 19 -108.07 -16.11 -19.73
CA ILE C 19 -106.81 -15.40 -19.69
C ILE C 19 -107.06 -13.92 -19.50
N ASP C 20 -108.14 -13.38 -20.08
CA ASP C 20 -108.45 -11.98 -19.82
C ASP C 20 -108.60 -11.75 -18.32
N VAL C 21 -109.39 -12.61 -17.67
CA VAL C 21 -109.60 -12.45 -16.23
C VAL C 21 -108.25 -12.48 -15.53
N HIS C 22 -107.42 -13.46 -15.87
CA HIS C 22 -106.15 -13.56 -15.16
C HIS C 22 -105.28 -12.35 -15.45
N LEU C 23 -105.20 -11.92 -16.71
CA LEU C 23 -104.40 -10.73 -16.99
C LEU C 23 -104.95 -9.52 -16.26
N ARG C 24 -106.27 -9.36 -16.25
CA ARG C 24 -106.84 -8.21 -15.57
C ARG C 24 -106.62 -8.29 -14.07
N GLN C 25 -106.55 -9.50 -13.50
CA GLN C 25 -106.23 -9.60 -12.08
C GLN C 25 -104.79 -9.25 -11.81
N LEU C 26 -103.90 -9.51 -12.77
CA LEU C 26 -102.48 -9.20 -12.63
C LEU C 26 -102.24 -7.69 -12.68
N VAL C 27 -102.85 -7.03 -13.66
CA VAL C 27 -102.77 -5.59 -13.85
C VAL C 27 -104.17 -5.02 -13.64
N PRO C 28 -104.56 -4.72 -12.41
CA PRO C 28 -105.96 -4.37 -12.17
C PRO C 28 -106.29 -2.96 -12.59
N GLY C 29 -105.61 -1.97 -12.02
CA GLY C 29 -105.90 -0.59 -12.35
C GLY C 29 -105.40 -0.23 -13.74
N LYS C 30 -105.61 1.04 -14.07
CA LYS C 30 -105.12 1.62 -15.31
C LYS C 30 -104.10 2.71 -14.95
N VAL C 31 -102.85 2.52 -15.39
CA VAL C 31 -101.82 3.51 -15.13
C VAL C 31 -102.03 4.80 -15.92
N SER C 32 -103.01 4.82 -16.81
CA SER C 32 -103.45 6.00 -17.55
C SER C 32 -104.81 5.69 -18.15
N GLU C 33 -105.10 6.18 -19.36
CA GLU C 33 -106.25 5.67 -20.10
C GLU C 33 -105.93 5.35 -21.55
N ASP C 34 -104.73 5.63 -22.02
CA ASP C 34 -104.17 4.93 -23.18
C ASP C 34 -103.41 3.68 -22.74
N ASP C 35 -103.79 3.11 -21.61
CA ASP C 35 -103.18 1.90 -21.05
C ASP C 35 -103.82 0.70 -21.71
N LYS C 36 -103.18 0.22 -22.78
CA LYS C 36 -103.66 -0.93 -23.53
C LYS C 36 -102.79 -2.17 -23.33
N LEU C 37 -102.00 -2.22 -22.25
CA LEU C 37 -101.04 -3.30 -22.07
C LEU C 37 -101.73 -4.64 -21.89
N VAL C 38 -102.76 -4.68 -21.03
CA VAL C 38 -103.51 -5.93 -20.83
C VAL C 38 -104.18 -6.37 -22.13
N GLU C 39 -104.77 -5.42 -22.86
CA GLU C 39 -105.34 -5.75 -24.16
C GLU C 39 -104.29 -6.36 -25.08
N TYR C 40 -103.13 -5.70 -25.21
CA TYR C 40 -102.07 -6.17 -26.08
C TYR C 40 -101.66 -7.60 -25.72
N ASP C 41 -101.30 -7.83 -24.46
CA ASP C 41 -100.79 -9.14 -24.09
C ASP C 41 -101.86 -10.20 -24.16
N ALA C 42 -103.11 -9.83 -23.89
CA ALA C 42 -104.20 -10.79 -24.08
C ALA C 42 -104.32 -11.19 -25.54
N LEU C 43 -104.19 -10.23 -26.45
CA LEU C 43 -104.26 -10.54 -27.87
C LEU C 43 -103.11 -11.44 -28.31
N LEU C 44 -101.88 -11.06 -27.98
CA LEU C 44 -100.71 -11.85 -28.35
C LEU C 44 -100.78 -13.25 -27.76
N LEU C 45 -101.24 -13.35 -26.51
CA LEU C 45 -101.28 -14.65 -25.84
C LEU C 45 -102.38 -15.52 -26.40
N ASP C 46 -103.54 -14.95 -26.72
CA ASP C 46 -104.59 -15.72 -27.37
C ASP C 46 -104.09 -16.27 -28.69
N ARG C 47 -103.49 -15.42 -29.52
CA ARG C 47 -103.05 -15.87 -30.83
C ARG C 47 -101.97 -16.95 -30.69
N PHE C 48 -101.05 -16.75 -29.73
CA PHE C 48 -100.00 -17.74 -29.52
C PHE C 48 -100.58 -19.08 -29.10
N LEU C 49 -101.45 -19.09 -28.10
CA LEU C 49 -102.01 -20.35 -27.62
C LEU C 49 -102.81 -21.06 -28.72
N ASP C 50 -103.44 -20.31 -29.62
CA ASP C 50 -104.08 -20.96 -30.77
C ASP C 50 -103.04 -21.63 -31.65
N ILE C 51 -101.92 -20.95 -31.92
CA ILE C 51 -100.86 -21.56 -32.71
C ILE C 51 -100.36 -22.82 -32.03
N LEU C 52 -100.18 -22.76 -30.70
CA LEU C 52 -99.70 -23.90 -29.93
C LEU C 52 -100.67 -25.07 -30.02
N GLN C 53 -101.97 -24.78 -29.96
CA GLN C 53 -102.97 -25.84 -30.12
C GLN C 53 -102.91 -26.45 -31.51
N ASP C 54 -102.78 -25.62 -32.55
CA ASP C 54 -102.75 -26.15 -33.91
C ASP C 54 -101.50 -26.99 -34.17
N LEU C 55 -100.38 -26.66 -33.54
CA LEU C 55 -99.15 -27.39 -33.82
C LEU C 55 -98.94 -28.60 -32.92
N HIS C 56 -99.28 -28.51 -31.63
CA HIS C 56 -98.99 -29.58 -30.68
C HIS C 56 -100.22 -30.09 -29.94
N GLY C 57 -101.41 -29.67 -30.32
CA GLY C 57 -102.58 -30.35 -29.83
C GLY C 57 -103.29 -29.62 -28.70
N GLU C 58 -104.53 -30.06 -28.47
CA GLU C 58 -105.39 -29.46 -27.47
C GLU C 58 -104.90 -29.77 -26.06
N ASP C 59 -104.38 -30.98 -25.84
CA ASP C 59 -103.91 -31.31 -24.49
C ASP C 59 -102.72 -30.46 -24.11
N LEU C 60 -101.74 -30.33 -25.01
CA LEU C 60 -100.57 -29.50 -24.72
C LEU C 60 -100.99 -28.06 -24.46
N ARG C 61 -101.90 -27.53 -25.29
CA ARG C 61 -102.34 -26.15 -25.08
C ARG C 61 -102.99 -25.99 -23.71
N GLU C 62 -103.85 -26.96 -23.32
CA GLU C 62 -104.52 -26.88 -22.02
C GLU C 62 -103.52 -26.94 -20.87
N THR C 63 -102.51 -27.81 -20.98
CA THR C 63 -101.50 -27.88 -19.94
C THR C 63 -100.80 -26.53 -19.78
N VAL C 64 -100.42 -25.92 -20.89
CA VAL C 64 -99.72 -24.64 -20.82
C VAL C 64 -100.60 -23.58 -20.18
N GLN C 65 -101.89 -23.53 -20.56
CA GLN C 65 -102.74 -22.48 -20.01
C GLN C 65 -103.02 -22.70 -18.52
N GLU C 66 -103.17 -23.96 -18.09
CA GLU C 66 -103.32 -24.22 -16.67
C GLU C 66 -102.10 -23.71 -15.90
N LEU C 67 -100.91 -23.93 -16.46
CA LEU C 67 -99.70 -23.45 -15.81
C LEU C 67 -99.66 -21.92 -15.73
N TYR C 68 -99.98 -21.23 -16.84
CA TYR C 68 -99.91 -19.78 -16.80
C TYR C 68 -100.89 -19.20 -15.78
N GLU C 69 -102.12 -19.71 -15.75
CA GLU C 69 -103.08 -19.20 -14.78
C GLU C 69 -102.58 -19.40 -13.35
N HIS C 70 -102.00 -20.58 -13.05
CA HIS C 70 -101.48 -20.79 -11.70
C HIS C 70 -100.34 -19.82 -11.40
N SER C 71 -99.47 -19.56 -12.38
CA SER C 71 -98.36 -18.63 -12.17
C SER C 71 -98.85 -17.22 -11.89
N ALA C 72 -99.84 -16.74 -12.64
CA ALA C 72 -100.34 -15.38 -12.46
C ALA C 72 -101.05 -15.22 -11.12
N GLU C 73 -101.85 -16.22 -10.74
CA GLU C 73 -102.43 -16.20 -9.40
C GLU C 73 -101.33 -16.12 -8.34
N TYR C 74 -100.21 -16.80 -8.58
CA TYR C 74 -99.11 -16.74 -7.62
C TYR C 74 -98.54 -15.34 -7.55
N GLU C 75 -98.25 -14.73 -8.69
CA GLU C 75 -97.76 -13.36 -8.66
C GLU C 75 -98.78 -12.39 -8.09
N GLY C 76 -100.03 -12.83 -7.93
CA GLY C 76 -101.01 -12.02 -7.23
C GLY C 76 -100.87 -12.14 -5.74
N LYS C 77 -101.17 -13.32 -5.18
CA LYS C 77 -101.22 -13.41 -3.72
C LYS C 77 -100.05 -14.17 -3.10
N HIS C 78 -99.14 -14.73 -3.90
CA HIS C 78 -97.97 -15.46 -3.41
C HIS C 78 -98.34 -16.59 -2.47
N GLU C 79 -99.41 -17.30 -2.81
CA GLU C 79 -99.80 -18.49 -2.06
C GLU C 79 -98.82 -19.62 -2.37
N PRO C 80 -98.16 -20.20 -1.37
CA PRO C 80 -97.19 -21.27 -1.68
C PRO C 80 -97.79 -22.47 -2.38
N LYS C 81 -99.10 -22.71 -2.22
CA LYS C 81 -99.71 -23.84 -2.89
C LYS C 81 -99.57 -23.74 -4.40
N LYS C 82 -99.62 -22.52 -4.95
CA LYS C 82 -99.50 -22.37 -6.39
C LYS C 82 -98.17 -22.91 -6.91
N LEU C 83 -97.09 -22.77 -6.14
CA LEU C 83 -95.79 -23.26 -6.59
C LEU C 83 -95.75 -24.77 -6.61
N GLU C 84 -96.38 -25.41 -5.63
CA GLU C 84 -96.45 -26.87 -5.64
C GLU C 84 -97.36 -27.37 -6.76
N GLU C 85 -98.39 -26.59 -7.10
CA GLU C 85 -99.25 -26.96 -8.22
C GLU C 85 -98.49 -26.90 -9.53
N LEU C 86 -97.67 -25.86 -9.72
CA LEU C 86 -96.80 -25.82 -10.88
C LEU C 86 -95.82 -27.00 -10.87
N GLY C 87 -95.21 -27.27 -9.73
CA GLY C 87 -94.18 -28.28 -9.67
C GLY C 87 -94.70 -29.68 -9.95
N SER C 88 -95.88 -30.00 -9.42
CA SER C 88 -96.45 -31.32 -9.64
C SER C 88 -96.58 -31.61 -11.14
N VAL C 89 -97.01 -30.61 -11.91
CA VAL C 89 -97.13 -30.78 -13.35
C VAL C 89 -95.75 -30.85 -14.01
N LEU C 90 -94.85 -29.95 -13.61
CA LEU C 90 -93.60 -29.81 -14.37
C LEU C 90 -92.68 -31.00 -14.14
N THR C 91 -92.76 -31.69 -13.00
CA THR C 91 -91.93 -32.87 -12.80
C THR C 91 -92.44 -34.06 -13.58
N SER C 92 -93.75 -34.13 -13.82
CA SER C 92 -94.36 -35.26 -14.51
C SER C 92 -94.22 -35.19 -16.03
N LEU C 93 -93.53 -34.18 -16.56
CA LEU C 93 -93.35 -34.06 -18.00
C LEU C 93 -92.09 -34.80 -18.43
N ASP C 94 -92.23 -35.71 -19.40
CA ASP C 94 -91.06 -36.31 -20.02
C ASP C 94 -90.29 -35.21 -20.76
N PRO C 95 -89.01 -35.44 -21.05
CA PRO C 95 -88.21 -34.37 -21.66
C PRO C 95 -88.82 -33.72 -22.90
N GLY C 96 -89.59 -34.44 -23.72
CA GLY C 96 -90.22 -33.81 -24.87
C GLY C 96 -91.19 -32.71 -24.48
N ASP C 97 -92.13 -33.04 -23.60
CA ASP C 97 -93.07 -32.04 -23.09
C ASP C 97 -92.33 -30.94 -22.34
N SER C 98 -91.27 -31.30 -21.60
CA SER C 98 -90.49 -30.29 -20.91
C SER C 98 -89.93 -29.28 -21.88
N ILE C 99 -89.42 -29.75 -23.02
CA ILE C 99 -88.88 -28.81 -24.01
C ILE C 99 -89.99 -27.95 -24.58
N VAL C 100 -91.16 -28.55 -24.89
CA VAL C 100 -92.19 -27.76 -25.53
C VAL C 100 -92.77 -26.72 -24.57
N ILE C 101 -92.97 -27.09 -23.30
CA ILE C 101 -93.49 -26.15 -22.32
C ILE C 101 -92.50 -25.03 -22.07
N ALA C 102 -91.21 -25.36 -21.93
CA ALA C 102 -90.22 -24.33 -21.67
C ALA C 102 -90.10 -23.37 -22.84
N LYS C 103 -90.00 -23.91 -24.06
CA LYS C 103 -89.98 -23.07 -25.26
C LYS C 103 -91.19 -22.15 -25.29
N ALA C 104 -92.37 -22.72 -24.99
CA ALA C 104 -93.60 -21.95 -25.05
C ALA C 104 -93.58 -20.79 -24.06
N PHE C 105 -93.14 -21.04 -22.83
CA PHE C 105 -93.12 -19.94 -21.87
C PHE C 105 -92.04 -18.91 -22.19
N SER C 106 -90.96 -19.32 -22.85
CA SER C 106 -89.99 -18.34 -23.32
C SER C 106 -90.65 -17.38 -24.30
N HIS C 107 -91.38 -17.94 -25.29
CA HIS C 107 -91.97 -17.08 -26.31
C HIS C 107 -93.13 -16.26 -25.77
N MET C 108 -93.87 -16.80 -24.80
CA MET C 108 -94.90 -16.02 -24.15
C MET C 108 -94.32 -14.82 -23.44
N LEU C 109 -93.22 -15.03 -22.73
CA LEU C 109 -92.55 -13.91 -22.06
C LEU C 109 -92.05 -12.89 -23.09
N ASN C 110 -91.42 -13.35 -24.17
CA ASN C 110 -91.00 -12.40 -25.21
C ASN C 110 -92.17 -11.55 -25.69
N LEU C 111 -93.34 -12.19 -25.86
CA LEU C 111 -94.51 -11.44 -26.33
C LEU C 111 -94.95 -10.41 -25.29
N ALA C 112 -94.87 -10.74 -24.01
CA ALA C 112 -95.19 -9.75 -22.98
C ALA C 112 -94.23 -8.57 -23.07
N ASN C 113 -92.95 -8.83 -23.31
CA ASN C 113 -92.00 -7.72 -23.51
C ASN C 113 -92.40 -6.86 -24.70
N LEU C 114 -92.80 -7.49 -25.81
CA LEU C 114 -93.16 -6.69 -26.99
C LEU C 114 -94.37 -5.83 -26.71
N ALA C 115 -95.38 -6.38 -26.02
CA ALA C 115 -96.52 -5.56 -25.64
C ALA C 115 -96.07 -4.37 -24.80
N GLU C 116 -95.16 -4.62 -23.85
CA GLU C 116 -94.67 -3.55 -23.00
C GLU C 116 -93.95 -2.47 -23.80
N GLU C 117 -93.12 -2.86 -24.76
CA GLU C 117 -92.43 -1.88 -25.59
C GLU C 117 -93.42 -1.04 -26.39
N VAL C 118 -94.43 -1.67 -26.98
CA VAL C 118 -95.42 -0.89 -27.73
C VAL C 118 -96.13 0.10 -26.82
N GLN C 119 -96.52 -0.37 -25.62
CA GLN C 119 -97.15 0.53 -24.66
C GLN C 119 -96.26 1.71 -24.34
N ILE C 120 -94.96 1.46 -24.14
CA ILE C 120 -94.04 2.54 -23.80
C ILE C 120 -93.93 3.52 -24.96
N ALA C 121 -93.84 3.00 -26.18
CA ALA C 121 -93.59 3.86 -27.33
C ALA C 121 -94.79 4.72 -27.68
N TYR C 122 -96.00 4.24 -27.38
CA TYR C 122 -97.19 5.00 -27.72
C TYR C 122 -97.92 5.56 -26.50
N ARG C 123 -97.32 5.49 -25.32
CA ARG C 123 -97.94 6.10 -24.14
C ARG C 123 -97.81 7.62 -24.23
N ARG C 124 -98.94 8.31 -24.13
CA ARG C 124 -98.96 9.77 -24.19
C ARG C 124 -98.34 10.36 -22.94
N ARG C 125 -97.53 11.39 -23.12
CA ARG C 125 -96.91 12.09 -22.00
C ARG C 125 -97.94 13.00 -21.30
N ILE C 126 -97.66 13.35 -20.05
CA ILE C 126 -98.57 14.13 -19.23
C ILE C 126 -97.83 15.38 -18.77
N LYS C 127 -98.28 16.54 -19.26
CA LYS C 127 -97.67 17.80 -18.82
C LYS C 127 -98.06 18.13 -17.38
N LYS C 128 -99.29 17.80 -16.99
CA LYS C 128 -99.81 18.15 -15.67
C LYS C 128 -99.32 17.23 -14.56
N LEU C 129 -98.64 16.14 -14.89
CA LEU C 129 -98.12 15.22 -13.87
C LEU C 129 -96.73 15.60 -13.37
N LYS C 130 -96.08 16.55 -14.03
CA LYS C 130 -94.77 17.00 -13.58
C LYS C 130 -94.88 17.72 -12.24
N LYS C 131 -93.99 17.37 -11.31
CA LYS C 131 -93.94 18.03 -10.00
C LYS C 131 -93.05 19.26 -9.99
N GLY C 132 -92.11 19.37 -10.92
CA GLY C 132 -91.24 20.52 -11.05
C GLY C 132 -89.83 20.35 -10.52
N ASP C 133 -89.48 19.20 -9.98
CA ASP C 133 -88.15 18.94 -9.43
C ASP C 133 -87.49 17.80 -10.21
N PHE C 134 -86.39 17.29 -9.68
CA PHE C 134 -85.61 16.29 -10.41
C PHE C 134 -86.22 14.90 -10.39
N VAL C 135 -87.15 14.64 -9.47
CA VAL C 135 -87.76 13.32 -9.40
C VAL C 135 -88.48 13.00 -10.69
N ASP C 136 -89.03 14.02 -11.36
CA ASP C 136 -89.69 13.81 -12.64
C ASP C 136 -88.77 13.15 -13.65
N GLU C 137 -87.46 13.38 -13.54
CA GLU C 137 -86.54 12.82 -14.51
C GLU C 137 -86.27 11.34 -14.29
N SER C 138 -87.04 10.66 -13.44
CA SER C 138 -86.78 9.25 -13.23
C SER C 138 -87.75 8.34 -13.98
N SER C 139 -88.67 8.91 -14.76
CA SER C 139 -89.65 8.13 -15.51
C SER C 139 -89.90 8.78 -16.87
N ALA C 140 -90.06 7.95 -17.89
CA ALA C 140 -90.26 8.49 -19.24
C ALA C 140 -91.56 9.26 -19.38
N THR C 141 -92.56 8.96 -18.55
CA THR C 141 -93.82 9.68 -18.66
C THR C 141 -93.72 11.12 -18.15
N THR C 142 -92.71 11.42 -17.33
CA THR C 142 -92.56 12.76 -16.79
C THR C 142 -91.22 13.41 -17.07
N GLU C 143 -90.26 12.68 -17.65
CA GLU C 143 -88.93 13.24 -17.86
C GLU C 143 -88.99 14.44 -18.81
N SER C 144 -87.95 15.26 -18.76
CA SER C 144 -87.86 16.44 -19.61
C SER C 144 -87.38 16.05 -21.00
N ASP C 145 -88.14 16.45 -22.02
CA ASP C 145 -87.65 16.28 -23.38
C ASP C 145 -86.63 17.39 -23.66
N LEU C 146 -86.14 17.40 -24.90
CA LEU C 146 -85.08 18.32 -25.28
C LEU C 146 -85.48 19.79 -25.06
N GLU C 147 -86.67 20.15 -25.52
CA GLU C 147 -87.06 21.55 -25.45
C GLU C 147 -87.40 21.96 -24.02
N GLU C 148 -87.99 21.05 -23.24
CA GLU C 148 -88.22 21.34 -21.83
C GLU C 148 -86.90 21.52 -21.08
N THR C 149 -85.89 20.73 -21.44
CA THR C 149 -84.56 20.94 -20.88
C THR C 149 -84.00 22.30 -21.25
N PHE C 150 -84.22 22.72 -22.49
CA PHE C 150 -83.76 24.06 -22.89
C PHE C 150 -84.43 25.12 -22.05
N LYS C 151 -85.74 25.02 -21.86
CA LYS C 151 -86.43 26.06 -21.13
C LYS C 151 -86.05 26.03 -19.64
N LYS C 152 -85.68 24.86 -19.13
CA LYS C 152 -85.18 24.79 -17.76
C LYS C 152 -83.83 25.49 -17.64
N LEU C 153 -82.97 25.35 -18.65
CA LEU C 153 -81.69 26.04 -18.59
C LEU C 153 -81.85 27.54 -18.78
N VAL C 154 -82.84 27.96 -19.56
CA VAL C 154 -82.97 29.38 -19.87
C VAL C 154 -83.65 30.13 -18.72
N GLY C 155 -84.68 29.54 -18.13
CA GLY C 155 -85.42 30.26 -17.11
C GLY C 155 -84.82 30.17 -15.72
N ASP C 156 -84.57 28.95 -15.27
CA ASP C 156 -84.20 28.74 -13.87
C ASP C 156 -82.71 28.98 -13.63
N LEU C 157 -81.86 28.64 -14.58
CA LEU C 157 -80.41 28.76 -14.42
C LEU C 157 -79.82 29.97 -15.11
N ASN C 158 -80.63 30.75 -15.86
CA ASN C 158 -80.19 31.99 -16.50
C ASN C 158 -79.04 31.76 -17.48
N LYS C 159 -79.07 30.63 -18.19
CA LYS C 159 -78.13 30.39 -19.28
C LYS C 159 -78.68 30.95 -20.57
N SER C 160 -77.80 31.56 -21.37
CA SER C 160 -78.21 32.17 -22.63
C SER C 160 -78.30 31.11 -23.72
N PRO C 161 -79.18 31.31 -24.71
CA PRO C 161 -79.25 30.32 -25.79
C PRO C 161 -77.91 30.12 -26.46
N GLU C 162 -77.13 31.18 -26.64
CA GLU C 162 -75.79 31.02 -27.20
C GLU C 162 -74.97 30.05 -26.39
N GLU C 163 -75.05 30.12 -25.05
CA GLU C 163 -74.26 29.22 -24.21
C GLU C 163 -74.74 27.78 -24.35
N ILE C 164 -76.05 27.57 -24.42
CA ILE C 164 -76.59 26.23 -24.61
C ILE C 164 -76.11 25.65 -25.93
N PHE C 165 -76.18 26.47 -26.98
CA PHE C 165 -75.74 26.03 -28.30
C PHE C 165 -74.27 25.65 -28.29
N ASP C 166 -73.44 26.48 -27.65
CA ASP C 166 -72.02 26.20 -27.59
C ASP C 166 -71.76 24.93 -26.82
N ALA C 167 -72.54 24.67 -25.77
CA ALA C 167 -72.37 23.42 -25.03
C ALA C 167 -72.67 22.23 -25.93
N LEU C 168 -73.75 22.31 -26.72
CA LEU C 168 -74.13 21.21 -27.59
C LEU C 168 -73.08 20.94 -28.66
N LYS C 169 -72.53 21.99 -29.27
CA LYS C 169 -71.48 21.82 -30.29
C LYS C 169 -70.38 20.87 -29.81
N ASN C 170 -69.94 21.03 -28.56
CA ASN C 170 -68.79 20.33 -28.01
C ASN C 170 -69.16 19.14 -27.14
N GLN C 171 -70.44 18.82 -27.07
CA GLN C 171 -70.89 17.66 -26.31
C GLN C 171 -70.73 16.40 -27.13
N THR C 172 -70.40 15.30 -26.46
CA THR C 172 -70.38 13.99 -27.09
C THR C 172 -70.96 12.99 -26.11
N VAL C 173 -71.95 12.24 -26.57
CA VAL C 173 -72.46 11.06 -25.90
C VAL C 173 -71.93 9.85 -26.67
N ASP C 174 -71.20 8.97 -25.99
CA ASP C 174 -70.54 7.83 -26.61
C ASP C 174 -71.14 6.56 -26.01
N LEU C 175 -71.98 5.87 -26.77
CA LEU C 175 -72.66 4.67 -26.29
C LEU C 175 -71.91 3.43 -26.74
N VAL C 176 -71.57 2.55 -25.80
CA VAL C 176 -70.71 1.40 -26.04
C VAL C 176 -71.53 0.11 -25.95
N LEU C 177 -71.64 -0.59 -27.08
CA LEU C 177 -72.38 -1.84 -27.23
C LEU C 177 -71.48 -3.00 -26.82
N THR C 178 -71.92 -3.77 -25.83
CA THR C 178 -71.17 -4.90 -25.32
C THR C 178 -71.96 -6.19 -25.53
N ALA C 179 -71.24 -7.29 -25.50
CA ALA C 179 -71.84 -8.59 -25.77
C ALA C 179 -72.85 -8.95 -24.68
N HIS C 180 -73.89 -9.67 -25.11
CA HIS C 180 -74.94 -10.13 -24.22
C HIS C 180 -74.39 -11.19 -23.26
N PRO C 181 -74.64 -11.09 -21.96
CA PRO C 181 -74.20 -12.14 -21.03
C PRO C 181 -74.81 -13.51 -21.29
N THR C 182 -75.80 -13.61 -22.19
CA THR C 182 -76.38 -14.90 -22.56
C THR C 182 -76.65 -14.95 -24.06
N GLN C 183 -77.91 -15.08 -24.43
CA GLN C 183 -78.32 -15.17 -25.83
C GLN C 183 -78.28 -13.78 -26.45
N SER C 184 -77.22 -13.50 -27.18
CA SER C 184 -77.20 -12.32 -28.05
C SER C 184 -78.19 -12.60 -29.17
N VAL C 185 -79.39 -12.04 -29.04
CA VAL C 185 -80.51 -12.45 -29.87
C VAL C 185 -80.18 -12.23 -31.35
N ARG C 186 -80.44 -13.27 -32.15
CA ARG C 186 -80.10 -13.25 -33.57
C ARG C 186 -80.87 -12.17 -34.31
N ARG C 187 -80.24 -11.62 -35.36
CA ARG C 187 -80.82 -10.54 -36.15
C ARG C 187 -82.19 -10.92 -36.71
N SER C 188 -82.37 -12.20 -37.06
CA SER C 188 -83.65 -12.66 -37.60
C SER C 188 -84.76 -12.48 -36.58
N LEU C 189 -84.48 -12.82 -35.32
CA LEU C 189 -85.52 -12.75 -34.29
C LEU C 189 -85.84 -11.31 -33.93
N LEU C 190 -84.83 -10.42 -33.94
CA LEU C 190 -85.11 -9.00 -33.80
C LEU C 190 -86.09 -8.54 -34.86
N GLN C 191 -85.86 -8.93 -36.12
CA GLN C 191 -86.76 -8.50 -37.18
C GLN C 191 -88.18 -9.05 -36.97
N LYS C 192 -88.29 -10.30 -36.52
CA LYS C 192 -89.62 -10.84 -36.23
C LYS C 192 -90.31 -10.07 -35.11
N HIS C 193 -89.57 -9.79 -34.03
CA HIS C 193 -90.13 -8.96 -32.96
C HIS C 193 -90.60 -7.62 -33.51
N GLY C 194 -89.82 -7.04 -34.42
CA GLY C 194 -90.25 -5.80 -35.05
C GLY C 194 -91.58 -5.93 -35.76
N ARG C 195 -91.73 -6.99 -36.56
CA ARG C 195 -93.00 -7.15 -37.27
C ARG C 195 -94.16 -7.36 -36.30
N ILE C 196 -93.92 -8.08 -35.20
CA ILE C 196 -94.98 -8.27 -34.21
C ILE C 196 -95.38 -6.94 -33.59
N ARG C 197 -94.40 -6.12 -33.18
CA ARG C 197 -94.71 -4.81 -32.62
C ARG C 197 -95.46 -3.93 -33.62
N ASP C 198 -95.04 -3.97 -34.89
CA ASP C 198 -95.69 -3.13 -35.90
C ASP C 198 -97.14 -3.55 -36.12
N CYS C 199 -97.38 -4.86 -36.25
CA CYS C 199 -98.74 -5.35 -36.43
C CYS C 199 -99.61 -5.00 -35.23
N LEU C 200 -99.07 -5.19 -34.03
CA LEU C 200 -99.80 -4.85 -32.82
C LEU C 200 -100.23 -3.39 -32.86
N ALA C 201 -99.26 -2.50 -33.04
CA ALA C 201 -99.56 -1.07 -33.03
C ALA C 201 -100.59 -0.72 -34.10
N GLN C 202 -100.47 -1.32 -35.29
CA GLN C 202 -101.37 -0.92 -36.37
C GLN C 202 -102.80 -1.42 -36.14
N LEU C 203 -102.97 -2.57 -35.48
CA LEU C 203 -104.31 -3.07 -35.21
C LEU C 203 -105.12 -2.12 -34.33
N TYR C 204 -104.46 -1.25 -33.56
CA TYR C 204 -105.19 -0.35 -32.67
C TYR C 204 -105.26 1.06 -33.22
N ALA C 205 -104.92 1.24 -34.50
CA ALA C 205 -105.15 2.52 -35.16
C ALA C 205 -106.65 2.82 -35.20
N LYS C 206 -107.03 3.97 -34.65
CA LYS C 206 -108.45 4.32 -34.48
C LYS C 206 -109.13 4.74 -35.78
N ASP C 207 -108.86 4.04 -36.87
CA ASP C 207 -109.47 4.41 -38.15
C ASP C 207 -109.41 3.26 -39.15
N ILE C 208 -109.04 2.07 -38.69
CA ILE C 208 -108.63 1.03 -39.62
C ILE C 208 -109.84 0.32 -40.19
N THR C 209 -109.72 -0.12 -41.44
CA THR C 209 -110.81 -0.74 -42.16
C THR C 209 -110.90 -2.22 -41.80
N PRO C 210 -112.06 -2.85 -42.03
CA PRO C 210 -112.20 -4.27 -41.67
C PRO C 210 -111.24 -5.17 -42.41
N ASP C 211 -111.02 -4.96 -43.71
CA ASP C 211 -110.13 -5.85 -44.45
C ASP C 211 -108.69 -5.62 -44.04
N ASP C 212 -108.30 -4.34 -43.83
CA ASP C 212 -106.96 -4.07 -43.30
C ASP C 212 -106.77 -4.76 -41.96
N LYS C 213 -107.77 -4.68 -41.07
CA LYS C 213 -107.65 -5.26 -39.75
C LYS C 213 -107.53 -6.78 -39.83
N GLN C 214 -108.29 -7.39 -40.73
CA GLN C 214 -108.24 -8.84 -40.91
C GLN C 214 -106.85 -9.26 -41.39
N GLU C 215 -106.30 -8.53 -42.36
CA GLU C 215 -105.02 -8.90 -42.93
C GLU C 215 -103.88 -8.67 -41.92
N LEU C 216 -104.05 -7.67 -41.04
CA LEU C 216 -103.06 -7.44 -40.00
C LEU C 216 -103.09 -8.55 -38.96
N ASP C 217 -104.28 -8.94 -38.51
CA ASP C 217 -104.38 -10.07 -37.60
C ASP C 217 -103.73 -11.31 -38.20
N GLU C 218 -103.98 -11.59 -39.48
CA GLU C 218 -103.31 -12.73 -40.11
C GLU C 218 -101.81 -12.56 -40.12
N ALA C 219 -101.31 -11.32 -40.29
CA ALA C 219 -99.86 -11.11 -40.31
C ALA C 219 -99.26 -11.33 -38.93
N LEU C 220 -99.96 -10.90 -37.89
CA LEU C 220 -99.48 -11.09 -36.53
C LEU C 220 -99.39 -12.57 -36.20
N GLN C 221 -100.48 -13.31 -36.49
CA GLN C 221 -100.45 -14.75 -36.23
C GLN C 221 -99.31 -15.42 -36.95
N ARG C 222 -99.19 -15.13 -38.26
CA ARG C 222 -98.12 -15.67 -39.08
C ARG C 222 -96.76 -15.44 -38.43
N GLU C 223 -96.53 -14.24 -37.88
CA GLU C 223 -95.22 -13.93 -37.30
C GLU C 223 -95.00 -14.65 -35.97
N ILE C 224 -96.01 -14.72 -35.12
CA ILE C 224 -95.85 -15.43 -33.86
C ILE C 224 -95.48 -16.89 -34.11
N GLN C 225 -96.14 -17.51 -35.10
CA GLN C 225 -95.79 -18.87 -35.44
C GLN C 225 -94.37 -18.95 -36.00
N ALA C 226 -94.00 -18.02 -36.87
CA ALA C 226 -92.66 -18.02 -37.43
C ALA C 226 -91.60 -17.95 -36.33
N ALA C 227 -91.81 -17.08 -35.34
CA ALA C 227 -90.85 -16.99 -34.26
C ALA C 227 -90.84 -18.27 -33.44
N PHE C 228 -92.01 -18.91 -33.29
CA PHE C 228 -92.06 -20.13 -32.49
C PHE C 228 -91.45 -21.32 -33.21
N ARG C 229 -91.29 -21.27 -34.54
CA ARG C 229 -90.89 -22.44 -35.31
C ARG C 229 -89.45 -22.39 -35.77
N THR C 230 -88.61 -21.57 -35.13
CA THR C 230 -87.18 -21.57 -35.40
C THR C 230 -86.44 -22.10 -34.18
N ASP C 231 -85.49 -23.00 -34.40
CA ASP C 231 -84.67 -23.49 -33.31
C ASP C 231 -83.70 -22.40 -32.85
N GLU C 232 -83.41 -22.39 -31.54
CA GLU C 232 -82.52 -21.38 -30.97
C GLU C 232 -81.48 -22.00 -30.05
N ILE C 233 -80.92 -23.17 -30.40
CA ILE C 233 -79.92 -23.79 -29.53
C ILE C 233 -78.68 -24.29 -30.29
N LYS C 234 -78.89 -25.05 -31.37
CA LYS C 234 -77.85 -25.84 -32.00
C LYS C 234 -76.76 -25.04 -32.70
N ARG C 235 -76.08 -25.69 -33.66
CA ARG C 235 -74.91 -25.19 -34.39
C ARG C 235 -73.69 -25.08 -33.47
N THR C 236 -73.23 -23.86 -33.23
CA THR C 236 -72.11 -23.60 -32.36
C THR C 236 -72.53 -22.64 -31.26
N PRO C 237 -71.83 -22.63 -30.13
CA PRO C 237 -71.85 -21.45 -29.26
C PRO C 237 -71.28 -20.27 -30.02
N PRO C 238 -72.16 -19.44 -30.63
CA PRO C 238 -71.75 -18.60 -31.77
C PRO C 238 -70.39 -17.94 -31.67
N THR C 239 -69.61 -18.02 -32.75
CA THR C 239 -68.30 -17.38 -32.84
C THR C 239 -68.42 -15.90 -32.50
N PRO C 240 -67.37 -15.29 -31.94
CA PRO C 240 -67.46 -13.86 -31.61
C PRO C 240 -67.89 -13.00 -32.79
N GLN C 241 -67.51 -13.38 -34.01
CA GLN C 241 -67.98 -12.65 -35.18
C GLN C 241 -69.50 -12.73 -35.33
N ASP C 242 -70.09 -13.90 -35.03
CA ASP C 242 -71.54 -14.03 -35.10
C ASP C 242 -72.22 -13.14 -34.07
N GLU C 243 -71.71 -13.16 -32.83
CA GLU C 243 -72.25 -12.28 -31.80
C GLU C 243 -72.15 -10.83 -32.22
N MET C 244 -71.05 -10.47 -32.88
CA MET C 244 -70.90 -9.09 -33.36
C MET C 244 -71.93 -8.77 -34.45
N ARG C 245 -72.13 -9.69 -35.39
CA ARG C 245 -73.17 -9.49 -36.41
C ARG C 245 -74.53 -9.26 -35.76
N ALA C 246 -74.87 -10.06 -34.75
CA ALA C 246 -76.16 -9.87 -34.11
C ALA C 246 -76.22 -8.54 -33.39
N GLY C 247 -75.12 -8.13 -32.75
CA GLY C 247 -75.12 -6.88 -32.01
C GLY C 247 -75.24 -5.66 -32.90
N MET C 248 -74.73 -5.74 -34.14
CA MET C 248 -74.81 -4.60 -35.03
C MET C 248 -76.20 -4.42 -35.64
N SER C 249 -77.14 -5.33 -35.37
CA SER C 249 -78.43 -5.30 -36.07
C SER C 249 -79.21 -4.03 -35.81
N TYR C 250 -79.00 -3.40 -34.65
CA TYR C 250 -79.81 -2.23 -34.32
C TYR C 250 -79.49 -1.03 -35.20
N PHE C 251 -78.34 -1.02 -35.87
CA PHE C 251 -78.07 0.06 -36.81
C PHE C 251 -79.01 -0.02 -38.00
N HIS C 252 -79.20 -1.22 -38.54
CA HIS C 252 -80.20 -1.40 -39.58
C HIS C 252 -81.61 -1.18 -39.04
N GLU C 253 -81.88 -1.68 -37.82
CA GLU C 253 -83.23 -1.57 -37.25
C GLU C 253 -83.66 -0.12 -37.06
N THR C 254 -82.92 0.65 -36.25
CA THR C 254 -83.35 2.01 -35.92
C THR C 254 -82.25 3.07 -35.95
N ILE C 255 -80.99 2.76 -35.62
CA ILE C 255 -80.03 3.80 -35.28
C ILE C 255 -79.59 4.57 -36.53
N TRP C 256 -79.38 3.88 -37.64
CA TRP C 256 -78.92 4.54 -38.87
C TRP C 256 -79.90 5.62 -39.31
N LYS C 257 -81.18 5.27 -39.45
CA LYS C 257 -82.15 6.31 -39.76
C LYS C 257 -82.38 7.25 -38.58
N GLY C 258 -82.24 6.75 -37.35
CA GLY C 258 -82.63 7.53 -36.19
C GLY C 258 -81.71 8.70 -35.85
N VAL C 259 -80.41 8.58 -36.10
CA VAL C 259 -79.49 9.64 -35.71
C VAL C 259 -79.77 10.95 -36.43
N PRO C 260 -79.84 11.01 -37.76
CA PRO C 260 -80.17 12.30 -38.40
C PRO C 260 -81.55 12.82 -38.02
N LYS C 261 -82.50 11.91 -37.73
CA LYS C 261 -83.83 12.30 -37.28
C LYS C 261 -83.74 13.06 -35.94
N PHE C 262 -82.97 12.49 -35.00
CA PHE C 262 -82.78 13.14 -33.71
C PHE C 262 -82.07 14.47 -33.85
N LEU C 263 -80.97 14.51 -34.61
CA LEU C 263 -80.22 15.75 -34.75
C LEU C 263 -81.07 16.84 -35.37
N ARG C 264 -81.94 16.48 -36.31
CA ARG C 264 -82.83 17.48 -36.87
C ARG C 264 -83.79 18.01 -35.81
N ARG C 265 -84.25 17.12 -34.92
CA ARG C 265 -85.11 17.60 -33.83
C ARG C 265 -84.35 18.53 -32.89
N VAL C 266 -83.06 18.26 -32.65
CA VAL C 266 -82.23 19.19 -31.90
C VAL C 266 -82.19 20.55 -32.58
N ASP C 267 -82.08 20.55 -33.91
CA ASP C 267 -82.14 21.80 -34.65
C ASP C 267 -83.45 22.54 -34.38
N THR C 268 -84.57 21.82 -34.40
CA THR C 268 -85.86 22.48 -34.20
C THR C 268 -85.95 23.10 -32.81
N ALA C 269 -85.53 22.34 -31.79
CA ALA C 269 -85.56 22.87 -30.44
C ALA C 269 -84.67 24.10 -30.31
N LEU C 270 -83.55 24.12 -31.02
CA LEU C 270 -82.70 25.30 -31.00
C LEU C 270 -83.40 26.50 -31.64
N LYS C 271 -84.19 26.24 -32.70
CA LYS C 271 -84.94 27.33 -33.30
C LYS C 271 -85.97 27.89 -32.33
N ASN C 272 -86.51 27.06 -31.45
CA ASN C 272 -87.57 27.56 -30.58
C ASN C 272 -87.06 28.36 -29.38
N ILE C 273 -85.75 28.59 -29.25
CA ILE C 273 -85.21 29.49 -28.24
C ILE C 273 -84.39 30.62 -28.84
N GLY C 274 -84.43 30.75 -30.18
CA GLY C 274 -83.80 31.89 -30.84
C GLY C 274 -82.52 31.61 -31.59
N ILE C 275 -82.00 30.39 -31.53
CA ILE C 275 -80.79 30.03 -32.26
C ILE C 275 -81.15 29.79 -33.71
N GLU C 276 -80.47 30.49 -34.62
CA GLU C 276 -80.77 30.36 -36.03
C GLU C 276 -79.90 29.32 -36.72
N GLU C 277 -78.75 28.97 -36.14
CA GLU C 277 -77.87 27.94 -36.66
C GLU C 277 -78.43 26.54 -36.38
N ARG C 278 -77.91 25.57 -37.13
CA ARG C 278 -78.07 24.16 -36.79
C ARG C 278 -76.83 23.65 -36.08
N VAL C 279 -76.96 22.53 -35.38
CA VAL C 279 -75.78 21.86 -34.82
C VAL C 279 -74.89 21.48 -36.00
N PRO C 280 -73.64 21.90 -36.01
CA PRO C 280 -72.78 21.68 -37.18
C PRO C 280 -72.70 20.20 -37.53
N TYR C 281 -72.82 19.90 -38.83
CA TYR C 281 -73.01 18.51 -39.25
C TYR C 281 -71.83 17.63 -38.92
N ASN C 282 -70.63 18.18 -38.73
CA ASN C 282 -69.48 17.38 -38.36
C ASN C 282 -69.26 17.27 -36.84
N ALA C 283 -70.14 17.86 -36.04
CA ALA C 283 -70.01 17.80 -34.59
C ALA C 283 -70.42 16.44 -34.06
N PRO C 284 -69.56 15.73 -33.35
CA PRO C 284 -69.88 14.36 -32.89
C PRO C 284 -70.72 14.31 -31.63
N LEU C 285 -71.97 14.78 -31.70
CA LEU C 285 -72.85 14.67 -30.54
C LEU C 285 -73.14 13.23 -30.17
N ILE C 286 -73.18 12.33 -31.16
CA ILE C 286 -73.48 10.93 -30.94
C ILE C 286 -72.36 10.09 -31.52
N GLN C 287 -71.87 9.14 -30.73
CA GLN C 287 -70.84 8.22 -31.16
C GLN C 287 -71.19 6.84 -30.64
N PHE C 288 -70.77 5.82 -31.36
CA PHE C 288 -71.03 4.44 -30.97
C PHE C 288 -69.72 3.69 -30.92
N SER C 289 -69.56 2.90 -29.87
CA SER C 289 -68.37 2.11 -29.65
C SER C 289 -68.82 0.68 -29.40
N SER C 290 -67.89 -0.27 -29.56
CA SER C 290 -68.22 -1.68 -29.43
C SER C 290 -67.09 -2.39 -28.69
N TRP C 291 -67.47 -3.37 -27.87
CA TRP C 291 -66.53 -4.33 -27.35
C TRP C 291 -66.58 -5.66 -28.08
N MET C 292 -67.55 -5.85 -28.96
CA MET C 292 -67.79 -7.13 -29.60
C MET C 292 -66.65 -7.47 -30.56
N GLY C 293 -65.83 -8.42 -30.16
CA GLY C 293 -64.62 -8.75 -30.87
C GLY C 293 -63.38 -8.08 -30.33
N GLY C 294 -63.48 -7.35 -29.21
CA GLY C 294 -62.35 -6.62 -28.67
C GLY C 294 -61.99 -6.91 -27.23
N ASP C 295 -62.96 -7.36 -26.44
CA ASP C 295 -62.73 -7.66 -25.03
C ASP C 295 -62.14 -9.07 -24.91
N ARG C 296 -60.89 -9.15 -24.47
CA ARG C 296 -60.17 -10.40 -24.29
C ARG C 296 -60.05 -10.79 -22.83
N ASP C 297 -60.53 -9.97 -21.91
CA ASP C 297 -60.41 -10.21 -20.48
C ASP C 297 -61.07 -11.54 -20.13
N GLY C 298 -60.26 -12.55 -19.86
CA GLY C 298 -60.78 -13.86 -19.53
C GLY C 298 -61.61 -14.48 -20.64
N ASN C 299 -61.20 -14.29 -21.90
CA ASN C 299 -61.97 -14.77 -23.04
C ASN C 299 -61.03 -15.18 -24.15
N PRO C 300 -60.50 -16.42 -24.08
CA PRO C 300 -59.54 -16.86 -25.10
C PRO C 300 -60.14 -17.00 -26.49
N ARG C 301 -61.47 -17.04 -26.60
CA ARG C 301 -62.09 -17.14 -27.92
C ARG C 301 -61.89 -15.87 -28.74
N VAL C 302 -61.62 -14.74 -28.09
CA VAL C 302 -61.39 -13.48 -28.78
C VAL C 302 -59.90 -13.37 -29.08
N THR C 303 -59.54 -13.72 -30.30
CA THR C 303 -58.17 -13.79 -30.79
C THR C 303 -57.84 -12.57 -31.62
N PRO C 304 -56.57 -12.36 -31.97
CA PRO C 304 -56.24 -11.28 -32.92
C PRO C 304 -57.02 -11.36 -34.21
N GLU C 305 -57.27 -12.58 -34.70
CA GLU C 305 -58.04 -12.73 -35.93
C GLU C 305 -59.49 -12.30 -35.72
N VAL C 306 -60.07 -12.59 -34.57
CA VAL C 306 -61.44 -12.12 -34.30
C VAL C 306 -61.52 -10.60 -34.38
N THR C 307 -60.55 -9.90 -33.77
CA THR C 307 -60.56 -8.45 -33.80
C THR C 307 -60.40 -7.93 -35.23
N ARG C 308 -59.46 -8.51 -35.99
CA ARG C 308 -59.32 -8.14 -37.39
C ARG C 308 -60.61 -8.37 -38.18
N ASP C 309 -61.29 -9.49 -37.91
CA ASP C 309 -62.52 -9.81 -38.60
C ASP C 309 -63.62 -8.81 -38.30
N VAL C 310 -63.91 -8.57 -37.02
CA VAL C 310 -65.00 -7.64 -36.72
C VAL C 310 -64.67 -6.23 -37.18
N CYS C 311 -63.38 -5.87 -37.23
CA CYS C 311 -63.03 -4.57 -37.78
C CYS C 311 -63.42 -4.49 -39.25
N LEU C 312 -63.06 -5.51 -40.03
CA LEU C 312 -63.35 -5.47 -41.46
C LEU C 312 -64.84 -5.64 -41.74
N LEU C 313 -65.50 -6.55 -41.01
CA LEU C 313 -66.95 -6.68 -41.10
C LEU C 313 -67.64 -5.34 -40.87
N ALA C 314 -67.18 -4.58 -39.87
CA ALA C 314 -67.83 -3.31 -39.60
C ALA C 314 -67.59 -2.32 -40.74
N ARG C 315 -66.37 -2.27 -41.28
CA ARG C 315 -66.13 -1.38 -42.41
C ARG C 315 -66.99 -1.76 -43.61
N MET C 316 -67.26 -3.06 -43.77
CA MET C 316 -68.13 -3.49 -44.86
C MET C 316 -69.56 -3.03 -44.62
N MET C 317 -70.12 -3.33 -43.45
CA MET C 317 -71.49 -2.91 -43.15
C MET C 317 -71.67 -1.41 -43.36
N ALA C 318 -70.71 -0.62 -42.89
CA ALA C 318 -70.82 0.83 -43.05
C ALA C 318 -70.79 1.21 -44.52
N ALA C 319 -69.83 0.69 -45.28
CA ALA C 319 -69.77 1.03 -46.71
C ALA C 319 -71.05 0.62 -47.43
N THR C 320 -71.62 -0.54 -47.06
CA THR C 320 -72.90 -0.96 -47.64
C THR C 320 -73.97 0.09 -47.38
N MET C 321 -74.10 0.54 -46.13
CA MET C 321 -75.18 1.46 -45.82
C MET C 321 -74.98 2.79 -46.55
N TYR C 322 -73.74 3.31 -46.59
CA TYR C 322 -73.51 4.53 -47.34
C TYR C 322 -73.83 4.35 -48.82
N PHE C 323 -73.46 3.19 -49.36
CA PHE C 323 -73.69 2.92 -50.78
C PHE C 323 -75.17 2.93 -51.12
N ASN C 324 -75.99 2.23 -50.33
CA ASN C 324 -77.42 2.23 -50.60
C ASN C 324 -78.03 3.60 -50.36
N GLN C 325 -77.51 4.36 -49.40
CA GLN C 325 -78.14 5.62 -49.06
C GLN C 325 -77.81 6.70 -50.08
N ILE C 326 -76.65 6.61 -50.73
CA ILE C 326 -76.26 7.68 -51.64
C ILE C 326 -76.98 7.63 -52.98
N GLU C 327 -77.73 6.57 -53.28
CA GLU C 327 -78.44 6.59 -54.57
C GLU C 327 -79.65 7.52 -54.52
N ASP C 328 -80.43 7.48 -53.44
CA ASP C 328 -81.50 8.46 -53.25
CA ASP C 328 -81.49 8.46 -53.30
C ASP C 328 -80.92 9.87 -53.25
N LEU C 329 -79.75 10.04 -52.63
CA LEU C 329 -79.09 11.34 -52.62
C LEU C 329 -78.74 11.77 -54.04
N MET C 330 -78.30 10.82 -54.87
CA MET C 330 -77.97 11.15 -56.26
C MET C 330 -79.23 11.53 -57.04
N PHE C 331 -80.37 10.91 -56.74
CA PHE C 331 -81.61 11.32 -57.40
C PHE C 331 -82.03 12.72 -56.95
N GLU C 332 -81.86 13.04 -55.67
CA GLU C 332 -82.31 14.34 -55.21
C GLU C 332 -81.41 15.46 -55.72
N MET C 333 -80.11 15.18 -55.88
CA MET C 333 -79.13 16.22 -56.19
C MET C 333 -79.05 16.49 -57.69
N SER C 334 -80.16 16.97 -58.25
CA SER C 334 -80.28 17.19 -59.68
C SER C 334 -80.15 18.66 -60.07
N MET C 335 -79.70 19.52 -59.15
CA MET C 335 -79.53 20.93 -59.43
C MET C 335 -78.46 21.13 -60.49
N TRP C 336 -78.40 22.35 -61.03
CA TRP C 336 -77.33 22.71 -61.96
C TRP C 336 -76.53 23.92 -61.50
N ARG C 337 -77.18 24.92 -60.89
CA ARG C 337 -76.46 26.07 -60.34
C ARG C 337 -75.53 25.60 -59.22
N CYS C 338 -74.28 26.06 -59.26
CA CYS C 338 -73.30 25.58 -58.29
C CYS C 338 -72.17 26.60 -58.14
N ASN C 339 -71.23 26.24 -57.25
CA ASN C 339 -70.03 27.00 -56.92
C ASN C 339 -69.05 26.96 -58.09
N ASP C 340 -68.13 27.93 -58.11
CA ASP C 340 -67.01 27.85 -59.05
C ASP C 340 -66.09 26.69 -58.68
N GLU C 341 -65.88 26.47 -57.38
CA GLU C 341 -65.05 25.37 -56.90
C GLU C 341 -65.67 24.02 -57.27
N LEU C 342 -66.97 23.88 -57.03
CA LEU C 342 -67.65 22.63 -57.35
C LEU C 342 -67.70 22.39 -58.84
N ARG C 343 -67.95 23.45 -59.64
CA ARG C 343 -67.95 23.29 -61.08
C ARG C 343 -66.59 22.80 -61.58
N ALA C 344 -65.51 23.33 -61.00
CA ALA C 344 -64.19 22.83 -61.35
C ALA C 344 -64.05 21.35 -61.03
N ARG C 345 -64.52 20.92 -59.85
CA ARG C 345 -64.38 19.51 -59.50
C ARG C 345 -65.22 18.63 -60.42
N ALA C 346 -66.40 19.10 -60.81
CA ALA C 346 -67.21 18.33 -61.73
C ALA C 346 -66.51 18.15 -63.07
N ASP C 347 -65.87 19.20 -63.58
CA ASP C 347 -65.18 19.05 -64.86
C ASP C 347 -63.98 18.12 -64.74
N GLU C 348 -63.30 18.12 -63.59
CA GLU C 348 -62.18 17.20 -63.39
C GLU C 348 -62.67 15.75 -63.34
N VAL C 349 -63.70 15.47 -62.53
CA VAL C 349 -64.19 14.11 -62.38
C VAL C 349 -64.73 13.56 -63.69
N HIS C 350 -65.30 14.43 -64.53
CA HIS C 350 -65.79 14.00 -65.83
C HIS C 350 -64.68 13.47 -66.74
N ALA C 351 -63.42 13.75 -66.43
CA ALA C 351 -62.26 13.20 -67.14
C ALA C 351 -61.79 11.97 -66.36
N ASN C 352 -62.36 10.82 -66.69
CA ASN C 352 -62.01 9.55 -66.07
C ASN C 352 -62.54 8.41 -66.93
N SER C 353 -62.64 7.22 -66.33
CA SER C 353 -63.06 6.01 -67.03
C SER C 353 -64.52 6.06 -67.52
N ALA C 358 -68.86 4.35 -64.61
CA ALA C 358 -70.29 4.59 -64.41
C ALA C 358 -71.05 3.27 -64.32
N LYS C 359 -70.44 2.30 -63.67
CA LYS C 359 -70.88 0.92 -63.69
C LYS C 359 -71.95 0.62 -62.65
N HIS C 360 -72.21 1.52 -61.72
CA HIS C 360 -73.11 1.23 -60.61
C HIS C 360 -74.36 2.11 -60.63
N TYR C 361 -74.81 2.49 -61.83
CA TYR C 361 -76.07 3.22 -61.99
C TYR C 361 -76.54 3.24 -63.44
N ILE C 362 -76.26 2.17 -64.19
CA ILE C 362 -76.80 2.08 -65.55
C ILE C 362 -78.31 1.95 -65.52
N GLU C 363 -78.86 1.29 -64.50
CA GLU C 363 -80.31 1.23 -64.34
C GLU C 363 -80.91 2.61 -64.14
N PHE C 364 -80.10 3.59 -63.74
CA PHE C 364 -80.55 4.96 -63.50
C PHE C 364 -80.20 5.89 -64.66
N TRP C 365 -78.92 5.94 -65.06
CA TRP C 365 -78.46 6.80 -66.14
C TRP C 365 -77.38 6.09 -66.94
N LYS C 366 -77.42 6.26 -68.27
CA LYS C 366 -76.33 5.76 -69.11
C LYS C 366 -75.01 6.38 -68.66
N SER C 367 -75.01 7.69 -68.41
CA SER C 367 -73.88 8.37 -67.81
C SER C 367 -74.39 9.67 -67.22
N ILE C 368 -73.63 10.22 -66.27
CA ILE C 368 -74.00 11.44 -65.58
C ILE C 368 -73.39 12.62 -66.31
N PRO C 369 -74.17 13.54 -66.86
CA PRO C 369 -73.60 14.67 -67.61
C PRO C 369 -73.11 15.77 -66.69
N THR C 370 -72.29 16.65 -67.27
CA THR C 370 -71.67 17.73 -66.49
C THR C 370 -72.65 18.83 -66.13
N THR C 371 -73.84 18.82 -66.72
CA THR C 371 -74.87 19.77 -66.33
C THR C 371 -75.59 19.36 -65.06
N GLU C 372 -75.14 18.29 -64.41
CA GLU C 372 -75.61 17.87 -63.09
C GLU C 372 -74.40 17.67 -62.18
N PRO C 373 -73.67 18.75 -61.88
CA PRO C 373 -72.34 18.59 -61.26
C PRO C 373 -72.37 17.87 -59.92
N TYR C 374 -73.38 18.14 -59.10
CA TYR C 374 -73.51 17.42 -57.84
C TYR C 374 -73.65 15.93 -58.09
N ARG C 375 -74.42 15.55 -59.13
CA ARG C 375 -74.58 14.13 -59.41
C ARG C 375 -73.26 13.51 -59.85
N VAL C 376 -72.44 14.27 -60.58
CA VAL C 376 -71.13 13.76 -61.00
C VAL C 376 -70.28 13.43 -59.78
N ILE C 377 -70.11 14.42 -58.88
CA ILE C 377 -69.27 14.20 -57.71
C ILE C 377 -69.84 13.08 -56.84
N LEU C 378 -71.15 13.08 -56.62
CA LEU C 378 -71.75 12.06 -55.77
C LEU C 378 -71.63 10.68 -56.38
N GLY C 379 -71.72 10.57 -57.71
CA GLY C 379 -71.51 9.29 -58.35
C GLY C 379 -70.09 8.78 -58.14
N ASP C 380 -69.11 9.68 -58.18
CA ASP C 380 -67.76 9.22 -57.88
C ASP C 380 -67.63 8.81 -56.42
N VAL C 381 -68.35 9.47 -55.51
CA VAL C 381 -68.36 9.04 -54.12
C VAL C 381 -68.96 7.65 -53.99
N ARG C 382 -70.06 7.40 -54.71
CA ARG C 382 -70.67 6.06 -54.72
C ARG C 382 -69.70 5.02 -55.22
N ASP C 383 -68.89 5.38 -56.22
CA ASP C 383 -67.90 4.46 -56.75
C ASP C 383 -66.83 4.14 -55.70
N LYS C 384 -66.35 5.17 -55.00
CA LYS C 384 -65.35 4.92 -53.97
C LYS C 384 -65.93 4.10 -52.83
N LEU C 385 -67.21 4.29 -52.51
CA LEU C 385 -67.82 3.47 -51.47
C LEU C 385 -67.88 2.01 -51.91
N TYR C 386 -68.22 1.77 -53.17
CA TYR C 386 -68.27 0.39 -53.65
C TYR C 386 -66.90 -0.26 -53.52
N HIS C 387 -65.85 0.46 -53.89
CA HIS C 387 -64.51 -0.11 -53.79
C HIS C 387 -64.08 -0.28 -52.34
N THR C 388 -64.51 0.61 -51.45
CA THR C 388 -64.16 0.44 -50.05
C THR C 388 -64.71 -0.86 -49.52
N ARG C 389 -66.01 -1.10 -49.73
CA ARG C 389 -66.58 -2.37 -49.30
C ARG C 389 -65.84 -3.53 -49.93
N GLU C 390 -65.60 -3.46 -51.25
CA GLU C 390 -65.00 -4.59 -51.95
C GLU C 390 -63.63 -4.91 -51.37
N ARG C 391 -62.84 -3.88 -51.11
CA ARG C 391 -61.52 -4.11 -50.54
C ARG C 391 -61.62 -4.75 -49.17
N ALA C 392 -62.43 -4.17 -48.28
CA ALA C 392 -62.58 -4.77 -46.94
C ALA C 392 -63.02 -6.22 -47.02
N HIS C 393 -63.91 -6.55 -47.95
CA HIS C 393 -64.36 -7.92 -48.11
C HIS C 393 -63.20 -8.81 -48.55
N GLN C 394 -62.38 -8.33 -49.48
CA GLN C 394 -61.27 -9.14 -49.96
C GLN C 394 -60.24 -9.35 -48.85
N LEU C 395 -59.98 -8.33 -48.04
CA LEU C 395 -59.07 -8.49 -46.92
C LEU C 395 -59.62 -9.46 -45.90
N LEU C 396 -60.93 -9.39 -45.63
CA LEU C 396 -61.53 -10.30 -44.67
C LEU C 396 -61.39 -11.74 -45.11
N SER C 397 -61.75 -12.03 -46.36
CA SER C 397 -61.81 -13.42 -46.82
C SER C 397 -60.49 -13.97 -47.34
N ASN C 398 -59.47 -13.13 -47.51
CA ASN C 398 -58.18 -13.62 -48.03
C ASN C 398 -57.03 -13.19 -47.15
N GLY C 399 -56.63 -11.93 -47.26
CA GLY C 399 -55.53 -11.39 -46.49
C GLY C 399 -54.83 -10.32 -47.30
N HIS C 400 -55.17 -10.29 -48.59
CA HIS C 400 -54.69 -9.28 -49.51
C HIS C 400 -55.89 -8.81 -50.33
N SER C 401 -55.65 -7.80 -51.17
CA SER C 401 -56.72 -7.36 -52.05
C SER C 401 -56.22 -7.31 -53.49
N ASP C 402 -56.33 -6.12 -54.10
CA ASP C 402 -55.93 -5.78 -55.47
C ASP C 402 -56.70 -4.52 -55.81
N VAL C 403 -57.59 -4.12 -54.91
CA VAL C 403 -58.31 -2.85 -54.97
C VAL C 403 -57.36 -1.78 -54.49
N PRO C 404 -56.90 -0.88 -55.37
CA PRO C 404 -55.96 0.15 -54.93
C PRO C 404 -56.54 0.95 -53.78
N VAL C 405 -55.72 1.17 -52.75
CA VAL C 405 -56.15 1.88 -51.57
C VAL C 405 -56.57 3.31 -51.91
N GLU C 406 -56.08 3.84 -53.02
CA GLU C 406 -56.43 5.19 -53.46
C GLU C 406 -57.81 5.25 -54.10
N ALA C 407 -58.39 4.10 -54.44
CA ALA C 407 -59.73 4.03 -54.98
C ALA C 407 -60.78 3.88 -53.90
N THR C 408 -60.38 3.99 -52.63
CA THR C 408 -61.27 3.83 -51.50
C THR C 408 -61.11 5.04 -50.57
N PHE C 409 -61.95 5.07 -49.54
CA PHE C 409 -61.86 6.04 -48.47
C PHE C 409 -61.14 5.38 -47.30
N ILE C 410 -60.04 5.98 -46.86
CA ILE C 410 -59.25 5.38 -45.78
C ILE C 410 -59.49 6.13 -44.48
N ASN C 411 -59.76 7.43 -44.57
CA ASN C 411 -60.05 8.25 -43.41
C ASN C 411 -61.32 9.05 -43.67
N LEU C 412 -61.89 9.58 -42.58
CA LEU C 412 -63.17 10.27 -42.66
C LEU C 412 -63.10 11.57 -43.44
N GLU C 413 -61.91 12.16 -43.59
CA GLU C 413 -61.85 13.44 -44.29
C GLU C 413 -61.97 13.23 -45.79
N GLN C 414 -61.37 12.15 -46.31
CA GLN C 414 -61.55 11.81 -47.71
C GLN C 414 -63.04 11.66 -48.05
N PHE C 415 -63.81 11.09 -47.12
CA PHE C 415 -65.23 10.90 -47.34
C PHE C 415 -65.98 12.23 -47.27
N LEU C 416 -65.68 13.03 -46.24
CA LEU C 416 -66.44 14.26 -46.02
C LEU C 416 -66.15 15.34 -47.06
N GLU C 417 -64.94 15.36 -47.61
CA GLU C 417 -64.55 16.52 -48.42
C GLU C 417 -65.49 16.80 -49.58
N PRO C 418 -65.82 15.84 -50.46
CA PRO C 418 -66.73 16.16 -51.56
C PRO C 418 -68.15 16.43 -51.10
N LEU C 419 -68.62 15.75 -50.05
CA LEU C 419 -69.95 16.03 -49.52
C LEU C 419 -70.03 17.45 -48.99
N GLU C 420 -69.01 17.88 -48.23
CA GLU C 420 -69.00 19.25 -47.75
C GLU C 420 -68.89 20.23 -48.91
N LEU C 421 -68.17 19.86 -49.97
CA LEU C 421 -68.12 20.73 -51.14
C LEU C 421 -69.51 20.93 -51.70
N CYS C 422 -70.29 19.85 -51.80
CA CYS C 422 -71.67 19.95 -52.27
C CYS C 422 -72.48 20.88 -51.37
N TYR C 423 -72.33 20.73 -50.05
CA TYR C 423 -73.10 21.56 -49.13
C TYR C 423 -72.73 23.04 -49.29
N ARG C 424 -71.43 23.35 -49.33
CA ARG C 424 -71.00 24.74 -49.53
C ARG C 424 -71.56 25.30 -50.83
N SER C 425 -71.41 24.54 -51.93
CA SER C 425 -71.87 25.00 -53.23
C SER C 425 -73.37 25.30 -53.21
N LEU C 426 -74.16 24.38 -52.65
CA LEU C 426 -75.60 24.60 -52.58
C LEU C 426 -75.94 25.84 -51.78
N CYS C 427 -75.27 26.04 -50.64
CA CYS C 427 -75.53 27.25 -49.86
C CYS C 427 -75.15 28.52 -50.60
N SER C 428 -74.12 28.44 -51.44
CA SER C 428 -73.69 29.62 -52.19
C SER C 428 -74.81 30.17 -53.05
N CYS C 429 -75.68 29.30 -53.58
CA CYS C 429 -76.68 29.66 -54.57
C CYS C 429 -78.06 29.90 -53.97
N GLY C 430 -78.14 30.15 -52.67
CA GLY C 430 -79.43 30.29 -52.04
C GLY C 430 -80.22 29.01 -52.02
N ASP C 431 -79.55 27.87 -52.17
CA ASP C 431 -80.20 26.57 -52.10
C ASP C 431 -79.90 25.86 -50.78
N ARG C 432 -79.62 26.63 -49.73
CA ARG C 432 -79.45 26.03 -48.42
C ARG C 432 -80.59 25.11 -48.02
N PRO C 433 -81.86 25.45 -48.21
CA PRO C 433 -82.92 24.50 -47.86
C PRO C 433 -82.73 23.14 -48.50
N ILE C 434 -82.38 23.07 -49.78
CA ILE C 434 -82.12 21.79 -50.42
C ILE C 434 -80.98 21.07 -49.73
N ALA C 435 -79.95 21.82 -49.32
CA ALA C 435 -78.79 21.21 -48.66
C ALA C 435 -79.13 20.64 -47.30
N ASP C 436 -80.08 21.24 -46.59
CA ASP C 436 -80.47 20.77 -45.26
C ASP C 436 -81.47 19.62 -45.32
N GLY C 437 -81.51 18.88 -46.41
CA GLY C 437 -82.36 17.70 -46.50
C GLY C 437 -81.58 16.41 -46.44
N SER C 438 -81.67 15.62 -47.52
CA SER C 438 -80.93 14.35 -47.56
C SER C 438 -79.43 14.57 -47.44
N LEU C 439 -78.90 15.69 -47.95
CA LEU C 439 -77.47 15.92 -47.86
C LEU C 439 -77.02 16.15 -46.42
N LEU C 440 -77.79 16.95 -45.66
CA LEU C 440 -77.47 17.17 -44.27
C LEU C 440 -77.55 15.87 -43.47
N ASP C 441 -78.61 15.09 -43.68
CA ASP C 441 -78.71 13.80 -43.01
C ASP C 441 -77.50 12.92 -43.32
N PHE C 442 -77.05 12.92 -44.58
CA PHE C 442 -75.92 12.10 -44.97
C PHE C 442 -74.66 12.54 -44.23
N LEU C 443 -74.37 13.84 -44.27
CA LEU C 443 -73.21 14.38 -43.55
C LEU C 443 -73.26 14.02 -42.07
N ARG C 444 -74.43 14.11 -41.47
CA ARG C 444 -74.56 13.75 -40.06
C ARG C 444 -74.35 12.27 -39.82
N GLN C 445 -74.68 11.43 -40.81
CA GLN C 445 -74.42 10.00 -40.66
C GLN C 445 -72.94 9.71 -40.79
N VAL C 446 -72.25 10.38 -41.72
CA VAL C 446 -70.80 10.22 -41.86
C VAL C 446 -70.09 10.65 -40.59
N SER C 447 -70.56 11.74 -39.97
CA SER C 447 -69.92 12.23 -38.77
C SER C 447 -70.20 11.34 -37.56
N THR C 448 -71.43 10.85 -37.44
CA THR C 448 -71.78 9.98 -36.33
C THR C 448 -71.10 8.61 -36.45
N PHE C 449 -71.15 8.00 -37.63
CA PHE C 449 -70.80 6.61 -37.83
C PHE C 449 -69.41 6.39 -38.42
N GLY C 450 -68.80 7.42 -39.01
CA GLY C 450 -67.49 7.20 -39.62
C GLY C 450 -67.54 6.09 -40.67
N LEU C 451 -66.37 5.54 -40.96
CA LEU C 451 -66.29 4.46 -41.94
C LEU C 451 -66.52 3.10 -41.32
N SER C 452 -66.88 3.04 -40.03
CA SER C 452 -66.95 1.79 -39.29
C SER C 452 -68.23 1.56 -38.49
N LEU C 453 -69.12 2.57 -38.39
CA LEU C 453 -70.29 2.56 -37.51
C LEU C 453 -69.88 2.65 -36.05
N VAL C 454 -69.00 1.76 -35.61
CA VAL C 454 -68.54 1.72 -34.23
C VAL C 454 -67.02 1.82 -34.19
N ARG C 455 -66.51 2.23 -33.03
CA ARG C 455 -65.09 2.15 -32.73
C ARG C 455 -64.88 1.04 -31.71
N LEU C 456 -63.96 0.14 -32.01
CA LEU C 456 -63.74 -1.04 -31.20
C LEU C 456 -62.74 -0.73 -30.09
N ASP C 457 -63.14 -1.00 -28.86
CA ASP C 457 -62.24 -1.00 -27.73
C ASP C 457 -61.55 -2.35 -27.64
N ILE C 458 -60.32 -2.35 -27.15
CA ILE C 458 -59.59 -3.58 -26.85
C ILE C 458 -59.47 -3.64 -25.34
N ARG C 459 -59.76 -4.79 -24.73
CA ARG C 459 -59.62 -4.88 -23.28
C ARG C 459 -58.80 -6.11 -22.89
N GLN C 460 -57.90 -5.91 -21.92
CA GLN C 460 -57.07 -7.02 -21.47
C GLN C 460 -56.63 -6.77 -20.04
N GLU C 461 -56.41 -7.85 -19.29
CA GLU C 461 -55.92 -7.78 -17.93
C GLU C 461 -54.52 -7.15 -17.88
N SER C 462 -54.25 -6.42 -16.80
CA SER C 462 -52.91 -5.87 -16.60
C SER C 462 -51.88 -6.97 -16.40
N ASP C 463 -52.28 -8.05 -15.70
CA ASP C 463 -51.35 -9.15 -15.44
C ASP C 463 -50.72 -9.70 -16.72
N ARG C 464 -51.48 -9.72 -17.82
CA ARG C 464 -50.93 -10.22 -19.09
C ARG C 464 -49.85 -9.29 -19.61
N HIS C 465 -50.03 -7.98 -19.44
CA HIS C 465 -49.00 -7.04 -19.85
C HIS C 465 -47.76 -7.21 -18.99
N THR C 466 -47.96 -7.51 -17.70
CA THR C 466 -46.84 -7.82 -16.83
C THR C 466 -46.10 -9.07 -17.28
N ASP C 467 -46.83 -10.11 -17.71
CA ASP C 467 -46.18 -11.31 -18.22
C ASP C 467 -45.31 -10.99 -19.43
N VAL C 468 -45.81 -10.13 -20.33
CA VAL C 468 -45.04 -9.79 -21.52
C VAL C 468 -43.77 -9.05 -21.15
N LEU C 469 -43.89 -8.05 -20.28
CA LEU C 469 -42.70 -7.32 -19.89
C LEU C 469 -41.73 -8.19 -19.10
N ASP C 470 -42.25 -9.15 -18.34
CA ASP C 470 -41.35 -10.02 -17.58
C ASP C 470 -40.56 -10.93 -18.51
N ALA C 471 -41.21 -11.50 -19.52
CA ALA C 471 -40.46 -12.28 -20.50
C ALA C 471 -39.44 -11.41 -21.21
N ILE C 472 -39.77 -10.14 -21.44
CA ILE C 472 -38.84 -9.24 -22.11
C ILE C 472 -37.62 -8.97 -21.24
N THR C 473 -37.83 -8.54 -20.00
CA THR C 473 -36.71 -8.19 -19.14
C THR C 473 -35.87 -9.42 -18.82
N THR C 474 -36.51 -10.57 -18.62
CA THR C 474 -35.74 -11.80 -18.44
C THR C 474 -34.89 -12.11 -19.65
N HIS C 475 -35.43 -11.86 -20.85
CA HIS C 475 -34.68 -12.11 -22.07
C HIS C 475 -33.48 -11.20 -22.23
N LEU C 476 -33.47 -10.03 -21.57
CA LEU C 476 -32.38 -9.09 -21.69
C LEU C 476 -31.36 -9.20 -20.56
N ASP C 477 -31.54 -10.16 -19.64
CA ASP C 477 -30.67 -10.31 -18.47
C ASP C 477 -30.65 -9.04 -17.62
N ILE C 478 -31.85 -8.51 -17.36
CA ILE C 478 -32.03 -7.31 -16.54
C ILE C 478 -32.83 -7.57 -15.29
N GLY C 479 -33.39 -8.75 -15.13
CA GLY C 479 -34.24 -9.05 -14.00
C GLY C 479 -35.65 -9.39 -14.45
N SER C 480 -36.52 -9.55 -13.46
CA SER C 480 -37.92 -9.88 -13.69
C SER C 480 -38.76 -8.66 -13.35
N TYR C 481 -39.35 -8.04 -14.38
CA TYR C 481 -40.27 -6.92 -14.19
C TYR C 481 -41.33 -7.23 -13.14
N ARG C 482 -41.69 -8.51 -12.98
CA ARG C 482 -42.74 -8.88 -12.03
C ARG C 482 -42.29 -8.68 -10.59
N GLU C 483 -41.06 -9.06 -10.26
CA GLU C 483 -40.56 -8.90 -8.90
C GLU C 483 -40.29 -7.45 -8.56
N TRP C 484 -40.12 -6.59 -9.57
CA TRP C 484 -39.80 -5.20 -9.33
C TRP C 484 -40.94 -4.48 -8.62
N SER C 485 -40.57 -3.61 -7.68
CA SER C 485 -41.53 -2.73 -7.05
C SER C 485 -42.18 -1.81 -8.08
N GLU C 486 -43.29 -1.19 -7.69
CA GLU C 486 -43.99 -0.28 -8.58
C GLU C 486 -43.12 0.89 -8.98
N GLU C 487 -42.27 1.37 -8.06
CA GLU C 487 -41.41 2.49 -8.42
C GLU C 487 -40.35 2.07 -9.41
N ARG C 488 -39.76 0.88 -9.21
CA ARG C 488 -38.76 0.41 -10.16
C ARG C 488 -39.39 0.16 -11.53
N ARG C 489 -40.60 -0.40 -11.55
CA ARG C 489 -41.33 -0.56 -12.80
C ARG C 489 -41.50 0.78 -13.50
N GLN C 490 -42.00 1.77 -12.77
CA GLN C 490 -42.20 3.09 -13.37
C GLN C 490 -40.90 3.65 -13.91
N GLU C 491 -39.81 3.53 -13.15
CA GLU C 491 -38.57 4.14 -13.59
C GLU C 491 -38.05 3.49 -14.87
N TRP C 492 -38.14 2.16 -14.96
CA TRP C 492 -37.67 1.49 -16.17
C TRP C 492 -38.55 1.86 -17.37
N LEU C 493 -39.87 1.77 -17.19
CA LEU C 493 -40.79 2.13 -18.26
C LEU C 493 -40.54 3.55 -18.75
N LEU C 494 -40.30 4.48 -17.82
CA LEU C 494 -40.09 5.88 -18.18
C LEU C 494 -38.77 6.05 -18.92
N SER C 495 -37.73 5.32 -18.51
CA SER C 495 -36.47 5.44 -19.23
C SER C 495 -36.61 4.88 -20.64
N GLU C 496 -37.48 3.90 -20.83
CA GLU C 496 -37.63 3.30 -22.15
C GLU C 496 -38.47 4.17 -23.08
N LEU C 497 -39.55 4.77 -22.58
CA LEU C 497 -40.36 5.63 -23.44
C LEU C 497 -39.58 6.87 -23.88
N SER C 498 -38.66 7.35 -23.05
CA SER C 498 -37.87 8.53 -23.40
C SER C 498 -36.64 8.19 -24.23
N GLY C 499 -36.36 6.90 -24.44
CA GLY C 499 -35.21 6.51 -25.22
C GLY C 499 -35.57 6.27 -26.67
N LYS C 500 -34.53 6.10 -27.50
CA LYS C 500 -34.73 5.94 -28.93
C LYS C 500 -34.54 4.50 -29.42
N ARG C 501 -34.12 3.58 -28.56
CA ARG C 501 -33.83 2.20 -28.89
C ARG C 501 -35.10 1.34 -28.80
N PRO C 502 -35.29 0.46 -29.78
CA PRO C 502 -36.40 -0.51 -29.70
C PRO C 502 -36.17 -1.53 -28.60
N LEU C 503 -37.23 -2.26 -28.28
CA LEU C 503 -37.25 -3.07 -27.06
C LEU C 503 -36.99 -4.56 -27.28
N PHE C 504 -37.54 -5.15 -28.34
CA PHE C 504 -37.41 -6.59 -28.53
C PHE C 504 -37.58 -6.93 -30.00
N GLY C 505 -37.21 -8.15 -30.36
CA GLY C 505 -37.35 -8.62 -31.72
C GLY C 505 -37.98 -10.00 -31.83
N SER C 506 -37.80 -10.66 -32.98
CA SER C 506 -38.32 -12.01 -33.14
C SER C 506 -37.68 -12.98 -32.17
N ASP C 507 -36.42 -12.77 -31.83
CA ASP C 507 -35.73 -13.59 -30.83
C ASP C 507 -36.28 -13.27 -29.45
N LEU C 508 -37.46 -13.83 -29.17
CA LEU C 508 -38.08 -13.62 -27.86
C LEU C 508 -38.97 -14.80 -27.50
N PRO C 509 -38.60 -15.57 -26.47
CA PRO C 509 -39.48 -16.66 -26.01
C PRO C 509 -40.87 -16.20 -25.63
N LYS C 510 -41.84 -16.58 -26.46
CA LYS C 510 -43.24 -16.22 -26.24
C LYS C 510 -44.03 -17.47 -25.88
N THR C 511 -44.71 -17.42 -24.74
CA THR C 511 -45.75 -18.41 -24.46
C THR C 511 -46.96 -18.10 -25.33
N GLU C 512 -47.93 -19.02 -25.34
CA GLU C 512 -49.12 -18.78 -26.16
C GLU C 512 -49.80 -17.48 -25.76
N GLU C 513 -49.88 -17.20 -24.46
CA GLU C 513 -50.54 -15.97 -24.01
C GLU C 513 -49.74 -14.73 -24.43
N ILE C 514 -48.42 -14.76 -24.24
CA ILE C 514 -47.60 -13.60 -24.56
C ILE C 514 -47.65 -13.29 -26.05
N ALA C 515 -47.60 -14.34 -26.87
CA ALA C 515 -47.77 -14.15 -28.30
C ALA C 515 -49.16 -13.63 -28.62
N ASP C 516 -50.17 -14.03 -27.86
CA ASP C 516 -51.50 -13.47 -28.09
C ASP C 516 -51.50 -11.96 -27.91
N VAL C 517 -50.90 -11.49 -26.81
CA VAL C 517 -50.87 -10.06 -26.52
C VAL C 517 -50.15 -9.29 -27.63
N LEU C 518 -48.95 -9.76 -27.98
CA LEU C 518 -48.17 -9.05 -28.99
C LEU C 518 -48.86 -9.09 -30.35
N ASP C 519 -49.48 -10.23 -30.69
CA ASP C 519 -50.19 -10.34 -31.96
C ASP C 519 -51.39 -9.42 -32.02
N THR C 520 -52.14 -9.28 -30.92
CA THR C 520 -53.22 -8.31 -30.88
C THR C 520 -52.70 -6.92 -31.24
N PHE C 521 -51.57 -6.52 -30.64
CA PHE C 521 -51.01 -5.22 -30.99
C PHE C 521 -50.67 -5.15 -32.47
N HIS C 522 -50.12 -6.23 -33.02
CA HIS C 522 -49.74 -6.22 -34.42
C HIS C 522 -50.96 -6.05 -35.33
N VAL C 523 -52.10 -6.67 -34.96
CA VAL C 523 -53.31 -6.49 -35.75
C VAL C 523 -53.79 -5.05 -35.67
N ILE C 524 -53.72 -4.44 -34.49
CA ILE C 524 -54.12 -3.05 -34.36
C ILE C 524 -53.27 -2.16 -35.25
N ALA C 525 -51.97 -2.45 -35.34
CA ALA C 525 -51.06 -1.60 -36.12
C ALA C 525 -51.37 -1.62 -37.60
N GLU C 526 -51.92 -2.72 -38.12
CA GLU C 526 -52.15 -2.90 -39.55
C GLU C 526 -53.55 -2.50 -39.99
N LEU C 527 -54.33 -1.87 -39.12
CA LEU C 527 -55.69 -1.48 -39.43
C LEU C 527 -55.88 0.02 -39.22
N PRO C 528 -56.87 0.64 -39.88
CA PRO C 528 -57.03 2.09 -39.77
C PRO C 528 -57.38 2.52 -38.34
N ALA C 529 -56.82 3.66 -37.93
CA ALA C 529 -57.07 4.14 -36.59
C ALA C 529 -58.55 4.46 -36.35
N ASP C 530 -59.30 4.76 -37.42
CA ASP C 530 -60.72 5.02 -37.29
C ASP C 530 -61.50 3.82 -36.78
N SER C 531 -60.91 2.62 -36.82
CA SER C 531 -61.63 1.42 -36.40
C SER C 531 -61.56 1.18 -34.90
N PHE C 532 -60.63 1.85 -34.21
CA PHE C 532 -60.35 1.58 -32.80
C PHE C 532 -60.71 2.75 -31.92
N GLY C 533 -61.06 2.44 -30.68
CA GLY C 533 -61.29 3.44 -29.67
C GLY C 533 -60.24 3.43 -28.59
N ALA C 534 -60.55 2.76 -27.48
CA ALA C 534 -59.73 2.80 -26.28
C ALA C 534 -59.15 1.44 -25.97
N TYR C 535 -57.92 1.43 -25.46
CA TYR C 535 -57.30 0.23 -24.92
C TYR C 535 -57.53 0.25 -23.42
N ILE C 536 -58.32 -0.71 -22.95
CA ILE C 536 -58.84 -0.77 -21.59
C ILE C 536 -58.09 -1.83 -20.80
N ILE C 537 -57.59 -1.44 -19.63
CA ILE C 537 -56.79 -2.29 -18.76
C ILE C 537 -57.66 -2.79 -17.62
N SER C 538 -58.01 -4.07 -17.66
CA SER C 538 -58.72 -4.65 -16.54
C SER C 538 -57.77 -4.84 -15.38
N MET C 539 -58.32 -4.73 -14.17
CA MET C 539 -57.56 -4.92 -12.92
C MET C 539 -56.39 -3.95 -12.86
N ALA C 540 -56.62 -2.72 -13.29
CA ALA C 540 -55.60 -1.67 -13.19
C ALA C 540 -55.50 -1.20 -11.75
N THR C 541 -54.27 -0.98 -11.29
CA THR C 541 -54.02 -0.60 -9.90
C THR C 541 -52.96 0.48 -9.74
N ALA C 542 -52.10 0.71 -10.72
CA ALA C 542 -50.92 1.55 -10.54
C ALA C 542 -50.58 2.21 -11.87
N PRO C 543 -49.82 3.30 -11.84
CA PRO C 543 -49.45 3.95 -13.11
C PRO C 543 -48.65 3.06 -14.05
N SER C 544 -47.90 2.09 -13.52
CA SER C 544 -47.11 1.20 -14.36
C SER C 544 -47.99 0.39 -15.31
N ASP C 545 -49.21 0.07 -14.88
CA ASP C 545 -50.12 -0.66 -15.75
C ASP C 545 -50.43 0.12 -17.02
N VAL C 546 -50.68 1.42 -16.89
CA VAL C 546 -50.93 2.27 -18.05
C VAL C 546 -49.66 2.45 -18.88
N LEU C 547 -48.52 2.69 -18.22
CA LEU C 547 -47.29 2.95 -18.97
C LEU C 547 -46.84 1.71 -19.75
N ALA C 548 -47.08 0.53 -19.19
CA ALA C 548 -46.75 -0.72 -19.88
C ALA C 548 -47.47 -0.82 -21.22
N VAL C 549 -48.77 -0.52 -21.22
CA VAL C 549 -49.52 -0.59 -22.47
C VAL C 549 -49.03 0.47 -23.43
N GLU C 550 -48.73 1.68 -22.93
CA GLU C 550 -48.22 2.70 -23.85
C GLU C 550 -46.93 2.24 -24.52
N LEU C 551 -46.04 1.60 -23.76
CA LEU C 551 -44.76 1.16 -24.30
C LEU C 551 -44.94 0.00 -25.28
N LEU C 552 -45.72 -1.02 -24.88
CA LEU C 552 -45.96 -2.14 -25.77
C LEU C 552 -46.62 -1.70 -27.07
N GLN C 553 -47.56 -0.77 -26.98
CA GLN C 553 -48.16 -0.19 -28.17
C GLN C 553 -47.10 0.40 -29.08
N ARG C 554 -46.21 1.22 -28.51
CA ARG C 554 -45.25 1.91 -29.36
C ARG C 554 -44.26 0.94 -30.00
N GLU C 555 -43.78 -0.03 -29.23
CA GLU C 555 -42.78 -0.97 -29.73
C GLU C 555 -43.35 -2.04 -30.66
N CYS C 556 -44.67 -2.20 -30.72
CA CYS C 556 -45.29 -3.00 -31.77
C CYS C 556 -45.67 -2.17 -33.00
N ARG C 557 -45.10 -0.97 -33.12
CA ARG C 557 -45.22 -0.12 -34.32
C ARG C 557 -46.66 0.31 -34.61
N VAL C 558 -47.45 0.56 -33.57
CA VAL C 558 -48.75 1.19 -33.73
C VAL C 558 -48.52 2.69 -33.94
N LYS C 559 -48.67 3.15 -35.18
CA LYS C 559 -48.32 4.53 -35.53
C LYS C 559 -49.23 5.53 -34.81
N GLN C 560 -50.54 5.30 -34.84
CA GLN C 560 -51.50 6.14 -34.11
C GLN C 560 -51.95 5.35 -32.89
N PRO C 561 -51.28 5.46 -31.76
CA PRO C 561 -51.61 4.62 -30.61
C PRO C 561 -52.98 4.91 -30.05
N LEU C 562 -53.61 3.87 -29.51
CA LEU C 562 -54.89 4.01 -28.84
C LEU C 562 -54.72 4.77 -27.54
N ARG C 563 -55.78 5.42 -27.10
CA ARG C 563 -55.80 6.00 -25.76
C ARG C 563 -55.92 4.87 -24.74
N VAL C 564 -55.12 4.93 -23.69
CA VAL C 564 -55.10 3.88 -22.68
C VAL C 564 -56.06 4.27 -21.57
N VAL C 565 -56.88 3.32 -21.15
CA VAL C 565 -57.92 3.56 -20.16
C VAL C 565 -57.83 2.53 -19.03
N PRO C 566 -57.46 2.94 -17.83
CA PRO C 566 -57.44 1.99 -16.71
C PRO C 566 -58.85 1.75 -16.18
N LEU C 567 -59.12 0.49 -15.85
CA LEU C 567 -60.36 0.11 -15.19
C LEU C 567 -60.02 -0.26 -13.75
N PHE C 568 -60.39 0.63 -12.82
CA PHE C 568 -60.14 0.41 -11.39
C PHE C 568 -61.32 -0.35 -10.80
N GLU C 569 -61.09 -1.62 -10.47
CA GLU C 569 -62.16 -2.55 -10.10
C GLU C 569 -62.34 -2.68 -8.60
N LYS C 570 -61.34 -3.22 -7.90
CA LYS C 570 -61.45 -3.42 -6.46
C LYS C 570 -61.55 -2.08 -5.73
N LEU C 571 -62.00 -2.15 -4.48
CA LEU C 571 -62.27 -0.94 -3.71
C LEU C 571 -60.98 -0.18 -3.41
N ALA C 572 -59.96 -0.90 -2.97
CA ALA C 572 -58.66 -0.27 -2.72
C ALA C 572 -58.11 0.38 -3.98
N ASP C 573 -58.31 -0.27 -5.13
CA ASP C 573 -57.87 0.31 -6.40
C ASP C 573 -58.59 1.62 -6.66
N LEU C 574 -59.87 1.70 -6.30
CA LEU C 574 -60.58 2.97 -6.43
C LEU C 574 -59.98 4.02 -5.53
N GLU C 575 -59.65 3.66 -4.28
CA GLU C 575 -59.09 4.65 -3.36
C GLU C 575 -57.75 5.17 -3.86
N ALA C 576 -56.94 4.30 -4.47
CA ALA C 576 -55.64 4.67 -5.00
C ALA C 576 -55.70 5.29 -6.38
N ALA C 577 -56.89 5.37 -6.99
CA ALA C 577 -56.98 5.78 -8.40
C ALA C 577 -56.58 7.24 -8.61
N PRO C 578 -57.08 8.21 -7.86
CA PRO C 578 -56.68 9.62 -8.14
C PRO C 578 -55.20 9.88 -7.95
N ALA C 579 -54.55 9.21 -7.00
CA ALA C 579 -53.11 9.35 -6.88
C ALA C 579 -52.41 8.82 -8.13
N ALA C 580 -52.84 7.65 -8.62
CA ALA C 580 -52.19 7.05 -9.78
C ALA C 580 -52.40 7.90 -11.04
N VAL C 581 -53.61 8.44 -11.19
CA VAL C 581 -53.87 9.28 -12.36
C VAL C 581 -53.10 10.59 -12.24
N ALA C 582 -52.96 11.12 -11.02
CA ALA C 582 -52.18 12.33 -10.84
C ALA C 582 -50.72 12.09 -11.21
N ARG C 583 -50.16 10.99 -10.71
CA ARG C 583 -48.79 10.64 -11.05
C ARG C 583 -48.61 10.47 -12.54
N LEU C 584 -49.61 9.92 -13.23
CA LEU C 584 -49.52 9.79 -14.67
C LEU C 584 -49.50 11.16 -15.35
N PHE C 585 -50.41 12.06 -14.93
CA PHE C 585 -50.43 13.41 -15.51
C PHE C 585 -49.15 14.17 -15.23
N SER C 586 -48.44 13.83 -14.16
CA SER C 586 -47.25 14.58 -13.77
C SER C 586 -46.01 14.21 -14.58
N VAL C 587 -46.01 13.04 -15.20
CA VAL C 587 -44.89 12.60 -16.04
C VAL C 587 -45.01 13.25 -17.42
N ASP C 588 -43.92 13.89 -17.87
CA ASP C 588 -43.97 14.74 -19.05
C ASP C 588 -44.32 13.95 -20.31
N TRP C 589 -43.77 12.74 -20.45
CA TRP C 589 -44.02 11.95 -21.64
C TRP C 589 -45.51 11.61 -21.77
N TYR C 590 -46.10 11.08 -20.69
CA TYR C 590 -47.51 10.73 -20.73
C TYR C 590 -48.36 11.99 -20.94
N LYS C 591 -47.95 13.11 -20.33
CA LYS C 591 -48.69 14.35 -20.46
C LYS C 591 -48.75 14.81 -21.91
N ASN C 592 -47.63 14.72 -22.63
CA ASN C 592 -47.63 15.15 -24.03
C ASN C 592 -48.33 14.13 -24.92
N ARG C 593 -48.24 12.84 -24.61
CA ARG C 593 -48.90 11.85 -25.45
C ARG C 593 -50.42 11.99 -25.39
N ILE C 594 -50.98 12.26 -24.21
CA ILE C 594 -52.44 12.27 -24.11
C ILE C 594 -53.09 13.52 -24.69
N ASN C 595 -52.35 14.61 -24.85
CA ASN C 595 -52.87 15.83 -25.45
C ASN C 595 -54.12 16.34 -24.73
N GLY C 596 -54.02 16.43 -23.41
CA GLY C 596 -55.07 17.09 -22.64
C GLY C 596 -56.37 16.32 -22.50
N LYS C 597 -56.36 15.01 -22.72
CA LYS C 597 -57.57 14.21 -22.57
C LYS C 597 -57.23 12.89 -21.89
N GLN C 598 -58.07 12.49 -20.92
CA GLN C 598 -57.90 11.23 -20.22
C GLN C 598 -59.27 10.58 -19.97
N GLU C 599 -59.35 9.27 -20.20
CA GLU C 599 -60.56 8.50 -19.94
C GLU C 599 -60.25 7.43 -18.92
N VAL C 600 -61.08 7.34 -17.89
CA VAL C 600 -60.96 6.33 -16.84
C VAL C 600 -62.26 5.55 -16.79
N MET C 601 -62.16 4.25 -16.57
CA MET C 601 -63.33 3.38 -16.52
C MET C 601 -63.57 2.85 -15.11
N ILE C 602 -64.84 2.81 -14.71
CA ILE C 602 -65.25 2.30 -13.41
C ILE C 602 -66.31 1.23 -13.64
N GLY C 603 -66.28 0.19 -12.82
CA GLY C 603 -67.20 -0.92 -12.97
C GLY C 603 -68.05 -1.13 -11.75
N TYR C 604 -69.26 -0.58 -11.77
CA TYR C 604 -70.19 -0.73 -10.66
CA TYR C 604 -70.19 -0.73 -10.67
C TYR C 604 -70.35 -2.20 -10.26
N SER C 605 -70.63 -3.07 -11.24
CA SER C 605 -70.80 -4.48 -10.92
C SER C 605 -69.50 -5.09 -10.41
N ASP C 606 -68.38 -4.73 -11.07
CA ASP C 606 -67.06 -5.24 -10.65
C ASP C 606 -66.75 -4.86 -9.20
N SER C 607 -66.89 -3.57 -8.85
CA SER C 607 -66.56 -3.13 -7.50
C SER C 607 -67.54 -3.71 -6.48
N GLY C 608 -68.79 -3.89 -6.87
CA GLY C 608 -69.73 -4.49 -5.96
C GLY C 608 -69.39 -5.94 -5.66
N LYS C 609 -68.86 -6.67 -6.63
CA LYS C 609 -68.49 -8.05 -6.34
C LYS C 609 -67.45 -8.11 -5.24
N ASP C 610 -66.61 -7.08 -5.17
CA ASP C 610 -65.55 -7.02 -4.16
C ASP C 610 -66.13 -6.69 -2.78
N ALA C 611 -66.92 -5.60 -2.67
CA ALA C 611 -67.22 -5.09 -1.34
C ALA C 611 -68.70 -4.79 -1.09
N GLY C 612 -69.61 -5.40 -1.84
CA GLY C 612 -71.01 -5.06 -1.69
C GLY C 612 -71.36 -3.78 -2.44
N ARG C 613 -72.65 -3.63 -2.72
CA ARG C 613 -73.05 -2.60 -3.68
C ARG C 613 -73.10 -1.20 -3.08
N LEU C 614 -73.61 -1.07 -1.84
CA LEU C 614 -73.68 0.27 -1.23
C LEU C 614 -72.29 0.88 -1.11
N SER C 615 -71.31 0.06 -0.73
CA SER C 615 -69.95 0.57 -0.59
C SER C 615 -69.38 0.95 -1.94
N ALA C 616 -69.62 0.12 -2.97
CA ALA C 616 -69.11 0.45 -4.29
C ALA C 616 -69.73 1.74 -4.82
N ALA C 617 -71.02 1.96 -4.54
CA ALA C 617 -71.68 3.18 -4.98
C ALA C 617 -71.03 4.40 -4.36
N TRP C 618 -70.94 4.43 -3.03
CA TRP C 618 -70.41 5.62 -2.39
C TRP C 618 -68.94 5.81 -2.78
N GLN C 619 -68.21 4.71 -2.95
CA GLN C 619 -66.80 4.79 -3.32
C GLN C 619 -66.63 5.32 -4.74
N LEU C 620 -67.56 5.00 -5.63
CA LEU C 620 -67.46 5.51 -6.99
C LEU C 620 -67.83 6.99 -7.07
N TYR C 621 -68.77 7.45 -6.23
CA TYR C 621 -69.01 8.89 -6.17
C TYR C 621 -67.76 9.62 -5.72
N LYS C 622 -67.16 9.14 -4.61
CA LYS C 622 -65.99 9.83 -4.08
C LYS C 622 -64.82 9.77 -5.07
N ALA C 623 -64.59 8.60 -5.68
CA ALA C 623 -63.48 8.46 -6.61
C ALA C 623 -63.63 9.38 -7.81
N GLN C 624 -64.87 9.56 -8.30
CA GLN C 624 -65.04 10.53 -9.39
C GLN C 624 -64.81 11.96 -8.92
N GLU C 625 -65.27 12.30 -7.71
CA GLU C 625 -64.97 13.62 -7.15
C GLU C 625 -63.48 13.91 -7.19
N GLU C 626 -62.68 12.98 -6.68
CA GLU C 626 -61.24 13.22 -6.56
C GLU C 626 -60.56 13.21 -7.93
N LEU C 627 -61.04 12.36 -8.85
CA LEU C 627 -60.45 12.37 -10.18
C LEU C 627 -60.69 13.70 -10.87
N VAL C 628 -61.88 14.29 -10.69
CA VAL C 628 -62.11 15.60 -11.28
C VAL C 628 -61.16 16.63 -10.68
N LYS C 629 -60.95 16.57 -9.36
CA LYS C 629 -59.99 17.50 -8.75
C LYS C 629 -58.61 17.38 -9.42
N VAL C 630 -58.15 16.15 -9.65
CA VAL C 630 -56.84 15.96 -10.27
C VAL C 630 -56.83 16.53 -11.68
N ALA C 631 -57.87 16.20 -12.47
CA ALA C 631 -57.93 16.65 -13.86
C ALA C 631 -57.90 18.17 -13.97
N LYS C 632 -58.58 18.85 -13.05
CA LYS C 632 -58.50 20.32 -13.06
C LYS C 632 -57.11 20.79 -12.68
N GLU C 633 -56.46 20.13 -11.71
CA GLU C 633 -55.09 20.48 -11.36
C GLU C 633 -54.19 20.49 -12.59
N TYR C 634 -54.23 19.42 -13.38
CA TYR C 634 -53.29 19.27 -14.49
C TYR C 634 -53.84 19.74 -15.84
N GLY C 635 -55.02 20.34 -15.87
CA GLY C 635 -55.56 20.85 -17.12
C GLY C 635 -55.94 19.79 -18.12
N VAL C 636 -56.42 18.64 -17.65
CA VAL C 636 -56.80 17.51 -18.49
C VAL C 636 -58.31 17.38 -18.49
N LYS C 637 -58.89 17.06 -19.66
CA LYS C 637 -60.32 16.86 -19.78
C LYS C 637 -60.63 15.40 -19.49
N LEU C 638 -61.29 15.14 -18.37
CA LEU C 638 -61.52 13.78 -17.91
C LEU C 638 -62.87 13.26 -18.44
N THR C 639 -62.88 12.00 -18.82
CA THR C 639 -64.07 11.30 -19.28
C THR C 639 -64.24 10.03 -18.45
N MET C 640 -65.35 9.94 -17.71
CA MET C 640 -65.62 8.75 -16.93
C MET C 640 -66.42 7.76 -17.78
N PHE C 641 -65.86 6.57 -17.96
CA PHE C 641 -66.51 5.50 -18.70
C PHE C 641 -67.24 4.59 -17.70
N HIS C 642 -68.56 4.55 -17.81
CA HIS C 642 -69.40 3.77 -16.90
C HIS C 642 -69.57 2.35 -17.44
N GLY C 643 -68.97 1.38 -16.76
CA GLY C 643 -69.12 0.00 -17.15
C GLY C 643 -70.50 -0.52 -16.79
N ARG C 644 -70.64 -1.84 -16.94
CA ARG C 644 -71.93 -2.43 -16.66
CA ARG C 644 -71.88 -2.53 -16.65
C ARG C 644 -72.21 -2.45 -15.16
N GLY C 645 -73.50 -2.34 -14.83
CA GLY C 645 -73.99 -2.37 -13.47
C GLY C 645 -74.44 -1.05 -12.89
N GLY C 646 -74.32 0.06 -13.61
CA GLY C 646 -74.54 1.35 -13.00
C GLY C 646 -76.00 1.75 -12.91
N THR C 647 -76.22 2.91 -12.28
CA THR C 647 -77.53 3.54 -12.38
C THR C 647 -77.76 4.07 -13.80
N VAL C 648 -76.69 4.51 -14.47
CA VAL C 648 -76.79 5.02 -15.83
C VAL C 648 -76.90 3.90 -16.84
N GLY C 649 -76.87 2.65 -16.42
CA GLY C 649 -77.08 1.53 -17.32
C GLY C 649 -78.49 0.95 -17.33
N ARG C 650 -79.44 1.57 -16.63
CA ARG C 650 -80.80 1.07 -16.58
C ARG C 650 -81.52 1.38 -17.88
N GLY C 651 -82.78 0.90 -17.98
CA GLY C 651 -83.58 1.11 -19.15
C GLY C 651 -84.60 2.21 -18.92
N GLY C 652 -84.55 3.23 -19.76
CA GLY C 652 -85.59 4.24 -19.79
C GLY C 652 -85.33 5.46 -18.95
N GLY C 653 -86.40 5.99 -18.35
CA GLY C 653 -86.32 7.20 -17.57
C GLY C 653 -85.27 7.23 -16.49
N PRO C 654 -85.09 6.15 -15.71
CA PRO C 654 -84.09 6.18 -14.64
C PRO C 654 -82.73 6.67 -15.06
N THR C 655 -82.32 6.39 -16.31
CA THR C 655 -81.03 6.84 -16.80
C THR C 655 -80.93 8.36 -16.78
N HIS C 656 -82.04 9.05 -17.05
CA HIS C 656 -82.02 10.51 -17.08
C HIS C 656 -81.59 11.09 -15.74
N LEU C 657 -82.21 10.61 -14.65
CA LEU C 657 -81.82 11.10 -13.33
C LEU C 657 -80.46 10.57 -12.92
N ALA C 658 -80.12 9.34 -13.33
CA ALA C 658 -78.80 8.81 -12.98
C ALA C 658 -77.70 9.68 -13.55
N ILE C 659 -77.84 10.11 -14.79
CA ILE C 659 -76.85 11.01 -15.36
C ILE C 659 -76.86 12.35 -14.61
N LEU C 660 -78.05 12.88 -14.32
CA LEU C 660 -78.07 14.15 -13.59
C LEU C 660 -77.46 14.04 -12.20
N SER C 661 -77.34 12.82 -11.67
CA SER C 661 -76.92 12.57 -10.30
C SER C 661 -75.41 12.52 -10.11
N GLN C 662 -74.65 12.35 -11.18
CA GLN C 662 -73.21 12.21 -11.08
C GLN C 662 -72.59 13.44 -10.43
N PRO C 663 -71.42 13.29 -9.80
CA PRO C 663 -70.85 14.41 -9.07
C PRO C 663 -70.56 15.56 -10.00
N PRO C 664 -70.57 16.79 -9.48
CA PRO C 664 -70.34 17.96 -10.32
C PRO C 664 -69.07 17.86 -11.15
N ASP C 665 -69.17 18.24 -12.43
CA ASP C 665 -68.06 18.36 -13.36
C ASP C 665 -67.45 17.02 -13.76
N THR C 666 -68.11 15.90 -13.46
CA THR C 666 -67.57 14.62 -13.88
C THR C 666 -67.86 14.31 -15.34
N ILE C 667 -68.82 15.01 -15.95
CA ILE C 667 -69.18 14.74 -17.34
C ILE C 667 -68.48 15.75 -18.24
N ASN C 668 -68.78 17.03 -18.03
CA ASN C 668 -68.12 18.12 -18.73
C ASN C 668 -68.19 17.94 -20.25
N GLY C 669 -69.38 17.62 -20.73
CA GLY C 669 -69.62 17.49 -22.15
C GLY C 669 -69.11 16.22 -22.78
N SER C 670 -68.81 15.20 -22.00
CA SER C 670 -68.29 13.95 -22.55
C SER C 670 -68.81 12.80 -21.68
N LEU C 671 -69.87 12.15 -22.14
CA LEU C 671 -70.47 11.02 -21.47
C LEU C 671 -70.16 9.76 -22.23
N ARG C 672 -69.69 8.72 -21.53
CA ARG C 672 -69.45 7.43 -22.16
C ARG C 672 -70.09 6.37 -21.27
N VAL C 673 -71.07 5.66 -21.81
CA VAL C 673 -71.87 4.72 -21.04
C VAL C 673 -71.94 3.39 -21.78
N THR C 674 -71.90 2.30 -21.02
CA THR C 674 -72.12 0.97 -21.56
C THR C 674 -73.61 0.75 -21.77
N VAL C 675 -73.99 0.40 -23.00
CA VAL C 675 -75.37 -0.04 -23.26
C VAL C 675 -75.39 -1.55 -23.07
N GLN C 676 -75.91 -2.00 -21.93
CA GLN C 676 -75.90 -3.42 -21.61
C GLN C 676 -76.80 -4.18 -22.59
N GLY C 677 -76.35 -5.39 -22.96
CA GLY C 677 -77.10 -6.17 -23.93
C GLY C 677 -78.50 -6.53 -23.48
N GLU C 678 -78.71 -6.70 -22.17
CA GLU C 678 -80.04 -7.02 -21.65
C GLU C 678 -81.00 -5.84 -21.71
N VAL C 679 -80.54 -4.71 -22.23
CA VAL C 679 -81.34 -3.48 -22.32
C VAL C 679 -81.37 -2.91 -23.74
N ILE C 680 -80.49 -3.36 -24.63
CA ILE C 680 -80.32 -2.70 -25.93
C ILE C 680 -81.56 -2.82 -26.81
N GLU C 681 -82.34 -3.91 -26.69
CA GLU C 681 -83.58 -4.01 -27.46
C GLU C 681 -84.64 -3.07 -26.92
N GLN C 682 -84.76 -2.99 -25.59
CA GLN C 682 -85.66 -2.02 -24.96
C GLN C 682 -85.26 -0.59 -25.33
N SER C 683 -84.00 -0.37 -25.69
CA SER C 683 -83.52 0.98 -25.93
C SER C 683 -83.48 1.38 -27.40
N PHE C 684 -83.20 0.44 -28.30
CA PHE C 684 -83.01 0.76 -29.71
C PHE C 684 -83.80 -0.15 -30.63
N GLY C 685 -84.67 -1.00 -30.12
CA GLY C 685 -85.40 -1.92 -30.98
C GLY C 685 -86.47 -1.25 -31.81
N GLU C 686 -87.09 -0.21 -31.29
CA GLU C 686 -88.22 0.47 -31.90
C GLU C 686 -87.87 1.93 -32.13
N GLU C 687 -88.52 2.54 -33.12
CA GLU C 687 -88.16 3.90 -33.55
C GLU C 687 -88.29 4.91 -32.40
N HIS C 688 -89.46 4.94 -31.75
CA HIS C 688 -89.70 5.90 -30.67
C HIS C 688 -88.72 5.70 -29.53
N LEU C 689 -88.57 4.44 -29.10
CA LEU C 689 -87.65 4.12 -28.02
C LEU C 689 -86.24 4.60 -28.34
N CYS C 690 -85.81 4.44 -29.59
CA CYS C 690 -84.48 4.90 -30.00
C CYS C 690 -84.37 6.41 -29.88
N PHE C 691 -85.35 7.13 -30.44
CA PHE C 691 -85.32 8.59 -30.34
C PHE C 691 -85.23 9.02 -28.89
N ARG C 692 -86.03 8.40 -28.02
CA ARG C 692 -86.09 8.84 -26.64
C ARG C 692 -84.81 8.51 -25.90
N THR C 693 -84.18 7.39 -26.23
CA THR C 693 -82.87 7.08 -25.66
C THR C 693 -81.85 8.14 -26.03
N LEU C 694 -81.68 8.41 -27.34
CA LEU C 694 -80.74 9.46 -27.74
C LEU C 694 -81.08 10.79 -27.08
N GLN C 695 -82.38 11.09 -26.96
CA GLN C 695 -82.79 12.37 -26.40
C GLN C 695 -82.39 12.48 -24.93
N ARG C 696 -82.66 11.46 -24.13
CA ARG C 696 -82.38 11.65 -22.72
C ARG C 696 -80.88 11.65 -22.44
N PHE C 697 -80.10 10.83 -23.16
CA PHE C 697 -78.66 10.94 -23.00
C PHE C 697 -78.17 12.36 -23.35
N THR C 698 -78.65 12.91 -24.47
CA THR C 698 -78.17 14.22 -24.88
C THR C 698 -78.62 15.31 -23.92
N ALA C 699 -79.90 15.30 -23.54
CA ALA C 699 -80.46 16.36 -22.70
C ALA C 699 -79.87 16.31 -21.29
N ALA C 700 -79.73 15.13 -20.70
CA ALA C 700 -79.18 15.05 -19.36
C ALA C 700 -77.71 15.43 -19.33
N THR C 701 -76.95 15.03 -20.35
CA THR C 701 -75.56 15.47 -20.42
C THR C 701 -75.48 16.99 -20.45
N LEU C 702 -76.29 17.61 -21.32
CA LEU C 702 -76.28 19.05 -21.47
C LEU C 702 -76.66 19.74 -20.16
N GLU C 703 -77.70 19.25 -19.51
CA GLU C 703 -78.16 19.85 -18.27
C GLU C 703 -77.14 19.70 -17.16
N HIS C 704 -76.55 18.50 -17.05
CA HIS C 704 -75.60 18.24 -15.97
C HIS C 704 -74.39 19.15 -16.05
N GLY C 705 -73.94 19.45 -17.27
CA GLY C 705 -72.81 20.35 -17.38
C GLY C 705 -73.07 21.74 -16.87
N MET C 706 -74.33 22.20 -16.92
CA MET C 706 -74.69 23.55 -16.53
C MET C 706 -75.42 23.66 -15.20
N ARG C 707 -75.77 22.53 -14.59
CA ARG C 707 -76.60 22.53 -13.39
C ARG C 707 -76.26 21.27 -12.62
N PRO C 708 -75.16 21.29 -11.89
CA PRO C 708 -74.71 20.09 -11.19
C PRO C 708 -75.67 19.77 -10.06
N PRO C 709 -75.70 18.51 -9.61
CA PRO C 709 -76.53 18.19 -8.45
C PRO C 709 -75.99 18.91 -7.22
N ILE C 710 -76.83 18.96 -6.19
CA ILE C 710 -76.43 19.69 -4.99
C ILE C 710 -75.21 19.01 -4.38
N SER C 711 -74.38 19.80 -3.72
CA SER C 711 -73.26 19.20 -3.00
C SER C 711 -73.77 18.56 -1.72
N PRO C 712 -73.36 17.34 -1.41
CA PRO C 712 -73.89 16.65 -0.23
C PRO C 712 -73.50 17.34 1.06
N LYS C 713 -74.47 17.43 1.97
CA LYS C 713 -74.22 17.95 3.31
C LYS C 713 -73.17 17.10 4.02
N PRO C 714 -72.36 17.71 4.89
CA PRO C 714 -71.27 16.95 5.54
C PRO C 714 -71.76 15.75 6.31
N GLU C 715 -72.92 15.86 6.96
CA GLU C 715 -73.43 14.73 7.72
C GLU C 715 -73.82 13.59 6.80
N TRP C 716 -74.25 13.89 5.57
CA TRP C 716 -74.51 12.84 4.59
C TRP C 716 -73.24 12.08 4.25
N ARG C 717 -72.16 12.81 3.93
CA ARG C 717 -70.89 12.15 3.65
CA ARG C 717 -70.89 12.15 3.65
C ARG C 717 -70.45 11.28 4.82
N ALA C 718 -70.64 11.77 6.05
CA ALA C 718 -70.20 10.99 7.21
C ALA C 718 -71.06 9.74 7.40
N LEU C 719 -72.36 9.89 7.20
CA LEU C 719 -73.28 8.76 7.35
C LEU C 719 -72.96 7.68 6.33
N LEU C 720 -72.75 8.07 5.07
CA LEU C 720 -72.41 7.07 4.07
C LEU C 720 -71.07 6.44 4.35
N ASP C 721 -70.12 7.18 4.95
CA ASP C 721 -68.86 6.54 5.29
C ASP C 721 -69.08 5.43 6.32
N GLU C 722 -69.91 5.67 7.34
CA GLU C 722 -70.16 4.63 8.34
C GLU C 722 -70.90 3.46 7.71
N MET C 723 -72.00 3.74 7.01
CA MET C 723 -72.79 2.68 6.41
C MET C 723 -71.91 1.85 5.49
N ALA C 724 -70.98 2.50 4.80
CA ALA C 724 -70.10 1.75 3.91
C ALA C 724 -69.25 0.77 4.69
N VAL C 725 -68.80 1.18 5.88
CA VAL C 725 -67.98 0.25 6.67
C VAL C 725 -68.81 -0.96 7.11
N VAL C 726 -70.02 -0.70 7.62
CA VAL C 726 -70.84 -1.81 8.11
C VAL C 726 -71.24 -2.73 6.95
N ALA C 727 -71.61 -2.14 5.81
CA ALA C 727 -72.07 -2.93 4.68
C ALA C 727 -70.96 -3.81 4.13
N THR C 728 -69.74 -3.29 4.04
CA THR C 728 -68.65 -4.17 3.60
C THR C 728 -68.38 -5.26 4.63
N GLU C 729 -68.56 -4.96 5.91
CA GLU C 729 -68.39 -6.02 6.91
C GLU C 729 -69.38 -7.15 6.65
N GLU C 730 -70.67 -6.82 6.50
CA GLU C 730 -71.66 -7.89 6.30
C GLU C 730 -71.39 -8.64 5.01
N TYR C 731 -71.16 -7.90 3.92
CA TYR C 731 -71.00 -8.54 2.62
C TYR C 731 -69.84 -9.51 2.62
N ARG C 732 -68.69 -9.07 3.14
CA ARG C 732 -67.52 -9.95 3.11
C ARG C 732 -67.63 -11.07 4.15
N SER C 733 -68.29 -10.81 5.28
CA SER C 733 -68.45 -11.86 6.27
C SER C 733 -69.34 -12.99 5.75
N VAL C 734 -70.27 -12.67 4.85
CA VAL C 734 -71.12 -13.72 4.28
C VAL C 734 -70.49 -14.36 3.06
N VAL C 735 -70.00 -13.54 2.14
CA VAL C 735 -69.53 -14.07 0.86
C VAL C 735 -68.16 -14.73 1.01
N PHE C 736 -67.26 -14.14 1.80
CA PHE C 736 -65.87 -14.54 1.84
C PHE C 736 -65.44 -15.24 3.13
N GLN C 737 -66.08 -14.96 4.26
CA GLN C 737 -65.64 -15.54 5.52
C GLN C 737 -66.38 -16.83 5.87
N GLU C 738 -67.68 -16.89 5.59
CA GLU C 738 -68.47 -18.09 5.87
C GLU C 738 -67.92 -19.28 5.11
N PRO C 739 -67.50 -20.35 5.80
CA PRO C 739 -66.79 -21.43 5.10
C PRO C 739 -67.67 -22.17 4.13
N ARG C 740 -68.94 -22.39 4.48
CA ARG C 740 -69.82 -23.18 3.64
C ARG C 740 -70.59 -22.32 2.64
N PHE C 741 -70.25 -21.04 2.48
CA PHE C 741 -70.96 -20.23 1.51
C PHE C 741 -70.78 -20.75 0.10
N VAL C 742 -69.56 -21.13 -0.27
CA VAL C 742 -69.33 -21.59 -1.64
C VAL C 742 -70.10 -22.88 -1.90
N GLU C 743 -70.18 -23.76 -0.90
CA GLU C 743 -70.97 -24.99 -1.03
C GLU C 743 -72.44 -24.66 -1.27
N TYR C 744 -72.98 -23.69 -0.54
CA TYR C 744 -74.36 -23.27 -0.74
C TYR C 744 -74.55 -22.67 -2.14
N PHE C 745 -73.61 -21.80 -2.53
CA PHE C 745 -73.65 -21.17 -3.83
C PHE C 745 -73.71 -22.18 -4.96
N ARG C 746 -73.02 -23.32 -4.80
CA ARG C 746 -73.02 -24.33 -5.83
C ARG C 746 -74.30 -25.15 -5.85
N LEU C 747 -75.14 -25.06 -4.83
CA LEU C 747 -76.37 -25.83 -4.75
C LEU C 747 -77.61 -25.01 -5.05
N ALA C 748 -77.76 -23.86 -4.40
CA ALA C 748 -78.96 -23.03 -4.48
C ALA C 748 -79.04 -22.18 -5.73
N THR C 749 -78.18 -22.44 -6.71
CA THR C 749 -78.00 -21.54 -7.85
C THR C 749 -77.40 -22.34 -8.98
N PRO C 750 -77.70 -21.98 -10.24
CA PRO C 750 -77.18 -22.77 -11.37
C PRO C 750 -75.83 -22.30 -11.89
N GLU C 751 -74.98 -21.76 -11.01
CA GLU C 751 -73.71 -21.19 -11.47
C GLU C 751 -72.84 -22.24 -12.14
N LEU C 752 -72.71 -23.42 -11.50
CA LEU C 752 -71.89 -24.47 -12.07
C LEU C 752 -72.40 -24.85 -13.45
N GLU C 753 -73.71 -25.05 -13.56
CA GLU C 753 -74.29 -25.39 -14.86
C GLU C 753 -74.15 -24.23 -15.83
N TYR C 754 -74.08 -22.98 -15.35
CA TYR C 754 -73.98 -21.86 -16.26
C TYR C 754 -72.63 -21.85 -16.94
N GLY C 755 -71.56 -21.97 -16.15
CA GLY C 755 -70.24 -22.05 -16.76
C GLY C 755 -70.07 -23.28 -17.63
N ARG C 756 -70.46 -24.44 -17.09
CA ARG C 756 -70.31 -25.69 -17.84
C ARG C 756 -71.11 -25.70 -19.13
N MET C 757 -72.25 -25.00 -19.19
CA MET C 757 -73.16 -25.10 -20.32
C MET C 757 -72.53 -24.69 -21.64
N ASN C 758 -72.67 -23.41 -22.02
CA ASN C 758 -72.27 -23.00 -23.36
C ASN C 758 -72.21 -21.50 -23.53
N ILE C 759 -72.67 -20.75 -22.53
CA ILE C 759 -72.92 -19.32 -22.70
C ILE C 759 -71.68 -18.53 -22.30
N GLY C 760 -71.37 -17.49 -23.09
CA GLY C 760 -70.29 -16.57 -22.78
C GLY C 760 -68.89 -17.09 -23.04
N SER C 761 -68.18 -17.43 -21.95
CA SER C 761 -66.78 -17.83 -22.05
C SER C 761 -66.35 -18.65 -20.83
N ARG C 762 -65.36 -18.15 -20.09
CA ARG C 762 -64.87 -18.74 -18.85
C ARG C 762 -65.32 -17.92 -17.65
N PRO C 763 -65.81 -18.55 -16.57
CA PRO C 763 -66.27 -17.77 -15.40
C PRO C 763 -65.25 -17.61 -14.28
N SER C 764 -64.14 -18.34 -14.33
CA SER C 764 -63.12 -18.30 -13.27
C SER C 764 -61.76 -17.95 -13.89
N LYS C 765 -61.22 -16.79 -13.53
CA LYS C 765 -59.92 -16.33 -14.02
C LYS C 765 -58.75 -17.23 -13.63
N SER C 769 -59.23 -21.65 -11.28
CA SER C 769 -60.33 -22.03 -10.39
C SER C 769 -60.01 -21.68 -8.94
N GLY C 770 -61.06 -21.53 -8.15
CA GLY C 770 -60.95 -21.07 -6.77
C GLY C 770 -62.32 -20.62 -6.25
N GLY C 771 -62.28 -19.63 -5.36
CA GLY C 771 -63.47 -19.11 -4.72
C GLY C 771 -64.12 -17.99 -5.51
N ILE C 772 -64.83 -17.12 -4.79
CA ILE C 772 -65.57 -16.04 -5.45
C ILE C 772 -64.63 -14.99 -6.03
N GLU C 773 -63.49 -14.74 -5.37
CA GLU C 773 -62.56 -13.72 -5.84
C GLU C 773 -62.18 -13.92 -7.30
N SER C 774 -61.93 -15.18 -7.70
CA SER C 774 -61.60 -15.45 -9.09
C SER C 774 -62.82 -15.53 -9.99
N LEU C 775 -64.01 -15.70 -9.42
CA LEU C 775 -65.23 -15.72 -10.20
C LEU C 775 -65.52 -14.35 -10.79
N ARG C 776 -65.86 -14.31 -12.07
CA ARG C 776 -66.14 -13.03 -12.72
C ARG C 776 -67.47 -12.46 -12.21
N ALA C 777 -67.63 -11.15 -12.37
CA ALA C 777 -68.81 -10.49 -11.83
C ALA C 777 -70.07 -10.90 -12.57
N ILE C 778 -70.00 -11.06 -13.88
CA ILE C 778 -71.21 -11.40 -14.64
C ILE C 778 -71.80 -12.73 -14.18
N PRO C 779 -71.04 -13.83 -14.11
CA PRO C 779 -71.63 -15.07 -13.58
C PRO C 779 -72.07 -14.93 -12.14
N TRP C 780 -71.38 -14.09 -11.37
CA TRP C 780 -71.77 -13.81 -10.00
C TRP C 780 -73.19 -13.25 -9.95
N ILE C 781 -73.48 -12.22 -10.76
CA ILE C 781 -74.82 -11.62 -10.79
C ILE C 781 -75.84 -12.58 -11.40
N PHE C 782 -75.48 -13.24 -12.50
CA PHE C 782 -76.39 -14.12 -13.21
C PHE C 782 -76.89 -15.24 -12.32
N ALA C 783 -75.97 -15.93 -11.66
CA ALA C 783 -76.35 -17.11 -10.88
C ALA C 783 -77.46 -16.80 -9.90
N TRP C 784 -77.35 -15.68 -9.18
CA TRP C 784 -78.37 -15.34 -8.20
C TRP C 784 -79.57 -14.65 -8.83
N THR C 785 -79.42 -14.04 -10.00
CA THR C 785 -80.59 -13.48 -10.66
C THR C 785 -81.52 -14.57 -11.18
N GLN C 786 -80.98 -15.71 -11.57
CA GLN C 786 -81.83 -16.80 -12.06
C GLN C 786 -82.81 -17.29 -11.00
N THR C 787 -82.41 -17.27 -9.73
CA THR C 787 -83.25 -17.79 -8.66
C THR C 787 -84.14 -16.71 -8.05
N ARG C 788 -84.24 -15.54 -8.67
CA ARG C 788 -85.09 -14.45 -8.18
C ARG C 788 -84.69 -14.02 -6.77
N PHE C 789 -83.42 -14.18 -6.42
CA PHE C 789 -82.92 -13.84 -5.10
C PHE C 789 -82.06 -12.60 -5.06
N HIS C 790 -81.13 -12.43 -6.01
CA HIS C 790 -80.42 -11.17 -6.23
C HIS C 790 -79.49 -10.77 -5.08
N LEU C 791 -78.97 -11.75 -4.34
CA LEU C 791 -78.08 -11.45 -3.21
C LEU C 791 -76.94 -10.50 -3.56
N PRO C 792 -76.24 -10.62 -4.70
CA PRO C 792 -75.16 -9.66 -4.99
C PRO C 792 -75.61 -8.21 -5.08
N VAL C 793 -76.88 -7.94 -5.28
CA VAL C 793 -77.30 -6.56 -5.47
C VAL C 793 -77.64 -5.87 -4.15
N TRP C 794 -78.34 -6.54 -3.24
CA TRP C 794 -78.85 -5.87 -2.04
C TRP C 794 -78.07 -6.17 -0.77
N LEU C 795 -77.28 -7.25 -0.75
CA LEU C 795 -76.61 -7.66 0.48
C LEU C 795 -75.66 -6.58 0.98
N GLY C 796 -75.79 -6.24 2.27
CA GLY C 796 -75.05 -5.17 2.89
C GLY C 796 -75.88 -3.94 3.20
N PHE C 797 -76.92 -3.67 2.38
CA PHE C 797 -77.78 -2.53 2.64
C PHE C 797 -78.51 -2.68 3.97
N GLY C 798 -78.98 -3.89 4.26
CA GLY C 798 -79.73 -4.16 5.47
C GLY C 798 -78.96 -3.75 6.72
N SER C 799 -77.78 -4.33 6.91
CA SER C 799 -77.03 -4.05 8.13
C SER C 799 -76.64 -2.59 8.23
N ALA C 800 -76.35 -1.94 7.10
CA ALA C 800 -75.96 -0.53 7.17
C ALA C 800 -77.11 0.32 7.71
N ILE C 801 -78.32 0.08 7.21
CA ILE C 801 -79.42 0.91 7.68
C ILE C 801 -79.82 0.54 9.11
N ARG C 802 -79.80 -0.76 9.44
CA ARG C 802 -80.06 -1.14 10.82
C ARG C 802 -79.08 -0.46 11.76
N HIS C 803 -77.80 -0.44 11.37
CA HIS C 803 -76.76 0.12 12.22
C HIS C 803 -76.99 1.61 12.47
N VAL C 804 -77.31 2.36 11.42
CA VAL C 804 -77.41 3.80 11.66
C VAL C 804 -78.74 4.16 12.34
N ILE C 805 -79.82 3.43 12.07
CA ILE C 805 -81.07 3.69 12.78
C ILE C 805 -80.89 3.43 14.27
N GLU C 806 -80.17 2.36 14.62
CA GLU C 806 -80.01 2.05 16.03
C GLU C 806 -79.03 3.03 16.71
N LYS C 807 -77.96 3.42 16.02
CA LYS C 807 -76.98 4.33 16.63
C LYS C 807 -77.60 5.66 17.02
N ASP C 808 -78.50 6.20 16.18
CA ASP C 808 -79.16 7.46 16.47
C ASP C 808 -80.57 7.43 15.91
N VAL C 809 -81.53 7.83 16.73
CA VAL C 809 -82.95 7.80 16.37
C VAL C 809 -83.21 8.65 15.12
N ARG C 810 -82.43 9.71 14.92
CA ARG C 810 -82.74 10.71 13.91
C ARG C 810 -82.19 10.34 12.54
N ASN C 811 -81.36 9.31 12.46
CA ASN C 811 -80.72 8.98 11.19
C ASN C 811 -81.74 8.58 10.14
N LEU C 812 -82.83 7.93 10.54
CA LEU C 812 -83.84 7.59 9.56
C LEU C 812 -84.29 8.85 8.82
N HIS C 813 -84.57 9.93 9.56
CA HIS C 813 -84.98 11.16 8.92
C HIS C 813 -83.90 11.64 7.97
N MET C 814 -82.65 11.51 8.37
CA MET C 814 -81.55 11.92 7.49
C MET C 814 -81.54 11.05 6.24
N LEU C 815 -81.65 9.74 6.40
CA LEU C 815 -81.77 8.89 5.22
C LEU C 815 -82.95 9.33 4.36
N GLN C 816 -84.10 9.59 5.00
CA GLN C 816 -85.25 10.00 4.22
C GLN C 816 -85.01 11.36 3.57
N ASP C 817 -84.20 12.21 4.19
CA ASP C 817 -83.88 13.48 3.56
C ASP C 817 -83.00 13.25 2.34
N MET C 818 -82.02 12.35 2.45
CA MET C 818 -81.11 12.13 1.35
C MET C 818 -81.87 11.61 0.14
N TYR C 819 -82.70 10.60 0.35
CA TYR C 819 -83.52 10.05 -0.73
C TYR C 819 -84.41 11.10 -1.36
N GLN C 820 -84.78 12.13 -0.61
CA GLN C 820 -85.68 13.12 -1.17
C GLN C 820 -84.94 14.28 -1.83
N HIS C 821 -83.65 14.48 -1.52
CA HIS C 821 -83.00 15.69 -1.98
C HIS C 821 -81.61 15.46 -2.57
N TRP C 822 -81.03 14.29 -2.39
CA TRP C 822 -79.71 14.00 -2.94
C TRP C 822 -79.89 13.04 -4.09
N PRO C 823 -79.79 13.51 -5.34
CA PRO C 823 -80.05 12.61 -6.47
C PRO C 823 -79.24 11.34 -6.41
N PHE C 824 -77.94 11.43 -6.08
CA PHE C 824 -77.10 10.23 -6.03
C PHE C 824 -77.73 9.16 -5.17
N PHE C 825 -78.19 9.55 -3.98
CA PHE C 825 -78.74 8.56 -3.07
C PHE C 825 -80.05 8.01 -3.60
N ARG C 826 -80.90 8.88 -4.14
CA ARG C 826 -82.20 8.42 -4.63
C ARG C 826 -82.03 7.40 -5.74
N VAL C 827 -81.14 7.66 -6.69
CA VAL C 827 -80.97 6.69 -7.77
C VAL C 827 -80.34 5.40 -7.23
N THR C 828 -79.42 5.52 -6.25
CA THR C 828 -78.82 4.32 -5.68
C THR C 828 -79.87 3.43 -5.02
N ILE C 829 -80.75 4.03 -4.22
CA ILE C 829 -81.81 3.26 -3.57
C ILE C 829 -82.82 2.75 -4.60
N ASP C 830 -83.21 3.60 -5.55
CA ASP C 830 -84.20 3.23 -6.55
C ASP C 830 -83.82 1.96 -7.29
N LEU C 831 -82.54 1.84 -7.68
CA LEU C 831 -82.13 0.61 -8.37
C LEU C 831 -82.36 -0.61 -7.48
N ILE C 832 -82.01 -0.50 -6.20
CA ILE C 832 -82.24 -1.60 -5.26
C ILE C 832 -83.72 -1.94 -5.18
N GLU C 833 -84.57 -0.91 -5.15
CA GLU C 833 -86.01 -1.15 -5.07
C GLU C 833 -86.48 -1.93 -6.28
N MET C 834 -86.02 -1.55 -7.47
CA MET C 834 -86.41 -2.27 -8.67
C MET C 834 -85.93 -3.72 -8.64
N VAL C 835 -84.70 -3.95 -8.17
CA VAL C 835 -84.23 -5.33 -8.10
C VAL C 835 -85.09 -6.13 -7.13
N PHE C 836 -85.53 -5.51 -6.04
CA PHE C 836 -86.43 -6.23 -5.14
C PHE C 836 -87.77 -6.52 -5.80
N ALA C 837 -88.22 -5.66 -6.72
CA ALA C 837 -89.47 -5.97 -7.43
C ALA C 837 -89.34 -7.25 -8.24
N LYS C 838 -88.14 -7.53 -8.77
CA LYS C 838 -87.87 -8.74 -9.53
C LYS C 838 -87.50 -9.92 -8.66
N GLY C 839 -87.50 -9.77 -7.34
CA GLY C 839 -87.14 -10.84 -6.44
C GLY C 839 -88.36 -11.47 -5.78
N ASP C 840 -88.22 -12.75 -5.42
CA ASP C 840 -89.25 -13.50 -4.73
C ASP C 840 -88.61 -14.53 -3.82
N PRO C 841 -88.59 -14.29 -2.51
CA PRO C 841 -87.94 -15.25 -1.61
C PRO C 841 -88.58 -16.63 -1.64
N GLY C 842 -89.87 -16.74 -2.00
CA GLY C 842 -90.51 -18.05 -2.06
C GLY C 842 -89.91 -18.95 -3.11
N ILE C 843 -89.65 -18.40 -4.30
CA ILE C 843 -89.04 -19.20 -5.35
C ILE C 843 -87.64 -19.62 -4.95
N ALA C 844 -86.88 -18.68 -4.36
CA ALA C 844 -85.55 -19.00 -3.85
C ALA C 844 -85.60 -20.14 -2.84
N ALA C 845 -86.63 -20.13 -1.98
CA ALA C 845 -86.78 -21.22 -1.04
C ALA C 845 -87.04 -22.52 -1.77
N LEU C 846 -87.78 -22.45 -2.89
CA LEU C 846 -88.02 -23.66 -3.67
C LEU C 846 -86.71 -24.24 -4.20
N TYR C 847 -85.83 -23.38 -4.70
CA TYR C 847 -84.52 -23.87 -5.13
C TYR C 847 -83.80 -24.56 -3.98
N ASP C 848 -83.83 -23.95 -2.79
CA ASP C 848 -83.19 -24.57 -1.63
C ASP C 848 -83.78 -25.95 -1.37
N LYS C 849 -85.11 -26.05 -1.37
CA LYS C 849 -85.77 -27.30 -1.03
C LYS C 849 -85.39 -28.42 -2.00
N LEU C 850 -85.20 -28.08 -3.28
CA LEU C 850 -84.91 -29.14 -4.24
C LEU C 850 -83.44 -29.46 -4.35
N LEU C 851 -82.54 -28.47 -4.19
CA LEU C 851 -81.16 -28.64 -4.62
C LEU C 851 -80.13 -28.57 -3.49
N VAL C 852 -80.51 -28.16 -2.29
CA VAL C 852 -79.58 -27.86 -1.21
C VAL C 852 -79.77 -28.86 -0.09
N SER C 853 -78.65 -29.32 0.48
CA SER C 853 -78.63 -30.27 1.59
C SER C 853 -79.43 -29.74 2.77
N GLU C 854 -79.92 -30.67 3.60
CA GLU C 854 -80.79 -30.26 4.68
C GLU C 854 -80.04 -29.44 5.72
N GLU C 855 -78.80 -29.81 6.04
CA GLU C 855 -78.05 -29.10 7.06
C GLU C 855 -77.62 -27.71 6.62
N LEU C 856 -77.72 -27.41 5.33
CA LEU C 856 -77.49 -26.06 4.84
C LEU C 856 -78.77 -25.26 4.71
N TRP C 857 -79.91 -25.89 4.97
CA TRP C 857 -81.19 -25.18 4.89
C TRP C 857 -81.24 -23.96 5.80
N PRO C 858 -80.85 -24.02 7.08
CA PRO C 858 -80.91 -22.81 7.90
C PRO C 858 -80.05 -21.69 7.38
N PHE C 859 -78.92 -22.02 6.74
CA PHE C 859 -78.08 -20.97 6.16
C PHE C 859 -78.89 -20.13 5.18
N GLY C 860 -79.51 -20.79 4.22
CA GLY C 860 -80.35 -20.07 3.28
C GLY C 860 -81.53 -19.43 3.96
N GLU C 861 -82.08 -20.09 4.99
CA GLU C 861 -83.17 -19.46 5.73
C GLU C 861 -82.72 -18.11 6.27
N LYS C 862 -81.52 -18.07 6.86
CA LYS C 862 -81.00 -16.82 7.38
C LYS C 862 -80.85 -15.79 6.27
N LEU C 863 -80.29 -16.20 5.13
CA LEU C 863 -80.14 -15.22 4.04
C LEU C 863 -81.49 -14.67 3.61
N ARG C 864 -82.53 -15.52 3.56
CA ARG C 864 -83.81 -14.99 3.13
C ARG C 864 -84.35 -13.98 4.13
N ALA C 865 -84.12 -14.21 5.44
CA ALA C 865 -84.53 -13.22 6.42
C ALA C 865 -83.83 -11.89 6.17
N ASN C 866 -82.54 -11.94 5.84
CA ASN C 866 -81.83 -10.71 5.50
C ASN C 866 -82.51 -10.02 4.32
N PHE C 867 -82.81 -10.81 3.27
CA PHE C 867 -83.58 -10.31 2.14
C PHE C 867 -84.80 -9.56 2.62
N GLU C 868 -85.58 -10.17 3.52
CA GLU C 868 -86.81 -9.53 3.95
C GLU C 868 -86.50 -8.23 4.68
N GLU C 869 -85.53 -8.27 5.62
CA GLU C 869 -85.26 -7.10 6.45
C GLU C 869 -84.81 -5.93 5.59
N THR C 870 -83.84 -6.18 4.70
CA THR C 870 -83.38 -5.14 3.80
C THR C 870 -84.52 -4.52 3.03
N LYS C 871 -85.43 -5.36 2.51
CA LYS C 871 -86.53 -4.84 1.72
C LYS C 871 -87.33 -3.85 2.54
N LYS C 872 -87.69 -4.26 3.77
CA LYS C 872 -88.47 -3.35 4.60
C LYS C 872 -87.69 -2.06 4.85
N LEU C 873 -86.39 -2.17 5.10
CA LEU C 873 -85.61 -0.98 5.40
C LEU C 873 -85.49 -0.10 4.16
N ILE C 874 -85.29 -0.71 2.99
CA ILE C 874 -85.24 0.09 1.78
C ILE C 874 -86.56 0.84 1.60
N LEU C 875 -87.69 0.15 1.85
CA LEU C 875 -88.97 0.84 1.75
C LEU C 875 -89.02 2.03 2.71
N GLN C 876 -88.64 1.81 3.98
CA GLN C 876 -88.67 2.90 4.94
C GLN C 876 -87.86 4.08 4.46
N THR C 877 -86.73 3.82 3.82
CA THR C 877 -85.88 4.88 3.33
C THR C 877 -86.56 5.67 2.23
N ALA C 878 -87.19 4.97 1.30
CA ALA C 878 -87.83 5.60 0.14
C ALA C 878 -89.18 6.22 0.46
N GLY C 879 -89.65 6.12 1.70
CA GLY C 879 -90.96 6.63 2.04
C GLY C 879 -92.09 5.88 1.38
N HIS C 880 -91.90 4.58 1.15
CA HIS C 880 -92.86 3.78 0.42
C HIS C 880 -93.46 2.69 1.30
N LYS C 881 -94.72 2.36 1.01
CA LYS C 881 -95.34 1.20 1.59
C LYS C 881 -95.22 -0.04 0.70
N ASP C 882 -95.26 0.15 -0.62
CA ASP C 882 -95.03 -0.92 -1.57
C ASP C 882 -93.84 -0.58 -2.44
N LEU C 883 -93.26 -1.60 -3.06
CA LEU C 883 -92.17 -1.37 -3.99
C LEU C 883 -92.66 -0.58 -5.20
N LEU C 884 -91.80 0.31 -5.70
CA LEU C 884 -92.08 1.09 -6.92
C LEU C 884 -93.37 1.90 -6.80
N GLU C 885 -93.65 2.39 -5.60
CA GLU C 885 -94.86 3.18 -5.38
C GLU C 885 -94.92 4.38 -6.32
N GLY C 886 -93.77 4.92 -6.71
CA GLY C 886 -93.70 6.08 -7.57
C GLY C 886 -93.62 5.82 -9.05
N ASP C 887 -93.52 4.56 -9.47
CA ASP C 887 -93.41 4.22 -10.89
C ASP C 887 -94.35 3.06 -11.17
N PRO C 888 -95.67 3.30 -11.17
CA PRO C 888 -96.62 2.20 -11.34
C PRO C 888 -96.58 1.58 -12.72
N TYR C 889 -96.17 2.31 -13.76
CA TYR C 889 -96.10 1.69 -15.08
C TYR C 889 -95.05 0.59 -15.10
N LEU C 890 -93.90 0.84 -14.48
CA LEU C 890 -92.86 -0.17 -14.37
C LEU C 890 -93.27 -1.29 -13.43
N LYS C 891 -93.90 -0.95 -12.30
CA LYS C 891 -94.41 -1.97 -11.41
C LYS C 891 -95.34 -2.92 -12.17
N GLN C 892 -96.25 -2.35 -12.97
CA GLN C 892 -97.20 -3.13 -13.76
C GLN C 892 -96.49 -4.02 -14.78
N GLY C 893 -95.54 -3.46 -15.53
CA GLY C 893 -94.86 -4.26 -16.55
C GLY C 893 -94.05 -5.40 -15.95
N LEU C 894 -93.36 -5.13 -14.85
CA LEU C 894 -92.59 -6.18 -14.17
C LEU C 894 -93.53 -7.25 -13.63
N ARG C 895 -94.67 -6.84 -13.08
CA ARG C 895 -95.64 -7.80 -12.60
C ARG C 895 -96.13 -8.70 -13.74
N LEU C 896 -96.29 -8.11 -14.93
CA LEU C 896 -96.71 -8.88 -16.09
C LEU C 896 -95.66 -9.94 -16.45
N ARG C 897 -94.40 -9.54 -16.59
CA ARG C 897 -93.37 -10.52 -16.96
C ARG C 897 -93.21 -11.60 -15.90
N ASP C 898 -93.28 -11.22 -14.62
CA ASP C 898 -93.02 -12.16 -13.54
C ASP C 898 -93.95 -13.36 -13.60
N SER C 899 -95.19 -13.16 -14.06
CA SER C 899 -96.13 -14.28 -14.16
C SER C 899 -95.61 -15.36 -15.09
N TYR C 900 -94.90 -14.99 -16.15
CA TYR C 900 -94.31 -16.01 -17.01
C TYR C 900 -93.00 -16.52 -16.42
N ILE C 901 -92.20 -15.62 -15.84
CA ILE C 901 -90.88 -16.03 -15.37
C ILE C 901 -91.00 -17.09 -14.27
N THR C 902 -92.01 -16.96 -13.40
CA THR C 902 -92.17 -17.90 -12.29
C THR C 902 -92.26 -19.34 -12.76
N THR C 903 -92.94 -19.58 -13.88
CA THR C 903 -93.06 -20.94 -14.40
C THR C 903 -91.71 -21.48 -14.86
N LEU C 904 -90.93 -20.64 -15.53
CA LEU C 904 -89.58 -21.04 -15.91
C LEU C 904 -88.70 -21.25 -14.68
N ASN C 905 -89.00 -20.57 -13.57
CA ASN C 905 -88.27 -20.78 -12.32
C ASN C 905 -88.53 -22.18 -11.78
N VAL C 906 -89.80 -22.54 -11.58
CA VAL C 906 -90.12 -23.86 -11.05
C VAL C 906 -89.58 -24.95 -11.97
N CYS C 907 -89.76 -24.76 -13.29
CA CYS C 907 -89.23 -25.73 -14.25
C CYS C 907 -87.71 -25.85 -14.14
N GLN C 908 -87.01 -24.72 -14.01
CA GLN C 908 -85.55 -24.76 -13.91
C GLN C 908 -85.11 -25.49 -12.65
N ALA C 909 -85.80 -25.25 -11.53
CA ALA C 909 -85.40 -25.90 -10.28
C ALA C 909 -85.54 -27.41 -10.39
N TYR C 910 -86.71 -27.89 -10.81
CA TYR C 910 -86.86 -29.34 -10.92
C TYR C 910 -85.96 -29.94 -11.99
N THR C 911 -85.70 -29.21 -13.07
CA THR C 911 -84.78 -29.71 -14.08
C THR C 911 -83.37 -29.86 -13.54
N LEU C 912 -82.94 -28.91 -12.71
CA LEU C 912 -81.64 -29.05 -12.05
C LEU C 912 -81.62 -30.29 -11.17
N LYS C 913 -82.67 -30.50 -10.36
CA LYS C 913 -82.68 -31.69 -9.52
C LYS C 913 -82.62 -32.96 -10.36
N ARG C 914 -83.29 -32.96 -11.51
CA ARG C 914 -83.29 -34.14 -12.36
C ARG C 914 -81.92 -34.37 -12.98
N ILE C 915 -81.18 -33.30 -13.29
CA ILE C 915 -79.87 -33.46 -13.91
C ILE C 915 -78.85 -33.94 -12.89
N ARG C 916 -78.78 -33.28 -11.75
CA ARG C 916 -77.74 -33.59 -10.76
C ARG C 916 -77.97 -34.94 -10.09
N ASP C 917 -79.22 -35.35 -9.93
CA ASP C 917 -79.60 -36.50 -9.10
C ASP C 917 -80.36 -37.52 -9.93
N PRO C 918 -79.66 -38.45 -10.59
CA PRO C 918 -80.36 -39.56 -11.26
C PRO C 918 -81.04 -40.53 -10.31
N SER C 919 -80.81 -40.40 -9.00
CA SER C 919 -81.54 -41.16 -7.99
C SER C 919 -82.89 -40.54 -7.64
N TYR C 920 -83.29 -39.49 -8.34
CA TYR C 920 -84.58 -38.82 -8.12
C TYR C 920 -85.51 -39.24 -9.27
N HIS C 921 -86.22 -40.36 -9.05
CA HIS C 921 -87.13 -40.89 -10.05
C HIS C 921 -88.50 -40.22 -9.93
N VAL C 922 -89.09 -39.89 -11.06
CA VAL C 922 -90.36 -39.19 -11.12
C VAL C 922 -91.38 -40.07 -11.84
N THR C 923 -92.63 -39.94 -11.43
CA THR C 923 -93.72 -40.66 -12.09
C THR C 923 -94.14 -39.85 -13.31
N LEU C 924 -93.67 -40.26 -14.48
CA LEU C 924 -93.90 -39.47 -15.67
C LEU C 924 -95.35 -39.58 -16.13
N ARG C 925 -95.76 -38.64 -16.95
CA ARG C 925 -97.10 -38.63 -17.52
C ARG C 925 -97.04 -39.07 -18.97
N PRO C 926 -98.11 -39.67 -19.48
CA PRO C 926 -98.12 -40.05 -20.90
C PRO C 926 -97.82 -38.83 -21.74
N HIS C 927 -97.08 -39.04 -22.83
CA HIS C 927 -96.60 -37.94 -23.65
C HIS C 927 -97.74 -37.05 -24.11
N ILE C 928 -97.47 -35.74 -24.08
CA ILE C 928 -98.49 -34.74 -24.35
C ILE C 928 -98.22 -33.98 -25.64
N SER C 929 -96.95 -33.88 -26.05
CA SER C 929 -96.54 -32.95 -27.10
C SER C 929 -97.34 -33.15 -28.38
N LYS C 930 -97.55 -34.41 -28.79
CA LYS C 930 -98.35 -34.75 -29.96
C LYS C 930 -98.11 -33.81 -31.14
N GLU C 931 -96.95 -33.91 -31.78
CA GLU C 931 -96.56 -32.97 -32.82
C GLU C 931 -97.02 -33.42 -34.21
N ILE C 932 -98.31 -33.73 -34.33
CA ILE C 932 -98.93 -34.05 -35.62
C ILE C 932 -99.38 -32.73 -36.24
N ALA C 933 -98.74 -32.35 -37.34
CA ALA C 933 -99.07 -31.09 -38.00
C ALA C 933 -98.72 -31.16 -39.49
N PRO C 953 -80.43 -36.38 -22.60
CA PRO C 953 -81.64 -37.03 -22.12
C PRO C 953 -82.97 -36.74 -22.87
N GLY C 954 -83.32 -35.50 -23.26
CA GLY C 954 -82.48 -34.32 -23.20
C GLY C 954 -82.95 -33.20 -22.29
N LEU C 955 -82.46 -33.24 -21.05
CA LEU C 955 -82.78 -32.21 -20.06
C LEU C 955 -81.96 -30.94 -20.25
N GLU C 956 -80.80 -31.04 -20.91
CA GLU C 956 -79.94 -29.89 -21.09
C GLU C 956 -80.65 -28.79 -21.88
N ASP C 957 -81.32 -29.16 -22.97
CA ASP C 957 -82.05 -28.17 -23.76
C ASP C 957 -83.10 -27.46 -22.92
N THR C 958 -83.82 -28.21 -22.08
CA THR C 958 -84.78 -27.59 -21.17
C THR C 958 -84.10 -26.56 -20.29
N LEU C 959 -82.99 -26.95 -19.64
CA LEU C 959 -82.30 -26.03 -18.74
C LEU C 959 -81.85 -24.77 -19.46
N ILE C 960 -81.25 -24.92 -20.65
CA ILE C 960 -80.84 -23.77 -21.45
C ILE C 960 -82.04 -22.87 -21.75
N LEU C 961 -83.15 -23.47 -22.14
CA LEU C 961 -84.36 -22.69 -22.38
C LEU C 961 -84.73 -21.85 -21.17
N THR C 962 -84.79 -22.47 -19.98
CA THR C 962 -85.17 -21.71 -18.80
C THR C 962 -84.17 -20.59 -18.50
N MET C 963 -82.87 -20.87 -18.65
CA MET C 963 -81.89 -19.82 -18.40
C MET C 963 -82.10 -18.63 -19.33
N LYS C 964 -82.18 -18.89 -20.64
CA LYS C 964 -82.39 -17.79 -21.58
C LYS C 964 -83.69 -17.06 -21.29
N GLY C 965 -84.75 -17.79 -20.93
CA GLY C 965 -86.03 -17.18 -20.66
C GLY C 965 -85.99 -16.25 -19.46
N ILE C 966 -85.59 -16.79 -18.31
CA ILE C 966 -85.48 -16.00 -17.10
C ILE C 966 -84.58 -14.80 -17.32
N ALA C 967 -83.47 -15.00 -18.02
CA ALA C 967 -82.59 -13.89 -18.36
C ALA C 967 -83.35 -12.80 -19.11
N ALA C 968 -84.16 -13.20 -20.09
CA ALA C 968 -84.84 -12.22 -20.91
C ALA C 968 -86.00 -11.54 -20.18
N GLY C 969 -86.55 -12.18 -19.16
CA GLY C 969 -87.62 -11.55 -18.41
C GLY C 969 -87.13 -10.61 -17.34
N LEU C 970 -85.99 -10.94 -16.72
CA LEU C 970 -85.48 -10.10 -15.64
C LEU C 970 -84.65 -8.93 -16.16
N GLN C 971 -84.07 -9.07 -17.34
CA GLN C 971 -83.22 -8.03 -17.94
C GLN C 971 -82.15 -7.58 -16.95
N ASN C 972 -82.10 -6.29 -16.65
CA ASN C 972 -81.00 -5.71 -15.88
C ASN C 972 -81.31 -5.67 -14.39
N THR C 973 -80.34 -6.08 -13.58
CA THR C 973 -80.42 -5.95 -12.13
C THR C 973 -79.20 -5.18 -11.65
N GLY C 974 -78.07 -5.86 -11.50
CA GLY C 974 -76.83 -5.20 -11.18
C GLY C 974 -75.60 -5.85 -11.81
C1 LMR D . 30.37 -20.72 -9.77
O1A LMR D . 29.18 -20.61 -10.18
O1B LMR D . 31.34 -20.77 -10.57
C2 LMR D . 30.63 -20.78 -8.31
O2 LMR D . 29.51 -20.17 -7.61
C3 LMR D . 30.81 -22.25 -7.89
C4 LMR D . 30.84 -22.34 -6.37
O4A LMR D . 29.94 -23.01 -5.76
O4B LMR D . 31.77 -21.77 -5.73
CL CL E . 11.31 -6.17 14.85
C1 PEG F . 40.67 7.50 -0.19
O1 PEG F . 41.70 7.24 -1.11
C2 PEG F . 40.01 8.86 -0.47
O2 PEG F . 39.33 9.30 0.68
C3 PEG F . 39.89 10.45 1.28
C4 PEG F . 39.09 10.85 2.52
O4 PEG F . 39.56 12.09 3.01
C1 PEG G . 39.51 13.39 2.54
C2 PEG G . 38.93 14.78 2.78
C1 PEG H . 31.12 3.34 15.69
C2 PEG H . 31.65 4.78 15.86
O2 PEG H . 31.49 5.52 14.68
C3 PEG H . 32.48 5.44 13.70
C4 PEG H . 31.98 4.67 12.47
O4 PEG H . 32.39 5.31 11.29
C1 PEG I . 31.60 5.04 10.19
C2 PEG I . 30.90 3.87 9.50
C1 PEG J . 52.57 -20.82 11.16
O1 PEG J . 53.76 -21.25 11.77
C2 PEG J . 52.66 -21.02 9.64
O2 PEG J . 52.44 -19.81 8.97
C3 PEG J . 52.67 -19.87 7.59
C4 PEG J . 53.93 -19.08 7.24
O4 PEG J . 55.01 -19.98 7.21
C1 LMR K . 64.61 14.46 21.49
O1A LMR K . 64.76 14.85 22.68
O1B LMR K . 65.35 13.55 21.03
C2 LMR K . 63.56 15.07 20.65
O2 LMR K . 62.37 15.32 21.42
C3 LMR K . 64.08 16.41 20.09
C4 LMR K . 63.25 16.81 18.89
O4A LMR K . 62.97 18.05 18.69
O4B LMR K . 62.84 15.94 18.08
CL CL L . 32.36 23.07 27.92
C1 PEG M . 35.42 1.78 19.31
O1 PEG M . 36.10 3.00 19.52
C2 PEG M . 35.23 1.57 17.82
O2 PEG M . 34.00 0.92 17.61
C3 PEG M . 33.32 1.38 16.48
C4 PEG M . 31.83 1.08 16.59
O4 PEG M . 31.14 2.31 16.58
C1 PEG N . 54.33 8.32 -9.30
O1 PEG N . 54.64 7.23 -10.12
C2 PEG N . 55.39 8.40 -8.21
O2 PEG N . 54.88 9.05 -7.07
C3 PEG N . 54.77 8.24 -5.93
C4 PEG N . 56.10 8.24 -5.17
O4 PEG N . 56.34 6.96 -4.65
C1 PEG O . 57.33 6.18 -5.20
C2 PEG O . 57.65 4.73 -4.83
C1 PEG P . 37.89 -12.72 20.10
O1 PEG P . 36.95 -12.51 21.13
C2 PEG P . 38.14 -11.41 19.36
O2 PEG P . 39.41 -11.39 18.75
C3 PEG P . 40.42 -10.77 19.53
C4 PEG P . 41.24 -9.81 18.68
O4 PEG P . 42.48 -9.59 19.30
C1 PEG Q . 43.69 -10.12 18.90
C2 PEG Q . 44.94 -9.50 18.28
C1 LMR R . -85.33 -0.22 -15.54
O1A LMR R . -84.16 -0.14 -15.07
O1B LMR R . -86.23 0.57 -15.17
C2 LMR R . -85.61 -1.27 -16.54
O2 LMR R . -84.42 -1.52 -17.31
C3 LMR R . -86.05 -2.52 -15.78
C4 LMR R . -86.65 -3.56 -16.72
O4A LMR R . -86.23 -4.76 -16.66
O4B LMR R . -87.56 -3.24 -17.54
CL CL S . -85.90 20.81 -40.74
C1 PEG T . -87.08 -3.35 -53.81
O1 PEG T . -88.01 -2.34 -54.08
C2 PEG T . -87.43 -3.94 -52.44
O2 PEG T . -86.27 -4.43 -51.81
C3 PEG T . -86.15 -4.00 -50.48
C4 PEG T . -84.93 -4.62 -49.82
O4 PEG T . -83.89 -3.66 -49.77
C1 PEG U . -82.62 -4.12 -49.48
C2 PEG U . -81.61 -3.37 -50.37
C1 PEG V . -67.09 -14.86 -39.57
O1 PEG V . -66.51 -15.76 -38.67
C2 PEG V . -66.07 -13.80 -39.92
O2 PEG V . -65.60 -14.06 -41.22
C3 PEG V . -64.99 -15.31 -41.39
C4 PEG V . -63.54 -15.22 -40.88
O4 PEG V . -62.69 -15.89 -41.76
C1 PEG W . -61.40 -16.06 -41.33
C2 PEG W . -60.26 -16.26 -42.33
C1 PEG X . -108.54 -3.06 -32.17
O1 PEG X . -109.79 -3.26 -31.56
C2 PEG X . -107.61 -4.26 -31.99
O2 PEG X . -108.32 -5.47 -32.12
C3 PEG X . -107.67 -6.52 -32.79
C4 PEG X . -108.52 -7.81 -32.71
O4 PEG X . -109.55 -7.80 -33.66
C1 PEG Y . -110.91 -7.97 -33.62
C2 PEG Y . -111.63 -8.05 -34.97
O2 PEG Y . -112.91 -7.51 -34.79
C3 PEG Y . -113.08 -6.26 -35.41
C4 PEG Y . -113.89 -5.37 -34.46
O4 PEG Y . -114.17 -4.12 -35.06
C1 PEG Z . -43.65 6.81 -7.57
O1 PEG Z . -43.84 5.66 -6.79
C2 PEG Z . -42.15 7.12 -7.65
O2 PEG Z . -41.92 8.37 -8.24
C3 PEG Z . -41.81 9.44 -7.34
C4 PEG Z . -40.72 10.38 -7.86
O4 PEG Z . -41.21 11.69 -7.93
C1 PEG AA . -83.83 16.67 -49.94
O1 PEG AA . -82.43 16.60 -50.17
C2 PEG AA . -84.53 15.31 -49.74
O2 PEG AA . -84.35 14.79 -48.43
C3 PEG AA . -85.47 14.79 -47.56
C4 PEG AA . -85.03 14.28 -46.17
O4 PEG AA . -85.70 14.94 -45.11
C1 PEG BA . -86.18 14.84 -43.82
C2 PEG BA . -87.40 15.17 -42.93
#